data_5LDS
#
_entry.id   5LDS
#
_cell.length_a   78.670
_cell.length_b   78.770
_cell.length_c   223.870
_cell.angle_alpha   99.66
_cell.angle_beta   92.62
_cell.angle_gamma   111.33
#
_symmetry.space_group_name_H-M   'P 1'
#
loop_
_entity.id
_entity.type
_entity.pdbx_description
1 polymer 'Aminopeptidase N'
2 branched beta-D-mannopyranose-(1-3)-beta-D-mannopyranose-(1-6)-[beta-D-mannopyranose-(1-3)]beta-D-mannopyranose-(1-4)-2-acetamido-2-deoxy-beta-D-glucopyranose-(1-4)-2-acetamido-2-deoxy-beta-D-glucopyranose
3 branched 2-acetamido-2-deoxy-beta-D-glucopyranose-(1-4)-2-acetamido-2-deoxy-beta-D-glucopyranose
4 branched beta-D-mannopyranose-(1-3)-beta-D-mannopyranose-(1-4)-2-acetamido-2-deoxy-beta-D-glucopyranose-(1-4)-2-acetamido-2-deoxy-beta-D-glucopyranose
5 non-polymer 'ZINC ION'
6 non-polymer 2-acetamido-2-deoxy-beta-D-glucopyranose
7 non-polymer 'ACETATE ION'
8 water water
#
_entity_poly.entity_id   1
_entity_poly.type   'polypeptide(L)'
_entity_poly.pdbx_seq_one_letter_code
;YPYDVPDYAGAQPARSPEKNKNAEHVPQAPTSPTITTTAAITLDQSKPWNRYRLPTTLLPDSYNVTLRPYLTPNADGLYI
FKGKSIVRFICQEPTDVIIIHSKKLNYTTQGHMVVLRGVGDSQVPEIDRTELVELTEYLVVHLKGSLQPGHMYEMESEFQ
GELADDLAGFYRSEYMEGNVKKVLATTQMQSTDARKSFPCFDEPAMKATFNITLIHPNNLTALSNMPPKGSSTPLAEDPN
WSVTEFETTPVMSTYLLAYIVSEFQSVNETAQNGVLIRIWARPNAIAEGHGMYALNVTGPILNFFANHYNTSYPLPKSDQ
IALPDFNAGAMENWGLVTYRENALLFDPQSSSISNKERVVTVIAHELAHQWFGNLVTLAWWNDLWLNEGFASYVEYLGAD
HAEPTWNLKDLIVPGDVYRVMAVDALASSHPLTTPAEEVNTPAQISEMFDSISYSKGASVIRMLSNFLTEDLFKEGLASY
LHAFAYQNTTYLDLWEHLQKAVDAQTSIRLPDTVRAIMDRWTLQMGFPVITVDTKTGNISQKHFLLDSESNVTRSSAFDY
LWIVPISSIKNGVMQDHYWLRDVSQAQNDLFKTASDDWVLLNVNVTGYFQVNYDEDNWRMIQHQLQTNLSVIPVINRAQV
IYDSFNLATAHMVPVTLALDNTLFLNGEKEYMPWQAALSSLSYFSLMFDRSEVYGPMKKYLRKQVEPLFQHFETLTKNWT
ERPENLMDQYSEINAISTACSNGLPQCENLAKTLFDQWMSDPENNPIHPNLRSTIYCNAIAQGGQDQWDFAWGQLQQAQL
VNEADKLRSALACSNEVWLLNRYLGYTLNPDLIRKQDATSTINSIASNVIGQPLAWDFVQSNWKKLFQDYGGGSFSFSNL
IQGVTRRFSSEFELQQLEQFKKNNMDVGFGSGTRALEQALEKTKANIKWVKENKEVVLNWFIEHS
;
_entity_poly.pdbx_strand_id   A,B,C,D
#
loop_
_chem_comp.id
_chem_comp.type
_chem_comp.name
_chem_comp.formula
ACT non-polymer 'ACETATE ION' 'C2 H3 O2 -1'
BMA D-saccharide, beta linking beta-D-mannopyranose 'C6 H12 O6'
NAG D-saccharide, beta linking 2-acetamido-2-deoxy-beta-D-glucopyranose 'C8 H15 N O6'
ZN non-polymer 'ZINC ION' 'Zn 2'
#
# COMPACT_ATOMS: atom_id res chain seq x y z
N LEU A 43 14.90 41.51 49.18
CA LEU A 43 13.82 42.16 49.90
C LEU A 43 13.04 41.16 50.76
N ASP A 44 12.30 41.68 51.73
CA ASP A 44 11.60 40.85 52.72
C ASP A 44 10.55 39.93 52.09
N GLN A 45 10.89 38.65 52.03
CA GLN A 45 10.03 37.65 51.40
C GLN A 45 8.84 37.21 52.25
N SER A 46 8.77 37.70 53.49
CA SER A 46 7.65 37.36 54.36
C SER A 46 6.41 38.19 54.04
N LYS A 47 6.60 39.27 53.27
CA LYS A 47 5.49 40.12 52.84
C LYS A 47 4.98 39.63 51.49
N PRO A 48 3.66 39.39 51.39
CA PRO A 48 3.09 38.87 50.14
C PRO A 48 3.28 39.80 48.94
N TRP A 49 3.36 41.12 49.16
CA TRP A 49 3.58 42.05 48.05
C TRP A 49 5.02 42.00 47.51
N ASN A 50 5.86 41.17 48.12
CA ASN A 50 7.22 40.95 47.65
C ASN A 50 7.41 39.57 47.02
N ARG A 51 6.31 38.85 46.81
CA ARG A 51 6.32 37.59 46.08
C ARG A 51 5.63 37.75 44.73
N TYR A 52 6.08 36.99 43.74
CA TYR A 52 5.59 37.17 42.38
C TYR A 52 4.22 36.55 42.12
N ARG A 53 3.89 35.49 42.84
CA ARG A 53 2.55 34.90 42.70
C ARG A 53 1.55 35.62 43.61
N LEU A 54 0.36 35.86 43.10
CA LEU A 54 -0.73 36.46 43.88
C LEU A 54 -1.17 35.56 45.01
N PRO A 55 -1.67 36.16 46.11
CA PRO A 55 -2.36 35.37 47.13
C PRO A 55 -3.57 34.66 46.53
N THR A 56 -4.06 33.62 47.21
CA THR A 56 -5.28 32.95 46.76
C THR A 56 -6.45 33.40 47.60
N THR A 57 -6.21 34.40 48.46
CA THR A 57 -7.24 34.91 49.37
C THR A 57 -8.38 35.66 48.69
N LEU A 58 -8.08 36.32 47.57
CA LEU A 58 -9.10 37.08 46.84
C LEU A 58 -9.23 36.59 45.39
N LEU A 59 -10.46 36.48 44.89
CA LEU A 59 -10.68 36.01 43.52
C LEU A 59 -11.67 36.90 42.76
N PRO A 60 -11.31 37.30 41.54
CA PRO A 60 -12.15 38.21 40.75
C PRO A 60 -13.45 37.57 40.23
N ASP A 61 -14.50 38.38 40.17
CA ASP A 61 -15.79 37.97 39.64
C ASP A 61 -16.03 38.59 38.26
N SER A 62 -15.89 39.90 38.17
CA SER A 62 -16.16 40.65 36.94
C SER A 62 -15.46 42.01 36.95
N TYR A 63 -15.20 42.55 35.77
CA TYR A 63 -14.57 43.87 35.62
C TYR A 63 -15.41 44.80 34.76
N ASN A 64 -15.49 46.07 35.16
CA ASN A 64 -15.87 47.15 34.25
C ASN A 64 -14.61 47.92 33.89
N VAL A 65 -14.31 48.06 32.60
CA VAL A 65 -13.14 48.86 32.22
C VAL A 65 -13.51 49.84 31.11
N THR A 66 -13.26 51.12 31.37
CA THR A 66 -13.43 52.16 30.36
C THR A 66 -12.09 52.74 29.96
N LEU A 67 -11.79 52.73 28.67
CA LEU A 67 -10.51 53.24 28.18
C LEU A 67 -10.69 54.32 27.13
N ARG A 68 -9.82 55.33 27.16
CA ARG A 68 -9.87 56.43 26.21
C ARG A 68 -8.49 56.72 25.64
N PRO A 69 -8.21 56.21 24.43
CA PRO A 69 -6.93 56.50 23.77
C PRO A 69 -6.88 57.89 23.14
N TYR A 70 -5.76 58.58 23.31
CA TYR A 70 -5.52 59.88 22.67
C TYR A 70 -4.51 59.70 21.55
N LEU A 71 -5.02 59.66 20.33
CA LEU A 71 -4.24 59.32 19.13
C LEU A 71 -3.45 60.50 18.56
N THR A 72 -3.45 61.63 19.27
CA THR A 72 -2.55 62.73 18.96
C THR A 72 -1.69 63.03 20.19
N PRO A 73 -0.41 63.34 19.99
CA PRO A 73 0.50 63.53 21.13
C PRO A 73 0.18 64.80 21.91
N ASN A 74 0.56 64.85 23.18
CA ASN A 74 0.43 66.08 23.95
C ASN A 74 1.62 67.00 23.70
N ALA A 75 1.77 68.03 24.53
CA ALA A 75 2.83 69.01 24.33
C ALA A 75 4.22 68.37 24.40
N ASP A 76 4.35 67.33 25.22
CA ASP A 76 5.63 66.67 25.41
C ASP A 76 5.91 65.63 24.32
N GLY A 77 4.91 65.36 23.49
CA GLY A 77 5.05 64.40 22.41
C GLY A 77 4.65 63.00 22.84
N LEU A 78 4.03 62.90 24.02
CA LEU A 78 3.54 61.62 24.53
C LEU A 78 2.14 61.30 24.02
N TYR A 79 1.97 60.08 23.50
CA TYR A 79 0.63 59.53 23.30
C TYR A 79 0.20 58.86 24.60
N ILE A 80 -0.99 59.17 25.08
CA ILE A 80 -1.48 58.57 26.32
C ILE A 80 -2.87 57.96 26.18
N PHE A 81 -3.22 57.13 27.16
CA PHE A 81 -4.59 56.67 27.32
C PHE A 81 -5.00 56.91 28.76
N LYS A 82 -6.28 57.22 28.96
CA LYS A 82 -6.83 57.37 30.30
C LYS A 82 -7.80 56.23 30.53
N GLY A 83 -7.93 55.79 31.78
CA GLY A 83 -8.86 54.73 32.08
C GLY A 83 -9.51 54.81 33.44
N LYS A 84 -10.65 54.13 33.57
CA LYS A 84 -11.33 53.95 34.84
C LYS A 84 -11.76 52.50 34.92
N SER A 85 -11.60 51.88 36.08
CA SER A 85 -12.03 50.49 36.22
C SER A 85 -12.62 50.21 37.58
N ILE A 86 -13.60 49.31 37.60
CA ILE A 86 -14.11 48.74 38.83
C ILE A 86 -14.04 47.22 38.73
N VAL A 87 -13.37 46.59 39.68
CA VAL A 87 -13.30 45.14 39.74
C VAL A 87 -14.11 44.65 40.94
N ARG A 88 -14.95 43.65 40.72
CA ARG A 88 -15.65 42.99 41.81
C ARG A 88 -14.97 41.67 42.09
N PHE A 89 -14.63 41.44 43.36
CA PHE A 89 -13.98 40.20 43.76
C PHE A 89 -14.59 39.67 45.04
N ILE A 90 -14.42 38.38 45.28
CA ILE A 90 -14.89 37.75 46.51
C ILE A 90 -13.70 37.51 47.45
N CYS A 91 -13.96 37.54 48.75
CA CYS A 91 -12.95 37.17 49.74
C CYS A 91 -13.09 35.69 50.10
N GLN A 92 -12.07 34.92 49.74
CA GLN A 92 -12.06 33.49 50.00
C GLN A 92 -11.61 33.21 51.43
N GLU A 93 -10.61 33.98 51.87
CA GLU A 93 -9.98 33.80 53.17
C GLU A 93 -9.64 35.17 53.75
N PRO A 94 -9.77 35.33 55.08
CA PRO A 94 -9.57 36.63 55.71
C PRO A 94 -8.20 37.24 55.39
N THR A 95 -8.18 38.50 54.94
CA THR A 95 -6.92 39.18 54.66
C THR A 95 -7.08 40.69 54.84
N ASP A 96 -6.03 41.34 55.34
CA ASP A 96 -6.07 42.78 55.55
C ASP A 96 -5.28 43.52 54.47
N VAL A 97 -5.06 42.86 53.34
CA VAL A 97 -4.38 43.50 52.22
C VAL A 97 -4.96 43.02 50.90
N ILE A 98 -5.17 43.98 49.99
CA ILE A 98 -5.59 43.68 48.63
C ILE A 98 -4.39 43.88 47.70
N ILE A 99 -4.00 42.81 47.03
CA ILE A 99 -2.88 42.83 46.12
C ILE A 99 -3.35 42.54 44.69
N ILE A 100 -3.13 43.50 43.80
CA ILE A 100 -3.61 43.41 42.43
C ILE A 100 -2.48 43.87 41.51
N HIS A 101 -2.45 43.41 40.26
CA HIS A 101 -1.36 43.76 39.35
C HIS A 101 -1.52 45.15 38.76
N SER A 102 -0.41 45.84 38.60
CA SER A 102 -0.38 47.16 38.01
C SER A 102 1.01 47.48 37.47
N LYS A 103 1.09 47.90 36.21
CA LYS A 103 2.38 48.07 35.54
C LYS A 103 2.37 49.33 34.67
N LYS A 104 3.30 50.23 34.94
CA LYS A 104 3.45 51.47 34.18
C LYS A 104 2.18 52.30 34.12
N LEU A 105 1.36 52.24 35.16
CA LEU A 105 0.16 53.08 35.23
C LEU A 105 0.30 54.18 36.29
N ASN A 106 -0.19 55.38 35.96
CA ASN A 106 -0.24 56.48 36.93
C ASN A 106 -1.64 56.65 37.52
N TYR A 107 -1.73 56.84 38.82
CA TYR A 107 -3.05 56.88 39.45
C TYR A 107 -3.50 58.29 39.81
N THR A 108 -4.74 58.57 39.43
CA THR A 108 -5.37 59.87 39.63
C THR A 108 -6.66 59.70 40.43
N HIS A 112 -6.79 57.99 48.43
CA HIS A 112 -5.83 56.96 48.02
C HIS A 112 -5.92 56.70 46.52
N MET A 113 -5.23 55.71 46.01
CA MET A 113 -5.26 55.37 44.56
C MET A 113 -6.44 54.48 44.22
N VAL A 114 -7.18 54.08 45.25
CA VAL A 114 -8.26 53.12 45.09
C VAL A 114 -9.43 53.54 45.99
N VAL A 115 -10.65 53.31 45.53
CA VAL A 115 -11.83 53.45 46.38
C VAL A 115 -12.45 52.06 46.57
N LEU A 116 -12.64 51.66 47.82
CA LEU A 116 -13.13 50.32 48.14
C LEU A 116 -14.57 50.34 48.66
N ARG A 117 -15.44 49.55 48.04
CA ARG A 117 -16.85 49.48 48.46
C ARG A 117 -17.30 48.05 48.69
N GLY A 118 -18.36 47.90 49.47
CA GLY A 118 -18.90 46.57 49.74
C GLY A 118 -20.07 46.25 48.84
N VAL A 119 -20.30 44.96 48.62
CA VAL A 119 -21.50 44.50 47.94
C VAL A 119 -22.51 44.09 49.02
N GLY A 120 -23.68 44.74 49.01
CA GLY A 120 -24.68 44.52 50.03
C GLY A 120 -24.14 44.50 51.45
N ASP A 121 -24.29 43.34 52.09
CA ASP A 121 -23.94 43.09 53.49
C ASP A 121 -22.49 43.31 53.91
N SER A 122 -21.57 43.26 52.97
CA SER A 122 -20.13 43.18 53.28
C SER A 122 -19.65 44.17 54.35
N GLN A 123 -18.89 43.66 55.30
CA GLN A 123 -18.14 44.50 56.24
C GLN A 123 -16.96 45.12 55.49
N VAL A 124 -16.92 46.44 55.41
CA VAL A 124 -15.90 47.13 54.62
C VAL A 124 -14.84 47.79 55.48
N PRO A 125 -13.63 47.21 55.53
CA PRO A 125 -12.55 47.84 56.30
C PRO A 125 -12.12 49.18 55.71
N GLU A 126 -11.70 50.10 56.58
CA GLU A 126 -11.09 51.33 56.15
C GLU A 126 -9.76 51.03 55.44
N ILE A 127 -9.41 51.86 54.46
CA ILE A 127 -8.09 51.76 53.84
C ILE A 127 -7.08 52.47 54.72
N ASP A 128 -5.95 51.83 54.99
CA ASP A 128 -4.88 52.50 55.73
C ASP A 128 -4.03 53.32 54.76
N ARG A 129 -3.54 52.68 53.70
CA ARG A 129 -2.74 53.34 52.69
C ARG A 129 -2.56 52.47 51.45
N THR A 130 -2.28 53.10 50.32
CA THR A 130 -1.99 52.39 49.09
C THR A 130 -0.57 52.67 48.63
N GLU A 131 0.06 51.68 48.02
CA GLU A 131 1.40 51.86 47.44
C GLU A 131 1.56 51.05 46.16
N LEU A 132 2.53 51.45 45.35
CA LEU A 132 2.88 50.69 44.16
C LEU A 132 4.21 49.99 44.40
N VAL A 133 4.25 48.69 44.17
CA VAL A 133 5.49 47.95 44.31
C VAL A 133 5.92 47.51 42.91
N GLU A 134 6.88 48.23 42.35
CA GLU A 134 7.19 48.11 40.92
C GLU A 134 7.80 46.77 40.53
N LEU A 135 8.65 46.20 41.38
CA LEU A 135 9.36 44.97 41.03
C LEU A 135 8.41 43.80 40.77
N THR A 136 7.44 43.65 41.65
CA THR A 136 6.46 42.58 41.52
C THR A 136 5.20 43.06 40.79
N GLU A 137 5.23 44.30 40.30
CA GLU A 137 4.17 44.87 39.48
C GLU A 137 2.81 44.83 40.18
N TYR A 138 2.81 45.31 41.43
CA TYR A 138 1.62 45.31 42.28
C TYR A 138 1.13 46.70 42.64
N LEU A 139 -0.20 46.83 42.70
CA LEU A 139 -0.86 47.89 43.45
C LEU A 139 -1.29 47.26 44.76
N VAL A 140 -0.93 47.88 45.88
CA VAL A 140 -1.13 47.25 47.17
C VAL A 140 -1.99 48.11 48.08
N VAL A 141 -3.11 47.55 48.53
CA VAL A 141 -4.04 48.30 49.37
C VAL A 141 -4.01 47.75 50.80
N HIS A 142 -3.37 48.48 51.71
CA HIS A 142 -3.30 48.04 53.11
C HIS A 142 -4.56 48.44 53.85
N LEU A 143 -5.19 47.48 54.55
CA LEU A 143 -6.47 47.72 55.21
C LEU A 143 -6.38 47.73 56.74
N LYS A 144 -7.36 48.36 57.37
CA LYS A 144 -7.50 48.29 58.81
C LYS A 144 -8.42 47.12 59.16
N GLY A 145 -7.83 45.97 59.49
CA GLY A 145 -8.64 44.78 59.73
C GLY A 145 -8.86 43.98 58.45
N SER A 146 -9.49 42.82 58.58
CA SER A 146 -9.57 41.87 57.48
C SER A 146 -10.88 41.92 56.71
N LEU A 147 -10.80 41.59 55.42
CA LEU A 147 -12.00 41.42 54.60
C LEU A 147 -12.78 40.21 55.09
N GLN A 148 -14.09 40.21 54.81
CA GLN A 148 -15.01 39.19 55.31
C GLN A 148 -15.20 38.06 54.28
N PRO A 149 -14.83 36.83 54.67
CA PRO A 149 -14.91 35.66 53.79
C PRO A 149 -16.33 35.35 53.31
N GLY A 150 -16.45 34.97 52.05
CA GLY A 150 -17.76 34.66 51.50
C GLY A 150 -18.46 35.87 50.93
N HIS A 151 -17.87 37.05 51.11
CA HIS A 151 -18.53 38.29 50.69
C HIS A 151 -17.76 39.01 49.59
N MET A 152 -18.48 39.80 48.80
CA MET A 152 -17.87 40.47 47.66
C MET A 152 -17.65 41.96 47.89
N TYR A 153 -16.69 42.50 47.14
CA TYR A 153 -16.28 43.88 47.27
C TYR A 153 -16.07 44.46 45.88
N GLU A 154 -16.20 45.77 45.75
CA GLU A 154 -15.95 46.43 44.48
C GLU A 154 -14.90 47.52 44.68
N MET A 155 -13.88 47.52 43.82
CA MET A 155 -12.75 48.41 43.97
C MET A 155 -12.54 49.25 42.72
N GLU A 156 -12.54 50.57 42.90
CA GLU A 156 -12.53 51.47 41.76
C GLU A 156 -11.25 52.28 41.68
N SER A 157 -10.74 52.45 40.47
CA SER A 157 -9.53 53.23 40.27
C SER A 157 -9.64 54.07 39.00
N GLU A 158 -8.88 55.15 38.95
CA GLU A 158 -8.74 55.96 37.73
C GLU A 158 -7.26 56.11 37.44
N PHE A 159 -6.88 56.03 36.18
CA PHE A 159 -5.46 55.92 35.84
C PHE A 159 -5.11 56.40 34.45
N GLN A 160 -3.80 56.52 34.21
CA GLN A 160 -3.25 57.03 32.96
C GLN A 160 -2.01 56.22 32.63
N GLY A 161 -1.80 55.94 31.34
CA GLY A 161 -0.59 55.27 30.88
C GLY A 161 -0.18 55.75 29.49
N GLU A 162 1.03 55.38 29.05
CA GLU A 162 1.47 55.77 27.72
C GLU A 162 0.97 54.79 26.65
N LEU A 163 0.50 55.34 25.54
CA LEU A 163 0.24 54.56 24.33
C LEU A 163 1.54 54.43 23.56
N ALA A 164 2.46 53.62 24.06
CA ALA A 164 3.81 53.58 23.51
C ALA A 164 3.88 52.75 22.22
N ASP A 165 5.04 52.79 21.57
CA ASP A 165 5.27 51.95 20.40
C ASP A 165 5.91 50.62 20.80
N ASP A 166 5.60 50.16 22.01
CA ASP A 166 6.30 49.02 22.59
C ASP A 166 5.61 47.67 22.37
N LEU A 167 4.49 47.69 21.63
CA LEU A 167 3.79 46.47 21.23
C LEU A 167 3.21 45.67 22.39
N ALA A 168 3.09 46.31 23.56
CA ALA A 168 2.60 45.61 24.75
C ALA A 168 1.52 46.41 25.46
N GLY A 169 0.55 45.70 26.02
CA GLY A 169 -0.60 46.31 26.68
C GLY A 169 -1.43 47.10 25.68
N PHE A 170 -1.91 48.26 26.11
CA PHE A 170 -2.60 49.19 25.22
C PHE A 170 -1.50 50.00 24.56
N TYR A 171 -1.29 49.82 23.26
CA TYR A 171 -0.20 50.52 22.57
C TYR A 171 -0.64 51.12 21.23
N ARG A 172 0.26 51.88 20.60
CA ARG A 172 -0.08 52.52 19.34
C ARG A 172 0.61 51.85 18.14
N SER A 173 -0.06 51.93 16.99
CA SER A 173 0.45 51.41 15.75
C SER A 173 0.25 52.50 14.69
N GLU A 174 1.15 52.58 13.72
CA GLU A 174 1.14 53.67 12.76
C GLU A 174 1.35 53.18 11.34
N TYR A 175 0.78 53.90 10.37
CA TYR A 175 0.99 53.59 8.97
C TYR A 175 0.71 54.83 8.13
N MET A 176 1.21 54.82 6.90
CA MET A 176 0.90 55.90 5.96
C MET A 176 -0.29 55.53 5.09
N GLU A 177 -1.10 56.54 4.79
CA GLU A 177 -2.15 56.41 3.80
C GLU A 177 -2.06 57.62 2.89
N GLY A 178 -1.58 57.41 1.67
CA GLY A 178 -1.18 58.52 0.84
C GLY A 178 -0.09 59.29 1.56
N ASN A 179 -0.33 60.57 1.83
CA ASN A 179 0.63 61.41 2.53
C ASN A 179 0.21 61.71 3.97
N VAL A 180 -0.82 61.03 4.44
CA VAL A 180 -1.32 61.26 5.79
C VAL A 180 -0.84 60.19 6.77
N LYS A 181 -0.21 60.61 7.86
CA LYS A 181 0.25 59.69 8.89
C LYS A 181 -0.90 59.25 9.79
N LYS A 182 -1.19 57.96 9.79
CA LYS A 182 -2.31 57.43 10.56
C LYS A 182 -1.81 56.79 11.85
N VAL A 183 -2.54 57.01 12.94
CA VAL A 183 -2.23 56.40 14.23
C VAL A 183 -3.47 55.71 14.79
N LEU A 184 -3.29 54.49 15.29
CA LEU A 184 -4.39 53.72 15.83
C LEU A 184 -3.98 53.12 17.17
N ALA A 185 -4.96 52.71 17.98
CA ALA A 185 -4.70 52.12 19.28
C ALA A 185 -5.15 50.66 19.29
N THR A 186 -4.30 49.79 19.83
CA THR A 186 -4.57 48.36 19.79
C THR A 186 -3.91 47.70 21.01
N THR A 187 -4.16 46.40 21.20
CA THR A 187 -3.71 45.74 22.41
C THR A 187 -2.94 44.43 22.20
N GLN A 188 -2.16 44.07 23.22
CA GLN A 188 -1.49 42.79 23.31
C GLN A 188 -1.24 42.53 24.79
N MET A 189 -2.01 41.61 25.39
CA MET A 189 -1.96 41.38 26.83
C MET A 189 -1.08 40.18 27.23
N GLN A 190 -1.03 39.15 26.39
CA GLN A 190 -0.25 37.95 26.73
C GLN A 190 1.24 38.28 26.61
N SER A 191 2.05 37.84 27.57
CA SER A 191 1.60 36.99 28.68
C SER A 191 1.02 37.77 29.85
N THR A 192 1.64 38.88 30.22
CA THR A 192 1.12 39.56 31.39
C THR A 192 1.25 41.09 31.30
N ASP A 193 0.58 41.64 30.29
CA ASP A 193 0.51 43.07 30.11
C ASP A 193 -0.91 43.61 30.19
N ALA A 194 -1.86 42.77 30.62
CA ALA A 194 -3.20 43.28 30.91
C ALA A 194 -3.07 44.35 31.98
N ARG A 195 -2.23 44.04 32.97
CA ARG A 195 -1.89 44.95 34.07
C ARG A 195 -1.30 46.27 33.61
N LYS A 196 -0.85 46.31 32.36
CA LYS A 196 -0.24 47.50 31.79
C LYS A 196 -1.32 48.42 31.22
N SER A 197 -2.54 47.90 31.11
CA SER A 197 -3.65 48.71 30.61
C SER A 197 -4.69 49.06 31.69
N PHE A 198 -4.76 48.24 32.75
CA PHE A 198 -5.66 48.50 33.88
C PHE A 198 -5.34 47.53 35.01
N PRO A 199 -5.53 47.96 36.26
CA PRO A 199 -5.23 47.07 37.40
C PRO A 199 -6.15 45.85 37.40
N CYS A 200 -5.55 44.66 37.47
CA CYS A 200 -6.33 43.42 37.46
C CYS A 200 -5.58 42.28 38.14
N PHE A 201 -6.31 41.23 38.47
CA PHE A 201 -5.71 40.00 38.99
C PHE A 201 -5.20 39.22 37.80
N ASP A 202 -3.96 39.49 37.42
CA ASP A 202 -3.44 39.15 36.10
C ASP A 202 -2.71 37.79 36.08
N GLU A 203 -3.44 36.74 36.42
CA GLU A 203 -2.97 35.36 36.31
C GLU A 203 -4.02 34.56 35.53
N PRO A 204 -3.56 33.64 34.67
CA PRO A 204 -4.46 32.99 33.70
C PRO A 204 -5.62 32.23 34.30
N ALA A 205 -5.45 31.63 35.48
CA ALA A 205 -6.52 30.81 36.04
C ALA A 205 -7.58 31.65 36.74
N MET A 206 -7.28 32.92 37.00
CA MET A 206 -8.25 33.78 37.69
C MET A 206 -9.21 34.45 36.71
N LYS A 207 -10.16 33.65 36.21
CA LYS A 207 -11.04 34.14 35.15
C LYS A 207 -12.17 34.98 35.68
N ALA A 208 -12.74 35.78 34.78
CA ALA A 208 -13.82 36.70 35.11
C ALA A 208 -14.52 37.14 33.83
N THR A 209 -15.62 37.88 33.96
CA THR A 209 -16.23 38.51 32.81
C THR A 209 -15.80 39.98 32.75
N PHE A 210 -15.84 40.56 31.56
CA PHE A 210 -15.34 41.91 31.36
C PHE A 210 -16.34 42.77 30.60
N ASN A 211 -16.67 43.92 31.17
CA ASN A 211 -17.51 44.90 30.50
C ASN A 211 -16.64 46.04 30.01
N ILE A 212 -16.32 46.03 28.72
CA ILE A 212 -15.42 47.01 28.14
C ILE A 212 -16.18 48.19 27.54
N THR A 213 -15.72 49.40 27.84
CA THR A 213 -16.24 50.60 27.19
C THR A 213 -15.08 51.37 26.57
N LEU A 214 -15.21 51.76 25.31
CA LEU A 214 -14.21 52.59 24.67
C LEU A 214 -14.74 53.98 24.39
N ILE A 215 -13.95 54.99 24.75
CA ILE A 215 -14.23 56.37 24.38
C ILE A 215 -13.25 56.79 23.29
N HIS A 216 -13.78 57.20 22.14
CA HIS A 216 -12.98 57.35 20.93
C HIS A 216 -13.50 58.46 20.01
N PRO A 217 -12.64 58.97 19.11
CA PRO A 217 -13.10 59.93 18.09
C PRO A 217 -14.32 59.39 17.33
N ASN A 218 -15.28 60.26 17.03
CA ASN A 218 -16.58 59.80 16.54
C ASN A 218 -16.56 59.23 15.12
N ASN A 219 -15.46 59.41 14.39
CA ASN A 219 -15.37 58.84 13.05
C ASN A 219 -14.44 57.63 12.97
N LEU A 220 -14.01 57.10 14.11
CA LEU A 220 -13.22 55.87 14.13
C LEU A 220 -14.03 54.68 14.64
N THR A 221 -13.66 53.49 14.20
CA THR A 221 -14.34 52.27 14.61
C THR A 221 -13.71 51.68 15.87
N ALA A 222 -14.55 51.32 16.82
CA ALA A 222 -14.09 50.68 18.05
C ALA A 222 -14.42 49.18 18.02
N LEU A 223 -13.43 48.34 18.28
CA LEU A 223 -13.63 46.90 18.31
C LEU A 223 -13.18 46.33 19.66
N SER A 224 -13.81 45.24 20.07
CA SER A 224 -13.37 44.50 21.26
C SER A 224 -13.71 43.02 21.09
N ASN A 225 -13.58 42.24 22.16
CA ASN A 225 -13.87 40.81 22.13
C ASN A 225 -15.28 40.50 21.66
N MET A 226 -16.24 41.24 22.22
CA MET A 226 -17.66 41.03 21.97
C MET A 226 -18.22 42.10 21.03
N PRO A 227 -19.42 41.87 20.48
CA PRO A 227 -20.07 42.92 19.68
C PRO A 227 -20.45 44.12 20.54
N PRO A 228 -20.67 45.29 19.93
CA PRO A 228 -21.17 46.43 20.70
C PRO A 228 -22.50 46.11 21.37
N LYS A 229 -22.74 46.73 22.51
CA LYS A 229 -24.04 46.68 23.15
C LYS A 229 -24.80 47.92 22.73
N GLY A 230 -25.78 47.75 21.83
CA GLY A 230 -26.52 48.87 21.30
C GLY A 230 -25.67 49.78 20.43
N SER A 231 -26.07 51.04 20.33
CA SER A 231 -25.33 52.00 19.53
C SER A 231 -24.28 52.74 20.34
N SER A 232 -23.34 53.37 19.64
CA SER A 232 -22.47 54.37 20.22
C SER A 232 -23.27 55.63 20.55
N THR A 233 -22.85 56.35 21.58
CA THR A 233 -23.47 57.62 21.97
C THR A 233 -22.41 58.71 22.07
N PRO A 234 -22.76 59.95 21.71
CA PRO A 234 -21.78 61.04 21.82
C PRO A 234 -21.29 61.19 23.25
N LEU A 235 -20.02 61.54 23.43
CA LEU A 235 -19.49 61.85 24.75
C LEU A 235 -20.10 63.16 25.25
N ALA A 236 -20.68 63.12 26.45
CA ALA A 236 -21.45 64.27 26.97
C ALA A 236 -20.67 65.59 26.91
N GLU A 237 -19.42 65.58 27.35
CA GLU A 237 -18.64 66.80 27.40
C GLU A 237 -18.19 67.28 26.02
N ASP A 238 -18.14 66.36 25.06
CA ASP A 238 -17.51 66.63 23.77
C ASP A 238 -17.98 65.65 22.69
N PRO A 239 -18.96 66.07 21.86
CA PRO A 239 -19.57 65.19 20.85
C PRO A 239 -18.62 64.83 19.71
N ASN A 240 -17.43 65.43 19.68
CA ASN A 240 -16.38 65.00 18.78
C ASN A 240 -15.87 63.61 19.15
N TRP A 241 -16.15 63.20 20.38
CA TRP A 241 -15.87 61.84 20.81
C TRP A 241 -17.17 61.05 20.95
N SER A 242 -17.05 59.73 20.86
CA SER A 242 -18.19 58.86 21.08
C SER A 242 -17.86 57.80 22.12
N VAL A 243 -18.90 57.17 22.66
CA VAL A 243 -18.76 56.17 23.70
C VAL A 243 -19.38 54.87 23.24
N THR A 244 -18.57 53.82 23.16
CA THR A 244 -19.06 52.51 22.73
C THR A 244 -18.93 51.48 23.83
N GLU A 245 -20.05 50.94 24.27
CA GLU A 245 -20.06 49.89 25.28
C GLU A 245 -20.20 48.54 24.59
N PHE A 246 -19.48 47.54 25.07
CA PHE A 246 -19.52 46.22 24.46
C PHE A 246 -20.24 45.22 25.35
N GLU A 247 -20.74 44.16 24.73
CA GLU A 247 -21.42 43.12 25.49
C GLU A 247 -20.44 42.42 26.43
N THR A 248 -20.94 41.91 27.54
CA THR A 248 -20.14 41.18 28.51
C THR A 248 -19.42 40.00 27.87
N THR A 249 -18.11 39.87 28.12
CA THR A 249 -17.36 38.72 27.61
C THR A 249 -17.80 37.43 28.29
N PRO A 250 -17.40 36.28 27.73
CA PRO A 250 -17.51 35.05 28.52
C PRO A 250 -16.53 35.09 29.71
N VAL A 251 -16.72 34.17 30.64
CA VAL A 251 -15.72 33.92 31.68
C VAL A 251 -14.39 33.57 31.01
N MET A 252 -13.36 34.38 31.24
CA MET A 252 -12.09 34.24 30.54
C MET A 252 -10.91 34.89 31.26
N SER A 253 -9.69 34.61 30.79
CA SER A 253 -8.47 35.15 31.38
C SER A 253 -8.19 36.57 30.93
N THR A 254 -7.51 37.34 31.77
CA THR A 254 -7.13 38.71 31.43
C THR A 254 -6.27 38.80 30.16
N TYR A 255 -5.45 37.79 29.89
CA TYR A 255 -4.51 37.89 28.76
C TYR A 255 -5.20 37.78 27.40
N LEU A 256 -6.49 37.45 27.40
CA LEU A 256 -7.25 37.30 26.16
C LEU A 256 -8.06 38.55 25.80
N LEU A 257 -7.99 39.57 26.65
CA LEU A 257 -8.70 40.81 26.38
C LEU A 257 -8.12 41.55 25.17
N ALA A 258 -8.98 42.25 24.45
CA ALA A 258 -8.54 43.04 23.31
C ALA A 258 -9.49 44.20 23.02
N TYR A 259 -8.93 45.35 22.67
CA TYR A 259 -9.74 46.46 22.18
C TYR A 259 -8.90 47.36 21.29
N ILE A 260 -9.53 47.81 20.20
CA ILE A 260 -8.84 48.47 19.10
C ILE A 260 -9.67 49.66 18.63
N VAL A 261 -9.00 50.78 18.37
CA VAL A 261 -9.63 51.96 17.79
C VAL A 261 -8.85 52.39 16.56
N SER A 262 -9.53 52.44 15.41
CA SER A 262 -8.85 52.66 14.13
C SER A 262 -9.78 53.08 13.00
N GLU A 263 -9.19 53.36 11.84
CA GLU A 263 -9.94 53.67 10.62
C GLU A 263 -10.14 52.44 9.73
N PHE A 264 -9.90 51.25 10.26
CA PHE A 264 -9.84 50.05 9.39
C PHE A 264 -11.18 49.70 8.77
N GLN A 265 -11.13 48.97 7.65
CA GLN A 265 -12.31 48.47 6.98
C GLN A 265 -12.32 46.94 7.01
N SER A 266 -13.42 46.34 6.57
CA SER A 266 -13.51 44.90 6.63
C SER A 266 -14.25 44.28 5.46
N VAL A 267 -13.98 43.00 5.24
CA VAL A 267 -14.85 42.13 4.46
C VAL A 267 -15.46 41.11 5.43
N ASN A 268 -16.60 40.52 5.08
CA ASN A 268 -17.26 39.62 6.01
C ASN A 268 -18.03 38.46 5.37
N GLU A 269 -18.27 37.44 6.19
CA GLU A 269 -19.07 36.29 5.79
C GLU A 269 -19.50 35.53 7.05
N THR A 270 -20.75 35.09 7.06
CA THR A 270 -21.22 34.25 8.15
C THR A 270 -20.80 32.81 7.87
N ALA A 271 -20.09 32.20 8.80
CA ALA A 271 -19.59 30.83 8.63
C ALA A 271 -20.74 29.81 8.68
N GLN A 272 -20.41 28.55 8.45
CA GLN A 272 -21.42 27.49 8.37
C GLN A 272 -22.02 27.21 9.74
N ASN A 273 -21.34 27.64 10.80
CA ASN A 273 -21.84 27.42 12.15
C ASN A 273 -22.51 28.68 12.72
N GLY A 274 -22.86 29.61 11.84
CA GLY A 274 -23.64 30.78 12.22
C GLY A 274 -22.82 31.95 12.75
N VAL A 275 -21.51 31.76 12.87
CA VAL A 275 -20.64 32.78 13.43
C VAL A 275 -20.24 33.79 12.37
N LEU A 276 -20.37 35.08 12.69
CA LEU A 276 -19.92 36.15 11.81
C LEU A 276 -18.40 36.21 11.75
N ILE A 277 -17.83 36.11 10.54
CA ILE A 277 -16.40 36.29 10.35
C ILE A 277 -16.15 37.62 9.64
N ARG A 278 -15.26 38.43 10.20
CA ARG A 278 -14.82 39.64 9.53
C ARG A 278 -13.30 39.71 9.45
N ILE A 279 -12.80 40.22 8.32
CA ILE A 279 -11.37 40.45 8.13
C ILE A 279 -11.11 41.95 8.08
N TRP A 280 -10.34 42.45 9.04
CA TRP A 280 -10.08 43.89 9.15
C TRP A 280 -8.64 44.23 8.79
N ALA A 281 -8.44 45.35 8.10
CA ALA A 281 -7.10 45.83 7.76
C ALA A 281 -7.13 47.28 7.32
N ARG A 282 -5.95 47.86 7.07
CA ARG A 282 -5.86 49.20 6.48
C ARG A 282 -6.79 49.29 5.27
N PRO A 283 -7.56 50.39 5.16
CA PRO A 283 -8.53 50.56 4.07
C PRO A 283 -7.98 50.20 2.69
N ASN A 284 -6.75 50.62 2.40
CA ASN A 284 -6.14 50.33 1.10
C ASN A 284 -5.88 48.84 0.88
N ALA A 285 -5.48 48.13 1.94
CA ALA A 285 -5.25 46.69 1.83
C ALA A 285 -6.55 45.95 1.55
N ILE A 286 -7.63 46.33 2.24
CA ILE A 286 -8.94 45.72 1.99
C ILE A 286 -9.41 46.03 0.56
N ALA A 287 -9.23 47.27 0.14
CA ALA A 287 -9.67 47.71 -1.18
C ALA A 287 -8.96 46.94 -2.30
N GLU A 288 -7.71 46.57 -2.08
CA GLU A 288 -6.96 45.83 -3.08
C GLU A 288 -7.24 44.33 -2.96
N GLY A 289 -8.14 43.96 -2.06
CA GLY A 289 -8.56 42.58 -1.95
C GLY A 289 -7.62 41.68 -1.15
N HIS A 290 -6.78 42.28 -0.31
CA HIS A 290 -5.77 41.50 0.39
C HIS A 290 -6.33 40.69 1.57
N GLY A 291 -7.61 40.89 1.88
CA GLY A 291 -8.23 40.16 2.97
C GLY A 291 -9.01 38.94 2.51
N MET A 292 -9.06 38.72 1.20
CA MET A 292 -9.97 37.70 0.65
C MET A 292 -9.57 36.25 0.98
N TYR A 293 -8.27 35.95 0.96
CA TYR A 293 -7.85 34.57 1.23
C TYR A 293 -8.18 34.18 2.66
N ALA A 294 -7.93 35.09 3.60
CA ALA A 294 -8.29 34.90 4.99
C ALA A 294 -9.80 34.69 5.16
N LEU A 295 -10.61 35.46 4.43
CA LEU A 295 -12.06 35.28 4.48
C LEU A 295 -12.47 33.92 3.90
N ASN A 296 -11.75 33.48 2.87
CA ASN A 296 -11.97 32.17 2.27
C ASN A 296 -11.79 30.99 3.24
N VAL A 297 -10.78 31.08 4.11
CA VAL A 297 -10.41 29.93 4.93
C VAL A 297 -10.87 29.99 6.39
N THR A 298 -11.07 31.19 6.95
CA THR A 298 -11.27 31.35 8.40
C THR A 298 -12.53 30.64 8.92
N GLY A 299 -13.68 31.01 8.36
CA GLY A 299 -14.94 30.39 8.73
C GLY A 299 -14.98 28.86 8.61
N PRO A 300 -14.58 28.32 7.44
CA PRO A 300 -14.50 26.87 7.27
C PRO A 300 -13.61 26.17 8.31
N ILE A 301 -12.50 26.79 8.69
CA ILE A 301 -11.59 26.18 9.65
C ILE A 301 -12.22 26.18 11.05
N LEU A 302 -12.86 27.28 11.41
CA LEU A 302 -13.56 27.39 12.69
C LEU A 302 -14.67 26.34 12.79
N ASN A 303 -15.45 26.20 11.72
CA ASN A 303 -16.51 25.22 11.70
C ASN A 303 -15.96 23.79 11.79
N PHE A 304 -14.87 23.52 11.07
CA PHE A 304 -14.19 22.23 11.11
C PHE A 304 -13.77 21.83 12.54
N PHE A 305 -13.10 22.73 13.24
CA PHE A 305 -12.70 22.47 14.63
C PHE A 305 -13.92 22.23 15.52
N ALA A 306 -14.97 23.02 15.32
CA ALA A 306 -16.19 22.89 16.10
C ALA A 306 -16.73 21.48 16.00
N ASN A 307 -16.73 20.95 14.78
CA ASN A 307 -17.21 19.61 14.51
C ASN A 307 -16.22 18.53 14.94
N HIS A 308 -14.94 18.76 14.64
CA HIS A 308 -13.90 17.78 14.95
C HIS A 308 -13.85 17.46 16.44
N TYR A 309 -13.99 18.49 17.28
CA TYR A 309 -13.90 18.32 18.72
C TYR A 309 -15.28 18.35 19.40
N ASN A 310 -16.34 18.31 18.59
CA ASN A 310 -17.71 18.21 19.10
C ASN A 310 -18.00 19.26 20.17
N THR A 311 -17.45 20.44 19.97
CA THR A 311 -17.58 21.53 20.93
C THR A 311 -17.79 22.81 20.14
N SER A 312 -18.92 23.46 20.34
CA SER A 312 -19.24 24.64 19.56
C SER A 312 -18.42 25.85 20.01
N TYR A 313 -18.19 26.78 19.08
CA TYR A 313 -17.67 28.10 19.38
C TYR A 313 -18.82 28.94 19.95
N PRO A 314 -18.67 29.46 21.18
CA PRO A 314 -19.81 30.06 21.88
C PRO A 314 -20.07 31.55 21.58
N LEU A 315 -19.17 32.23 20.89
CA LEU A 315 -19.32 33.67 20.68
C LEU A 315 -20.04 33.99 19.38
N PRO A 316 -20.72 35.15 19.31
CA PRO A 316 -21.48 35.48 18.10
C PRO A 316 -20.60 35.85 16.90
N LYS A 317 -19.35 36.20 17.13
CA LYS A 317 -18.48 36.65 16.04
C LYS A 317 -17.03 36.25 16.29
N SER A 318 -16.24 36.20 15.22
CA SER A 318 -14.79 36.08 15.35
C SER A 318 -14.11 37.02 14.36
N ASP A 319 -13.71 38.18 14.85
CA ASP A 319 -12.99 39.16 14.05
C ASP A 319 -11.52 38.78 13.87
N GLN A 320 -10.99 38.91 12.65
CA GLN A 320 -9.55 38.80 12.43
C GLN A 320 -9.02 40.15 11.94
N ILE A 321 -7.93 40.64 12.53
CA ILE A 321 -7.48 41.99 12.22
C ILE A 321 -5.96 42.07 12.06
N ALA A 322 -5.50 42.69 10.99
CA ALA A 322 -4.08 42.78 10.68
C ALA A 322 -3.51 44.11 11.10
N LEU A 323 -2.47 44.10 11.92
CA LEU A 323 -1.85 45.32 12.41
C LEU A 323 -0.47 45.59 11.82
N PRO A 324 -0.16 46.86 11.55
CA PRO A 324 1.14 47.29 11.02
C PRO A 324 2.28 47.10 12.03
N ASP A 325 1.97 47.13 13.32
CA ASP A 325 2.99 46.92 14.36
C ASP A 325 2.52 45.86 15.36
N PHE A 326 3.26 44.75 15.43
CA PHE A 326 2.85 43.60 16.22
C PHE A 326 4.04 42.70 16.52
N ASN A 327 4.16 42.23 17.75
CA ASN A 327 5.36 41.50 18.17
C ASN A 327 5.44 40.08 17.62
N ALA A 328 4.52 39.22 18.03
CA ALA A 328 4.54 37.81 17.61
C ALA A 328 3.92 37.65 16.23
N GLY A 329 3.54 36.43 15.88
CA GLY A 329 2.91 36.19 14.60
C GLY A 329 1.47 36.65 14.63
N ALA A 330 0.81 36.33 15.74
CA ALA A 330 -0.60 36.63 15.95
C ALA A 330 -0.94 36.46 17.42
N MET A 331 -2.21 36.67 17.79
CA MET A 331 -2.66 36.48 19.17
C MET A 331 -4.14 36.12 19.23
N GLU A 332 -4.46 35.10 20.02
CA GLU A 332 -5.77 34.45 19.95
C GLU A 332 -6.91 35.11 20.73
N ASN A 333 -6.89 36.44 20.88
CA ASN A 333 -7.91 37.12 21.69
C ASN A 333 -9.34 36.69 21.33
N TRP A 334 -10.09 36.27 22.35
CA TRP A 334 -11.38 35.60 22.15
C TRP A 334 -12.41 36.53 21.52
N GLY A 335 -12.61 36.41 20.21
CA GLY A 335 -13.56 37.21 19.48
C GLY A 335 -12.90 38.28 18.60
N LEU A 336 -11.63 38.53 18.85
CA LEU A 336 -10.89 39.57 18.14
C LEU A 336 -9.43 39.12 17.99
N VAL A 337 -9.19 38.29 16.98
CA VAL A 337 -7.86 37.71 16.75
C VAL A 337 -6.98 38.69 16.00
N THR A 338 -5.81 38.98 16.57
CA THR A 338 -4.90 39.96 15.99
C THR A 338 -3.77 39.26 15.25
N TYR A 339 -3.22 39.92 14.23
CA TYR A 339 -2.23 39.34 13.32
C TYR A 339 -1.21 40.36 12.83
N ARG A 340 0.03 39.92 12.61
CA ARG A 340 0.93 40.65 11.73
C ARG A 340 0.29 40.67 10.35
N GLU A 341 0.57 41.71 9.57
CA GLU A 341 0.06 41.78 8.20
C GLU A 341 0.56 40.60 7.35
N ASN A 342 1.77 40.13 7.61
CA ASN A 342 2.30 38.97 6.88
C ASN A 342 1.76 37.64 7.41
N ALA A 343 0.80 37.70 8.33
CA ALA A 343 0.14 36.49 8.83
C ALA A 343 -1.33 36.40 8.46
N LEU A 344 -1.88 37.44 7.83
CA LEU A 344 -3.32 37.45 7.55
C LEU A 344 -3.64 37.89 6.13
N LEU A 345 -2.91 38.90 5.66
CA LEU A 345 -3.13 39.43 4.31
C LEU A 345 -2.40 38.62 3.25
N PHE A 346 -2.86 38.72 2.02
CA PHE A 346 -2.34 37.92 0.93
C PHE A 346 -2.66 38.55 -0.42
N ASP A 347 -1.63 38.69 -1.26
CA ASP A 347 -1.78 39.19 -2.62
C ASP A 347 -1.45 38.06 -3.59
N PRO A 348 -2.48 37.51 -4.26
CA PRO A 348 -2.33 36.37 -5.18
C PRO A 348 -1.35 36.64 -6.32
N GLN A 349 -1.14 37.91 -6.67
CA GLN A 349 -0.18 38.25 -7.73
C GLN A 349 1.25 38.44 -7.20
N SER A 350 1.40 38.77 -5.93
CA SER A 350 2.72 39.18 -5.43
C SER A 350 3.21 38.38 -4.23
N SER A 351 2.33 37.61 -3.59
CA SER A 351 2.75 36.78 -2.47
C SER A 351 3.15 35.38 -2.95
N SER A 352 4.06 34.75 -2.24
CA SER A 352 4.53 33.40 -2.58
C SER A 352 3.64 32.32 -1.97
N ILE A 353 3.86 31.09 -2.43
CA ILE A 353 3.14 29.94 -1.90
C ILE A 353 3.50 29.74 -0.41
N SER A 354 4.73 30.10 -0.03
CA SER A 354 5.15 30.05 1.37
C SER A 354 4.40 31.09 2.19
N ASN A 355 4.22 32.28 1.61
CA ASN A 355 3.39 33.31 2.22
C ASN A 355 1.95 32.80 2.42
N LYS A 356 1.43 32.10 1.42
CA LYS A 356 0.08 31.52 1.49
C LYS A 356 -0.03 30.47 2.58
N GLU A 357 0.95 29.58 2.65
CA GLU A 357 0.95 28.53 3.67
C GLU A 357 1.01 29.15 5.07
N ARG A 358 1.76 30.23 5.22
CA ARG A 358 1.86 30.92 6.50
C ARG A 358 0.51 31.46 6.94
N VAL A 359 -0.22 32.06 6.01
CA VAL A 359 -1.51 32.65 6.36
C VAL A 359 -2.49 31.60 6.85
N VAL A 360 -2.64 30.51 6.09
CA VAL A 360 -3.66 29.54 6.47
C VAL A 360 -3.26 28.78 7.75
N THR A 361 -1.96 28.56 7.98
CA THR A 361 -1.54 27.83 9.19
C THR A 361 -1.58 28.71 10.44
N VAL A 362 -1.24 29.99 10.30
CA VAL A 362 -1.32 30.89 11.44
C VAL A 362 -2.78 31.11 11.84
N ILE A 363 -3.66 31.30 10.85
CA ILE A 363 -5.10 31.39 11.13
C ILE A 363 -5.58 30.12 11.82
N ALA A 364 -5.20 28.95 11.30
CA ALA A 364 -5.62 27.69 11.91
C ALA A 364 -5.10 27.59 13.33
N HIS A 365 -3.86 28.04 13.54
CA HIS A 365 -3.24 28.03 14.87
C HIS A 365 -4.06 28.89 15.83
N GLU A 366 -4.37 30.12 15.41
CA GLU A 366 -5.14 31.02 16.25
C GLU A 366 -6.55 30.48 16.54
N LEU A 367 -7.19 29.93 15.54
CA LEU A 367 -8.54 29.38 15.72
C LEU A 367 -8.51 28.16 16.62
N ALA A 368 -7.43 27.37 16.51
CA ALA A 368 -7.24 26.22 17.38
C ALA A 368 -7.28 26.62 18.86
N HIS A 369 -6.67 27.77 19.15
CA HIS A 369 -6.61 28.30 20.51
C HIS A 369 -7.97 28.59 21.13
N GLN A 370 -8.99 28.82 20.30
CA GLN A 370 -10.32 29.15 20.82
C GLN A 370 -10.80 28.04 21.76
N TRP A 371 -10.42 26.82 21.44
CA TRP A 371 -10.68 25.66 22.29
C TRP A 371 -9.52 25.44 23.27
N PHE A 372 -8.32 25.26 22.74
CA PHE A 372 -7.14 24.97 23.53
C PHE A 372 -6.40 26.25 23.94
N GLY A 373 -6.88 26.87 25.02
CA GLY A 373 -6.35 28.14 25.49
C GLY A 373 -7.46 29.05 26.00
N ASN A 374 -8.47 29.29 25.17
CA ASN A 374 -9.53 30.23 25.53
C ASN A 374 -10.62 29.57 26.37
N LEU A 375 -11.30 28.58 25.77
CA LEU A 375 -12.35 27.84 26.47
C LEU A 375 -11.77 27.05 27.64
N VAL A 376 -10.69 26.32 27.36
CA VAL A 376 -9.96 25.62 28.41
C VAL A 376 -8.55 26.19 28.51
N THR A 377 -8.17 26.61 29.70
CA THR A 377 -6.93 27.36 29.89
C THR A 377 -5.95 26.63 30.82
N LEU A 378 -4.66 26.76 30.55
CA LEU A 378 -3.63 26.29 31.47
C LEU A 378 -3.84 26.87 32.87
N ALA A 379 -3.54 26.08 33.89
CA ALA A 379 -3.64 26.56 35.28
C ALA A 379 -2.58 27.60 35.58
N TRP A 380 -1.37 27.38 35.05
CA TRP A 380 -0.26 28.31 35.20
C TRP A 380 0.73 28.11 34.05
N TRP A 381 1.59 29.09 33.84
CA TRP A 381 2.45 29.14 32.66
C TRP A 381 3.45 27.99 32.54
N ASN A 382 3.64 27.23 33.61
CA ASN A 382 4.55 26.08 33.56
C ASN A 382 3.97 24.94 32.71
N ASP A 383 2.67 24.97 32.49
CA ASP A 383 2.00 24.00 31.61
C ASP A 383 1.66 24.62 30.25
N LEU A 384 2.51 25.50 29.75
CA LEU A 384 2.18 26.28 28.56
C LEU A 384 1.84 25.42 27.34
N TRP A 385 2.47 24.25 27.23
CA TRP A 385 2.24 23.39 26.07
C TRP A 385 0.79 22.93 25.94
N LEU A 386 0.04 22.96 27.04
CA LEU A 386 -1.39 22.63 26.99
C LEU A 386 -2.12 23.64 26.10
N ASN A 387 -1.65 24.89 26.10
CA ASN A 387 -2.12 25.89 25.16
C ASN A 387 -1.43 25.74 23.81
N GLU A 388 -0.10 25.83 23.83
CA GLU A 388 0.68 26.04 22.61
C GLU A 388 1.09 24.77 21.85
N GLY A 389 1.31 23.68 22.58
CA GLY A 389 1.61 22.42 21.94
C GLY A 389 0.41 22.01 21.13
N PHE A 390 -0.77 22.11 21.75
CA PHE A 390 -2.01 21.78 21.06
C PHE A 390 -2.29 22.69 19.87
N ALA A 391 -2.14 24.01 20.03
CA ALA A 391 -2.41 24.89 18.89
C ALA A 391 -1.42 24.62 17.75
N SER A 392 -0.18 24.30 18.10
CA SER A 392 0.85 24.03 17.09
C SER A 392 0.63 22.70 16.37
N TYR A 393 -0.06 21.77 17.02
CA TYR A 393 -0.43 20.52 16.37
C TYR A 393 -1.73 20.63 15.57
N VAL A 394 -2.82 21.08 16.20
CA VAL A 394 -4.08 21.01 15.46
C VAL A 394 -4.17 22.12 14.40
N GLU A 395 -3.20 23.04 14.38
CA GLU A 395 -3.12 24.00 13.26
C GLU A 395 -2.95 23.26 11.93
N TYR A 396 -2.27 22.12 11.97
CA TYR A 396 -2.05 21.31 10.78
C TYR A 396 -3.37 20.72 10.31
N LEU A 397 -4.21 20.30 11.25
CA LEU A 397 -5.49 19.68 10.94
C LEU A 397 -6.42 20.69 10.26
N GLY A 398 -6.50 21.89 10.82
CA GLY A 398 -7.34 22.94 10.28
C GLY A 398 -6.90 23.46 8.92
N ALA A 399 -5.59 23.65 8.76
CA ALA A 399 -5.04 24.11 7.49
C ALA A 399 -5.23 23.04 6.40
N ASP A 400 -5.02 21.77 6.77
CA ASP A 400 -5.25 20.68 5.83
C ASP A 400 -6.71 20.62 5.37
N HIS A 401 -7.64 21.04 6.23
CA HIS A 401 -9.03 21.07 5.84
C HIS A 401 -9.29 22.13 4.77
N ALA A 402 -8.66 23.30 4.93
CA ALA A 402 -8.83 24.40 3.98
C ALA A 402 -8.07 24.19 2.67
N GLU A 403 -6.92 23.53 2.75
CA GLU A 403 -6.11 23.22 1.57
C GLU A 403 -5.73 21.75 1.55
N PRO A 404 -6.68 20.88 1.19
CA PRO A 404 -6.41 19.43 1.27
C PRO A 404 -5.44 18.90 0.22
N THR A 405 -5.15 19.65 -0.83
CA THR A 405 -4.25 19.16 -1.88
C THR A 405 -2.77 19.29 -1.50
N TRP A 406 -2.47 20.01 -0.42
CA TRP A 406 -1.09 20.32 -0.07
C TRP A 406 -0.32 19.19 0.61
N ASN A 407 -1.04 18.27 1.27
CA ASN A 407 -0.44 17.30 2.19
C ASN A 407 0.43 17.99 3.25
N LEU A 408 -0.05 19.14 3.74
CA LEU A 408 0.76 19.98 4.62
C LEU A 408 1.02 19.37 6.01
N LYS A 409 0.23 18.37 6.39
CA LYS A 409 0.43 17.69 7.67
C LYS A 409 1.84 17.13 7.79
N ASP A 410 2.44 16.75 6.65
CA ASP A 410 3.79 16.21 6.66
C ASP A 410 4.83 17.26 7.06
N LEU A 411 4.50 18.54 6.88
CA LEU A 411 5.45 19.61 7.17
C LEU A 411 5.79 19.71 8.65
N ILE A 412 5.08 18.98 9.49
CA ILE A 412 5.37 18.98 10.92
C ILE A 412 6.77 18.43 11.19
N VAL A 413 7.27 17.56 10.32
CA VAL A 413 8.56 16.90 10.57
C VAL A 413 9.72 17.89 10.40
N PRO A 414 9.86 18.55 9.22
CA PRO A 414 10.91 19.57 9.20
C PRO A 414 10.59 20.81 10.05
N GLY A 415 9.31 21.14 10.16
CA GLY A 415 8.90 22.37 10.83
C GLY A 415 8.95 22.36 12.35
N ASP A 416 8.65 21.23 12.97
CA ASP A 416 8.58 21.16 14.43
C ASP A 416 9.53 20.12 15.03
N VAL A 417 9.44 18.89 14.54
CA VAL A 417 10.17 17.78 15.18
C VAL A 417 11.68 18.01 15.21
N TYR A 418 12.31 18.15 14.05
CA TYR A 418 13.76 18.31 14.04
C TYR A 418 14.19 19.74 14.37
N ARG A 419 13.27 20.69 14.23
CA ARG A 419 13.54 22.06 14.64
C ARG A 419 13.85 22.13 16.13
N VAL A 420 13.04 21.47 16.95
CA VAL A 420 13.19 21.58 18.40
C VAL A 420 14.27 20.63 18.94
N MET A 421 14.52 19.53 18.23
CA MET A 421 15.49 18.56 18.72
C MET A 421 16.88 19.15 18.91
N ALA A 422 17.24 20.11 18.07
CA ALA A 422 18.56 20.74 18.16
C ALA A 422 18.78 21.36 19.54
N VAL A 423 17.74 21.96 20.09
CA VAL A 423 17.83 22.59 21.39
C VAL A 423 17.52 21.60 22.52
N ASP A 424 16.65 20.62 22.26
CA ASP A 424 16.27 19.65 23.30
C ASP A 424 17.39 18.65 23.57
N ALA A 425 18.46 18.75 22.79
CA ALA A 425 19.65 17.92 22.98
C ALA A 425 20.61 18.52 24.02
N LEU A 426 20.25 19.68 24.55
CA LEU A 426 21.07 20.39 25.53
C LEU A 426 20.70 20.05 26.97
N ALA A 427 21.70 20.07 27.84
CA ALA A 427 21.48 19.95 29.27
C ALA A 427 20.65 21.14 29.78
N SER A 428 20.71 22.25 29.06
CA SER A 428 19.98 23.45 29.45
C SER A 428 18.63 23.56 28.75
N SER A 429 18.08 22.43 28.31
CA SER A 429 16.70 22.43 27.82
C SER A 429 15.79 22.43 29.04
N HIS A 430 14.49 22.24 28.83
CA HIS A 430 13.56 22.09 29.94
C HIS A 430 12.39 21.20 29.52
N PRO A 431 11.74 20.53 30.49
CA PRO A 431 10.62 19.67 30.10
C PRO A 431 9.40 20.47 29.66
N LEU A 432 8.44 19.81 29.02
CA LEU A 432 7.22 20.47 28.60
C LEU A 432 6.50 21.09 29.79
N THR A 433 6.30 20.28 30.83
CA THR A 433 5.75 20.78 32.07
C THR A 433 6.88 20.95 33.09
N THR A 434 7.20 22.20 33.39
CA THR A 434 8.26 22.52 34.33
C THR A 434 7.67 22.61 35.73
N PRO A 435 8.50 22.44 36.77
CA PRO A 435 7.94 22.64 38.12
C PRO A 435 7.38 24.04 38.24
N ALA A 436 6.20 24.17 38.83
CA ALA A 436 5.52 25.46 38.95
C ALA A 436 6.40 26.54 39.55
N GLU A 437 7.21 26.17 40.54
CA GLU A 437 8.06 27.12 41.25
C GLU A 437 9.21 27.67 40.39
N GLU A 438 9.48 27.04 39.25
CA GLU A 438 10.53 27.52 38.35
C GLU A 438 10.04 28.64 37.42
N VAL A 439 8.73 28.76 37.27
CA VAL A 439 8.18 29.80 36.41
C VAL A 439 7.47 30.85 37.26
N ASN A 440 8.21 31.89 37.61
CA ASN A 440 7.77 32.83 38.63
C ASN A 440 7.68 34.28 38.15
N THR A 441 8.78 34.79 37.61
CA THR A 441 8.85 36.19 37.19
C THR A 441 8.28 36.36 35.78
N PRO A 442 7.95 37.61 35.40
CA PRO A 442 7.48 37.85 34.02
C PRO A 442 8.48 37.43 32.95
N ALA A 443 9.77 37.64 33.20
CA ALA A 443 10.81 37.24 32.26
C ALA A 443 10.77 35.73 32.04
N GLN A 444 10.67 34.98 33.14
CA GLN A 444 10.60 33.51 33.08
C GLN A 444 9.33 33.02 32.37
N ILE A 445 8.23 33.73 32.58
CA ILE A 445 6.98 33.42 31.88
C ILE A 445 7.12 33.67 30.37
N SER A 446 7.69 34.83 30.02
CA SER A 446 7.93 35.17 28.62
C SER A 446 8.82 34.12 27.94
N GLU A 447 9.77 33.62 28.71
CA GLU A 447 10.77 32.67 28.22
C GLU A 447 10.18 31.31 27.86
N MET A 448 9.10 30.92 28.54
CA MET A 448 8.44 29.65 28.28
C MET A 448 7.88 29.58 26.86
N PHE A 449 7.64 30.73 26.25
CA PHE A 449 7.07 30.76 24.90
C PHE A 449 8.18 30.43 23.90
N ASP A 450 8.55 29.16 23.81
CA ASP A 450 9.73 28.76 23.04
C ASP A 450 9.50 27.48 22.23
N SER A 451 10.56 26.98 21.57
CA SER A 451 10.42 25.83 20.67
C SER A 451 10.01 24.57 21.43
N ILE A 452 10.38 24.46 22.69
CA ILE A 452 9.89 23.35 23.51
C ILE A 452 8.37 23.38 23.61
N SER A 453 7.82 24.46 24.16
CA SER A 453 6.38 24.54 24.38
C SER A 453 5.56 24.45 23.08
N TYR A 454 6.07 25.06 22.01
CA TYR A 454 5.37 25.02 20.71
C TYR A 454 5.69 23.74 19.94
N SER A 455 6.96 23.54 19.60
CA SER A 455 7.35 22.52 18.63
C SER A 455 7.53 21.12 19.23
N LYS A 456 8.12 21.01 20.41
CA LYS A 456 8.13 19.71 21.05
C LYS A 456 6.71 19.34 21.45
N GLY A 457 5.96 20.33 21.90
CA GLY A 457 4.56 20.13 22.22
C GLY A 457 3.79 19.52 21.07
N ALA A 458 3.90 20.13 19.89
CA ALA A 458 3.20 19.62 18.70
C ALA A 458 3.67 18.20 18.36
N SER A 459 4.99 17.98 18.44
CA SER A 459 5.58 16.68 18.08
C SER A 459 5.09 15.55 18.98
N VAL A 460 5.07 15.81 20.28
CA VAL A 460 4.66 14.81 21.27
C VAL A 460 3.18 14.52 21.15
N ILE A 461 2.39 15.56 20.88
CA ILE A 461 0.95 15.42 20.70
C ILE A 461 0.64 14.63 19.42
N ARG A 462 1.41 14.86 18.36
CA ARG A 462 1.25 14.06 17.14
C ARG A 462 1.57 12.59 17.42
N MET A 463 2.63 12.35 18.18
CA MET A 463 3.00 10.99 18.57
C MET A 463 1.85 10.35 19.32
N LEU A 464 1.28 11.11 20.24
CA LEU A 464 0.15 10.66 21.04
C LEU A 464 -1.05 10.34 20.14
N SER A 465 -1.40 11.28 19.28
CA SER A 465 -2.49 11.08 18.33
C SER A 465 -2.26 9.83 17.49
N ASN A 466 -1.03 9.66 17.05
CA ASN A 466 -0.67 8.56 16.18
C ASN A 466 -0.87 7.18 16.81
N PHE A 467 -0.52 7.02 18.09
CA PHE A 467 -0.64 5.68 18.67
C PHE A 467 -1.99 5.45 19.34
N LEU A 468 -2.79 6.50 19.50
CA LEU A 468 -4.18 6.33 19.94
C LEU A 468 -5.12 6.23 18.75
N THR A 469 -4.66 6.70 17.59
CA THR A 469 -5.47 7.11 16.42
C THR A 469 -6.21 8.42 16.73
N GLU A 470 -6.29 9.30 15.74
CA GLU A 470 -6.91 10.62 15.94
C GLU A 470 -8.39 10.49 16.28
N ASP A 471 -9.05 9.44 15.79
CA ASP A 471 -10.46 9.23 16.12
C ASP A 471 -10.64 9.05 17.62
N LEU A 472 -9.81 8.20 18.22
CA LEU A 472 -9.87 7.96 19.64
C LEU A 472 -9.39 9.17 20.44
N PHE A 473 -8.30 9.76 19.96
CA PHE A 473 -7.74 10.97 20.55
C PHE A 473 -8.78 12.09 20.68
N LYS A 474 -9.47 12.38 19.58
CA LYS A 474 -10.40 13.51 19.57
C LYS A 474 -11.61 13.25 20.47
N GLU A 475 -11.94 11.98 20.68
CA GLU A 475 -13.01 11.62 21.62
C GLU A 475 -12.63 11.96 23.05
N GLY A 476 -11.38 11.64 23.42
CA GLY A 476 -10.87 11.99 24.73
C GLY A 476 -10.77 13.49 24.92
N LEU A 477 -10.36 14.18 23.86
CA LEU A 477 -10.24 15.65 23.88
C LEU A 477 -11.59 16.34 24.01
N ALA A 478 -12.61 15.78 23.37
CA ALA A 478 -13.98 16.31 23.50
C ALA A 478 -14.44 16.22 24.96
N SER A 479 -14.18 15.08 25.57
CA SER A 479 -14.51 14.84 26.98
C SER A 479 -13.80 15.87 27.87
N TYR A 480 -12.53 16.09 27.56
CA TYR A 480 -11.67 17.05 28.23
C TYR A 480 -12.23 18.49 28.15
N LEU A 481 -12.56 18.91 26.94
CA LEU A 481 -13.05 20.27 26.71
C LEU A 481 -14.40 20.51 27.39
N HIS A 482 -15.27 19.51 27.34
CA HIS A 482 -16.60 19.64 27.92
C HIS A 482 -16.52 19.72 29.44
N ALA A 483 -15.65 18.91 30.03
CA ALA A 483 -15.50 18.88 31.47
C ALA A 483 -14.88 20.16 32.02
N PHE A 484 -13.92 20.75 31.31
CA PHE A 484 -13.19 21.90 31.83
C PHE A 484 -13.49 23.23 31.13
N ALA A 485 -14.57 23.27 30.35
CA ALA A 485 -15.00 24.50 29.70
C ALA A 485 -15.15 25.65 30.71
N TYR A 486 -14.55 26.80 30.36
CA TYR A 486 -14.52 28.02 31.17
C TYR A 486 -13.75 27.83 32.49
N GLN A 487 -12.89 26.83 32.54
CA GLN A 487 -12.07 26.60 33.73
C GLN A 487 -10.61 26.42 33.34
N ASN A 488 -9.83 25.77 34.21
CA ASN A 488 -8.42 25.57 33.94
C ASN A 488 -7.93 24.16 34.26
N THR A 489 -6.83 23.77 33.63
CA THR A 489 -6.34 22.38 33.69
C THR A 489 -4.84 22.24 33.88
N THR A 490 -4.44 21.05 34.31
CA THR A 490 -3.03 20.64 34.25
C THR A 490 -2.90 19.39 33.39
N TYR A 491 -1.65 18.98 33.14
CA TYR A 491 -1.37 17.82 32.30
C TYR A 491 -2.08 16.55 32.81
N LEU A 492 -2.28 16.45 34.11
CA LEU A 492 -2.92 15.27 34.71
C LEU A 492 -4.40 15.16 34.34
N ASP A 493 -5.08 16.30 34.19
CA ASP A 493 -6.47 16.31 33.77
C ASP A 493 -6.59 15.77 32.35
N LEU A 494 -5.60 16.06 31.52
CA LEU A 494 -5.59 15.59 30.15
C LEU A 494 -5.49 14.05 30.10
N TRP A 495 -4.55 13.47 30.85
CA TRP A 495 -4.39 12.01 30.82
C TRP A 495 -5.69 11.32 31.26
N GLU A 496 -6.35 11.85 32.28
CA GLU A 496 -7.56 11.22 32.81
C GLU A 496 -8.66 11.05 31.76
N HIS A 497 -8.87 12.07 30.94
CA HIS A 497 -9.90 12.00 29.93
C HIS A 497 -9.46 11.15 28.74
N LEU A 498 -8.18 11.21 28.41
CA LEU A 498 -7.68 10.32 27.36
C LEU A 498 -7.80 8.86 27.79
N GLN A 499 -7.49 8.60 29.06
CA GLN A 499 -7.58 7.25 29.61
C GLN A 499 -9.01 6.71 29.57
N LYS A 500 -9.96 7.58 29.87
CA LYS A 500 -11.38 7.23 29.86
C LYS A 500 -11.80 6.77 28.48
N ALA A 501 -11.32 7.46 27.45
CA ALA A 501 -11.61 7.06 26.08
C ALA A 501 -11.00 5.69 25.77
N VAL A 502 -9.75 5.50 26.17
CA VAL A 502 -9.06 4.22 25.96
C VAL A 502 -9.78 3.06 26.64
N ASP A 503 -10.18 3.27 27.89
CA ASP A 503 -10.82 2.22 28.68
C ASP A 503 -12.21 1.88 28.15
N ALA A 504 -12.86 2.83 27.48
CA ALA A 504 -14.19 2.58 26.97
C ALA A 504 -14.12 1.84 25.62
N GLN A 505 -12.90 1.57 25.11
CA GLN A 505 -12.71 0.79 23.86
C GLN A 505 -11.79 -0.43 24.03
N THR A 506 -11.75 -1.23 22.97
CA THR A 506 -11.00 -2.47 22.89
C THR A 506 -9.99 -2.56 21.73
N SER A 507 -10.26 -1.92 20.59
CA SER A 507 -9.43 -2.13 19.39
C SER A 507 -7.99 -1.59 19.50
N ILE A 508 -7.84 -0.43 20.13
CA ILE A 508 -6.52 0.14 20.36
C ILE A 508 -5.98 -0.31 21.71
N ARG A 509 -4.75 -0.82 21.69
CA ARG A 509 -4.10 -1.36 22.88
C ARG A 509 -2.88 -0.51 23.27
N LEU A 510 -2.64 -0.41 24.57
CA LEU A 510 -1.46 0.27 25.10
C LEU A 510 -0.70 -0.66 26.06
N PRO A 511 0.63 -0.48 26.17
CA PRO A 511 1.44 -1.34 27.05
C PRO A 511 1.40 -0.89 28.52
N ASP A 512 0.80 0.28 28.76
CA ASP A 512 0.75 0.85 30.10
C ASP A 512 -0.32 1.94 30.12
N THR A 513 -0.50 2.61 31.25
CA THR A 513 -1.48 3.69 31.30
C THR A 513 -1.04 4.86 30.42
N VAL A 514 -1.99 5.73 30.07
CA VAL A 514 -1.69 6.94 29.33
C VAL A 514 -0.71 7.78 30.12
N ARG A 515 -0.94 7.88 31.43
CA ARG A 515 -0.09 8.69 32.29
C ARG A 515 1.33 8.16 32.38
N ALA A 516 1.47 6.85 32.54
CA ALA A 516 2.80 6.24 32.61
C ALA A 516 3.62 6.57 31.38
N ILE A 517 2.98 6.51 30.21
CA ILE A 517 3.68 6.79 28.97
C ILE A 517 3.97 8.28 28.82
N MET A 518 2.95 9.11 29.04
CA MET A 518 3.04 10.52 28.70
C MET A 518 3.73 11.38 29.77
N ASP A 519 3.70 10.95 31.02
CA ASP A 519 4.47 11.63 32.06
C ASP A 519 5.95 11.67 31.68
N ARG A 520 6.43 10.58 31.09
CA ARG A 520 7.84 10.48 30.73
C ARG A 520 8.22 11.38 29.56
N TRP A 521 7.26 11.68 28.69
CA TRP A 521 7.51 12.63 27.60
C TRP A 521 7.28 14.08 28.02
N THR A 522 6.66 14.26 29.19
CA THR A 522 6.16 15.57 29.59
C THR A 522 6.95 16.18 30.76
N LEU A 523 7.36 15.36 31.72
CA LEU A 523 7.94 15.88 32.97
C LEU A 523 9.47 15.85 32.99
N GLN A 524 10.08 15.19 32.03
CA GLN A 524 11.53 15.22 31.91
C GLN A 524 11.90 15.77 30.54
N MET A 525 13.01 16.49 30.45
CA MET A 525 13.43 17.08 29.19
C MET A 525 14.08 16.04 28.29
N GLY A 526 14.31 16.41 27.03
CA GLY A 526 15.11 15.62 26.13
C GLY A 526 14.34 14.52 25.41
N PHE A 527 15.08 13.67 24.71
CA PHE A 527 14.53 12.56 23.96
C PHE A 527 15.59 11.47 23.86
N PRO A 528 15.17 10.20 23.67
CA PRO A 528 16.16 9.12 23.53
C PRO A 528 16.69 8.96 22.11
N VAL A 529 17.92 8.49 21.99
CA VAL A 529 18.36 7.88 20.75
C VAL A 529 18.09 6.39 20.89
N ILE A 530 17.41 5.83 19.91
CA ILE A 530 17.14 4.39 19.89
C ILE A 530 18.18 3.71 19.02
N THR A 531 18.97 2.83 19.60
CA THR A 531 20.04 2.14 18.88
C THR A 531 19.71 0.67 18.70
N VAL A 532 19.84 0.19 17.47
CA VAL A 532 19.53 -1.20 17.15
C VAL A 532 20.72 -1.93 16.53
N ASP A 533 20.99 -3.15 17.00
CA ASP A 533 21.95 -4.02 16.36
C ASP A 533 21.17 -5.05 15.55
N THR A 534 21.15 -4.87 14.23
CA THR A 534 20.29 -5.67 13.36
C THR A 534 20.78 -7.10 13.20
N LYS A 535 21.97 -7.39 13.72
CA LYS A 535 22.46 -8.76 13.69
C LYS A 535 21.86 -9.60 14.82
N THR A 536 21.45 -8.94 15.91
CA THR A 536 20.95 -9.65 17.08
C THR A 536 19.51 -9.30 17.48
N GLY A 537 19.03 -8.13 17.05
CA GLY A 537 17.72 -7.66 17.46
C GLY A 537 17.78 -6.89 18.77
N ASN A 538 18.99 -6.62 19.23
CA ASN A 538 19.21 -5.81 20.41
C ASN A 538 18.81 -4.37 20.15
N ILE A 539 17.95 -3.84 21.01
CA ILE A 539 17.50 -2.45 20.90
C ILE A 539 17.73 -1.78 22.25
N SER A 540 18.21 -0.54 22.24
CA SER A 540 18.52 0.17 23.47
C SER A 540 18.18 1.66 23.39
N GLN A 541 18.07 2.30 24.56
CA GLN A 541 17.75 3.71 24.58
C GLN A 541 18.66 4.44 25.56
N LYS A 542 18.99 5.68 25.23
CA LYS A 542 19.66 6.55 26.17
C LYS A 542 19.33 8.01 25.83
N HIS A 543 19.26 8.83 26.86
CA HIS A 543 19.09 10.28 26.70
C HIS A 543 20.10 10.85 25.70
N PHE A 544 19.60 11.49 24.65
CA PHE A 544 20.46 12.09 23.62
C PHE A 544 21.13 13.37 24.13
N LEU A 545 22.46 13.35 24.26
CA LEU A 545 23.21 14.54 24.63
C LEU A 545 24.37 14.80 23.67
N LEU A 546 24.84 16.04 23.60
CA LEU A 546 25.86 16.39 22.63
C LEU A 546 27.26 15.88 22.99
N ASP A 547 27.74 16.23 24.18
CA ASP A 547 29.12 15.93 24.54
C ASP A 547 29.27 14.83 25.58
N SER A 548 30.51 14.47 25.84
CA SER A 548 30.85 13.60 26.96
C SER A 548 31.04 14.47 28.19
N GLU A 549 30.95 15.79 27.97
CA GLU A 549 31.10 16.77 29.03
C GLU A 549 29.76 17.44 29.34
N SER A 550 28.72 17.03 28.62
CA SER A 550 27.36 17.50 28.87
C SER A 550 26.98 17.29 30.34
N ASN A 551 26.67 18.38 31.03
CA ASN A 551 26.46 18.34 32.47
C ASN A 551 24.99 18.49 32.85
N VAL A 552 24.27 17.38 32.85
CA VAL A 552 22.85 17.39 33.18
C VAL A 552 22.63 17.44 34.69
N THR A 553 22.15 18.59 35.16
CA THR A 553 21.93 18.80 36.59
C THR A 553 20.45 18.72 36.95
N ARG A 554 19.58 18.77 35.95
CA ARG A 554 18.15 18.60 36.18
C ARG A 554 17.84 17.13 36.37
N SER A 555 17.55 16.73 37.60
CA SER A 555 17.30 15.34 37.92
C SER A 555 15.94 14.89 37.40
N SER A 556 15.86 13.63 37.00
CA SER A 556 14.63 13.07 36.49
C SER A 556 14.12 11.95 37.38
N ALA A 557 12.88 12.09 37.84
CA ALA A 557 12.24 11.04 38.60
C ALA A 557 12.01 9.80 37.74
N PHE A 558 12.27 9.93 36.43
CA PHE A 558 12.06 8.84 35.48
C PHE A 558 13.36 8.29 34.93
N ASP A 559 14.47 8.82 35.45
CA ASP A 559 15.81 8.32 35.16
C ASP A 559 16.17 8.39 33.67
N TYR A 560 15.55 9.34 32.98
CA TYR A 560 15.73 9.53 31.55
C TYR A 560 15.56 8.23 30.78
N LEU A 561 14.46 7.54 31.09
CA LEU A 561 13.97 6.43 30.31
C LEU A 561 12.56 6.76 29.86
N TRP A 562 12.21 6.29 28.67
CA TRP A 562 10.91 6.54 28.06
C TRP A 562 10.22 5.22 27.72
N ILE A 563 8.90 5.26 27.63
CA ILE A 563 8.15 4.21 26.98
C ILE A 563 7.89 4.67 25.56
N VAL A 564 8.41 3.92 24.59
CA VAL A 564 8.55 4.43 23.22
C VAL A 564 7.83 3.58 22.19
N PRO A 565 6.93 4.20 21.41
CA PRO A 565 6.25 3.50 20.32
C PRO A 565 7.16 3.37 19.09
N ILE A 566 7.41 2.13 18.67
CA ILE A 566 8.38 1.87 17.61
C ILE A 566 7.74 1.20 16.41
N SER A 567 7.48 1.96 15.37
CA SER A 567 7.08 1.36 14.10
C SER A 567 8.33 0.98 13.32
N SER A 568 8.20 0.07 12.37
CA SER A 568 9.34 -0.29 11.53
C SER A 568 8.93 -0.82 10.18
N ILE A 569 9.89 -0.75 9.26
CA ILE A 569 9.70 -1.19 7.90
C ILE A 569 10.90 -2.04 7.49
N LYS A 570 10.64 -3.19 6.86
CA LYS A 570 11.71 -4.07 6.43
C LYS A 570 11.67 -4.25 4.93
N ASN A 571 12.74 -3.84 4.25
CA ASN A 571 12.79 -3.86 2.78
C ASN A 571 11.58 -3.20 2.14
N GLY A 572 11.07 -2.15 2.78
CA GLY A 572 9.95 -1.41 2.23
C GLY A 572 8.56 -1.82 2.70
N VAL A 573 8.45 -2.93 3.43
CA VAL A 573 7.13 -3.38 3.91
C VAL A 573 6.99 -3.31 5.43
N MET A 574 5.89 -2.72 5.91
CA MET A 574 5.62 -2.56 7.32
C MET A 574 5.74 -3.86 8.13
N GLN A 575 6.30 -3.74 9.32
CA GLN A 575 6.31 -4.83 10.29
C GLN A 575 5.30 -4.54 11.38
N ASP A 576 5.04 -5.52 12.22
CA ASP A 576 4.24 -5.32 13.42
C ASP A 576 4.82 -4.23 14.31
N HIS A 577 3.93 -3.49 14.98
CA HIS A 577 4.32 -2.43 15.89
C HIS A 577 4.98 -2.96 17.18
N TYR A 578 5.83 -2.15 17.78
CA TYR A 578 6.54 -2.53 19.00
C TYR A 578 6.60 -1.36 19.99
N TRP A 579 6.52 -1.67 21.28
CA TRP A 579 6.76 -0.67 22.31
C TRP A 579 8.02 -1.03 23.08
N LEU A 580 9.00 -0.14 23.08
CA LEU A 580 10.13 -0.26 24.00
C LEU A 580 9.72 0.28 25.36
N ARG A 581 9.78 -0.59 26.38
CA ARG A 581 9.37 -0.21 27.73
C ARG A 581 10.43 0.68 28.39
N ASP A 582 10.14 1.16 29.60
CA ASP A 582 11.08 2.01 30.32
C ASP A 582 12.25 1.18 30.86
N VAL A 583 13.05 0.69 29.93
CA VAL A 583 14.23 -0.11 30.22
C VAL A 583 15.33 0.33 29.26
N SER A 584 16.59 0.27 29.71
CA SER A 584 17.68 0.78 28.89
C SER A 584 18.00 -0.16 27.73
N GLN A 585 17.66 -1.44 27.89
CA GLN A 585 17.90 -2.41 26.82
C GLN A 585 16.85 -3.52 26.76
N ALA A 586 16.60 -3.99 25.55
CA ALA A 586 15.70 -5.11 25.29
C ALA A 586 16.16 -5.82 24.02
N GLN A 587 15.42 -6.83 23.61
CA GLN A 587 15.74 -7.53 22.37
C GLN A 587 14.44 -8.00 21.74
N ASN A 588 14.36 -7.90 20.42
CA ASN A 588 13.20 -8.41 19.69
C ASN A 588 13.58 -8.73 18.25
N ASP A 589 13.13 -9.88 17.78
CA ASP A 589 13.49 -10.38 16.45
C ASP A 589 12.95 -9.50 15.32
N LEU A 590 11.99 -8.62 15.63
CA LEU A 590 11.54 -7.61 14.67
C LEU A 590 12.73 -6.78 14.17
N PHE A 591 13.75 -6.65 15.00
CA PHE A 591 14.88 -5.79 14.69
C PHE A 591 16.13 -6.60 14.31
N LYS A 592 15.95 -7.91 14.15
CA LYS A 592 17.02 -8.79 13.68
C LYS A 592 16.81 -9.11 12.22
N THR A 593 17.82 -8.83 11.40
CA THR A 593 17.70 -9.03 9.96
C THR A 593 18.70 -10.04 9.44
N ALA A 594 18.39 -10.63 8.29
CA ALA A 594 19.38 -11.40 7.54
C ALA A 594 20.24 -10.44 6.75
N SER A 595 21.41 -10.89 6.31
CA SER A 595 22.38 -10.02 5.65
C SER A 595 21.86 -9.44 4.33
N ASP A 596 20.80 -10.03 3.80
CA ASP A 596 20.21 -9.59 2.55
C ASP A 596 19.16 -8.50 2.78
N ASP A 597 18.80 -8.26 4.04
CA ASP A 597 17.70 -7.36 4.37
C ASP A 597 18.13 -6.10 5.12
N TRP A 598 17.30 -5.06 5.07
CA TRP A 598 17.48 -3.89 5.91
C TRP A 598 16.19 -3.51 6.63
N VAL A 599 16.32 -2.84 7.77
CA VAL A 599 15.18 -2.30 8.48
C VAL A 599 15.38 -0.83 8.79
N LEU A 600 14.26 -0.12 8.93
CA LEU A 600 14.23 1.26 9.38
C LEU A 600 13.17 1.39 10.46
N LEU A 601 13.48 2.12 11.53
CA LEU A 601 12.52 2.33 12.60
C LEU A 601 11.93 3.73 12.51
N ASN A 602 10.79 3.92 13.16
CA ASN A 602 10.10 5.22 13.23
C ASN A 602 9.62 5.68 11.85
N VAL A 603 8.68 4.93 11.28
CA VAL A 603 8.12 5.25 9.98
C VAL A 603 7.47 6.64 10.01
N ASN A 604 7.86 7.48 9.06
CA ASN A 604 7.40 8.87 8.93
C ASN A 604 7.73 9.76 10.14
N VAL A 605 8.66 9.30 10.96
CA VAL A 605 9.07 10.00 12.19
C VAL A 605 7.87 10.48 13.00
N THR A 606 7.00 9.53 13.37
CA THR A 606 5.83 9.84 14.19
C THR A 606 6.25 10.00 15.66
N GLY A 607 7.28 9.26 16.06
CA GLY A 607 7.77 9.28 17.43
C GLY A 607 8.84 10.32 17.65
N TYR A 608 8.84 10.94 18.83
CA TYR A 608 9.81 11.98 19.15
C TYR A 608 11.12 11.39 19.62
N PHE A 609 11.87 10.81 18.68
CA PHE A 609 13.17 10.25 18.99
C PHE A 609 14.00 10.06 17.73
N GLN A 610 15.28 9.75 17.90
CA GLN A 610 16.15 9.51 16.77
C GLN A 610 16.69 8.09 16.80
N VAL A 611 17.13 7.58 15.65
CA VAL A 611 17.52 6.18 15.53
C VAL A 611 18.91 5.98 14.96
N ASN A 612 19.70 5.16 15.64
CA ASN A 612 21.01 4.72 15.13
C ASN A 612 21.02 3.22 14.86
N TYR A 613 21.73 2.82 13.81
CA TYR A 613 21.89 1.42 13.47
C TYR A 613 23.35 1.00 13.50
N ASP A 614 23.57 -0.31 13.52
CA ASP A 614 24.90 -0.87 13.26
C ASP A 614 25.33 -0.44 11.86
N GLU A 615 26.65 -0.42 11.64
CA GLU A 615 27.22 0.04 10.38
C GLU A 615 26.74 -0.73 9.15
N ASP A 616 26.50 -2.04 9.29
CA ASP A 616 26.09 -2.83 8.13
C ASP A 616 24.67 -2.49 7.69
N ASN A 617 23.77 -2.26 8.63
CA ASN A 617 22.43 -1.83 8.24
C ASN A 617 22.48 -0.46 7.57
N TRP A 618 23.30 0.46 8.09
CA TRP A 618 23.47 1.76 7.46
C TRP A 618 23.90 1.59 6.01
N ARG A 619 24.86 0.69 5.78
CA ARG A 619 25.35 0.44 4.43
C ARG A 619 24.25 -0.08 3.51
N MET A 620 23.37 -0.93 4.03
CA MET A 620 22.27 -1.49 3.25
C MET A 620 21.28 -0.38 2.87
N ILE A 621 21.04 0.55 3.80
CA ILE A 621 20.17 1.69 3.55
C ILE A 621 20.76 2.55 2.43
N GLN A 622 22.06 2.83 2.53
CA GLN A 622 22.78 3.57 1.50
C GLN A 622 22.67 2.90 0.13
N HIS A 623 22.79 1.57 0.10
CA HIS A 623 22.69 0.84 -1.15
C HIS A 623 21.29 0.92 -1.74
N GLN A 624 20.28 0.90 -0.88
CA GLN A 624 18.90 1.04 -1.33
C GLN A 624 18.69 2.43 -1.94
N LEU A 625 19.19 3.45 -1.25
CA LEU A 625 19.07 4.83 -1.71
C LEU A 625 19.74 5.03 -3.06
N GLN A 626 20.82 4.30 -3.29
CA GLN A 626 21.56 4.37 -4.55
C GLN A 626 20.85 3.60 -5.66
N THR A 627 20.25 2.47 -5.30
CA THR A 627 19.67 1.54 -6.26
C THR A 627 18.24 1.91 -6.61
N ASN A 628 17.44 2.24 -5.59
CA ASN A 628 16.05 2.59 -5.78
C ASN A 628 15.49 3.30 -4.55
N LEU A 629 15.68 4.61 -4.47
CA LEU A 629 15.26 5.39 -3.32
C LEU A 629 13.75 5.34 -3.09
N SER A 630 12.98 5.08 -4.16
CA SER A 630 11.51 5.03 -4.08
C SER A 630 10.97 4.05 -3.05
N VAL A 631 11.76 3.01 -2.75
CA VAL A 631 11.35 1.95 -1.83
C VAL A 631 11.28 2.45 -0.39
N ILE A 632 12.00 3.53 -0.11
CA ILE A 632 12.00 4.13 1.22
C ILE A 632 11.06 5.34 1.23
N PRO A 633 10.07 5.34 2.15
CA PRO A 633 9.12 6.45 2.31
C PRO A 633 9.83 7.78 2.37
N VAL A 634 9.32 8.79 1.66
CA VAL A 634 10.06 10.03 1.47
C VAL A 634 10.45 10.69 2.80
N ILE A 635 9.56 10.63 3.79
CA ILE A 635 9.86 11.27 5.09
C ILE A 635 11.01 10.54 5.77
N ASN A 636 11.09 9.23 5.56
CA ASN A 636 12.17 8.44 6.14
C ASN A 636 13.49 8.62 5.40
N ARG A 637 13.45 8.97 4.12
CA ARG A 637 14.64 9.40 3.40
C ARG A 637 15.21 10.67 4.04
N ALA A 638 14.32 11.57 4.44
CA ALA A 638 14.74 12.77 5.18
C ALA A 638 15.30 12.40 6.54
N GLN A 639 14.62 11.49 7.22
CA GLN A 639 15.00 11.01 8.55
C GLN A 639 16.43 10.46 8.57
N VAL A 640 16.77 9.66 7.56
CA VAL A 640 18.10 9.08 7.43
C VAL A 640 19.16 10.19 7.46
N ILE A 641 18.87 11.28 6.77
CA ILE A 641 19.79 12.42 6.72
C ILE A 641 19.78 13.21 8.03
N TYR A 642 18.60 13.63 8.48
CA TYR A 642 18.47 14.32 9.76
C TYR A 642 19.18 13.60 10.90
N ASP A 643 18.80 12.33 11.12
CA ASP A 643 19.31 11.54 12.23
C ASP A 643 20.83 11.34 12.13
N SER A 644 21.32 11.00 10.93
CA SER A 644 22.75 10.68 10.81
C SER A 644 23.61 11.93 11.06
N PHE A 645 23.15 13.08 10.57
CA PHE A 645 23.88 14.32 10.85
C PHE A 645 23.79 14.68 12.34
N ASN A 646 22.63 14.50 12.95
CA ASN A 646 22.49 14.81 14.37
C ASN A 646 23.36 13.89 15.23
N LEU A 647 23.38 12.61 14.90
CA LEU A 647 24.25 11.68 15.61
C LEU A 647 25.73 12.09 15.42
N ALA A 648 26.07 12.51 14.21
CA ALA A 648 27.44 12.92 13.90
C ALA A 648 27.85 14.12 14.74
N THR A 649 26.92 15.07 14.91
CA THR A 649 27.13 16.26 15.73
C THR A 649 27.45 15.93 17.18
N ALA A 650 26.86 14.85 17.67
CA ALA A 650 27.06 14.42 19.06
C ALA A 650 28.11 13.33 19.19
N HIS A 651 28.96 13.18 18.17
CA HIS A 651 30.07 12.21 18.19
C HIS A 651 29.61 10.77 18.34
N MET A 652 28.39 10.47 17.92
CA MET A 652 27.85 9.13 18.12
C MET A 652 28.10 8.22 16.92
N VAL A 653 28.32 8.83 15.76
CA VAL A 653 28.70 8.10 14.56
C VAL A 653 29.83 8.87 13.88
N PRO A 654 30.59 8.20 13.00
CA PRO A 654 31.58 8.97 12.24
C PRO A 654 30.90 9.99 11.34
N VAL A 655 31.50 11.17 11.20
CA VAL A 655 30.95 12.23 10.35
C VAL A 655 30.73 11.76 8.92
N THR A 656 31.64 10.90 8.45
CA THR A 656 31.56 10.37 7.09
C THR A 656 30.23 9.67 6.81
N LEU A 657 29.62 9.09 7.84
CA LEU A 657 28.33 8.43 7.68
C LEU A 657 27.27 9.44 7.22
N ALA A 658 27.18 10.56 7.93
CA ALA A 658 26.24 11.61 7.58
C ALA A 658 26.49 12.14 6.16
N LEU A 659 27.74 12.47 5.87
CA LEU A 659 28.11 13.01 4.56
C LEU A 659 27.84 11.99 3.46
N ASP A 660 28.20 10.73 3.70
CA ASP A 660 27.89 9.65 2.75
C ASP A 660 26.39 9.52 2.50
N ASN A 661 25.59 9.89 3.50
CA ASN A 661 24.14 9.77 3.36
C ASN A 661 23.53 10.90 2.52
N THR A 662 24.37 11.79 2.02
CA THR A 662 23.89 12.84 1.11
C THR A 662 24.21 12.56 -0.34
N LEU A 663 25.00 11.51 -0.59
CA LEU A 663 25.46 11.22 -1.94
C LEU A 663 24.32 10.94 -2.92
N PHE A 664 23.23 10.32 -2.47
CA PHE A 664 22.13 9.99 -3.38
C PHE A 664 21.32 11.20 -3.82
N LEU A 665 21.49 12.34 -3.15
CA LEU A 665 20.67 13.52 -3.42
C LEU A 665 20.77 14.01 -4.86
N ASN A 666 21.89 13.65 -5.49
CA ASN A 666 22.12 13.79 -6.93
C ASN A 666 20.88 13.45 -7.77
N GLY A 667 20.20 12.38 -7.40
CA GLY A 667 19.01 11.96 -8.11
C GLY A 667 17.71 12.15 -7.35
N GLU A 668 17.74 12.92 -6.26
CA GLU A 668 16.53 13.15 -5.47
C GLU A 668 15.80 14.41 -5.92
N LYS A 669 14.50 14.29 -6.16
CA LYS A 669 13.72 15.42 -6.65
C LYS A 669 12.70 15.94 -5.64
N GLU A 670 12.43 15.17 -4.59
CA GLU A 670 11.40 15.57 -3.64
C GLU A 670 11.90 16.52 -2.57
N TYR A 671 11.00 17.33 -2.06
CA TYR A 671 11.33 18.40 -1.12
C TYR A 671 12.03 17.97 0.17
N MET A 672 11.45 17.03 0.90
CA MET A 672 11.88 16.85 2.30
C MET A 672 13.28 16.27 2.48
N PRO A 673 13.70 15.29 1.65
CA PRO A 673 15.08 14.82 1.86
C PRO A 673 16.10 15.92 1.61
N TRP A 674 15.82 16.79 0.63
CA TRP A 674 16.72 17.91 0.38
C TRP A 674 16.65 18.91 1.52
N GLN A 675 15.46 19.16 2.04
CA GLN A 675 15.31 20.05 3.19
C GLN A 675 16.12 19.55 4.39
N ALA A 676 16.13 18.23 4.58
CA ALA A 676 16.90 17.62 5.66
C ALA A 676 18.38 17.93 5.51
N ALA A 677 18.87 17.76 4.29
CA ALA A 677 20.28 18.00 3.98
C ALA A 677 20.63 19.46 4.17
N LEU A 678 19.76 20.35 3.69
CA LEU A 678 20.00 21.79 3.77
C LEU A 678 19.98 22.25 5.21
N SER A 679 19.02 21.77 5.99
CA SER A 679 18.96 22.10 7.41
C SER A 679 20.20 21.55 8.14
N SER A 680 20.60 20.33 7.79
CA SER A 680 21.74 19.68 8.45
C SER A 680 23.07 20.36 8.09
N LEU A 681 23.26 20.68 6.81
CA LEU A 681 24.51 21.27 6.36
C LEU A 681 24.56 22.75 6.71
N SER A 682 23.42 23.29 7.13
CA SER A 682 23.37 24.65 7.64
C SER A 682 24.28 24.76 8.86
N TYR A 683 24.29 23.73 9.70
CA TYR A 683 25.21 23.71 10.84
C TYR A 683 26.67 23.68 10.37
N PHE A 684 26.95 22.88 9.33
CA PHE A 684 28.30 22.82 8.76
C PHE A 684 28.71 24.21 8.29
N SER A 685 27.80 24.90 7.61
CA SER A 685 28.04 26.25 7.12
C SER A 685 28.34 27.23 8.26
N LEU A 686 27.57 27.15 9.35
CA LEU A 686 27.81 28.01 10.50
C LEU A 686 29.20 27.73 11.11
N MET A 687 29.60 26.47 11.07
CA MET A 687 30.88 26.08 11.66
C MET A 687 32.07 26.38 10.76
N PHE A 688 31.86 26.29 9.45
CA PHE A 688 32.98 26.23 8.52
C PHE A 688 33.04 27.35 7.46
N ASP A 689 32.07 28.26 7.42
CA ASP A 689 32.05 29.23 6.32
C ASP A 689 33.10 30.34 6.50
N ARG A 690 33.88 30.24 7.57
CA ARG A 690 35.04 31.11 7.74
C ARG A 690 36.34 30.31 7.77
N SER A 691 36.35 29.15 7.11
CA SER A 691 37.50 28.23 7.20
C SER A 691 37.82 27.60 5.85
N GLU A 692 38.92 26.84 5.80
CA GLU A 692 39.34 26.20 4.55
C GLU A 692 38.36 25.15 4.03
N VAL A 693 37.45 24.70 4.89
CA VAL A 693 36.42 23.73 4.50
C VAL A 693 35.39 24.30 3.50
N TYR A 694 35.17 25.62 3.57
CA TYR A 694 34.04 26.23 2.88
C TYR A 694 34.11 26.10 1.36
N GLY A 695 35.28 26.32 0.79
CA GLY A 695 35.46 26.16 -0.65
C GLY A 695 35.02 24.81 -1.17
N PRO A 696 35.65 23.73 -0.69
CA PRO A 696 35.27 22.37 -1.07
C PRO A 696 33.81 22.03 -0.75
N MET A 697 33.27 22.56 0.35
CA MET A 697 31.87 22.30 0.70
C MET A 697 30.92 22.88 -0.36
N LYS A 698 31.15 24.15 -0.75
CA LYS A 698 30.33 24.76 -1.79
C LYS A 698 30.44 24.01 -3.11
N LYS A 699 31.65 23.53 -3.41
CA LYS A 699 31.90 22.81 -4.65
C LYS A 699 31.08 21.52 -4.69
N TYR A 700 31.02 20.81 -3.58
CA TYR A 700 30.25 19.58 -3.49
C TYR A 700 28.76 19.84 -3.66
N LEU A 701 28.29 20.92 -3.04
CA LEU A 701 26.87 21.26 -3.08
C LEU A 701 26.44 21.70 -4.48
N ARG A 702 27.32 22.43 -5.18
CA ARG A 702 27.08 22.77 -6.58
C ARG A 702 26.87 21.51 -7.40
N LYS A 703 27.80 20.56 -7.23
CA LYS A 703 27.78 19.30 -7.95
C LYS A 703 26.47 18.56 -7.71
N GLN A 704 26.07 18.48 -6.44
CA GLN A 704 24.87 17.72 -6.06
C GLN A 704 23.57 18.38 -6.51
N VAL A 705 23.53 19.71 -6.48
CA VAL A 705 22.26 20.37 -6.74
C VAL A 705 22.06 20.70 -8.22
N GLU A 706 23.14 20.68 -9.00
CA GLU A 706 23.02 21.05 -10.43
C GLU A 706 21.96 20.24 -11.21
N PRO A 707 21.93 18.90 -11.06
CA PRO A 707 20.90 18.18 -11.82
C PRO A 707 19.48 18.54 -11.40
N LEU A 708 19.31 18.88 -10.12
CA LEU A 708 18.00 19.29 -9.63
C LEU A 708 17.63 20.65 -10.21
N PHE A 709 18.59 21.57 -10.22
CA PHE A 709 18.41 22.86 -10.88
C PHE A 709 18.00 22.66 -12.34
N GLN A 710 18.68 21.75 -13.01
CA GLN A 710 18.43 21.49 -14.42
C GLN A 710 17.07 20.81 -14.62
N HIS A 711 16.72 19.94 -13.68
CA HIS A 711 15.40 19.31 -13.69
C HIS A 711 14.29 20.35 -13.67
N PHE A 712 14.40 21.33 -12.78
CA PHE A 712 13.36 22.35 -12.65
C PHE A 712 13.40 23.36 -13.79
N GLU A 713 14.59 23.63 -14.34
CA GLU A 713 14.68 24.51 -15.50
C GLU A 713 13.85 23.93 -16.66
N THR A 714 13.95 22.62 -16.84
CA THR A 714 13.18 21.91 -17.86
C THR A 714 11.68 21.81 -17.52
N LEU A 715 11.38 21.35 -16.32
CA LEU A 715 9.99 21.14 -15.88
C LEU A 715 9.18 22.44 -15.90
N THR A 716 9.79 23.54 -15.46
CA THR A 716 9.09 24.82 -15.36
C THR A 716 9.05 25.58 -16.68
N LYS A 717 9.51 24.94 -17.75
CA LYS A 717 9.59 25.55 -19.08
C LYS A 717 10.37 26.87 -19.01
N ASN A 718 11.65 26.75 -18.63
CA ASN A 718 12.54 27.90 -18.48
C ASN A 718 12.02 28.91 -17.45
N TRP A 719 11.54 28.37 -16.32
CA TRP A 719 11.14 29.14 -15.12
C TRP A 719 9.83 29.91 -15.25
N THR A 720 9.04 29.60 -16.28
CA THR A 720 7.80 30.33 -16.52
C THR A 720 6.57 29.70 -15.88
N GLU A 721 6.65 28.41 -15.55
CA GLU A 721 5.52 27.72 -14.95
C GLU A 721 5.91 27.01 -13.67
N ARG A 722 5.27 27.35 -12.57
CA ARG A 722 5.58 26.69 -11.30
C ARG A 722 5.11 25.23 -11.30
N PRO A 723 5.77 24.38 -10.49
CA PRO A 723 5.26 23.02 -10.30
C PRO A 723 3.86 23.06 -9.69
N GLU A 724 3.10 21.99 -9.92
CA GLU A 724 1.69 21.96 -9.53
C GLU A 724 1.46 21.88 -8.01
N ASN A 725 2.04 20.90 -7.33
CA ASN A 725 1.72 20.74 -5.92
C ASN A 725 2.66 21.52 -5.00
N LEU A 726 2.25 21.69 -3.76
CA LEU A 726 3.02 22.48 -2.80
C LEU A 726 4.42 21.94 -2.56
N MET A 727 4.54 20.62 -2.39
CA MET A 727 5.83 20.02 -2.06
C MET A 727 6.84 20.25 -3.18
N ASP A 728 6.41 20.11 -4.43
CA ASP A 728 7.30 20.32 -5.56
C ASP A 728 7.63 21.81 -5.74
N GLN A 729 6.69 22.69 -5.38
CA GLN A 729 6.98 24.13 -5.38
C GLN A 729 8.05 24.46 -4.35
N TYR A 730 7.94 23.85 -3.17
CA TYR A 730 8.94 24.00 -2.12
C TYR A 730 10.30 23.46 -2.59
N SER A 731 10.27 22.33 -3.30
CA SER A 731 11.50 21.73 -3.80
C SER A 731 12.19 22.65 -4.81
N GLU A 732 11.42 23.31 -5.67
CA GLU A 732 12.00 24.27 -6.61
C GLU A 732 12.68 25.42 -5.86
N ILE A 733 11.95 26.01 -4.92
CA ILE A 733 12.45 27.12 -4.14
C ILE A 733 13.79 26.78 -3.49
N ASN A 734 13.86 25.62 -2.83
CA ASN A 734 15.12 25.19 -2.22
C ASN A 734 16.22 24.91 -3.25
N ALA A 735 15.86 24.33 -4.39
CA ALA A 735 16.84 24.01 -5.42
C ALA A 735 17.51 25.28 -5.92
N ILE A 736 16.70 26.31 -6.13
CA ILE A 736 17.17 27.61 -6.60
C ILE A 736 18.03 28.31 -5.56
N SER A 737 17.54 28.31 -4.32
CA SER A 737 18.29 28.89 -3.21
C SER A 737 19.66 28.25 -3.05
N THR A 738 19.68 26.92 -3.09
CA THR A 738 20.91 26.16 -2.90
C THR A 738 21.90 26.42 -4.04
N ALA A 739 21.41 26.42 -5.27
CA ALA A 739 22.27 26.63 -6.43
C ALA A 739 22.95 28.00 -6.38
N CYS A 740 22.17 29.04 -6.15
CA CYS A 740 22.73 30.38 -6.10
C CYS A 740 23.66 30.56 -4.90
N SER A 741 23.24 30.11 -3.73
CA SER A 741 24.00 30.33 -2.50
C SER A 741 25.37 29.67 -2.56
N ASN A 742 25.46 28.59 -3.33
CA ASN A 742 26.73 27.88 -3.47
C ASN A 742 27.46 28.23 -4.74
N GLY A 743 26.95 29.24 -5.45
CA GLY A 743 27.66 29.80 -6.59
C GLY A 743 27.54 29.05 -7.91
N LEU A 744 26.45 28.31 -8.11
CA LEU A 744 26.22 27.68 -9.40
C LEU A 744 26.03 28.77 -10.47
N PRO A 745 26.92 28.81 -11.48
CA PRO A 745 26.90 29.90 -12.45
C PRO A 745 25.58 30.06 -13.20
N GLN A 746 24.90 28.97 -13.52
CA GLN A 746 23.61 29.05 -14.20
C GLN A 746 22.60 29.83 -13.37
N CYS A 747 22.62 29.61 -12.05
CA CYS A 747 21.68 30.30 -11.17
C CYS A 747 22.08 31.76 -11.02
N GLU A 748 23.38 32.01 -10.87
CA GLU A 748 23.91 33.37 -10.77
C GLU A 748 23.50 34.20 -11.99
N ASN A 749 23.59 33.60 -13.18
CA ASN A 749 23.22 34.28 -14.40
C ASN A 749 21.73 34.60 -14.43
N LEU A 750 20.93 33.65 -13.96
CA LEU A 750 19.48 33.81 -13.89
C LEU A 750 19.09 35.00 -13.02
N ALA A 751 19.68 35.08 -11.83
CA ALA A 751 19.35 36.15 -10.88
C ALA A 751 19.76 37.53 -11.38
N LYS A 752 20.95 37.64 -11.97
CA LYS A 752 21.44 38.92 -12.47
C LYS A 752 20.58 39.40 -13.64
N THR A 753 20.23 38.48 -14.53
CA THR A 753 19.40 38.79 -15.69
C THR A 753 18.04 39.32 -15.28
N LEU A 754 17.36 38.59 -14.40
CA LEU A 754 16.04 38.97 -13.95
C LEU A 754 16.06 40.27 -13.16
N PHE A 755 17.07 40.45 -12.30
CA PHE A 755 17.13 41.65 -11.49
C PHE A 755 17.46 42.88 -12.35
N ASP A 756 18.34 42.70 -13.33
CA ASP A 756 18.62 43.74 -14.31
C ASP A 756 17.34 44.12 -15.05
N GLN A 757 16.55 43.12 -15.40
CA GLN A 757 15.31 43.36 -16.14
C GLN A 757 14.30 44.12 -15.28
N TRP A 758 14.22 43.76 -13.99
CA TRP A 758 13.31 44.44 -13.07
C TRP A 758 13.72 45.90 -12.91
N MET A 759 15.01 46.16 -12.69
CA MET A 759 15.50 47.53 -12.51
C MET A 759 15.26 48.40 -13.74
N SER A 760 15.16 47.79 -14.92
CA SER A 760 14.91 48.52 -16.16
C SER A 760 13.42 48.84 -16.33
N ASP A 761 12.58 48.23 -15.49
CA ASP A 761 11.14 48.44 -15.57
C ASP A 761 10.49 48.03 -14.24
N PRO A 762 10.70 48.84 -13.19
CA PRO A 762 10.38 48.49 -11.79
C PRO A 762 8.90 48.19 -11.54
N GLU A 763 8.00 48.79 -12.32
CA GLU A 763 6.57 48.59 -12.10
C GLU A 763 6.09 47.24 -12.62
N ASN A 764 6.87 46.62 -13.49
CA ASN A 764 6.56 45.29 -14.00
C ASN A 764 7.58 44.26 -13.53
N ASN A 765 7.42 43.81 -12.29
CA ASN A 765 8.33 42.83 -11.69
C ASN A 765 8.23 41.47 -12.39
N PRO A 766 9.33 41.02 -13.03
CA PRO A 766 9.32 39.77 -13.81
C PRO A 766 9.65 38.52 -12.98
N ILE A 767 9.88 38.69 -11.70
CA ILE A 767 10.26 37.58 -10.83
C ILE A 767 9.06 37.03 -10.08
N HIS A 768 8.75 35.75 -10.33
CA HIS A 768 7.65 35.08 -9.62
C HIS A 768 7.91 35.12 -8.11
N PRO A 769 6.87 35.42 -7.32
CA PRO A 769 6.98 35.54 -5.86
C PRO A 769 7.71 34.39 -5.19
N ASN A 770 7.53 33.17 -5.70
CA ASN A 770 8.22 32.00 -5.14
C ASN A 770 9.75 32.13 -5.22
N LEU A 771 10.24 32.88 -6.19
CA LEU A 771 11.67 32.95 -6.47
C LEU A 771 12.35 34.23 -5.98
N ARG A 772 11.56 35.18 -5.51
CA ARG A 772 12.09 36.51 -5.18
C ARG A 772 13.15 36.51 -4.08
N SER A 773 12.93 35.75 -3.01
CA SER A 773 13.90 35.72 -1.90
C SER A 773 15.31 35.42 -2.39
N THR A 774 15.43 34.38 -3.21
CA THR A 774 16.73 33.97 -3.75
C THR A 774 17.26 34.95 -4.81
N ILE A 775 16.42 35.30 -5.77
CA ILE A 775 16.87 36.16 -6.87
C ILE A 775 17.33 37.51 -6.34
N TYR A 776 16.51 38.12 -5.48
CA TYR A 776 16.87 39.37 -4.82
C TYR A 776 18.21 39.27 -4.12
N CYS A 777 18.37 38.26 -3.27
CA CYS A 777 19.59 38.09 -2.49
C CYS A 777 20.82 37.96 -3.38
N ASN A 778 20.77 37.04 -4.33
CA ASN A 778 21.94 36.76 -5.15
C ASN A 778 22.32 37.93 -6.05
N ALA A 779 21.32 38.64 -6.56
CA ALA A 779 21.59 39.83 -7.37
C ALA A 779 22.26 40.92 -6.55
N ILE A 780 21.75 41.12 -5.33
CA ILE A 780 22.33 42.09 -4.39
C ILE A 780 23.78 41.71 -4.07
N ALA A 781 24.02 40.42 -3.82
CA ALA A 781 25.36 39.93 -3.50
C ALA A 781 26.34 40.13 -4.67
N GLN A 782 25.90 39.78 -5.87
CA GLN A 782 26.73 39.95 -7.07
C GLN A 782 26.95 41.41 -7.40
N GLY A 783 25.97 42.24 -7.06
CA GLY A 783 25.97 43.61 -7.51
C GLY A 783 26.71 44.55 -6.58
N GLY A 784 26.33 45.81 -6.60
CA GLY A 784 26.93 46.82 -5.76
C GLY A 784 25.87 47.78 -5.25
N GLN A 785 26.27 49.03 -5.07
CA GLN A 785 25.39 50.04 -4.48
C GLN A 785 24.14 50.31 -5.34
N ASP A 786 24.27 50.17 -6.66
CA ASP A 786 23.13 50.40 -7.55
C ASP A 786 21.97 49.47 -7.20
N GLN A 787 22.27 48.18 -7.07
CA GLN A 787 21.26 47.20 -6.73
C GLN A 787 20.73 47.42 -5.32
N TRP A 788 21.62 47.81 -4.41
CA TRP A 788 21.24 47.98 -3.01
C TRP A 788 20.29 49.16 -2.85
N ASP A 789 20.63 50.29 -3.45
CA ASP A 789 19.82 51.50 -3.34
C ASP A 789 18.49 51.32 -4.06
N PHE A 790 18.48 50.54 -5.14
CA PHE A 790 17.22 50.25 -5.82
C PHE A 790 16.31 49.46 -4.90
N ALA A 791 16.84 48.41 -4.28
CA ALA A 791 16.04 47.57 -3.39
C ALA A 791 15.56 48.34 -2.15
N TRP A 792 16.42 49.20 -1.62
CA TRP A 792 16.06 50.02 -0.48
C TRP A 792 14.86 50.93 -0.81
N GLY A 793 14.87 51.50 -2.02
CA GLY A 793 13.78 52.32 -2.48
C GLY A 793 12.48 51.54 -2.61
N GLN A 794 12.56 50.33 -3.17
CA GLN A 794 11.40 49.46 -3.27
C GLN A 794 10.85 49.14 -1.88
N LEU A 795 11.74 48.88 -0.93
CA LEU A 795 11.34 48.56 0.45
C LEU A 795 10.57 49.70 1.11
N GLN A 796 11.09 50.91 0.99
CA GLN A 796 10.48 52.05 1.69
C GLN A 796 9.18 52.51 1.03
N GLN A 797 8.91 52.03 -0.18
CA GLN A 797 7.64 52.35 -0.85
C GLN A 797 6.71 51.13 -0.92
N ALA A 798 7.16 50.01 -0.34
CA ALA A 798 6.38 48.77 -0.33
C ALA A 798 5.00 48.93 0.31
N GLN A 799 3.97 48.45 -0.36
CA GLN A 799 2.61 48.47 0.18
C GLN A 799 2.18 47.09 0.65
N LEU A 800 2.99 46.09 0.34
CA LEU A 800 2.73 44.71 0.76
C LEU A 800 3.86 44.23 1.69
N VAL A 801 3.49 43.79 2.89
CA VAL A 801 4.51 43.40 3.86
C VAL A 801 5.29 42.15 3.41
N ASN A 802 4.64 41.24 2.69
CA ASN A 802 5.34 40.06 2.16
C ASN A 802 6.56 40.49 1.34
N GLU A 803 6.36 41.50 0.51
CA GLU A 803 7.40 42.00 -0.37
C GLU A 803 8.47 42.75 0.43
N ALA A 804 8.02 43.58 1.36
CA ALA A 804 8.94 44.27 2.28
C ALA A 804 9.84 43.29 3.03
N ASP A 805 9.28 42.15 3.43
CA ASP A 805 10.04 41.13 4.16
C ASP A 805 11.16 40.53 3.31
N LYS A 806 10.84 40.25 2.05
CA LYS A 806 11.83 39.69 1.12
C LYS A 806 12.93 40.70 0.79
N LEU A 807 12.55 41.97 0.71
CA LEU A 807 13.52 43.02 0.44
C LEU A 807 14.48 43.18 1.62
N ARG A 808 13.93 43.21 2.84
CA ARG A 808 14.74 43.35 4.05
C ARG A 808 15.79 42.26 4.16
N SER A 809 15.38 41.01 3.91
CA SER A 809 16.29 39.89 4.02
C SER A 809 17.36 39.93 2.94
N ALA A 810 16.96 40.33 1.73
CA ALA A 810 17.85 40.38 0.58
C ALA A 810 18.90 41.48 0.71
N LEU A 811 18.51 42.59 1.29
CA LEU A 811 19.44 43.71 1.49
C LEU A 811 20.61 43.29 2.39
N ALA A 812 20.38 42.31 3.25
CA ALA A 812 21.44 41.80 4.12
C ALA A 812 22.45 40.91 3.38
N CYS A 813 22.26 40.72 2.07
CA CYS A 813 23.16 39.85 1.30
C CYS A 813 24.32 40.61 0.64
N SER A 814 24.41 41.90 0.90
CA SER A 814 25.48 42.71 0.31
C SER A 814 26.84 42.18 0.76
N ASN A 815 27.84 42.22 -0.13
CA ASN A 815 29.19 41.82 0.27
C ASN A 815 30.08 43.03 0.54
N GLU A 816 29.47 44.19 0.78
CA GLU A 816 30.22 45.40 1.09
C GLU A 816 29.98 45.83 2.53
N VAL A 817 31.05 45.84 3.33
CA VAL A 817 30.94 46.12 4.76
C VAL A 817 30.22 47.45 5.01
N TRP A 818 30.57 48.47 4.26
CA TRP A 818 30.02 49.80 4.51
C TRP A 818 28.50 49.80 4.28
N LEU A 819 28.03 49.05 3.29
CA LEU A 819 26.59 48.98 3.04
C LEU A 819 25.88 48.22 4.17
N LEU A 820 26.50 47.14 4.65
CA LEU A 820 25.90 46.35 5.74
C LEU A 820 25.87 47.14 7.05
N ASN A 821 26.93 47.87 7.32
CA ASN A 821 27.03 48.65 8.55
C ASN A 821 26.06 49.83 8.56
N ARG A 822 25.93 50.49 7.42
CA ARG A 822 24.94 51.55 7.26
C ARG A 822 23.54 50.97 7.49
N TYR A 823 23.31 49.78 6.97
CA TYR A 823 22.03 49.08 7.11
C TYR A 823 21.73 48.81 8.58
N LEU A 824 22.73 48.35 9.33
CA LEU A 824 22.58 48.11 10.75
C LEU A 824 22.14 49.38 11.48
N GLY A 825 22.71 50.51 11.11
CA GLY A 825 22.33 51.79 11.69
C GLY A 825 20.85 52.08 11.52
N TYR A 826 20.29 51.66 10.39
CA TYR A 826 18.88 51.90 10.09
C TYR A 826 17.94 51.09 10.96
N THR A 827 18.42 49.97 11.49
CA THR A 827 17.55 49.00 12.14
C THR A 827 17.00 49.51 13.46
N LEU A 828 17.67 50.49 14.06
CA LEU A 828 17.15 51.08 15.30
C LEU A 828 16.55 52.47 15.05
N ASN A 829 16.19 52.74 13.79
CA ASN A 829 15.48 53.96 13.43
C ASN A 829 14.07 53.60 12.98
N PRO A 830 13.07 53.86 13.84
CA PRO A 830 11.67 53.45 13.60
C PRO A 830 11.06 54.07 12.34
N ASP A 831 11.62 55.18 11.87
CA ASP A 831 11.19 55.79 10.62
C ASP A 831 11.55 54.94 9.41
N LEU A 832 12.58 54.11 9.55
CA LEU A 832 13.08 53.32 8.42
C LEU A 832 12.78 51.84 8.60
N ILE A 833 12.93 51.35 9.82
CA ILE A 833 12.64 49.96 10.14
C ILE A 833 11.76 49.90 11.39
N ARG A 834 10.57 49.32 11.26
CA ARG A 834 9.65 49.21 12.40
C ARG A 834 10.31 48.44 13.53
N LYS A 835 10.01 48.82 14.77
CA LYS A 835 10.52 48.10 15.94
C LYS A 835 10.25 46.60 15.85
N GLN A 836 9.12 46.24 15.25
CA GLN A 836 8.72 44.84 15.15
C GLN A 836 9.67 44.02 14.26
N ASP A 837 10.41 44.72 13.41
CA ASP A 837 11.29 44.06 12.44
C ASP A 837 12.78 44.34 12.71
N ALA A 838 13.07 45.02 13.81
CA ALA A 838 14.45 45.42 14.09
C ALA A 838 15.37 44.23 14.33
N THR A 839 14.98 43.33 15.22
CA THR A 839 15.87 42.23 15.59
C THR A 839 15.98 41.18 14.47
N SER A 840 14.89 40.93 13.75
CA SER A 840 14.95 40.00 12.63
C SER A 840 15.90 40.50 11.54
N THR A 841 15.88 41.80 11.29
CA THR A 841 16.79 42.42 10.31
C THR A 841 18.24 42.29 10.77
N ILE A 842 18.49 42.56 12.05
CA ILE A 842 19.84 42.39 12.61
C ILE A 842 20.30 40.95 12.41
N ASN A 843 19.42 39.98 12.67
CA ASN A 843 19.73 38.56 12.48
C ASN A 843 20.06 38.21 11.04
N SER A 844 19.37 38.83 10.09
CA SER A 844 19.63 38.58 8.67
C SER A 844 21.04 39.03 8.30
N ILE A 845 21.44 40.18 8.85
CA ILE A 845 22.76 40.73 8.59
C ILE A 845 23.83 39.84 9.23
N ALA A 846 23.55 39.33 10.42
CA ALA A 846 24.49 38.45 11.12
C ALA A 846 24.70 37.14 10.38
N SER A 847 23.67 36.70 9.65
CA SER A 847 23.76 35.46 8.87
C SER A 847 24.75 35.58 7.71
N ASN A 848 24.92 36.79 7.21
CA ASN A 848 25.95 37.10 6.23
C ASN A 848 27.33 36.94 6.89
N VAL A 849 28.20 36.12 6.31
CA VAL A 849 29.49 35.84 6.92
C VAL A 849 30.30 37.13 7.13
N ILE A 850 30.11 38.09 6.26
CA ILE A 850 30.74 39.40 6.38
C ILE A 850 30.02 40.26 7.43
N GLY A 851 28.72 39.99 7.62
CA GLY A 851 27.92 40.72 8.59
C GLY A 851 28.04 40.21 10.02
N GLN A 852 28.60 39.02 10.17
CA GLN A 852 28.71 38.38 11.49
C GLN A 852 29.47 39.25 12.50
N PRO A 853 30.70 39.71 12.19
CA PRO A 853 31.33 40.55 13.23
C PRO A 853 30.66 41.92 13.39
N LEU A 854 30.07 42.45 12.32
CA LEU A 854 29.37 43.72 12.39
C LEU A 854 28.18 43.66 13.36
N ALA A 855 27.38 42.60 13.26
CA ALA A 855 26.17 42.47 14.07
C ALA A 855 26.50 42.13 15.52
N TRP A 856 27.51 41.29 15.72
CA TRP A 856 27.95 40.93 17.06
C TRP A 856 28.42 42.17 17.82
N ASP A 857 29.22 43.00 17.17
CA ASP A 857 29.65 44.26 17.76
C ASP A 857 28.46 45.19 17.98
N PHE A 858 27.58 45.25 16.98
CA PHE A 858 26.41 46.13 17.03
C PHE A 858 25.53 45.81 18.23
N VAL A 859 25.23 44.52 18.39
CA VAL A 859 24.39 44.04 19.49
C VAL A 859 25.02 44.38 20.83
N GLN A 860 26.32 44.15 20.93
CA GLN A 860 27.04 44.42 22.17
C GLN A 860 27.02 45.90 22.51
N SER A 861 27.29 46.75 21.51
CA SER A 861 27.40 48.19 21.76
C SER A 861 26.05 48.87 21.95
N ASN A 862 24.97 48.21 21.50
CA ASN A 862 23.63 48.79 21.64
C ASN A 862 22.76 47.97 22.59
N TRP A 863 23.40 47.20 23.46
CA TRP A 863 22.70 46.23 24.31
C TRP A 863 21.69 46.88 25.26
N LYS A 864 22.07 48.02 25.83
CA LYS A 864 21.19 48.74 26.75
C LYS A 864 19.84 49.03 26.12
N LYS A 865 19.86 49.57 24.90
CA LYS A 865 18.62 49.85 24.18
C LYS A 865 17.89 48.58 23.79
N LEU A 866 18.65 47.58 23.33
CA LEU A 866 18.05 46.31 22.93
C LEU A 866 17.37 45.62 24.09
N PHE A 867 17.96 45.69 25.29
CA PHE A 867 17.37 45.04 26.44
C PHE A 867 16.09 45.71 26.88
N GLN A 868 16.09 47.02 26.98
CA GLN A 868 14.92 47.71 27.50
C GLN A 868 13.78 47.72 26.47
N ASP A 869 14.11 47.45 25.21
CA ASP A 869 13.10 47.38 24.16
C ASP A 869 12.49 45.98 23.99
N TYR A 870 13.31 44.93 24.14
CA TYR A 870 12.87 43.57 23.84
C TYR A 870 13.10 42.55 24.96
N GLY A 871 13.78 42.95 26.02
CA GLY A 871 14.21 42.01 27.04
C GLY A 871 13.15 41.44 27.98
N GLY A 872 11.87 41.60 27.65
CA GLY A 872 10.82 41.21 28.57
C GLY A 872 9.57 40.34 28.30
N GLY A 873 9.20 39.99 27.06
CA GLY A 873 9.95 40.12 25.84
C GLY A 873 9.99 38.75 25.19
N SER A 874 8.91 38.35 24.53
CA SER A 874 8.83 37.01 23.93
C SER A 874 9.34 36.97 22.49
N PHE A 875 10.03 35.87 22.17
CA PHE A 875 10.48 35.53 20.82
C PHE A 875 11.67 36.36 20.32
N SER A 876 11.48 37.68 20.15
CA SER A 876 12.47 38.51 19.49
C SER A 876 13.83 38.52 20.18
N PHE A 877 13.83 38.67 21.49
CA PHE A 877 15.08 38.81 22.25
C PHE A 877 15.87 37.51 22.25
N SER A 878 15.18 36.42 22.54
CA SER A 878 15.78 35.10 22.54
C SER A 878 16.35 34.77 21.16
N ASN A 879 15.58 35.04 20.11
CA ASN A 879 16.02 34.79 18.74
C ASN A 879 17.28 35.59 18.39
N LEU A 880 17.38 36.80 18.90
CA LEU A 880 18.52 37.67 18.61
C LEU A 880 19.81 37.13 19.21
N ILE A 881 19.74 36.71 20.47
CA ILE A 881 20.89 36.12 21.13
C ILE A 881 21.33 34.85 20.41
N GLN A 882 20.36 34.00 20.10
CA GLN A 882 20.63 32.76 19.37
C GLN A 882 21.26 33.02 18.00
N GLY A 883 20.67 33.93 17.23
CA GLY A 883 21.12 34.20 15.88
C GLY A 883 22.55 34.69 15.74
N VAL A 884 22.94 35.62 16.61
CA VAL A 884 24.25 36.25 16.53
C VAL A 884 25.38 35.36 17.10
N THR A 885 25.02 34.40 17.93
CA THR A 885 26.02 33.52 18.55
C THR A 885 26.13 32.13 17.89
N ARG A 886 25.28 31.86 16.90
CA ARG A 886 25.24 30.55 16.21
C ARG A 886 26.59 30.05 15.71
N ARG A 887 27.38 30.95 15.15
CA ARG A 887 28.65 30.59 14.54
C ARG A 887 29.79 30.26 15.52
N PHE A 888 29.63 30.59 16.79
CA PHE A 888 30.77 30.52 17.72
C PHE A 888 31.30 29.09 17.86
N SER A 889 32.59 28.92 17.59
CA SER A 889 33.17 27.57 17.62
C SER A 889 34.62 27.58 18.07
N SER A 890 35.05 28.66 18.72
CA SER A 890 36.44 28.79 19.14
C SER A 890 36.49 29.17 20.61
N GLU A 891 37.62 28.88 21.27
CA GLU A 891 37.80 29.28 22.66
C GLU A 891 37.72 30.80 22.79
N PHE A 892 38.26 31.51 21.79
CA PHE A 892 38.22 32.97 21.82
C PHE A 892 36.79 33.52 21.79
N GLU A 893 35.95 32.96 20.91
CA GLU A 893 34.55 33.39 20.83
C GLU A 893 33.79 33.07 22.12
N LEU A 894 34.08 31.93 22.72
CA LEU A 894 33.47 31.54 23.99
C LEU A 894 33.86 32.53 25.09
N GLN A 895 35.14 32.85 25.17
CA GLN A 895 35.63 33.84 26.13
C GLN A 895 34.91 35.17 25.92
N GLN A 896 34.74 35.56 24.67
CA GLN A 896 34.07 36.82 24.37
C GLN A 896 32.60 36.78 24.78
N LEU A 897 31.96 35.63 24.63
CA LEU A 897 30.55 35.51 25.03
C LEU A 897 30.44 35.52 26.55
N GLU A 898 31.41 34.88 27.23
CA GLU A 898 31.44 34.90 28.69
C GLU A 898 31.61 36.33 29.21
N GLN A 899 32.52 37.09 28.61
CA GLN A 899 32.77 38.47 29.02
C GLN A 899 31.53 39.35 28.81
N PHE A 900 30.85 39.13 27.69
CA PHE A 900 29.60 39.80 27.38
C PHE A 900 28.58 39.61 28.50
N LYS A 901 28.48 38.36 28.95
CA LYS A 901 27.60 37.94 30.03
C LYS A 901 27.97 38.68 31.32
N LYS A 902 29.26 38.66 31.62
CA LYS A 902 29.80 39.32 32.82
C LYS A 902 29.57 40.82 32.78
N ASN A 903 29.75 41.42 31.61
CA ASN A 903 29.58 42.86 31.46
C ASN A 903 28.15 43.32 31.77
N ASN A 904 27.17 42.49 31.46
CA ASN A 904 25.77 42.89 31.59
C ASN A 904 24.99 42.15 32.68
N MET A 905 25.72 41.56 33.62
CA MET A 905 25.10 40.79 34.69
C MET A 905 24.29 41.65 35.65
N ASP A 906 24.65 42.93 35.77
CA ASP A 906 23.92 43.84 36.65
C ASP A 906 22.45 43.87 36.28
N VAL A 907 22.16 44.14 35.01
CA VAL A 907 20.81 44.19 34.51
C VAL A 907 20.25 42.79 34.32
N GLY A 908 21.12 41.86 33.90
CA GLY A 908 20.69 40.50 33.62
C GLY A 908 20.18 40.41 32.20
N PHE A 909 19.64 39.24 31.83
CA PHE A 909 19.29 39.01 30.44
C PHE A 909 17.81 38.70 30.25
N GLY A 910 17.02 38.95 31.30
CA GLY A 910 15.57 38.88 31.22
C GLY A 910 15.00 37.65 30.54
N SER A 911 14.20 37.88 29.50
CA SER A 911 13.54 36.78 28.80
C SER A 911 14.48 36.06 27.84
N GLY A 912 15.76 36.41 27.87
CA GLY A 912 16.76 35.73 27.05
C GLY A 912 17.77 34.99 27.92
N THR A 913 17.42 34.77 29.18
CA THR A 913 18.36 34.16 30.13
C THR A 913 18.70 32.73 29.75
N ARG A 914 17.68 31.90 29.49
CA ARG A 914 17.95 30.52 29.12
C ARG A 914 18.64 30.47 27.76
N ALA A 915 18.25 31.37 26.87
CA ALA A 915 18.83 31.44 25.54
C ALA A 915 20.33 31.65 25.61
N LEU A 916 20.75 32.49 26.55
CA LEU A 916 22.17 32.75 26.76
C LEU A 916 22.88 31.53 27.33
N GLU A 917 22.23 30.81 28.23
CA GLU A 917 22.83 29.60 28.77
C GLU A 917 22.97 28.54 27.68
N GLN A 918 21.98 28.44 26.81
CA GLN A 918 22.03 27.48 25.70
C GLN A 918 23.10 27.88 24.67
N ALA A 919 23.22 29.18 24.42
CA ALA A 919 24.28 29.71 23.55
C ALA A 919 25.66 29.31 24.08
N LEU A 920 25.88 29.46 25.38
CA LEU A 920 27.16 29.09 25.97
C LEU A 920 27.43 27.59 25.88
N GLU A 921 26.41 26.78 26.17
CA GLU A 921 26.57 25.33 26.11
C GLU A 921 26.91 24.88 24.69
N LYS A 922 26.19 25.44 23.72
CA LYS A 922 26.35 25.05 22.31
C LYS A 922 27.71 25.46 21.77
N THR A 923 28.17 26.65 22.15
CA THR A 923 29.50 27.13 21.76
C THR A 923 30.58 26.17 22.21
N LYS A 924 30.46 25.71 23.46
CA LYS A 924 31.44 24.80 24.04
C LYS A 924 31.45 23.48 23.29
N ALA A 925 30.27 22.99 22.96
CA ALA A 925 30.17 21.76 22.17
C ALA A 925 30.73 21.97 20.77
N ASN A 926 30.50 23.15 20.20
CA ASN A 926 31.01 23.47 18.85
C ASN A 926 32.54 23.48 18.79
N ILE A 927 33.17 24.01 19.83
CA ILE A 927 34.63 24.03 19.91
C ILE A 927 35.18 22.62 19.77
N LYS A 928 34.61 21.70 20.55
CA LYS A 928 35.04 20.31 20.55
C LYS A 928 34.71 19.63 19.20
N TRP A 929 33.49 19.81 18.72
CA TRP A 929 33.10 19.17 17.46
C TRP A 929 33.99 19.62 16.29
N VAL A 930 34.24 20.93 16.19
CA VAL A 930 35.03 21.45 15.10
C VAL A 930 36.47 20.92 15.16
N LYS A 931 37.05 20.91 16.36
CA LYS A 931 38.40 20.41 16.56
C LYS A 931 38.56 18.96 16.10
N GLU A 932 37.58 18.13 16.41
CA GLU A 932 37.69 16.69 16.14
C GLU A 932 37.14 16.29 14.76
N ASN A 933 36.49 17.22 14.07
CA ASN A 933 35.82 16.89 12.81
C ASN A 933 36.40 17.56 11.58
N LYS A 934 37.14 18.65 11.78
CA LYS A 934 37.48 19.51 10.64
C LYS A 934 38.36 18.81 9.60
N GLU A 935 39.23 17.89 10.03
CA GLU A 935 40.11 17.22 9.08
C GLU A 935 39.35 16.22 8.21
N VAL A 936 38.53 15.39 8.84
CA VAL A 936 37.76 14.40 8.10
C VAL A 936 36.77 15.09 7.15
N VAL A 937 36.16 16.18 7.62
CA VAL A 937 35.19 16.90 6.80
C VAL A 937 35.86 17.51 5.57
N LEU A 938 37.01 18.15 5.77
CA LEU A 938 37.75 18.76 4.67
C LEU A 938 38.12 17.73 3.61
N ASN A 939 38.67 16.60 4.06
CA ASN A 939 39.11 15.57 3.14
C ASN A 939 37.94 14.94 2.39
N TRP A 940 36.80 14.81 3.07
CA TRP A 940 35.63 14.21 2.44
C TRP A 940 35.11 15.09 1.31
N PHE A 941 34.96 16.38 1.58
CA PHE A 941 34.44 17.32 0.59
C PHE A 941 35.36 17.43 -0.63
N ILE A 942 36.66 17.45 -0.39
CA ILE A 942 37.62 17.53 -1.48
C ILE A 942 37.50 16.32 -2.39
N GLU A 943 37.49 15.14 -1.79
CA GLU A 943 37.41 13.88 -2.54
C GLU A 943 36.11 13.76 -3.34
N HIS A 944 34.99 14.19 -2.74
CA HIS A 944 33.70 13.98 -3.37
C HIS A 944 33.21 15.15 -4.22
N SER A 945 34.03 16.19 -4.35
CA SER A 945 33.69 17.32 -5.21
C SER A 945 34.70 17.44 -6.36
N GLN B 45 66.24 45.15 45.34
CA GLN B 45 66.80 46.15 44.43
C GLN B 45 68.14 46.66 44.92
N SER B 46 68.52 46.29 46.13
CA SER B 46 69.79 46.71 46.70
C SER B 46 70.95 45.85 46.20
N LYS B 47 70.62 44.67 45.70
CA LYS B 47 71.63 43.80 45.10
C LYS B 47 71.89 44.23 43.67
N PRO B 48 73.17 44.35 43.29
CA PRO B 48 73.52 44.85 41.95
C PRO B 48 72.99 43.97 40.82
N TRP B 49 72.95 42.66 41.04
CA TRP B 49 72.51 41.73 40.01
C TRP B 49 70.99 41.74 39.80
N ASN B 50 70.27 42.54 40.58
CA ASN B 50 68.83 42.70 40.39
C ASN B 50 68.49 44.01 39.70
N ARG B 51 69.52 44.74 39.25
CA ARG B 51 69.31 46.00 38.54
C ARG B 51 69.78 45.85 37.09
N TYR B 52 69.07 46.52 36.19
CA TYR B 52 69.23 46.28 34.75
C TYR B 52 70.51 46.87 34.14
N ARG B 53 71.06 47.93 34.72
CA ARG B 53 72.33 48.46 34.23
C ARG B 53 73.50 47.78 34.94
N LEU B 54 74.59 47.57 34.21
CA LEU B 54 75.78 46.96 34.80
C LEU B 54 76.45 47.90 35.78
N PRO B 55 77.18 47.33 36.76
CA PRO B 55 78.07 48.14 37.59
C PRO B 55 79.15 48.81 36.75
N THR B 56 79.74 49.88 37.28
CA THR B 56 80.85 50.55 36.64
C THR B 56 82.18 50.07 37.20
N THR B 57 82.13 49.06 38.06
CA THR B 57 83.32 48.55 38.75
C THR B 57 84.29 47.79 37.86
N LEU B 58 83.75 47.14 36.81
CA LEU B 58 84.57 46.37 35.89
C LEU B 58 84.38 46.84 34.45
N LEU B 59 85.48 46.90 33.70
CA LEU B 59 85.42 47.31 32.30
C LEU B 59 86.22 46.34 31.43
N PRO B 60 85.61 45.86 30.35
CA PRO B 60 86.25 44.87 29.48
C PRO B 60 87.33 45.49 28.61
N ASP B 61 88.34 44.69 28.28
CA ASP B 61 89.44 45.14 27.44
C ASP B 61 89.39 44.44 26.09
N SER B 62 89.20 43.13 26.13
CA SER B 62 89.24 42.32 24.91
C SER B 62 88.57 40.97 25.11
N TYR B 63 88.08 40.39 24.03
CA TYR B 63 87.46 39.06 24.08
C TYR B 63 88.08 38.09 23.08
N ASN B 64 88.29 36.86 23.51
CA ASN B 64 88.45 35.73 22.60
C ASN B 64 87.14 34.96 22.55
N VAL B 65 86.57 34.77 21.36
CA VAL B 65 85.36 33.99 21.23
C VAL B 65 85.51 32.95 20.12
N THR B 66 85.29 31.68 20.46
CA THR B 66 85.26 30.61 19.46
C THR B 66 83.87 29.97 19.44
N LEU B 67 83.25 29.91 18.26
CA LEU B 67 81.91 29.36 18.14
C LEU B 67 81.85 28.25 17.09
N ARG B 68 81.02 27.26 17.37
CA ARG B 68 80.89 26.09 16.50
C ARG B 68 79.41 25.77 16.29
N PRO B 69 78.88 26.16 15.13
CA PRO B 69 77.48 25.87 14.80
C PRO B 69 77.32 24.47 14.23
N TYR B 70 76.25 23.78 14.63
CA TYR B 70 75.93 22.49 14.06
C TYR B 70 74.70 22.65 13.17
N LEU B 71 74.91 22.53 11.87
CA LEU B 71 73.87 22.82 10.89
C LEU B 71 72.95 21.64 10.59
N THR B 72 73.02 20.61 11.43
CA THR B 72 72.07 19.51 11.36
C THR B 72 71.54 19.25 12.77
N PRO B 73 70.25 18.87 12.88
CA PRO B 73 69.65 18.69 14.20
C PRO B 73 70.15 17.46 14.93
N ASN B 74 70.14 17.50 16.27
CA ASN B 74 70.42 16.32 17.06
C ASN B 74 69.16 15.48 17.24
N ALA B 75 69.21 14.49 18.12
CA ALA B 75 68.10 13.57 18.33
C ALA B 75 66.82 14.30 18.75
N ASP B 76 66.98 15.37 19.52
CA ASP B 76 65.83 16.13 20.00
C ASP B 76 65.36 17.16 18.98
N GLY B 77 65.91 17.09 17.77
CA GLY B 77 65.50 17.98 16.69
C GLY B 77 66.00 19.40 16.85
N LEU B 78 66.92 19.61 17.79
CA LEU B 78 67.46 20.94 18.04
C LEU B 78 68.71 21.22 17.21
N TYR B 79 68.75 22.42 16.64
CA TYR B 79 69.99 22.96 16.07
C TYR B 79 70.70 23.72 17.19
N ILE B 80 71.97 23.42 17.41
CA ILE B 80 72.70 24.07 18.50
C ILE B 80 74.01 24.66 18.02
N PHE B 81 74.56 25.56 18.83
CA PHE B 81 75.95 25.97 18.67
C PHE B 81 76.65 25.75 20.00
N LYS B 82 77.95 25.44 19.92
CA LYS B 82 78.78 25.36 21.12
C LYS B 82 79.78 26.50 21.08
N GLY B 83 80.18 26.97 22.25
CA GLY B 83 81.10 28.09 22.29
C GLY B 83 82.02 28.07 23.50
N LYS B 84 83.14 28.77 23.37
CA LYS B 84 84.05 29.00 24.48
C LYS B 84 84.55 30.43 24.35
N SER B 85 84.69 31.11 25.49
CA SER B 85 85.12 32.50 25.46
C SER B 85 86.01 32.85 26.64
N ILE B 86 86.91 33.79 26.39
CA ILE B 86 87.70 34.39 27.46
C ILE B 86 87.56 35.90 27.37
N VAL B 87 87.09 36.52 28.44
CA VAL B 87 87.08 37.97 28.50
C VAL B 87 88.17 38.48 29.45
N ARG B 88 88.93 39.46 28.99
CA ARG B 88 89.85 40.16 29.87
C ARG B 88 89.22 41.48 30.26
N PHE B 89 89.16 41.75 31.56
CA PHE B 89 88.59 42.99 32.04
C PHE B 89 89.47 43.59 33.12
N ILE B 90 89.27 44.88 33.36
CA ILE B 90 90.01 45.56 34.42
C ILE B 90 89.06 45.91 35.54
N CYS B 91 89.56 45.79 36.77
CA CYS B 91 88.81 46.20 37.94
C CYS B 91 89.08 47.69 38.20
N GLN B 92 88.03 48.49 38.20
CA GLN B 92 88.16 49.93 38.44
C GLN B 92 87.98 50.26 39.92
N GLU B 93 87.03 49.59 40.54
CA GLU B 93 86.74 49.79 41.95
C GLU B 93 86.62 48.42 42.61
N PRO B 94 87.02 48.31 43.88
CA PRO B 94 86.98 47.01 44.58
C PRO B 94 85.57 46.41 44.58
N THR B 95 85.46 45.14 44.22
CA THR B 95 84.18 44.45 44.22
C THR B 95 84.39 42.94 44.40
N ASP B 96 83.42 42.27 44.97
CA ASP B 96 83.53 40.84 45.26
C ASP B 96 82.53 40.06 44.42
N VAL B 97 82.08 40.69 43.34
CA VAL B 97 81.12 40.04 42.46
C VAL B 97 81.37 40.47 41.01
N ILE B 98 81.35 39.49 40.12
CA ILE B 98 81.47 39.74 38.69
C ILE B 98 80.11 39.60 38.05
N ILE B 99 79.59 40.70 37.50
CA ILE B 99 78.30 40.67 36.84
C ILE B 99 78.48 40.90 35.34
N ILE B 100 78.10 39.89 34.56
CA ILE B 100 78.25 39.91 33.11
C ILE B 100 76.96 39.38 32.49
N HIS B 101 76.61 39.82 31.28
CA HIS B 101 75.35 39.40 30.68
C HIS B 101 75.41 37.98 30.13
N SER B 102 74.30 37.26 30.27
CA SER B 102 74.15 35.92 29.68
C SER B 102 72.68 35.63 29.45
N LYS B 103 72.37 35.15 28.25
CA LYS B 103 70.98 34.97 27.82
C LYS B 103 70.81 33.66 27.05
N LYS B 104 69.97 32.77 27.59
CA LYS B 104 69.63 31.51 26.94
C LYS B 104 70.85 30.65 26.60
N LEU B 105 71.86 30.73 27.45
CA LEU B 105 73.05 29.91 27.29
C LEU B 105 73.13 28.89 28.42
N ASN B 106 73.49 27.65 28.08
CA ASN B 106 73.74 26.62 29.08
C ASN B 106 75.24 26.45 29.26
N TYR B 107 75.70 26.42 30.50
CA TYR B 107 77.14 26.35 30.75
C TYR B 107 77.60 24.94 31.09
N THR B 108 78.69 24.54 30.43
CA THR B 108 79.20 23.18 30.51
C THR B 108 80.63 23.18 31.03
N HIS B 112 82.00 25.19 38.82
CA HIS B 112 81.48 26.53 38.60
C HIS B 112 81.32 26.82 37.11
N MET B 113 80.48 27.79 36.79
CA MET B 113 80.16 28.08 35.40
C MET B 113 81.29 28.81 34.67
N VAL B 114 82.24 29.35 35.44
CA VAL B 114 83.37 30.05 34.88
C VAL B 114 84.68 29.67 35.57
N VAL B 115 85.80 30.00 34.92
CA VAL B 115 87.10 29.90 35.57
C VAL B 115 87.71 31.31 35.60
N LEU B 116 88.18 31.71 36.77
CA LEU B 116 88.75 33.05 36.94
C LEU B 116 90.27 32.99 37.11
N ARG B 117 90.98 33.74 36.27
CA ARG B 117 92.44 33.83 36.37
C ARG B 117 92.89 35.28 36.43
N GLY B 118 94.15 35.49 36.82
CA GLY B 118 94.69 36.83 36.92
C GLY B 118 95.66 37.17 35.80
N VAL B 119 95.80 38.45 35.53
CA VAL B 119 96.78 38.93 34.57
C VAL B 119 97.97 39.47 35.36
N GLY B 120 99.16 38.93 35.07
CA GLY B 120 100.37 39.30 35.78
C GLY B 120 100.25 39.29 37.30
N ASP B 121 100.22 40.48 37.86
CA ASP B 121 100.28 40.73 39.29
C ASP B 121 99.03 40.31 40.08
N SER B 122 97.87 40.44 39.45
CA SER B 122 96.58 40.35 40.09
C SER B 122 96.50 39.21 41.04
N GLN B 123 95.94 39.45 42.21
CA GLN B 123 95.78 38.37 43.20
C GLN B 123 94.35 37.91 42.94
N VAL B 124 94.12 36.62 42.85
CA VAL B 124 92.82 36.14 42.43
C VAL B 124 92.01 35.51 43.57
N PRO B 125 90.86 36.12 43.93
CA PRO B 125 90.01 35.53 44.97
C PRO B 125 89.34 34.23 44.53
N GLU B 126 89.03 33.36 45.49
CA GLU B 126 88.29 32.13 45.19
C GLU B 126 86.87 32.42 44.75
N ILE B 127 86.33 31.57 43.88
CA ILE B 127 84.92 31.65 43.50
C ILE B 127 84.06 31.02 44.57
N ASP B 128 83.11 31.79 45.11
CA ASP B 128 82.18 31.22 46.08
C ASP B 128 81.15 30.37 45.35
N ARG B 129 80.42 30.99 44.42
CA ARG B 129 79.45 30.27 43.60
C ARG B 129 79.06 31.10 42.38
N THR B 130 78.52 30.44 41.38
CA THR B 130 78.01 31.13 40.19
C THR B 130 76.54 30.81 40.01
N GLU B 131 75.76 31.80 39.60
CA GLU B 131 74.33 31.61 39.38
C GLU B 131 73.87 32.42 38.17
N LEU B 132 72.77 31.98 37.56
CA LEU B 132 72.17 32.71 36.45
C LEU B 132 70.92 33.43 36.91
N VAL B 133 70.87 34.73 36.65
CA VAL B 133 69.69 35.52 36.98
C VAL B 133 69.00 35.91 35.67
N GLU B 134 67.92 35.21 35.35
CA GLU B 134 67.34 35.28 34.02
C GLU B 134 66.63 36.60 33.72
N LEU B 135 66.05 37.24 34.74
CA LEU B 135 65.27 38.45 34.54
C LEU B 135 66.14 39.60 34.04
N THR B 136 67.25 39.83 34.73
CA THR B 136 68.19 40.88 34.36
C THR B 136 69.24 40.33 33.40
N GLU B 137 69.06 39.07 33.01
CA GLU B 137 69.89 38.42 31.99
C GLU B 137 71.39 38.45 32.35
N TYR B 138 71.69 37.98 33.55
CA TYR B 138 73.05 38.01 34.09
C TYR B 138 73.63 36.63 34.37
N LEU B 139 74.93 36.53 34.16
CA LEU B 139 75.75 35.47 34.73
C LEU B 139 76.48 36.09 35.91
N VAL B 140 76.27 35.54 37.10
CA VAL B 140 76.78 36.17 38.31
C VAL B 140 77.81 35.29 39.02
N VAL B 141 78.99 35.84 39.26
CA VAL B 141 80.06 35.11 39.90
C VAL B 141 80.35 35.70 41.28
N HIS B 142 79.85 35.06 42.32
CA HIS B 142 80.11 35.48 43.70
C HIS B 142 81.50 35.05 44.15
N LEU B 143 82.29 35.99 44.67
CA LEU B 143 83.65 35.71 45.10
C LEU B 143 83.82 35.78 46.62
N LYS B 144 84.86 35.15 47.12
CA LYS B 144 85.19 35.22 48.55
C LYS B 144 86.31 36.20 48.81
N GLY B 145 86.10 37.45 48.38
CA GLY B 145 87.12 38.47 48.48
C GLY B 145 87.03 39.39 47.28
N SER B 146 87.62 40.56 47.38
CA SER B 146 87.48 41.56 46.35
C SER B 146 88.58 41.50 45.30
N LEU B 147 88.23 41.90 44.07
CA LEU B 147 89.23 42.11 43.03
C LEU B 147 89.96 43.39 43.32
N GLN B 148 91.20 43.50 42.88
CA GLN B 148 91.95 44.73 43.12
C GLN B 148 91.80 45.74 42.00
N PRO B 149 91.68 47.02 42.37
CA PRO B 149 91.62 48.12 41.40
C PRO B 149 92.93 48.25 40.65
N GLY B 150 92.84 48.65 39.39
CA GLY B 150 94.01 48.83 38.54
C GLY B 150 94.55 47.53 38.00
N HIS B 151 93.89 46.43 38.33
CA HIS B 151 94.38 45.10 37.97
C HIS B 151 93.42 44.37 37.04
N MET B 152 93.98 43.59 36.12
CA MET B 152 93.19 42.91 35.11
C MET B 152 93.01 41.42 35.39
N TYR B 153 91.88 40.89 34.93
CA TYR B 153 91.53 39.50 35.15
C TYR B 153 91.05 38.88 33.84
N GLU B 154 91.11 37.56 33.76
CA GLU B 154 90.61 36.85 32.59
C GLU B 154 89.62 35.80 33.03
N MET B 155 88.42 35.84 32.46
CA MET B 155 87.38 34.89 32.85
C MET B 155 87.00 33.98 31.70
N GLU B 156 87.01 32.68 31.95
CA GLU B 156 86.79 31.69 30.92
C GLU B 156 85.48 30.93 31.13
N SER B 157 84.79 30.65 30.02
CA SER B 157 83.52 29.94 30.08
C SER B 157 83.33 29.00 28.88
N GLU B 158 82.59 27.91 29.12
CA GLU B 158 82.19 26.99 28.07
C GLU B 158 80.68 26.90 28.04
N PHE B 159 80.08 27.02 26.86
CA PHE B 159 78.64 27.17 26.81
C PHE B 159 78.02 26.58 25.54
N GLN B 160 76.70 26.59 25.52
CA GLN B 160 75.93 25.98 24.44
C GLN B 160 74.57 26.67 24.37
N GLY B 161 74.12 26.98 23.16
CA GLY B 161 72.83 27.62 22.98
C GLY B 161 72.13 27.07 21.74
N GLU B 162 70.86 27.43 21.57
CA GLU B 162 70.12 26.95 20.41
C GLU B 162 70.37 27.82 19.19
N LEU B 163 70.61 27.18 18.06
CA LEU B 163 70.64 27.84 16.77
C LEU B 163 69.21 27.99 16.25
N ALA B 164 68.41 28.82 16.91
CA ALA B 164 66.97 28.89 16.66
C ALA B 164 66.59 29.73 15.44
N ASP B 165 65.31 29.65 15.07
CA ASP B 165 64.79 30.42 13.95
C ASP B 165 64.21 31.76 14.43
N ASP B 166 64.78 32.29 15.50
CA ASP B 166 64.24 33.47 16.17
C ASP B 166 64.89 34.79 15.72
N LEU B 167 65.83 34.70 14.78
CA LEU B 167 66.43 35.88 14.17
C LEU B 167 67.23 36.75 15.15
N ALA B 168 67.63 36.17 16.28
CA ALA B 168 68.36 36.92 17.30
C ALA B 168 69.57 36.15 17.83
N GLY B 169 70.64 36.87 18.13
CA GLY B 169 71.90 36.24 18.54
C GLY B 169 72.48 35.43 17.39
N PHE B 170 73.10 34.29 17.72
CA PHE B 170 73.59 33.35 16.70
C PHE B 170 72.37 32.49 16.35
N TYR B 171 71.87 32.63 15.13
CA TYR B 171 70.65 31.92 14.75
C TYR B 171 70.76 31.27 13.37
N ARG B 172 69.77 30.45 13.02
CA ARG B 172 69.80 29.74 11.76
C ARG B 172 68.87 30.37 10.74
N SER B 173 69.26 30.25 9.48
CA SER B 173 68.50 30.75 8.35
C SER B 173 68.43 29.61 7.34
N GLU B 174 67.33 29.48 6.60
CA GLU B 174 67.13 28.33 5.73
C GLU B 174 66.59 28.69 4.35
N TYR B 175 66.99 27.93 3.34
CA TYR B 175 66.46 28.12 2.00
C TYR B 175 66.54 26.85 1.17
N MET B 176 65.85 26.85 0.03
CA MET B 176 65.92 25.74 -0.91
C MET B 176 66.92 26.03 -2.04
N GLU B 177 67.68 25.02 -2.41
CA GLU B 177 68.48 25.06 -3.62
C GLU B 177 68.20 23.77 -4.37
N GLY B 178 67.39 23.86 -5.42
CA GLY B 178 66.87 22.67 -6.06
C GLY B 178 65.98 21.94 -5.07
N ASN B 179 66.31 20.69 -4.78
CA ASN B 179 65.50 19.86 -3.89
C ASN B 179 66.19 19.68 -2.56
N VAL B 180 67.24 20.47 -2.33
CA VAL B 180 68.02 20.35 -1.11
C VAL B 180 67.71 21.47 -0.13
N LYS B 181 67.35 21.09 1.09
CA LYS B 181 67.16 22.09 2.14
C LYS B 181 68.54 22.51 2.62
N LYS B 182 68.80 23.82 2.62
CA LYS B 182 70.07 24.36 3.09
C LYS B 182 69.88 25.12 4.40
N VAL B 183 70.81 24.92 5.34
CA VAL B 183 70.78 25.62 6.61
C VAL B 183 72.10 26.35 6.80
N LEU B 184 72.03 27.63 7.18
CA LEU B 184 73.24 28.38 7.48
C LEU B 184 73.15 29.00 8.87
N ALA B 185 74.30 29.50 9.36
CA ALA B 185 74.38 30.11 10.67
C ALA B 185 74.80 31.57 10.57
N THR B 186 74.07 32.44 11.25
CA THR B 186 74.27 33.88 11.08
C THR B 186 73.93 34.62 12.37
N THR B 187 74.21 35.92 12.41
CA THR B 187 74.03 36.68 13.65
C THR B 187 73.23 37.97 13.51
N GLN B 188 72.66 38.36 14.65
CA GLN B 188 72.05 39.68 14.84
C GLN B 188 72.16 40.02 16.32
N MET B 189 73.05 40.95 16.65
CA MET B 189 73.33 41.25 18.06
C MET B 189 72.51 42.43 18.58
N GLN B 190 72.30 43.46 17.75
CA GLN B 190 71.58 44.66 18.21
C GLN B 190 70.11 44.29 18.50
N SER B 191 69.58 44.74 19.64
CA SER B 191 70.27 45.64 20.56
C SER B 191 71.04 44.94 21.68
N THR B 192 70.44 43.92 22.29
CA THR B 192 71.08 43.25 23.42
C THR B 192 71.06 41.73 23.30
N ASP B 193 71.51 41.22 22.17
CA ASP B 193 71.51 39.77 21.94
C ASP B 193 72.90 39.20 21.71
N ALA B 194 73.94 40.03 21.88
CA ALA B 194 75.30 39.50 21.85
C ALA B 194 75.46 38.54 23.01
N ARG B 195 74.79 38.88 24.11
CA ARG B 195 74.75 38.07 25.33
C ARG B 195 74.10 36.72 25.09
N LYS B 196 73.37 36.61 23.98
CA LYS B 196 72.63 35.40 23.66
C LYS B 196 73.57 34.43 22.94
N SER B 197 74.74 34.91 22.54
CA SER B 197 75.70 34.09 21.81
C SER B 197 76.99 33.78 22.61
N PHE B 198 77.35 34.68 23.52
CA PHE B 198 78.46 34.45 24.45
C PHE B 198 78.33 35.46 25.60
N PRO B 199 78.84 35.11 26.79
CA PRO B 199 78.75 36.06 27.91
C PRO B 199 79.63 37.29 27.68
N CYS B 200 79.05 38.47 27.84
CA CYS B 200 79.79 39.71 27.61
C CYS B 200 79.21 40.87 28.41
N PHE B 201 80.02 41.90 28.60
CA PHE B 201 79.52 43.14 29.18
C PHE B 201 78.75 43.86 28.08
N ASP B 202 77.46 43.58 27.99
CA ASP B 202 76.67 43.88 26.79
C ASP B 202 75.98 45.25 26.84
N GLU B 203 76.79 46.30 26.85
CA GLU B 203 76.31 47.69 26.77
C GLU B 203 77.20 48.46 25.79
N PRO B 204 76.58 49.31 24.95
CA PRO B 204 77.24 49.94 23.79
C PRO B 204 78.52 50.71 24.12
N ALA B 205 78.55 51.42 25.24
CA ALA B 205 79.72 52.24 25.58
C ALA B 205 80.91 51.40 26.03
N MET B 206 80.65 50.18 26.48
CA MET B 206 81.73 49.32 26.97
C MET B 206 82.44 48.60 25.84
N LYS B 207 83.22 49.36 25.08
CA LYS B 207 83.87 48.85 23.88
C LYS B 207 85.09 48.01 24.21
N ALA B 208 85.45 47.14 23.27
CA ALA B 208 86.60 46.26 23.41
C ALA B 208 87.00 45.73 22.04
N THR B 209 88.11 45.01 21.98
CA THR B 209 88.50 44.32 20.76
C THR B 209 88.03 42.87 20.85
N PHE B 210 87.80 42.25 19.70
CA PHE B 210 87.30 40.88 19.67
C PHE B 210 88.14 39.99 18.76
N ASN B 211 88.56 38.85 19.31
CA ASN B 211 89.25 37.84 18.53
C ASN B 211 88.34 36.65 18.26
N ILE B 212 87.78 36.59 17.06
CA ILE B 212 86.78 35.57 16.75
C ILE B 212 87.40 34.38 16.03
N THR B 213 86.98 33.19 16.43
CA THR B 213 87.32 31.95 15.74
C THR B 213 86.05 31.20 15.39
N LEU B 214 85.93 30.73 14.15
CA LEU B 214 84.81 29.87 13.79
C LEU B 214 85.26 28.45 13.48
N ILE B 215 84.54 27.48 14.04
CA ILE B 215 84.76 26.07 13.75
C ILE B 215 83.59 25.57 12.91
N HIS B 216 83.87 25.13 11.70
CA HIS B 216 82.85 24.93 10.69
C HIS B 216 83.18 23.78 9.74
N PRO B 217 82.16 23.22 9.06
CA PRO B 217 82.39 22.21 8.01
C PRO B 217 83.40 22.72 6.98
N ASN B 218 84.31 21.85 6.56
CA ASN B 218 85.46 22.29 5.77
C ASN B 218 85.12 22.76 4.36
N ASN B 219 83.88 22.54 3.92
CA ASN B 219 83.48 23.00 2.60
C ASN B 219 82.53 24.20 2.65
N LEU B 220 82.41 24.79 3.84
CA LEU B 220 81.62 26.01 4.00
C LEU B 220 82.50 27.24 4.19
N THR B 221 81.97 28.41 3.85
CA THR B 221 82.67 29.67 4.03
C THR B 221 82.37 30.29 5.40
N ALA B 222 83.42 30.73 6.08
CA ALA B 222 83.28 31.42 7.35
C ALA B 222 83.55 32.92 7.17
N LEU B 223 82.61 33.74 7.61
CA LEU B 223 82.75 35.18 7.51
C LEU B 223 82.64 35.80 8.89
N SER B 224 83.32 36.94 9.07
CA SER B 224 83.22 37.70 10.30
C SER B 224 83.57 39.16 9.99
N ASN B 225 83.61 39.99 11.02
CA ASN B 225 83.90 41.42 10.86
C ASN B 225 85.18 41.69 10.10
N MET B 226 86.24 40.97 10.45
CA MET B 226 87.57 41.18 9.89
C MET B 226 87.94 40.08 8.90
N PRO B 227 88.96 40.32 8.06
CA PRO B 227 89.43 39.23 7.20
C PRO B 227 89.96 38.07 8.04
N PRO B 228 90.12 36.88 7.43
CA PRO B 228 90.74 35.76 8.14
C PRO B 228 92.19 36.04 8.51
N LYS B 229 92.61 35.54 9.67
CA LYS B 229 94.00 35.59 10.08
C LYS B 229 94.72 34.35 9.56
N GLY B 230 95.55 34.53 8.54
CA GLY B 230 96.20 33.40 7.90
C GLY B 230 95.19 32.45 7.26
N SER B 231 95.58 31.20 7.08
CA SER B 231 94.69 30.19 6.49
C SER B 231 93.88 29.47 7.55
N SER B 232 92.80 28.83 7.13
CA SER B 232 92.09 27.89 7.99
C SER B 232 92.97 26.66 8.21
N THR B 233 92.71 25.95 9.31
CA THR B 233 93.39 24.69 9.56
C THR B 233 92.35 23.63 9.94
N PRO B 234 92.62 22.36 9.58
CA PRO B 234 91.72 21.29 9.98
C PRO B 234 91.53 21.24 11.50
N LEU B 235 90.32 20.97 11.94
CA LEU B 235 90.06 20.74 13.36
C LEU B 235 90.75 19.45 13.78
N ALA B 236 91.62 19.55 14.78
CA ALA B 236 92.48 18.44 15.20
C ALA B 236 91.74 17.12 15.42
N GLU B 237 90.57 17.20 16.07
CA GLU B 237 89.82 16.01 16.43
C GLU B 237 89.12 15.39 15.22
N ASP B 238 88.85 16.20 14.22
CA ASP B 238 87.99 15.80 13.11
C ASP B 238 88.16 16.74 11.91
N PRO B 239 88.95 16.29 10.91
CA PRO B 239 89.34 17.08 9.73
C PRO B 239 88.17 17.40 8.80
N ASN B 240 87.01 16.78 9.02
CA ASN B 240 85.81 17.17 8.28
C ASN B 240 85.40 18.59 8.65
N TRP B 241 85.86 19.06 9.81
CA TRP B 241 85.69 20.45 10.22
C TRP B 241 86.98 21.23 10.05
N SER B 242 86.85 22.55 9.92
CA SER B 242 88.00 23.44 9.83
C SER B 242 87.92 24.53 10.90
N VAL B 243 89.07 25.12 11.22
CA VAL B 243 89.16 26.18 12.21
C VAL B 243 89.63 27.47 11.55
N THR B 244 88.81 28.52 11.62
CA THR B 244 89.13 29.78 10.98
C THR B 244 89.21 30.91 12.00
N GLU B 245 90.41 31.45 12.16
CA GLU B 245 90.64 32.56 13.06
C GLU B 245 90.63 33.87 12.27
N PHE B 246 90.01 34.90 12.84
CA PHE B 246 89.91 36.18 12.16
C PHE B 246 90.78 37.23 12.83
N GLU B 247 91.22 38.22 12.07
CA GLU B 247 92.04 39.30 12.62
C GLU B 247 91.30 40.03 13.72
N THR B 248 92.06 40.60 14.64
CA THR B 248 91.49 41.30 15.78
C THR B 248 90.62 42.47 15.32
N THR B 249 89.42 42.61 15.90
CA THR B 249 88.59 43.76 15.62
C THR B 249 89.20 45.01 16.26
N PRO B 250 88.83 46.16 15.73
CA PRO B 250 89.00 47.48 16.33
C PRO B 250 88.24 47.54 17.64
N VAL B 251 88.53 48.54 18.46
CA VAL B 251 87.72 48.83 19.62
C VAL B 251 86.30 49.18 19.16
N MET B 252 85.33 48.37 19.59
CA MET B 252 83.95 48.52 19.13
C MET B 252 82.96 47.90 20.11
N SER B 253 81.67 48.15 19.87
CA SER B 253 80.60 47.67 20.75
C SER B 253 80.25 46.21 20.48
N THR B 254 79.75 45.52 21.50
CA THR B 254 79.33 44.13 21.38
C THR B 254 78.23 43.95 20.32
N TYR B 255 77.36 44.94 20.18
CA TYR B 255 76.21 44.80 19.28
C TYR B 255 76.58 44.84 17.79
N LEU B 256 77.85 45.13 17.49
CA LEU B 256 78.31 45.20 16.10
C LEU B 256 79.06 43.93 15.65
N LEU B 257 79.19 42.96 16.54
CA LEU B 257 79.81 41.70 16.20
C LEU B 257 78.96 40.89 15.23
N ALA B 258 79.61 40.18 14.32
CA ALA B 258 78.90 39.29 13.42
C ALA B 258 79.76 38.12 12.98
N TYR B 259 79.14 36.98 12.72
CA TYR B 259 79.84 35.84 12.16
C TYR B 259 78.87 34.90 11.47
N ILE B 260 79.28 34.40 10.30
CA ILE B 260 78.40 33.66 9.41
C ILE B 260 79.10 32.46 8.79
N VAL B 261 78.43 31.32 8.79
CA VAL B 261 78.88 30.10 8.17
C VAL B 261 77.84 29.65 7.14
N SER B 262 78.22 29.62 5.87
CA SER B 262 77.31 29.28 4.79
C SER B 262 78.02 28.78 3.54
N GLU B 263 77.22 28.41 2.54
CA GLU B 263 77.69 28.08 1.20
C GLU B 263 77.58 29.26 0.24
N PHE B 264 77.41 30.46 0.76
CA PHE B 264 77.10 31.60 -0.12
C PHE B 264 78.24 31.89 -1.08
N GLN B 265 77.91 32.58 -2.17
CA GLN B 265 78.91 33.03 -3.14
C GLN B 265 78.88 34.54 -3.23
N SER B 266 79.83 35.11 -3.97
CA SER B 266 79.99 36.54 -3.97
C SER B 266 80.45 37.12 -5.30
N VAL B 267 80.21 38.41 -5.48
CA VAL B 267 80.90 39.20 -6.49
C VAL B 267 81.71 40.26 -5.75
N ASN B 268 82.72 40.82 -6.40
CA ASN B 268 83.55 41.79 -5.69
C ASN B 268 84.13 42.90 -6.54
N GLU B 269 84.55 43.95 -5.86
CA GLU B 269 85.27 45.05 -6.48
C GLU B 269 86.00 45.82 -5.38
N THR B 270 87.19 46.32 -5.70
CA THR B 270 87.88 47.21 -4.78
C THR B 270 87.42 48.64 -5.04
N ALA B 271 87.01 49.32 -3.97
CA ALA B 271 86.45 50.66 -4.10
C ALA B 271 87.56 51.70 -4.30
N GLN B 272 87.15 52.95 -4.56
CA GLN B 272 88.08 54.01 -4.88
C GLN B 272 89.00 54.33 -3.71
N ASN B 273 88.56 54.03 -2.49
CA ASN B 273 89.36 54.30 -1.30
C ASN B 273 90.15 53.07 -0.87
N GLY B 274 90.25 52.09 -1.76
CA GLY B 274 91.11 50.93 -1.55
C GLY B 274 90.46 49.81 -0.74
N VAL B 275 89.19 50.00 -0.39
CA VAL B 275 88.49 49.01 0.42
C VAL B 275 87.84 47.93 -0.45
N LEU B 276 88.08 46.68 -0.10
CA LEU B 276 87.47 45.55 -0.80
C LEU B 276 85.99 45.42 -0.49
N ILE B 277 85.16 45.50 -1.53
CA ILE B 277 83.73 45.29 -1.38
C ILE B 277 83.34 43.92 -1.94
N ARG B 278 82.55 43.16 -1.19
CA ARG B 278 81.99 41.91 -1.70
C ARG B 278 80.48 41.86 -1.45
N ILE B 279 79.75 41.28 -2.40
CA ILE B 279 78.32 41.06 -2.24
C ILE B 279 78.02 39.57 -2.15
N TRP B 280 77.57 39.11 -0.98
CA TRP B 280 77.29 37.69 -0.75
C TRP B 280 75.80 37.38 -0.77
N ALA B 281 75.45 36.22 -1.30
CA ALA B 281 74.06 35.75 -1.34
C ALA B 281 74.03 34.27 -1.68
N ARG B 282 72.83 33.69 -1.68
CA ARG B 282 72.64 32.32 -2.16
C ARG B 282 73.29 32.17 -3.53
N PRO B 283 74.01 31.05 -3.74
CA PRO B 283 74.67 30.77 -5.03
C PRO B 283 73.81 31.09 -6.26
N ASN B 284 72.55 30.65 -6.25
CA ASN B 284 71.62 30.92 -7.35
C ASN B 284 71.37 32.42 -7.60
N ALA B 285 71.28 33.20 -6.54
CA ALA B 285 71.03 34.64 -6.69
C ALA B 285 72.23 35.33 -7.32
N ILE B 286 73.43 34.93 -6.91
CA ILE B 286 74.65 35.49 -7.46
C ILE B 286 74.79 35.11 -8.94
N ALA B 287 74.54 33.84 -9.25
CA ALA B 287 74.62 33.36 -10.62
C ALA B 287 73.65 34.09 -11.53
N GLU B 288 72.50 34.48 -11.00
CA GLU B 288 71.47 35.15 -11.80
C GLU B 288 71.75 36.65 -11.96
N GLY B 289 72.77 37.14 -11.27
CA GLY B 289 73.19 38.53 -11.38
C GLY B 289 72.50 39.49 -10.42
N HIS B 290 71.84 38.95 -9.41
CA HIS B 290 71.03 39.77 -8.51
C HIS B 290 71.85 40.60 -7.53
N GLY B 291 73.16 40.37 -7.48
CA GLY B 291 74.04 41.14 -6.62
C GLY B 291 74.71 42.31 -7.32
N MET B 292 74.50 42.41 -8.63
CA MET B 292 75.20 43.38 -9.48
C MET B 292 74.95 44.84 -9.06
N TYR B 293 73.69 45.18 -8.82
CA TYR B 293 73.33 46.55 -8.47
C TYR B 293 74.00 47.01 -7.18
N ALA B 294 73.93 46.18 -6.13
CA ALA B 294 74.61 46.47 -4.88
C ALA B 294 76.10 46.72 -5.09
N LEU B 295 76.71 45.94 -5.98
CA LEU B 295 78.13 46.13 -6.32
C LEU B 295 78.36 47.47 -7.02
N ASN B 296 77.40 47.89 -7.84
CA ASN B 296 77.48 49.19 -8.52
C ASN B 296 77.57 50.36 -7.54
N VAL B 297 76.85 50.27 -6.42
CA VAL B 297 76.64 51.44 -5.57
C VAL B 297 77.41 51.43 -4.24
N THR B 298 77.74 50.26 -3.72
CA THR B 298 78.27 50.18 -2.36
C THR B 298 79.61 50.89 -2.21
N GLY B 299 80.60 50.46 -2.98
CA GLY B 299 81.90 51.10 -3.01
C GLY B 299 81.89 52.62 -3.18
N PRO B 300 81.27 53.11 -4.27
CA PRO B 300 81.20 54.56 -4.48
C PRO B 300 80.51 55.32 -3.35
N ILE B 301 79.52 54.72 -2.71
CA ILE B 301 78.85 55.40 -1.60
C ILE B 301 79.76 55.44 -0.37
N LEU B 302 80.45 54.35 -0.11
CA LEU B 302 81.41 54.28 1.00
C LEU B 302 82.49 55.33 0.80
N ASN B 303 83.03 55.39 -0.41
CA ASN B 303 84.05 56.39 -0.74
C ASN B 303 83.52 57.82 -0.63
N PHE B 304 82.24 58.01 -0.91
CA PHE B 304 81.62 59.33 -0.84
C PHE B 304 81.58 59.84 0.59
N PHE B 305 81.13 58.99 1.51
CA PHE B 305 81.01 59.36 2.91
C PHE B 305 82.38 59.68 3.50
N ALA B 306 83.36 58.85 3.19
CA ALA B 306 84.73 59.05 3.68
C ALA B 306 85.22 60.44 3.32
N ASN B 307 85.00 60.84 2.07
CA ASN B 307 85.40 62.15 1.62
C ASN B 307 84.53 63.25 2.22
N HIS B 308 83.22 63.06 2.19
CA HIS B 308 82.28 64.08 2.67
C HIS B 308 82.53 64.43 4.13
N TYR B 309 82.87 63.43 4.94
CA TYR B 309 83.08 63.67 6.38
C TYR B 309 84.56 63.69 6.74
N ASN B 310 85.42 63.76 5.72
CA ASN B 310 86.87 63.80 5.89
C ASN B 310 87.35 62.82 6.95
N THR B 311 86.86 61.59 6.85
CA THR B 311 87.18 60.55 7.83
C THR B 311 87.22 59.20 7.16
N SER B 312 88.39 58.58 7.13
CA SER B 312 88.55 57.34 6.40
C SER B 312 87.80 56.19 7.05
N TYR B 313 87.37 55.25 6.22
CA TYR B 313 86.92 53.94 6.68
C TYR B 313 88.15 53.08 6.98
N PRO B 314 88.35 52.72 8.25
CA PRO B 314 89.62 52.10 8.66
C PRO B 314 89.70 50.58 8.57
N LEU B 315 88.71 49.94 7.95
CA LEU B 315 88.77 48.49 7.77
C LEU B 315 89.20 48.10 6.34
N PRO B 316 89.86 46.95 6.20
CA PRO B 316 90.33 46.56 4.86
C PRO B 316 89.20 46.08 3.95
N LYS B 317 88.04 45.77 4.51
CA LYS B 317 86.92 45.30 3.70
C LYS B 317 85.56 45.67 4.28
N SER B 318 84.55 45.67 3.42
CA SER B 318 83.18 45.81 3.84
C SER B 318 82.32 44.80 3.10
N ASP B 319 82.02 43.68 3.74
CA ASP B 319 81.16 42.65 3.16
C ASP B 319 79.69 43.04 3.29
N GLN B 320 78.93 42.88 2.21
CA GLN B 320 77.47 43.01 2.24
C GLN B 320 76.86 41.62 1.97
N ILE B 321 75.99 41.16 2.86
CA ILE B 321 75.46 39.81 2.71
C ILE B 321 73.94 39.74 2.89
N ALA B 322 73.28 39.03 1.99
CA ALA B 322 71.82 38.94 1.96
C ALA B 322 71.33 37.63 2.57
N LEU B 323 70.47 37.74 3.58
CA LEU B 323 69.99 36.56 4.30
C LEU B 323 68.52 36.27 4.05
N PRO B 324 68.20 34.99 3.85
CA PRO B 324 66.81 34.52 3.66
C PRO B 324 65.93 34.75 4.89
N ASP B 325 66.54 34.88 6.07
CA ASP B 325 65.81 35.10 7.31
C ASP B 325 66.44 36.24 8.12
N PHE B 326 65.70 37.32 8.31
CA PHE B 326 66.26 38.52 8.93
C PHE B 326 65.15 39.42 9.47
N ASN B 327 65.32 39.95 10.69
CA ASN B 327 64.24 40.69 11.34
C ASN B 327 64.01 42.09 10.77
N ALA B 328 65.01 42.96 10.89
CA ALA B 328 64.88 44.33 10.40
C ALA B 328 65.21 44.38 8.91
N GLY B 329 65.46 45.58 8.40
CA GLY B 329 65.82 45.73 7.01
C GLY B 329 67.24 45.27 6.73
N ALA B 330 68.13 45.60 7.67
CA ALA B 330 69.56 45.32 7.54
C ALA B 330 70.22 45.58 8.89
N MET B 331 71.53 45.44 8.95
CA MET B 331 72.27 45.71 10.19
C MET B 331 73.72 46.07 9.89
N GLU B 332 74.21 47.13 10.56
CA GLU B 332 75.48 47.76 10.18
C GLU B 332 76.75 47.16 10.77
N ASN B 333 76.77 45.85 11.03
CA ASN B 333 77.93 45.20 11.64
C ASN B 333 79.23 45.58 10.94
N TRP B 334 80.20 46.06 11.72
CA TRP B 334 81.36 46.71 11.12
C TRP B 334 82.27 45.73 10.35
N GLY B 335 82.22 45.81 9.02
CA GLY B 335 82.97 44.90 8.18
C GLY B 335 82.14 43.77 7.59
N LEU B 336 80.93 43.57 8.12
CA LEU B 336 80.06 42.51 7.65
C LEU B 336 78.59 42.92 7.78
N VAL B 337 78.13 43.72 6.82
CA VAL B 337 76.80 44.30 6.86
C VAL B 337 75.75 43.31 6.34
N THR B 338 74.78 42.99 7.19
CA THR B 338 73.77 42.00 6.87
C THR B 338 72.51 42.65 6.34
N TYR B 339 71.79 41.94 5.46
CA TYR B 339 70.61 42.49 4.78
C TYR B 339 69.49 41.47 4.62
N ARG B 340 68.25 41.94 4.68
CA ARG B 340 67.15 41.21 4.06
C ARG B 340 67.46 41.12 2.58
N GLU B 341 67.00 40.05 1.92
CA GLU B 341 67.23 39.92 0.49
C GLU B 341 66.57 41.08 -0.27
N ASN B 342 65.42 41.56 0.21
CA ASN B 342 64.73 42.65 -0.48
C ASN B 342 65.36 44.01 -0.23
N ALA B 343 66.49 44.02 0.50
CA ALA B 343 67.21 45.25 0.78
C ALA B 343 68.59 45.29 0.13
N LEU B 344 68.97 44.22 -0.58
CA LEU B 344 70.30 44.15 -1.18
C LEU B 344 70.29 43.60 -2.60
N LEU B 345 69.46 42.58 -2.84
CA LEU B 345 69.41 41.95 -4.15
C LEU B 345 68.46 42.69 -5.07
N PHE B 346 68.64 42.54 -6.37
CA PHE B 346 67.87 43.30 -7.34
C PHE B 346 67.87 42.64 -8.72
N ASP B 347 66.68 42.52 -9.29
CA ASP B 347 66.49 41.87 -10.59
C ASP B 347 65.94 42.90 -11.58
N PRO B 348 66.79 43.39 -12.49
CA PRO B 348 66.44 44.50 -13.38
C PRO B 348 65.17 44.26 -14.19
N GLN B 349 64.85 42.99 -14.45
CA GLN B 349 63.70 42.63 -15.25
C GLN B 349 62.44 42.38 -14.42
N SER B 350 62.60 42.05 -13.15
CA SER B 350 61.47 41.68 -12.31
C SER B 350 61.25 42.55 -11.07
N SER B 351 62.24 43.34 -10.70
CA SER B 351 62.10 44.24 -9.56
C SER B 351 61.59 45.61 -10.00
N SER B 352 60.93 46.31 -9.09
CA SER B 352 60.36 47.61 -9.40
C SER B 352 61.33 48.75 -9.11
N ILE B 353 61.01 49.93 -9.62
CA ILE B 353 61.79 51.14 -9.35
C ILE B 353 61.78 51.45 -7.85
N SER B 354 60.70 51.04 -7.17
CA SER B 354 60.60 51.20 -5.73
C SER B 354 61.56 50.25 -5.03
N ASN B 355 61.61 49.01 -5.52
CA ASN B 355 62.56 48.04 -4.99
C ASN B 355 63.98 48.55 -5.15
N LYS B 356 64.27 49.13 -6.32
CA LYS B 356 65.60 49.63 -6.63
C LYS B 356 65.98 50.75 -5.68
N GLU B 357 65.01 51.61 -5.37
CA GLU B 357 65.23 52.75 -4.48
C GLU B 357 65.48 52.29 -3.05
N ARG B 358 64.79 51.22 -2.65
CA ARG B 358 64.98 50.64 -1.32
C ARG B 358 66.40 50.11 -1.15
N VAL B 359 66.91 49.44 -2.17
CA VAL B 359 68.25 48.86 -2.11
C VAL B 359 69.32 49.94 -1.89
N VAL B 360 69.31 51.00 -2.70
CA VAL B 360 70.34 52.02 -2.55
C VAL B 360 70.25 52.80 -1.25
N THR B 361 69.03 53.06 -0.78
CA THR B 361 68.88 53.82 0.46
C THR B 361 69.19 52.98 1.70
N VAL B 362 68.87 51.69 1.68
CA VAL B 362 69.22 50.83 2.81
C VAL B 362 70.74 50.65 2.88
N ILE B 363 71.37 50.36 1.75
CA ILE B 363 72.83 50.32 1.66
C ILE B 363 73.44 51.62 2.16
N ALA B 364 72.96 52.73 1.63
CA ALA B 364 73.43 54.05 2.05
C ALA B 364 73.26 54.25 3.56
N HIS B 365 72.13 53.81 4.10
CA HIS B 365 71.84 53.90 5.52
C HIS B 365 72.87 53.10 6.34
N GLU B 366 73.14 51.88 5.89
CA GLU B 366 74.04 50.99 6.64
C GLU B 366 75.47 51.50 6.58
N LEU B 367 75.87 52.04 5.43
CA LEU B 367 77.21 52.58 5.25
C LEU B 367 77.37 53.88 6.03
N ALA B 368 76.28 54.62 6.20
CA ALA B 368 76.30 55.84 7.01
C ALA B 368 76.67 55.52 8.46
N HIS B 369 76.12 54.41 8.95
CA HIS B 369 76.40 53.93 10.31
C HIS B 369 77.88 53.66 10.59
N GLN B 370 78.65 53.37 9.54
CA GLN B 370 80.08 53.05 9.74
C GLN B 370 80.76 54.22 10.44
N TRP B 371 80.28 55.42 10.16
CA TRP B 371 80.71 56.62 10.88
C TRP B 371 79.79 56.88 12.09
N PHE B 372 78.51 57.02 11.83
CA PHE B 372 77.55 57.37 12.87
C PHE B 372 76.93 56.12 13.52
N GLY B 373 77.65 55.56 14.49
CA GLY B 373 77.23 54.36 15.17
C GLY B 373 78.41 53.45 15.47
N ASN B 374 79.22 53.18 14.45
CA ASN B 374 80.33 52.24 14.59
C ASN B 374 81.60 52.90 15.09
N LEU B 375 82.08 53.89 14.34
CA LEU B 375 83.26 54.65 14.74
C LEU B 375 82.95 55.48 15.97
N VAL B 376 81.85 56.23 15.90
CA VAL B 376 81.35 56.98 17.03
C VAL B 376 80.00 56.41 17.47
N THR B 377 79.88 56.09 18.75
CA THR B 377 78.72 55.34 19.24
C THR B 377 77.99 56.09 20.36
N LEU B 378 76.67 56.00 20.37
CA LEU B 378 75.89 56.54 21.49
C LEU B 378 76.42 56.02 22.82
N ALA B 379 76.34 56.85 23.86
CA ALA B 379 76.76 56.42 25.20
C ALA B 379 75.77 55.44 25.81
N TRP B 380 74.50 55.64 25.50
CA TRP B 380 73.43 54.76 25.94
C TRP B 380 72.20 54.94 25.02
N TRP B 381 71.29 53.98 25.08
CA TRP B 381 70.20 53.88 24.11
C TRP B 381 69.19 55.03 24.16
N ASN B 382 69.21 55.80 25.25
CA ASN B 382 68.33 56.96 25.36
C ASN B 382 68.71 58.04 24.34
N ASP B 383 69.92 57.94 23.80
CA ASP B 383 70.43 58.85 22.78
C ASP B 383 70.46 58.20 21.40
N LEU B 384 69.51 57.31 21.12
CA LEU B 384 69.60 56.46 19.94
C LEU B 384 69.67 57.23 18.61
N TRP B 385 69.04 58.40 18.57
CA TRP B 385 69.01 59.19 17.35
C TRP B 385 70.40 59.65 16.89
N LEU B 386 71.36 59.70 17.81
CA LEU B 386 72.75 59.97 17.45
C LEU B 386 73.26 58.94 16.44
N ASN B 387 72.82 57.69 16.63
CA ASN B 387 73.03 56.64 15.64
C ASN B 387 72.01 56.71 14.48
N GLU B 388 70.73 56.52 14.81
CA GLU B 388 69.70 56.28 13.80
C GLU B 388 69.19 57.53 13.10
N GLY B 389 69.17 58.65 13.81
CA GLY B 389 68.76 59.91 13.19
C GLY B 389 69.71 60.26 12.07
N PHE B 390 71.00 60.18 12.37
CA PHE B 390 72.02 60.51 11.38
C PHE B 390 71.99 59.55 10.20
N ALA B 391 71.90 58.25 10.46
CA ALA B 391 71.91 57.28 9.38
C ALA B 391 70.70 57.49 8.47
N SER B 392 69.56 57.82 9.07
CA SER B 392 68.32 58.08 8.33
C SER B 392 68.39 59.36 7.50
N TYR B 393 69.21 60.32 7.92
CA TYR B 393 69.42 61.51 7.12
C TYR B 393 70.53 61.33 6.09
N VAL B 394 71.66 60.81 6.54
CA VAL B 394 72.84 60.69 5.69
C VAL B 394 72.61 59.70 4.54
N GLU B 395 71.68 58.75 4.72
CA GLU B 395 71.37 57.81 3.65
C GLU B 395 70.91 58.53 2.37
N TYR B 396 70.20 59.63 2.51
CA TYR B 396 69.76 60.41 1.36
C TYR B 396 70.93 61.00 0.59
N LEU B 397 71.93 61.47 1.33
CA LEU B 397 73.15 62.03 0.74
C LEU B 397 73.88 60.96 -0.08
N GLY B 398 74.08 59.79 0.53
CA GLY B 398 74.76 58.70 -0.13
C GLY B 398 74.01 58.16 -1.33
N ALA B 399 72.71 57.95 -1.17
CA ALA B 399 71.90 57.40 -2.25
C ALA B 399 71.85 58.36 -3.43
N ASP B 400 71.77 59.66 -3.13
CA ASP B 400 71.74 60.68 -4.18
C ASP B 400 73.04 60.71 -4.97
N HIS B 401 74.15 60.40 -4.30
CA HIS B 401 75.43 60.33 -4.99
C HIS B 401 75.46 59.19 -6.01
N ALA B 402 74.84 58.07 -5.66
CA ALA B 402 74.83 56.91 -6.55
C ALA B 402 73.79 57.06 -7.66
N GLU B 403 72.70 57.76 -7.37
CA GLU B 403 71.63 57.97 -8.34
C GLU B 403 71.22 59.43 -8.42
N PRO B 404 72.09 60.28 -8.98
CA PRO B 404 71.88 61.73 -8.97
C PRO B 404 70.65 62.21 -9.75
N THR B 405 70.14 61.41 -10.68
CA THR B 405 69.02 61.84 -11.51
C THR B 405 67.65 61.70 -10.83
N TRP B 406 67.62 61.04 -9.69
CA TRP B 406 66.35 60.73 -9.04
C TRP B 406 65.74 61.89 -8.27
N ASN B 407 66.58 62.82 -7.81
CA ASN B 407 66.18 63.85 -6.84
C ASN B 407 65.59 63.22 -5.58
N LEU B 408 66.18 62.12 -5.14
CA LEU B 408 65.62 61.34 -4.03
C LEU B 408 65.72 62.05 -2.68
N LYS B 409 66.51 63.12 -2.59
CA LYS B 409 66.61 63.87 -1.35
C LYS B 409 65.25 64.42 -0.94
N ASP B 410 64.41 64.73 -1.93
CA ASP B 410 63.09 65.27 -1.67
C ASP B 410 62.16 64.25 -0.99
N LEU B 411 62.47 62.97 -1.11
CA LEU B 411 61.58 61.93 -0.56
C LEU B 411 61.54 61.93 0.97
N ILE B 412 62.41 62.70 1.61
CA ILE B 412 62.45 62.78 3.06
C ILE B 412 61.16 63.40 3.63
N VAL B 413 60.49 64.24 2.84
CA VAL B 413 59.30 64.92 3.34
C VAL B 413 58.12 63.94 3.50
N PRO B 414 57.77 63.20 2.44
CA PRO B 414 56.73 62.21 2.74
C PRO B 414 57.26 61.04 3.57
N GLY B 415 58.49 60.62 3.30
CA GLY B 415 59.06 59.42 3.90
C GLY B 415 59.36 59.51 5.39
N ASP B 416 59.75 60.70 5.86
CA ASP B 416 60.15 60.87 7.26
C ASP B 416 59.39 61.97 8.02
N VAL B 417 59.42 63.19 7.50
CA VAL B 417 58.84 64.34 8.20
C VAL B 417 57.39 64.09 8.59
N TYR B 418 56.53 63.87 7.58
CA TYR B 418 55.11 63.70 7.85
C TYR B 418 54.77 62.29 8.31
N ARG B 419 55.70 61.35 8.15
CA ARG B 419 55.53 60.01 8.70
C ARG B 419 55.49 60.05 10.23
N VAL B 420 56.44 60.75 10.82
CA VAL B 420 56.60 60.75 12.27
C VAL B 420 55.68 61.74 12.98
N MET B 421 55.22 62.77 12.27
CA MET B 421 54.39 63.80 12.89
C MET B 421 53.05 63.22 13.37
N ALA B 422 52.61 62.15 12.72
CA ALA B 422 51.37 61.49 13.12
C ALA B 422 51.44 61.01 14.58
N VAL B 423 52.60 60.49 14.99
CA VAL B 423 52.79 59.98 16.36
C VAL B 423 53.29 61.07 17.31
N ASP B 424 54.10 61.99 16.78
CA ASP B 424 54.69 63.03 17.61
C ASP B 424 53.65 64.07 18.05
N ALA B 425 52.43 63.92 17.53
CA ALA B 425 51.31 64.79 17.92
C ALA B 425 50.64 64.28 19.19
N LEU B 426 51.09 63.12 19.67
CA LEU B 426 50.48 62.48 20.83
C LEU B 426 51.14 62.90 22.13
N ALA B 427 50.37 62.90 23.21
CA ALA B 427 50.91 63.11 24.54
C ALA B 427 51.83 61.94 24.91
N SER B 428 51.58 60.78 24.30
CA SER B 428 52.37 59.60 24.59
C SER B 428 53.55 59.42 23.63
N SER B 429 53.99 60.52 23.02
CA SER B 429 55.22 60.49 22.24
C SER B 429 56.39 60.51 23.22
N HIS B 430 57.60 60.70 22.69
CA HIS B 430 58.77 60.90 23.56
C HIS B 430 59.81 61.73 22.82
N PRO B 431 60.65 62.45 23.57
CA PRO B 431 61.65 63.28 22.89
C PRO B 431 62.75 62.44 22.24
N LEU B 432 63.51 63.05 21.32
CA LEU B 432 64.63 62.39 20.68
C LEU B 432 65.60 61.83 21.71
N THR B 433 65.97 62.66 22.69
CA THR B 433 66.76 62.21 23.82
C THR B 433 65.85 62.08 25.04
N THR B 434 65.68 60.86 25.52
CA THR B 434 64.90 60.58 26.71
C THR B 434 65.82 60.55 27.92
N PRO B 435 65.26 60.73 29.13
CA PRO B 435 66.09 60.57 30.33
C PRO B 435 66.67 59.16 30.38
N ALA B 436 67.96 59.06 30.66
CA ALA B 436 68.67 57.78 30.63
C ALA B 436 68.01 56.71 31.51
N GLU B 437 67.34 57.14 32.57
CA GLU B 437 66.71 56.20 33.50
C GLU B 437 65.36 55.67 33.01
N GLU B 438 64.82 56.27 31.95
CA GLU B 438 63.57 55.78 31.38
C GLU B 438 63.81 54.58 30.46
N VAL B 439 65.05 54.45 30.00
CA VAL B 439 65.44 53.37 29.11
C VAL B 439 66.31 52.38 29.88
N ASN B 440 65.68 51.32 30.36
CA ASN B 440 66.30 50.45 31.34
C ASN B 440 66.27 48.97 30.95
N THR B 441 65.09 48.46 30.63
CA THR B 441 64.96 47.04 30.29
C THR B 441 65.24 46.80 28.80
N PRO B 442 65.51 45.54 28.42
CA PRO B 442 65.67 45.20 27.00
C PRO B 442 64.46 45.59 26.16
N ALA B 443 63.25 45.45 26.71
CA ALA B 443 62.03 45.80 25.99
C ALA B 443 61.99 47.29 25.68
N GLN B 444 62.35 48.10 26.67
CA GLN B 444 62.38 49.55 26.51
C GLN B 444 63.44 49.98 25.49
N ILE B 445 64.59 49.33 25.52
CA ILE B 445 65.65 49.58 24.55
C ILE B 445 65.16 49.27 23.14
N SER B 446 64.55 48.10 22.97
CA SER B 446 64.00 47.72 21.67
C SER B 446 63.00 48.75 21.15
N GLU B 447 62.14 49.24 22.04
CA GLU B 447 61.06 50.12 21.60
C GLU B 447 61.59 51.50 21.20
N MET B 448 62.81 51.83 21.62
CA MET B 448 63.46 53.08 21.23
C MET B 448 63.72 53.12 19.73
N PHE B 449 63.82 51.95 19.11
CA PHE B 449 64.00 51.86 17.67
C PHE B 449 62.67 52.13 16.96
N ASP B 450 62.26 53.39 16.93
CA ASP B 450 60.93 53.77 16.44
C ASP B 450 61.00 54.94 15.47
N SER B 451 59.84 55.41 15.01
CA SER B 451 59.81 56.50 14.03
C SER B 451 60.38 57.81 14.62
N ILE B 452 60.32 57.97 15.94
CA ILE B 452 60.93 59.15 16.55
C ILE B 452 62.45 59.15 16.34
N SER B 453 63.12 58.09 16.80
CA SER B 453 64.58 57.99 16.71
C SER B 453 65.08 58.01 15.26
N TYR B 454 64.33 57.39 14.36
CA TYR B 454 64.73 57.33 12.94
C TYR B 454 64.27 58.57 12.15
N SER B 455 62.96 58.76 12.05
CA SER B 455 62.41 59.76 11.14
C SER B 455 62.41 61.19 11.69
N LYS B 456 62.06 61.37 12.95
CA LYS B 456 62.15 62.72 13.51
C LYS B 456 63.62 63.11 13.60
N GLY B 457 64.47 62.16 13.98
CA GLY B 457 65.91 62.36 13.99
C GLY B 457 66.43 62.84 12.65
N ALA B 458 66.03 62.17 11.57
CA ALA B 458 66.42 62.60 10.23
C ALA B 458 65.83 63.97 9.88
N SER B 459 64.59 64.23 10.30
CA SER B 459 63.93 65.50 9.98
C SER B 459 64.58 66.66 10.71
N VAL B 460 64.87 66.46 11.99
CA VAL B 460 65.48 67.50 12.79
C VAL B 460 66.90 67.79 12.33
N ILE B 461 67.61 66.74 11.90
CA ILE B 461 68.97 66.88 11.40
C ILE B 461 69.01 67.59 10.05
N ARG B 462 68.02 67.35 9.20
CA ARG B 462 67.92 68.06 7.93
C ARG B 462 67.67 69.56 8.13
N MET B 463 66.79 69.89 9.09
CA MET B 463 66.53 71.28 9.46
C MET B 463 67.81 71.96 9.95
N LEU B 464 68.54 71.23 10.80
CA LEU B 464 69.81 71.68 11.32
C LEU B 464 70.81 71.93 10.20
N SER B 465 70.92 70.96 9.29
CA SER B 465 71.82 71.10 8.14
C SER B 465 71.42 72.30 7.29
N ASN B 466 70.12 72.47 7.10
CA ASN B 466 69.62 73.51 6.22
C ASN B 466 69.93 74.91 6.70
N PHE B 467 69.83 75.18 7.99
CA PHE B 467 70.11 76.54 8.45
C PHE B 467 71.59 76.76 8.79
N LEU B 468 72.38 75.68 8.81
CA LEU B 468 73.83 75.80 8.95
C LEU B 468 74.53 75.85 7.59
N THR B 469 73.85 75.28 6.60
CA THR B 469 74.41 74.79 5.32
C THR B 469 75.16 73.48 5.56
N GLU B 470 75.03 72.55 4.62
CA GLU B 470 75.68 71.26 4.73
C GLU B 470 77.21 71.39 4.77
N ASP B 471 77.75 72.37 4.04
CA ASP B 471 79.20 72.62 4.04
C ASP B 471 79.71 72.85 5.45
N LEU B 472 79.01 73.71 6.20
CA LEU B 472 79.40 74.04 7.55
C LEU B 472 79.08 72.90 8.52
N PHE B 473 77.93 72.25 8.28
CA PHE B 473 77.51 71.09 9.07
C PHE B 473 78.57 69.99 9.03
N LYS B 474 79.01 69.63 7.83
CA LYS B 474 79.94 68.52 7.67
C LYS B 474 81.34 68.83 8.25
N GLU B 475 81.68 70.11 8.31
CA GLU B 475 82.92 70.50 8.98
C GLU B 475 82.80 70.22 10.48
N GLY B 476 81.66 70.60 11.05
CA GLY B 476 81.38 70.29 12.44
C GLY B 476 81.37 68.81 12.74
N LEU B 477 80.78 68.03 11.84
CA LEU B 477 80.66 66.59 12.05
C LEU B 477 82.02 65.91 11.94
N ALA B 478 82.88 66.42 11.06
CA ALA B 478 84.23 65.91 10.91
C ALA B 478 84.99 66.09 12.23
N SER B 479 84.86 67.27 12.83
CA SER B 479 85.49 67.58 14.11
C SER B 479 85.00 66.63 15.22
N TYR B 480 83.69 66.41 15.24
CA TYR B 480 83.01 65.47 16.11
C TYR B 480 83.55 64.05 15.97
N LEU B 481 83.53 63.54 14.73
CA LEU B 481 84.01 62.19 14.43
C LEU B 481 85.48 61.97 14.80
N HIS B 482 86.33 62.95 14.48
CA HIS B 482 87.75 62.83 14.78
C HIS B 482 87.99 62.80 16.29
N ALA B 483 87.25 63.64 17.01
CA ALA B 483 87.44 63.76 18.46
C ALA B 483 86.97 62.54 19.23
N PHE B 484 85.91 61.88 18.77
CA PHE B 484 85.31 60.80 19.53
C PHE B 484 85.45 59.43 18.87
N ALA B 485 86.32 59.34 17.87
CA ALA B 485 86.63 58.09 17.20
C ALA B 485 86.96 56.98 18.22
N TYR B 486 86.30 55.84 18.04
CA TYR B 486 86.47 54.66 18.91
C TYR B 486 86.04 54.93 20.34
N GLN B 487 85.20 55.94 20.54
CA GLN B 487 84.65 56.23 21.87
C GLN B 487 83.14 56.39 21.79
N ASN B 488 82.56 57.09 22.76
CA ASN B 488 81.12 57.29 22.77
C ASN B 488 80.73 58.75 23.04
N THR B 489 79.49 59.10 22.70
CA THR B 489 79.02 60.49 22.79
C THR B 489 77.62 60.64 23.35
N THR B 490 77.29 61.87 23.74
CA THR B 490 75.91 62.25 23.99
C THR B 490 75.61 63.48 23.15
N TYR B 491 74.36 63.94 23.19
CA TYR B 491 73.90 65.03 22.35
C TYR B 491 74.66 66.34 22.62
N LEU B 492 75.15 66.51 23.84
CA LEU B 492 75.90 67.71 24.22
C LEU B 492 77.23 67.80 23.48
N ASP B 493 77.87 66.64 23.26
CA ASP B 493 79.12 66.57 22.52
C ASP B 493 78.94 67.01 21.07
N LEU B 494 77.81 66.62 20.49
CA LEU B 494 77.46 67.03 19.14
C LEU B 494 77.36 68.54 19.06
N TRP B 495 76.67 69.17 20.01
CA TRP B 495 76.51 70.63 19.96
C TRP B 495 77.87 71.33 20.02
N GLU B 496 78.75 70.88 20.91
CA GLU B 496 80.04 71.53 21.11
C GLU B 496 80.85 71.63 19.81
N HIS B 497 80.83 70.59 19.00
CA HIS B 497 81.63 70.61 17.77
C HIS B 497 80.95 71.37 16.64
N LEU B 498 79.62 71.37 16.62
CA LEU B 498 78.90 72.23 15.70
C LEU B 498 79.13 73.71 16.05
N GLN B 499 79.14 74.04 17.34
CA GLN B 499 79.35 75.41 17.79
C GLN B 499 80.75 75.87 17.42
N LYS B 500 81.71 74.95 17.55
CA LYS B 500 83.08 75.26 17.20
C LYS B 500 83.16 75.70 15.75
N ALA B 501 82.42 75.00 14.89
CA ALA B 501 82.42 75.29 13.46
C ALA B 501 81.78 76.64 13.15
N VAL B 502 80.67 76.95 13.82
CA VAL B 502 79.98 78.22 13.63
C VAL B 502 80.84 79.41 14.04
N ASP B 503 81.59 79.24 15.13
CA ASP B 503 82.42 80.33 15.64
C ASP B 503 83.68 80.60 14.80
N ALA B 504 84.07 79.67 13.93
CA ALA B 504 85.32 79.80 13.15
C ALA B 504 85.07 80.33 11.74
N GLN B 505 84.00 81.08 11.62
CA GLN B 505 83.22 81.11 10.41
C GLN B 505 82.40 82.41 10.54
N THR B 506 82.19 83.16 9.45
CA THR B 506 81.56 84.49 9.55
C THR B 506 80.31 84.73 8.71
N SER B 507 80.05 83.84 7.76
CA SER B 507 78.97 84.02 6.80
C SER B 507 77.61 83.59 7.37
N ILE B 508 77.59 82.49 8.11
CA ILE B 508 76.35 82.00 8.71
C ILE B 508 76.18 82.56 10.13
N ARG B 509 75.00 83.10 10.42
CA ARG B 509 74.72 83.67 11.73
C ARG B 509 73.46 83.07 12.35
N LEU B 510 73.49 82.90 13.67
CA LEU B 510 72.37 82.29 14.39
C LEU B 510 71.81 83.26 15.43
N PRO B 511 70.52 83.12 15.76
CA PRO B 511 69.88 83.95 16.79
C PRO B 511 70.28 83.54 18.21
N ASP B 512 70.84 82.36 18.35
CA ASP B 512 71.23 81.85 19.66
C ASP B 512 72.29 80.76 19.47
N THR B 513 72.79 80.19 20.57
CA THR B 513 73.76 79.12 20.47
C THR B 513 73.11 77.89 19.85
N VAL B 514 73.93 77.04 19.23
CA VAL B 514 73.41 75.81 18.65
C VAL B 514 72.69 74.97 19.70
N ARG B 515 73.24 74.94 20.91
CA ARG B 515 72.63 74.19 22.01
C ARG B 515 71.25 74.72 22.40
N ALA B 516 71.14 76.03 22.56
CA ALA B 516 69.86 76.64 22.92
C ALA B 516 68.79 76.27 21.90
N ILE B 517 69.15 76.33 20.62
CA ILE B 517 68.20 75.99 19.56
C ILE B 517 67.90 74.49 19.52
N MET B 518 68.95 73.67 19.57
CA MET B 518 68.77 72.25 19.30
C MET B 518 68.33 71.45 20.53
N ASP B 519 68.61 71.96 21.72
CA ASP B 519 68.09 71.33 22.94
C ASP B 519 66.56 71.28 22.94
N ARG B 520 65.93 72.30 22.37
CA ARG B 520 64.46 72.35 22.33
C ARG B 520 63.85 71.40 21.31
N TRP B 521 64.61 71.04 20.28
CA TRP B 521 64.12 70.07 19.29
C TRP B 521 64.43 68.65 19.73
N THR B 522 65.25 68.51 20.77
CA THR B 522 65.85 67.24 21.15
C THR B 522 65.34 66.72 22.51
N LEU B 523 65.12 67.64 23.45
CA LEU B 523 64.86 67.26 24.83
C LEU B 523 63.39 67.33 25.21
N GLN B 524 62.57 67.95 24.36
CA GLN B 524 61.12 67.87 24.54
C GLN B 524 60.52 67.24 23.30
N MET B 525 59.41 66.52 23.49
CA MET B 525 58.75 65.84 22.38
C MET B 525 57.92 66.81 21.56
N GLY B 526 57.41 66.32 20.44
CA GLY B 526 56.45 67.06 19.66
C GLY B 526 57.03 68.18 18.80
N PHE B 527 56.13 69.01 18.29
CA PHE B 527 56.50 70.07 17.38
C PHE B 527 55.48 71.18 17.48
N PRO B 528 55.82 72.38 17.00
CA PRO B 528 54.82 73.45 17.02
C PRO B 528 53.96 73.52 15.76
N VAL B 529 52.75 74.06 15.91
CA VAL B 529 52.05 74.60 14.77
C VAL B 529 52.33 76.10 14.79
N ILE B 530 52.77 76.62 13.64
CA ILE B 530 53.04 78.03 13.48
C ILE B 530 51.82 78.70 12.84
N THR B 531 51.18 79.62 13.57
CA THR B 531 49.97 80.25 13.04
C THR B 531 50.20 81.71 12.65
N VAL B 532 49.76 82.06 11.45
CA VAL B 532 49.97 83.39 10.88
C VAL B 532 48.65 84.11 10.62
N ASP B 533 48.55 85.36 11.05
CA ASP B 533 47.47 86.24 10.61
C ASP B 533 48.05 87.17 9.55
N THR B 534 47.75 86.91 8.28
CA THR B 534 48.40 87.65 7.20
C THR B 534 47.90 89.09 7.06
N LYS B 535 46.91 89.48 7.87
CA LYS B 535 46.43 90.85 7.85
C LYS B 535 47.31 91.74 8.72
N THR B 536 47.90 91.16 9.76
CA THR B 536 48.73 91.94 10.67
C THR B 536 50.17 91.47 10.72
N GLY B 537 50.41 90.27 10.19
CA GLY B 537 51.74 89.69 10.25
C GLY B 537 52.07 89.14 11.62
N ASN B 538 51.03 88.88 12.42
CA ASN B 538 51.22 88.25 13.71
C ASN B 538 51.52 86.77 13.53
N ILE B 539 52.59 86.31 14.18
CA ILE B 539 52.99 84.92 14.09
C ILE B 539 53.08 84.33 15.49
N SER B 540 52.51 83.14 15.66
CA SER B 540 52.48 82.50 16.97
C SER B 540 52.82 81.03 16.88
N GLN B 541 53.16 80.44 18.00
CA GLN B 541 53.48 79.02 18.03
C GLN B 541 52.92 78.38 19.28
N LYS B 542 52.51 77.12 19.12
CA LYS B 542 52.05 76.30 20.23
C LYS B 542 52.30 74.83 19.91
N HIS B 543 52.51 74.03 20.95
CA HIS B 543 52.67 72.59 20.85
C HIS B 543 51.48 71.94 20.14
N PHE B 544 51.75 71.20 19.06
CA PHE B 544 50.70 70.53 18.31
C PHE B 544 50.18 69.32 19.07
N LEU B 545 48.90 69.36 19.42
CA LEU B 545 48.26 68.24 20.10
C LEU B 545 46.92 67.88 19.43
N LEU B 546 46.56 66.61 19.51
CA LEU B 546 45.32 66.13 18.90
C LEU B 546 44.07 66.67 19.58
N ASP B 547 44.02 66.51 20.90
CA ASP B 547 42.79 66.77 21.65
C ASP B 547 42.91 67.91 22.64
N SER B 548 41.76 68.44 23.04
CA SER B 548 41.66 69.24 24.26
C SER B 548 41.64 68.27 25.42
N GLU B 549 41.36 67.01 25.10
CA GLU B 549 41.42 65.89 26.04
C GLU B 549 42.85 65.46 26.33
N SER B 550 43.74 65.74 25.37
CA SER B 550 45.13 65.33 25.45
C SER B 550 45.77 65.78 26.76
N ASN B 551 46.15 64.82 27.59
CA ASN B 551 46.69 65.09 28.91
C ASN B 551 48.20 64.97 28.92
N VAL B 552 48.88 66.09 28.69
CA VAL B 552 50.34 66.13 28.68
C VAL B 552 50.91 66.08 30.09
N THR B 553 51.61 64.99 30.40
CA THR B 553 52.18 64.80 31.73
C THR B 553 53.71 64.87 31.71
N ARG B 554 54.33 64.58 30.56
CA ARG B 554 55.76 64.77 30.43
C ARG B 554 56.08 66.25 30.51
N SER B 555 56.73 66.65 31.60
CA SER B 555 57.02 68.05 31.85
C SER B 555 58.20 68.52 31.01
N SER B 556 58.10 69.72 30.47
CA SER B 556 59.16 70.28 29.62
C SER B 556 59.87 71.43 30.30
N ALA B 557 61.19 71.35 30.38
CA ALA B 557 61.99 72.42 30.95
C ALA B 557 61.99 73.63 30.02
N PHE B 558 61.54 73.42 28.79
CA PHE B 558 61.54 74.48 27.79
C PHE B 558 60.12 74.98 27.50
N ASP B 559 59.18 74.53 28.32
CA ASP B 559 57.80 75.02 28.32
C ASP B 559 57.10 74.85 26.97
N TYR B 560 57.53 73.84 26.21
CA TYR B 560 57.03 73.58 24.87
C TYR B 560 57.06 74.81 23.98
N LEU B 561 58.16 75.55 24.08
CA LEU B 561 58.45 76.64 23.18
C LEU B 561 59.70 76.26 22.40
N TRP B 562 59.77 76.63 21.12
CA TRP B 562 60.92 76.33 20.28
C TRP B 562 61.56 77.59 19.68
N ILE B 563 62.85 77.52 19.31
CA ILE B 563 63.40 78.52 18.39
C ILE B 563 63.34 77.97 16.97
N VAL B 564 62.57 78.63 16.12
CA VAL B 564 62.18 78.05 14.84
C VAL B 564 62.70 78.83 13.63
N PRO B 565 63.39 78.13 12.72
CA PRO B 565 63.83 78.76 11.47
C PRO B 565 62.67 78.85 10.49
N ILE B 566 62.35 80.07 10.04
CA ILE B 566 61.19 80.26 9.17
C ILE B 566 61.55 80.89 7.82
N SER B 567 61.56 80.06 6.78
CA SER B 567 61.64 80.56 5.42
C SER B 567 60.24 80.90 4.92
N SER B 568 60.16 81.74 3.90
CA SER B 568 58.85 82.07 3.34
C SER B 568 58.95 82.53 1.88
N ILE B 569 57.82 82.38 1.18
CA ILE B 569 57.71 82.75 -0.21
C ILE B 569 56.43 83.58 -0.37
N LYS B 570 56.51 84.70 -1.08
CA LYS B 570 55.35 85.56 -1.29
C LYS B 570 55.12 85.79 -2.78
N ASN B 571 53.90 85.47 -3.24
CA ASN B 571 53.56 85.53 -4.66
C ASN B 571 54.57 84.79 -5.54
N GLY B 572 55.09 83.69 -5.03
CA GLY B 572 56.03 82.88 -5.77
C GLY B 572 57.49 83.28 -5.65
N VAL B 573 57.78 84.34 -4.89
CA VAL B 573 59.16 84.83 -4.76
C VAL B 573 59.68 84.71 -3.33
N MET B 574 60.87 84.11 -3.19
CA MET B 574 61.49 83.95 -1.88
C MET B 574 61.66 85.26 -1.12
N GLN B 575 61.37 85.24 0.17
CA GLN B 575 61.56 86.39 1.04
C GLN B 575 62.78 86.21 1.94
N ASP B 576 63.13 87.26 2.69
CA ASP B 576 64.17 87.17 3.69
C ASP B 576 63.84 86.11 4.73
N HIS B 577 64.87 85.43 5.21
CA HIS B 577 64.68 84.43 6.26
C HIS B 577 64.31 85.10 7.57
N TYR B 578 63.69 84.34 8.46
CA TYR B 578 63.26 84.85 9.76
C TYR B 578 63.43 83.76 10.81
N TRP B 579 63.74 84.17 12.03
CA TRP B 579 63.82 83.24 13.16
C TRP B 579 62.79 83.58 14.22
N LEU B 580 61.79 82.72 14.39
CA LEU B 580 60.87 82.84 15.50
C LEU B 580 61.58 82.41 16.79
N ARG B 581 61.69 83.33 17.74
CA ARG B 581 62.39 83.05 19.00
C ARG B 581 61.50 82.23 19.93
N ASP B 582 62.04 81.84 21.08
CA ASP B 582 61.28 81.04 22.03
C ASP B 582 60.24 81.86 22.79
N VAL B 583 59.26 82.37 22.04
CA VAL B 583 58.17 83.14 22.61
C VAL B 583 56.87 82.66 21.96
N SER B 584 55.74 82.79 22.67
CA SER B 584 54.49 82.28 22.14
C SER B 584 53.98 83.11 20.96
N GLN B 585 54.34 84.39 20.88
CA GLN B 585 53.90 85.22 19.76
C GLN B 585 54.85 86.36 19.40
N ALA B 586 54.88 86.71 18.12
CA ALA B 586 55.67 87.82 17.62
C ALA B 586 55.00 88.42 16.39
N GLN B 587 55.59 89.47 15.82
CA GLN B 587 55.04 90.08 14.62
C GLN B 587 56.15 90.48 13.66
N ASN B 588 55.87 90.32 12.37
CA ASN B 588 56.81 90.75 11.34
C ASN B 588 56.07 90.96 10.01
N ASP B 589 56.43 92.02 9.30
CA ASP B 589 55.74 92.38 8.06
C ASP B 589 56.00 91.39 6.93
N LEU B 590 57.00 90.53 7.11
CA LEU B 590 57.19 89.39 6.19
C LEU B 590 55.92 88.56 6.07
N PHE B 591 55.14 88.49 7.15
CA PHE B 591 53.98 87.62 7.20
C PHE B 591 52.68 88.41 7.11
N LYS B 592 52.81 89.68 6.74
CA LYS B 592 51.67 90.57 6.53
C LYS B 592 51.50 90.81 5.04
N THR B 593 50.30 90.53 4.51
CA THR B 593 50.09 90.61 3.06
C THR B 593 49.07 91.66 2.65
N ALA B 594 49.22 92.14 1.41
CA ALA B 594 48.18 92.93 0.76
C ALA B 594 47.08 91.99 0.33
N SER B 595 45.87 92.51 0.10
CA SER B 595 44.71 91.67 -0.13
C SER B 595 44.78 90.84 -1.42
N ASP B 596 45.71 91.19 -2.30
CA ASP B 596 45.88 90.41 -3.52
C ASP B 596 47.23 89.69 -3.55
N ASP B 597 47.86 89.58 -2.38
CA ASP B 597 49.08 88.81 -2.22
C ASP B 597 48.78 87.48 -1.53
N TRP B 598 49.77 86.58 -1.52
CA TRP B 598 49.70 85.42 -0.65
C TRP B 598 51.10 85.04 -0.19
N VAL B 599 51.19 84.50 1.04
CA VAL B 599 52.44 83.94 1.54
C VAL B 599 52.31 82.47 1.93
N LEU B 600 53.43 81.78 1.92
CA LEU B 600 53.55 80.44 2.47
C LEU B 600 54.83 80.39 3.27
N LEU B 601 54.81 79.73 4.41
CA LEU B 601 56.03 79.58 5.20
C LEU B 601 56.57 78.15 5.08
N ASN B 602 57.84 77.98 5.45
CA ASN B 602 58.51 76.68 5.45
C ASN B 602 58.66 76.10 4.05
N VAL B 603 59.39 76.82 3.20
CA VAL B 603 59.63 76.40 1.82
C VAL B 603 60.31 75.04 1.78
N ASN B 604 59.71 74.11 1.02
CA ASN B 604 60.18 72.73 0.92
C ASN B 604 60.13 71.97 2.24
N VAL B 605 59.38 72.51 3.20
CA VAL B 605 59.19 71.89 4.52
C VAL B 605 60.54 71.48 5.14
N THR B 606 61.51 72.38 5.13
CA THR B 606 62.81 72.10 5.73
C THR B 606 62.73 72.07 7.26
N GLY B 607 61.83 72.88 7.82
CA GLY B 607 61.64 72.92 9.26
C GLY B 607 60.63 71.90 9.74
N TYR B 608 60.87 71.37 10.94
CA TYR B 608 60.00 70.35 11.52
C TYR B 608 58.83 71.02 12.25
N PHE B 609 57.89 71.52 11.47
CA PHE B 609 56.70 72.14 12.03
C PHE B 609 55.63 72.22 10.96
N GLN B 610 54.42 72.52 11.39
CA GLN B 610 53.30 72.66 10.47
C GLN B 610 52.78 74.09 10.53
N VAL B 611 52.13 74.54 9.46
CA VAL B 611 51.70 75.92 9.35
C VAL B 611 50.20 76.07 9.11
N ASN B 612 49.58 76.99 9.85
CA ASN B 612 48.20 77.38 9.60
C ASN B 612 48.10 78.87 9.34
N TYR B 613 47.16 79.25 8.48
CA TYR B 613 46.96 80.66 8.14
C TYR B 613 45.55 81.08 8.49
N ASP B 614 45.27 82.37 8.37
CA ASP B 614 43.90 82.85 8.42
C ASP B 614 43.17 82.37 7.17
N GLU B 615 41.84 82.37 7.23
CA GLU B 615 41.00 81.82 6.17
C GLU B 615 41.21 82.52 4.83
N ASP B 616 41.46 83.83 4.86
CA ASP B 616 41.65 84.59 3.62
C ASP B 616 42.92 84.17 2.87
N ASN B 617 44.03 84.01 3.60
CA ASN B 617 45.26 83.59 2.94
C ASN B 617 45.14 82.17 2.39
N TRP B 618 44.47 81.29 3.13
CA TRP B 618 44.15 79.96 2.62
C TRP B 618 43.40 80.06 1.28
N ARG B 619 42.42 80.96 1.21
CA ARG B 619 41.64 81.15 -0.02
C ARG B 619 42.51 81.64 -1.18
N MET B 620 43.48 82.50 -0.89
CA MET B 620 44.38 82.99 -1.92
C MET B 620 45.28 81.87 -2.44
N ILE B 621 45.73 81.00 -1.53
CA ILE B 621 46.50 79.82 -1.91
C ILE B 621 45.68 78.93 -2.83
N GLN B 622 44.44 78.68 -2.43
CA GLN B 622 43.52 77.86 -3.22
C GLN B 622 43.33 78.44 -4.63
N HIS B 623 43.22 79.76 -4.71
CA HIS B 623 42.98 80.41 -6.00
C HIS B 623 44.23 80.30 -6.88
N GLN B 624 45.41 80.40 -6.27
CA GLN B 624 46.68 80.21 -6.99
C GLN B 624 46.78 78.78 -7.55
N LEU B 625 46.36 77.79 -6.77
CA LEU B 625 46.41 76.39 -7.20
C LEU B 625 45.46 76.11 -8.36
N GLN B 626 44.37 76.88 -8.44
CA GLN B 626 43.45 76.79 -9.56
C GLN B 626 43.99 77.52 -10.78
N THR B 627 44.49 78.74 -10.56
CA THR B 627 44.97 79.58 -11.65
C THR B 627 46.26 79.05 -12.27
N ASN B 628 47.26 78.83 -11.42
CA ASN B 628 48.57 78.40 -11.89
C ASN B 628 49.35 77.74 -10.75
N LEU B 629 49.15 76.44 -10.59
CA LEU B 629 49.77 75.71 -9.49
C LEU B 629 51.29 75.62 -9.61
N SER B 630 51.83 75.97 -10.78
CA SER B 630 53.26 75.92 -10.98
C SER B 630 54.01 76.98 -10.16
N VAL B 631 53.30 78.02 -9.76
CA VAL B 631 53.89 79.14 -9.02
C VAL B 631 54.29 78.71 -7.62
N ILE B 632 53.61 77.70 -7.09
CA ILE B 632 53.93 77.13 -5.79
C ILE B 632 54.87 75.94 -5.97
N PRO B 633 56.01 75.95 -5.27
CA PRO B 633 56.95 74.82 -5.33
C PRO B 633 56.24 73.49 -5.08
N VAL B 634 56.62 72.44 -5.81
CA VAL B 634 55.89 71.18 -5.77
C VAL B 634 55.79 70.60 -4.35
N ILE B 635 56.86 70.73 -3.57
CA ILE B 635 56.85 70.19 -2.20
C ILE B 635 55.88 70.95 -1.31
N ASN B 636 55.77 72.25 -1.53
CA ASN B 636 54.84 73.06 -0.76
C ASN B 636 53.38 72.86 -1.20
N ARG B 637 53.18 72.44 -2.44
CA ARG B 637 51.84 72.01 -2.85
C ARG B 637 51.43 70.81 -2.01
N ALA B 638 52.38 69.93 -1.73
CA ALA B 638 52.14 68.77 -0.87
C ALA B 638 51.91 69.23 0.57
N GLN B 639 52.76 70.14 1.04
CA GLN B 639 52.67 70.70 2.39
C GLN B 639 51.27 71.23 2.70
N VAL B 640 50.70 71.98 1.76
CA VAL B 640 49.39 72.60 1.92
C VAL B 640 48.33 71.54 2.19
N ILE B 641 48.44 70.40 1.51
CA ILE B 641 47.53 69.28 1.74
C ILE B 641 47.83 68.58 3.08
N TYR B 642 49.09 68.20 3.28
CA TYR B 642 49.53 67.58 4.55
C TYR B 642 49.09 68.38 5.78
N ASP B 643 49.45 69.65 5.81
CA ASP B 643 49.20 70.49 6.99
C ASP B 643 47.71 70.69 7.24
N SER B 644 46.93 70.97 6.20
CA SER B 644 45.51 71.27 6.38
C SER B 644 44.75 70.04 6.87
N PHE B 645 45.06 68.86 6.33
CA PHE B 645 44.45 67.63 6.82
C PHE B 645 44.85 67.35 8.27
N ASN B 646 46.14 67.55 8.57
CA ASN B 646 46.61 67.31 9.93
C ASN B 646 45.97 68.28 10.91
N LEU B 647 45.87 69.55 10.53
CA LEU B 647 45.18 70.55 11.34
C LEU B 647 43.72 70.15 11.55
N ALA B 648 43.07 69.68 10.49
CA ALA B 648 41.67 69.25 10.54
C ALA B 648 41.49 68.05 11.49
N THR B 649 42.45 67.14 11.46
CA THR B 649 42.45 65.97 12.35
C THR B 649 42.45 66.40 13.82
N ALA B 650 43.08 67.54 14.10
CA ALA B 650 43.16 68.06 15.45
C ALA B 650 42.12 69.16 15.70
N HIS B 651 41.11 69.19 14.84
CA HIS B 651 40.05 70.23 14.79
C HIS B 651 40.55 71.64 15.05
N MET B 652 41.64 72.01 14.40
CA MET B 652 42.16 73.37 14.46
C MET B 652 41.68 74.21 13.28
N VAL B 653 41.18 73.53 12.25
CA VAL B 653 40.55 74.16 11.09
C VAL B 653 39.34 73.31 10.68
N PRO B 654 38.36 73.93 9.98
CA PRO B 654 37.23 73.12 9.51
C PRO B 654 37.70 72.05 8.52
N VAL B 655 37.04 70.90 8.49
CA VAL B 655 37.47 69.80 7.63
C VAL B 655 37.34 70.18 6.17
N THR B 656 36.37 71.03 5.88
CA THR B 656 36.12 71.49 4.52
C THR B 656 37.36 72.18 3.92
N LEU B 657 38.19 72.76 4.79
CA LEU B 657 39.43 73.37 4.32
C LEU B 657 40.34 72.32 3.67
N ALA B 658 40.56 71.22 4.39
CA ALA B 658 41.43 70.15 3.89
C ALA B 658 40.88 69.56 2.61
N LEU B 659 39.59 69.27 2.60
CA LEU B 659 38.97 68.67 1.44
C LEU B 659 39.02 69.63 0.26
N ASP B 660 38.76 70.92 0.51
CA ASP B 660 38.86 71.95 -0.54
C ASP B 660 40.25 71.99 -1.15
N ASN B 661 41.26 71.70 -0.35
CA ASN B 661 42.64 71.75 -0.82
C ASN B 661 43.04 70.57 -1.71
N THR B 662 42.10 69.66 -1.95
CA THR B 662 42.34 68.55 -2.87
C THR B 662 41.64 68.77 -4.21
N LEU B 663 40.85 69.83 -4.32
CA LEU B 663 40.07 70.06 -5.53
C LEU B 663 40.94 70.27 -6.77
N PHE B 664 42.09 70.91 -6.59
CA PHE B 664 42.97 71.22 -7.73
C PHE B 664 43.66 69.98 -8.30
N LEU B 665 43.64 68.88 -7.56
CA LEU B 665 44.41 67.68 -7.92
C LEU B 665 43.98 67.11 -9.26
N ASN B 666 42.77 67.48 -9.66
CA ASN B 666 42.23 67.28 -11.00
C ASN B 666 43.28 67.45 -12.09
N GLY B 667 44.03 68.54 -12.00
CA GLY B 667 45.04 68.85 -13.00
C GLY B 667 46.48 68.74 -12.49
N GLU B 668 46.69 67.95 -11.45
CA GLU B 668 48.03 67.75 -10.91
C GLU B 668 48.66 66.47 -11.46
N LYS B 669 49.87 66.58 -12.02
CA LYS B 669 50.57 65.43 -12.56
C LYS B 669 51.68 64.91 -11.62
N GLU B 670 52.17 65.77 -10.75
CA GLU B 670 53.38 65.46 -10.00
C GLU B 670 53.13 64.56 -8.79
N TYR B 671 54.17 63.81 -8.43
CA TYR B 671 54.09 62.78 -7.41
C TYR B 671 53.65 63.28 -6.03
N MET B 672 54.35 64.26 -5.48
CA MET B 672 54.22 64.48 -4.05
C MET B 672 52.88 65.06 -3.57
N PRO B 673 52.30 66.06 -4.29
CA PRO B 673 50.99 66.53 -3.83
C PRO B 673 49.92 65.45 -3.85
N TRP B 674 49.98 64.55 -4.83
CA TRP B 674 49.06 63.41 -4.85
C TRP B 674 49.37 62.47 -3.70
N GLN B 675 50.65 62.24 -3.43
CA GLN B 675 51.05 61.39 -2.30
C GLN B 675 50.52 61.96 -0.99
N ALA B 676 50.58 63.28 -0.86
CA ALA B 676 50.08 63.96 0.33
C ALA B 676 48.59 63.71 0.51
N ALA B 677 47.85 63.75 -0.59
CA ALA B 677 46.41 63.56 -0.52
C ALA B 677 46.05 62.12 -0.19
N LEU B 678 46.80 61.18 -0.75
CA LEU B 678 46.57 59.78 -0.49
C LEU B 678 46.89 59.43 0.95
N SER B 679 48.02 59.94 1.44
CA SER B 679 48.41 59.69 2.83
C SER B 679 47.38 60.26 3.78
N SER B 680 46.93 61.49 3.51
CA SER B 680 45.97 62.16 4.37
C SER B 680 44.61 61.46 4.36
N LEU B 681 44.13 61.11 3.17
CA LEU B 681 42.82 60.46 3.05
C LEU B 681 42.88 58.99 3.46
N SER B 682 44.09 58.47 3.64
CA SER B 682 44.25 57.13 4.19
C SER B 682 43.65 57.07 5.59
N TYR B 683 43.84 58.16 6.34
CA TYR B 683 43.21 58.28 7.66
C TYR B 683 41.69 58.28 7.53
N PHE B 684 41.17 58.97 6.52
CA PHE B 684 39.73 59.00 6.28
C PHE B 684 39.19 57.61 5.99
N SER B 685 39.88 56.85 5.15
CA SER B 685 39.50 55.47 4.86
C SER B 685 39.45 54.63 6.13
N LEU B 686 40.50 54.71 6.94
CA LEU B 686 40.54 53.97 8.20
C LEU B 686 39.36 54.32 9.10
N MET B 687 39.00 55.60 9.10
CA MET B 687 37.88 56.06 9.93
C MET B 687 36.52 55.73 9.32
N PHE B 688 36.44 55.74 8.00
CA PHE B 688 35.14 55.76 7.33
C PHE B 688 34.84 54.56 6.39
N ASP B 689 35.80 53.67 6.14
CA ASP B 689 35.54 52.65 5.12
C ASP B 689 34.58 51.55 5.60
N ARG B 690 34.01 51.72 6.79
CA ARG B 690 32.93 50.86 7.24
C ARG B 690 31.67 51.67 7.53
N SER B 691 31.55 52.82 6.87
CA SER B 691 30.41 53.71 7.11
C SER B 691 29.82 54.26 5.81
N GLU B 692 28.73 55.01 5.95
CA GLU B 692 28.03 55.55 4.80
C GLU B 692 28.86 56.57 4.03
N VAL B 693 29.93 57.05 4.65
CA VAL B 693 30.83 58.00 4.00
C VAL B 693 31.61 57.36 2.85
N TYR B 694 31.89 56.07 2.97
CA TYR B 694 32.78 55.37 2.05
C TYR B 694 32.37 55.49 0.58
N GLY B 695 31.09 55.26 0.30
CA GLY B 695 30.57 55.35 -1.06
C GLY B 695 30.86 56.67 -1.76
N PRO B 696 30.41 57.78 -1.17
CA PRO B 696 30.70 59.10 -1.76
C PRO B 696 32.19 59.44 -1.80
N MET B 697 32.95 58.96 -0.81
CA MET B 697 34.39 59.24 -0.79
C MET B 697 35.10 58.62 -2.00
N LYS B 698 34.79 57.36 -2.28
CA LYS B 698 35.37 56.67 -3.43
C LYS B 698 34.93 57.33 -4.75
N LYS B 699 33.67 57.76 -4.80
CA LYS B 699 33.15 58.42 -6.00
C LYS B 699 33.96 59.69 -6.26
N TYR B 700 34.23 60.45 -5.21
CA TYR B 700 35.05 61.65 -5.34
C TYR B 700 36.44 61.32 -5.83
N LEU B 701 37.06 60.29 -5.26
CA LEU B 701 38.41 59.90 -5.65
C LEU B 701 38.48 59.39 -7.09
N ARG B 702 37.45 58.66 -7.54
CA ARG B 702 37.39 58.24 -8.94
C ARG B 702 37.41 59.45 -9.87
N LYS B 703 36.60 60.44 -9.52
CA LYS B 703 36.46 61.65 -10.33
C LYS B 703 37.77 62.43 -10.42
N GLN B 704 38.48 62.56 -9.31
CA GLN B 704 39.71 63.35 -9.28
C GLN B 704 40.88 62.64 -9.97
N VAL B 705 40.93 61.32 -9.86
CA VAL B 705 42.09 60.59 -10.36
C VAL B 705 41.93 60.15 -11.82
N GLU B 706 40.71 60.12 -12.34
CA GLU B 706 40.49 59.66 -13.71
C GLU B 706 41.33 60.44 -14.73
N PRO B 707 41.35 61.79 -14.67
CA PRO B 707 42.20 62.50 -15.63
C PRO B 707 43.69 62.15 -15.52
N LEU B 708 44.17 61.83 -14.34
CA LEU B 708 45.58 61.46 -14.19
C LEU B 708 45.81 60.08 -14.78
N PHE B 709 44.85 59.19 -14.58
CA PHE B 709 44.91 57.84 -15.14
C PHE B 709 44.94 57.91 -16.66
N GLN B 710 44.09 58.77 -17.21
CA GLN B 710 44.03 58.96 -18.65
C GLN B 710 45.32 59.59 -19.17
N HIS B 711 45.87 60.52 -18.41
CA HIS B 711 47.17 61.08 -18.71
C HIS B 711 48.22 59.98 -18.80
N PHE B 712 48.18 59.06 -17.82
CA PHE B 712 49.19 58.02 -17.80
C PHE B 712 48.86 56.91 -18.81
N GLU B 713 47.61 56.80 -19.24
CA GLU B 713 47.35 55.85 -20.28
C GLU B 713 47.96 56.27 -21.64
N THR B 714 47.98 57.57 -21.94
CA THR B 714 48.43 58.05 -23.24
C THR B 714 49.96 58.16 -23.39
N LEU B 715 50.62 58.92 -22.48
CA LEU B 715 52.09 59.10 -22.44
C LEU B 715 52.82 57.76 -22.34
N THR B 716 52.26 56.76 -21.65
CA THR B 716 52.92 55.45 -21.52
C THR B 716 52.64 54.53 -22.71
N LYS B 717 51.86 55.01 -23.67
CA LYS B 717 51.49 54.22 -24.85
C LYS B 717 50.83 52.90 -24.47
N ASN B 718 49.65 53.00 -23.87
CA ASN B 718 48.93 51.83 -23.35
C ASN B 718 49.75 51.01 -22.37
N TRP B 719 50.42 51.71 -21.45
CA TRP B 719 51.12 51.10 -20.32
C TRP B 719 52.33 50.26 -20.73
N THR B 720 52.87 50.50 -21.92
CA THR B 720 54.01 49.75 -22.41
C THR B 720 55.36 50.43 -22.13
N GLU B 721 55.34 51.75 -22.03
CA GLU B 721 56.58 52.52 -21.80
C GLU B 721 56.49 53.32 -20.50
N ARG B 722 57.38 53.03 -19.55
CA ARG B 722 57.35 53.72 -18.27
C ARG B 722 57.82 55.16 -18.40
N PRO B 723 57.30 56.05 -17.55
CA PRO B 723 57.80 57.43 -17.43
C PRO B 723 59.30 57.46 -17.15
N GLU B 724 59.97 58.54 -17.52
CA GLU B 724 61.43 58.58 -17.48
C GLU B 724 62.00 58.64 -16.06
N ASN B 725 61.72 59.71 -15.33
CA ASN B 725 62.38 59.87 -14.03
C ASN B 725 61.62 59.20 -12.88
N LEU B 726 62.27 59.16 -11.72
CA LEU B 726 61.73 58.47 -10.55
C LEU B 726 60.38 59.00 -10.10
N MET B 727 60.30 60.31 -9.90
CA MET B 727 59.06 60.93 -9.42
C MET B 727 57.86 60.60 -10.31
N ASP B 728 58.06 60.68 -11.62
CA ASP B 728 56.96 60.42 -12.55
C ASP B 728 56.56 58.94 -12.56
N GLN B 729 57.53 58.07 -12.34
CA GLN B 729 57.24 56.65 -12.18
C GLN B 729 56.44 56.43 -10.90
N TYR B 730 56.83 57.13 -9.82
CA TYR B 730 56.09 57.06 -8.56
C TYR B 730 54.68 57.60 -8.75
N SER B 731 54.59 58.69 -9.51
CA SER B 731 53.29 59.30 -9.80
C SER B 731 52.37 58.31 -10.49
N GLU B 732 52.90 57.59 -11.48
CA GLU B 732 52.11 56.61 -12.20
C GLU B 732 51.61 55.51 -11.28
N ILE B 733 52.50 54.99 -10.44
CA ILE B 733 52.17 53.91 -9.53
C ILE B 733 51.01 54.30 -8.63
N ASN B 734 51.07 55.50 -8.06
CA ASN B 734 50.00 56.01 -7.19
C ASN B 734 48.69 56.22 -7.94
N ALA B 735 48.76 56.71 -9.18
CA ALA B 735 47.57 56.96 -9.96
C ALA B 735 46.84 55.66 -10.26
N ILE B 736 47.61 54.64 -10.65
CA ILE B 736 47.06 53.33 -10.98
C ILE B 736 46.45 52.69 -9.74
N SER B 737 47.19 52.74 -8.64
CA SER B 737 46.72 52.22 -7.37
C SER B 737 45.39 52.85 -6.94
N THR B 738 45.38 54.18 -6.93
CA THR B 738 44.21 54.97 -6.55
C THR B 738 43.01 54.68 -7.46
N ALA B 739 43.24 54.66 -8.77
CA ALA B 739 42.17 54.38 -9.73
C ALA B 739 41.54 53.01 -9.47
N CYS B 740 42.37 51.99 -9.30
CA CYS B 740 41.86 50.65 -9.01
C CYS B 740 41.26 50.54 -7.61
N SER B 741 41.91 51.14 -6.61
CA SER B 741 41.41 51.09 -5.24
C SER B 741 40.03 51.70 -5.10
N ASN B 742 39.75 52.72 -5.90
CA ASN B 742 38.49 53.42 -5.78
C ASN B 742 37.48 52.98 -6.82
N GLY B 743 37.82 51.94 -7.57
CA GLY B 743 36.88 51.29 -8.45
C GLY B 743 36.67 51.93 -9.82
N LEU B 744 37.68 52.63 -10.31
CA LEU B 744 37.60 53.19 -11.66
C LEU B 744 37.55 52.05 -12.68
N PRO B 745 36.48 52.00 -13.49
CA PRO B 745 36.22 50.85 -14.37
C PRO B 745 37.38 50.56 -15.35
N GLN B 746 37.99 51.61 -15.91
CA GLN B 746 39.13 51.43 -16.81
C GLN B 746 40.28 50.66 -16.15
N CYS B 747 40.55 50.96 -14.87
CA CYS B 747 41.62 50.29 -14.17
C CYS B 747 41.27 48.85 -13.81
N GLU B 748 40.02 48.62 -13.40
CA GLU B 748 39.58 47.27 -13.07
C GLU B 748 39.69 46.35 -14.28
N ASN B 749 39.31 46.87 -15.46
CA ASN B 749 39.38 46.09 -16.68
C ASN B 749 40.82 45.83 -17.10
N LEU B 750 41.69 46.81 -16.90
CA LEU B 750 43.11 46.65 -17.17
C LEU B 750 43.70 45.55 -16.30
N ALA B 751 43.43 45.62 -15.01
CA ALA B 751 43.98 44.64 -14.06
C ALA B 751 43.47 43.23 -14.38
N LYS B 752 42.17 43.13 -14.66
CA LYS B 752 41.55 41.85 -15.02
C LYS B 752 42.20 41.24 -16.25
N THR B 753 42.32 42.04 -17.31
CA THR B 753 42.87 41.56 -18.58
C THR B 753 44.32 41.09 -18.44
N LEU B 754 45.12 41.87 -17.72
CA LEU B 754 46.53 41.54 -17.56
C LEU B 754 46.71 40.27 -16.74
N PHE B 755 45.97 40.15 -15.65
CA PHE B 755 46.09 39.01 -14.76
C PHE B 755 45.55 37.76 -15.44
N ASP B 756 44.49 37.92 -16.22
CA ASP B 756 43.98 36.83 -17.05
C ASP B 756 45.08 36.35 -18.01
N GLN B 757 45.77 37.31 -18.61
CA GLN B 757 46.80 36.98 -19.59
C GLN B 757 47.96 36.22 -18.95
N TRP B 758 48.32 36.63 -17.72
CA TRP B 758 49.39 35.97 -16.98
C TRP B 758 49.03 34.52 -16.65
N MET B 759 47.81 34.30 -16.18
CA MET B 759 47.38 32.97 -15.80
C MET B 759 47.37 32.02 -17.02
N SER B 760 47.23 32.59 -18.22
CA SER B 760 47.24 31.79 -19.44
C SER B 760 48.65 31.48 -19.90
N ASP B 761 49.63 32.24 -19.42
CA ASP B 761 51.02 32.04 -19.78
C ASP B 761 51.96 32.38 -18.60
N PRO B 762 51.89 31.57 -17.53
CA PRO B 762 52.56 31.85 -16.24
C PRO B 762 54.04 32.18 -16.33
N GLU B 763 54.74 31.62 -17.33
CA GLU B 763 56.18 31.82 -17.44
C GLU B 763 56.53 33.18 -18.04
N ASN B 764 55.60 33.76 -18.79
CA ASN B 764 55.81 35.10 -19.35
C ASN B 764 54.91 36.14 -18.69
N ASN B 765 55.35 36.67 -17.56
CA ASN B 765 54.61 37.72 -16.85
C ASN B 765 54.52 38.99 -17.69
N PRO B 766 53.29 39.40 -18.06
CA PRO B 766 53.07 40.56 -18.93
C PRO B 766 52.97 41.87 -18.17
N ILE B 767 53.10 41.82 -16.85
CA ILE B 767 52.90 43.01 -16.03
C ILE B 767 54.24 43.59 -15.61
N HIS B 768 54.47 44.86 -15.92
CA HIS B 768 55.69 45.54 -15.50
C HIS B 768 55.73 45.54 -13.97
N PRO B 769 56.92 45.25 -13.41
CA PRO B 769 57.15 45.23 -11.96
C PRO B 769 56.57 46.44 -11.22
N ASN B 770 56.69 47.63 -11.79
CA ASN B 770 56.13 48.84 -11.19
C ASN B 770 54.63 48.74 -10.91
N LEU B 771 53.94 47.96 -11.74
CA LEU B 771 52.48 47.94 -11.73
C LEU B 771 51.92 46.71 -11.02
N ARG B 772 52.79 45.76 -10.70
CA ARG B 772 52.33 44.45 -10.25
C ARG B 772 51.54 44.50 -8.95
N SER B 773 51.97 45.32 -7.99
CA SER B 773 51.32 45.34 -6.67
C SER B 773 49.85 45.75 -6.79
N THR B 774 49.56 46.68 -7.68
CA THR B 774 48.19 47.12 -7.88
C THR B 774 47.39 46.13 -8.73
N ILE B 775 47.97 45.72 -9.86
CA ILE B 775 47.32 44.76 -10.75
C ILE B 775 47.01 43.44 -10.04
N TYR B 776 48.00 42.88 -9.33
CA TYR B 776 47.80 41.66 -8.55
C TYR B 776 46.66 41.82 -7.53
N CYS B 777 46.68 42.91 -6.77
CA CYS B 777 45.69 43.11 -5.73
C CYS B 777 44.28 43.21 -6.29
N ASN B 778 44.11 44.04 -7.31
CA ASN B 778 42.78 44.30 -7.85
C ASN B 778 42.17 43.08 -8.54
N ALA B 779 43.03 42.29 -9.20
CA ALA B 779 42.57 41.08 -9.89
C ALA B 779 42.14 40.01 -8.89
N ILE B 780 42.87 39.91 -7.79
CA ILE B 780 42.50 38.98 -6.73
C ILE B 780 41.23 39.43 -6.04
N ALA B 781 41.06 40.74 -5.89
CA ALA B 781 39.85 41.29 -5.29
C ALA B 781 38.64 41.06 -6.19
N GLN B 782 38.82 41.27 -7.50
CA GLN B 782 37.76 41.04 -8.47
C GLN B 782 37.45 39.56 -8.63
N GLY B 783 38.48 38.74 -8.52
CA GLY B 783 38.37 37.34 -8.88
C GLY B 783 37.85 36.46 -7.76
N GLY B 784 38.19 35.18 -7.84
CA GLY B 784 37.80 34.24 -6.81
C GLY B 784 38.95 33.33 -6.43
N GLN B 785 38.65 32.08 -6.14
CA GLN B 785 39.66 31.16 -5.63
C GLN B 785 40.68 30.80 -6.70
N ASP B 786 40.25 30.79 -7.96
CA ASP B 786 41.16 30.49 -9.07
C ASP B 786 42.35 31.45 -9.07
N GLN B 787 42.06 32.74 -9.01
CA GLN B 787 43.11 33.74 -8.96
C GLN B 787 43.95 33.61 -7.69
N TRP B 788 43.29 33.38 -6.56
CA TRP B 788 44.00 33.30 -5.28
C TRP B 788 44.97 32.14 -5.27
N ASP B 789 44.47 30.95 -5.57
CA ASP B 789 45.30 29.74 -5.56
C ASP B 789 46.44 29.82 -6.58
N PHE B 790 46.19 30.47 -7.72
CA PHE B 790 47.25 30.70 -8.70
C PHE B 790 48.38 31.52 -8.10
N ALA B 791 48.02 32.66 -7.50
CA ALA B 791 49.01 33.55 -6.91
C ALA B 791 49.72 32.88 -5.75
N TRP B 792 49.00 32.04 -5.00
CA TRP B 792 49.61 31.30 -3.91
C TRP B 792 50.68 30.33 -4.45
N GLY B 793 50.39 29.70 -5.57
CA GLY B 793 51.36 28.82 -6.23
C GLY B 793 52.60 29.57 -6.68
N GLN B 794 52.40 30.75 -7.25
CA GLN B 794 53.49 31.62 -7.63
C GLN B 794 54.33 32.02 -6.42
N LEU B 795 53.67 32.33 -5.31
CA LEU B 795 54.36 32.71 -4.07
C LEU B 795 55.27 31.60 -3.55
N GLN B 796 54.74 30.39 -3.48
CA GLN B 796 55.50 29.29 -2.87
C GLN B 796 56.67 28.84 -3.74
N GLN B 797 56.72 29.29 -4.99
CA GLN B 797 57.81 28.91 -5.87
C GLN B 797 58.73 30.10 -6.18
N ALA B 798 58.44 31.24 -5.56
CA ALA B 798 59.14 32.49 -5.84
C ALA B 798 60.63 32.40 -5.50
N GLN B 799 61.43 33.10 -6.28
CA GLN B 799 62.86 32.88 -6.34
C GLN B 799 63.47 34.26 -6.30
N LEU B 800 62.58 35.24 -6.28
CA LEU B 800 62.91 36.65 -6.05
C LEU B 800 62.03 37.15 -4.91
N VAL B 801 62.63 37.65 -3.85
CA VAL B 801 61.88 38.10 -2.68
C VAL B 801 60.96 39.28 -2.99
N ASN B 802 61.40 40.18 -3.88
CA ASN B 802 60.57 41.31 -4.29
C ASN B 802 59.22 40.81 -4.79
N GLU B 803 59.25 39.75 -5.59
CA GLU B 803 58.03 39.21 -6.19
C GLU B 803 57.18 38.49 -5.15
N ALA B 804 57.83 37.77 -4.25
CA ALA B 804 57.12 37.12 -3.15
C ALA B 804 56.44 38.19 -2.30
N ASP B 805 57.15 39.28 -2.05
CA ASP B 805 56.61 40.38 -1.25
C ASP B 805 55.31 40.92 -1.83
N LYS B 806 55.30 41.10 -3.15
CA LYS B 806 54.12 41.62 -3.84
C LYS B 806 52.97 40.63 -3.80
N LEU B 807 53.31 39.35 -3.93
CA LEU B 807 52.30 38.31 -3.91
C LEU B 807 51.67 38.21 -2.52
N ARG B 808 52.48 38.27 -1.46
CA ARG B 808 51.97 38.21 -0.10
C ARG B 808 50.96 39.32 0.21
N SER B 809 51.28 40.53 -0.26
CA SER B 809 50.38 41.67 -0.04
C SER B 809 49.10 41.56 -0.87
N ALA B 810 49.21 41.09 -2.10
CA ALA B 810 48.05 41.00 -2.99
C ALA B 810 47.06 39.92 -2.55
N LEU B 811 47.57 38.84 -1.96
CA LEU B 811 46.73 37.76 -1.48
C LEU B 811 45.79 38.22 -0.38
N ALA B 812 46.17 39.29 0.31
CA ALA B 812 45.36 39.86 1.38
C ALA B 812 44.19 40.68 0.85
N CYS B 813 44.08 40.78 -0.48
CA CYS B 813 43.05 41.60 -1.11
C CYS B 813 41.78 40.82 -1.47
N SER B 814 41.76 39.53 -1.15
CA SER B 814 40.57 38.72 -1.40
C SER B 814 39.34 39.32 -0.72
N ASN B 815 38.17 39.20 -1.36
CA ASN B 815 36.94 39.67 -0.75
C ASN B 815 36.14 38.53 -0.12
N GLU B 816 36.78 37.38 0.04
CA GLU B 816 36.13 36.21 0.63
C GLU B 816 36.69 35.89 2.01
N VAL B 817 35.82 35.88 3.01
CA VAL B 817 36.24 35.65 4.40
C VAL B 817 37.03 34.35 4.58
N TRP B 818 36.54 33.25 3.99
CA TRP B 818 37.17 31.95 4.20
C TRP B 818 38.59 31.90 3.65
N LEU B 819 38.86 32.62 2.55
CA LEU B 819 40.21 32.68 2.00
C LEU B 819 41.13 33.51 2.88
N LEU B 820 40.63 34.63 3.40
CA LEU B 820 41.43 35.48 4.28
C LEU B 820 41.75 34.79 5.61
N ASN B 821 40.77 34.09 6.18
CA ASN B 821 41.00 33.35 7.43
C ASN B 821 41.95 32.18 7.22
N ARG B 822 41.80 31.49 6.11
CA ARG B 822 42.71 30.40 5.77
C ARG B 822 44.13 30.94 5.59
N TYR B 823 44.24 32.14 4.99
CA TYR B 823 45.52 32.82 4.81
C TYR B 823 46.17 33.16 6.15
N LEU B 824 45.38 33.75 7.07
CA LEU B 824 45.86 34.06 8.41
C LEU B 824 46.45 32.82 9.09
N GLY B 825 45.78 31.68 8.95
CA GLY B 825 46.28 30.43 9.49
C GLY B 825 47.67 30.09 8.99
N TYR B 826 47.93 30.36 7.71
CA TYR B 826 49.24 30.09 7.12
C TYR B 826 50.36 30.92 7.75
N THR B 827 50.04 32.13 8.21
CA THR B 827 51.08 33.07 8.67
C THR B 827 51.89 32.57 9.86
N LEU B 828 51.31 31.65 10.64
CA LEU B 828 52.04 31.06 11.77
C LEU B 828 52.60 29.68 11.44
N ASN B 829 52.69 29.38 10.14
CA ASN B 829 53.31 28.14 9.65
C ASN B 829 54.58 28.45 8.88
N PRO B 830 55.75 28.22 9.51
CA PRO B 830 57.07 28.60 8.96
C PRO B 830 57.39 27.97 7.61
N ASP B 831 56.79 26.83 7.29
CA ASP B 831 56.97 26.19 5.99
C ASP B 831 56.31 27.01 4.87
N LEU B 832 55.31 27.81 5.24
CA LEU B 832 54.53 28.55 4.27
C LEU B 832 54.85 30.04 4.28
N ILE B 833 55.02 30.58 5.49
CA ILE B 833 55.34 31.98 5.68
C ILE B 833 56.49 32.08 6.67
N ARG B 834 57.62 32.62 6.27
CA ARG B 834 58.78 32.75 7.17
C ARG B 834 58.40 33.64 8.35
N LYS B 835 58.95 33.35 9.53
CA LYS B 835 58.72 34.16 10.72
C LYS B 835 59.01 35.65 10.49
N GLN B 836 59.99 35.94 9.64
CA GLN B 836 60.35 37.33 9.32
C GLN B 836 59.22 38.08 8.62
N ASP B 837 58.28 37.34 8.05
CA ASP B 837 57.21 37.93 7.23
C ASP B 837 55.82 37.74 7.83
N ALA B 838 55.74 37.12 8.99
CA ALA B 838 54.43 36.76 9.55
C ALA B 838 53.59 37.98 9.92
N THR B 839 54.19 38.92 10.64
CA THR B 839 53.41 40.04 11.15
C THR B 839 52.99 40.99 10.05
N SER B 840 53.86 41.21 9.07
CA SER B 840 53.56 42.11 7.95
C SER B 840 52.41 41.56 7.11
N THR B 841 52.35 40.23 7.00
CA THR B 841 51.26 39.58 6.29
C THR B 841 49.94 39.72 7.05
N ILE B 842 50.01 39.56 8.36
CA ILE B 842 48.83 39.75 9.21
C ILE B 842 48.31 41.18 9.11
N ASN B 843 49.24 42.15 9.14
CA ASN B 843 48.88 43.55 8.96
C ASN B 843 48.21 43.83 7.62
N SER B 844 48.71 43.20 6.56
CA SER B 844 48.15 43.35 5.22
C SER B 844 46.68 42.89 5.15
N ILE B 845 46.42 41.74 5.75
CA ILE B 845 45.06 41.22 5.84
C ILE B 845 44.16 42.15 6.65
N ALA B 846 44.69 42.69 7.76
CA ALA B 846 43.92 43.63 8.59
C ALA B 846 43.59 44.91 7.83
N SER B 847 44.42 45.27 6.86
CA SER B 847 44.19 46.47 6.06
C SER B 847 42.95 46.32 5.19
N ASN B 848 42.65 45.07 4.82
CA ASN B 848 41.40 44.74 4.12
C ASN B 848 40.22 44.93 5.06
N VAL B 849 39.22 45.69 4.62
CA VAL B 849 38.09 46.03 5.48
C VAL B 849 37.39 44.76 6.00
N ILE B 850 37.37 43.71 5.17
CA ILE B 850 36.82 42.43 5.55
C ILE B 850 37.79 41.65 6.44
N GLY B 851 39.09 41.91 6.26
CA GLY B 851 40.10 41.26 7.06
C GLY B 851 40.30 41.88 8.43
N GLN B 852 39.80 43.10 8.62
CA GLN B 852 39.99 43.81 9.89
C GLN B 852 39.53 42.99 11.12
N PRO B 853 38.25 42.55 11.16
CA PRO B 853 37.88 41.79 12.36
C PRO B 853 38.59 40.43 12.44
N LEU B 854 38.83 39.80 11.30
CA LEU B 854 39.53 38.51 11.28
C LEU B 854 40.92 38.61 11.91
N ALA B 855 41.63 39.68 11.61
CA ALA B 855 43.01 39.83 12.07
C ALA B 855 43.06 40.24 13.54
N TRP B 856 42.15 41.11 13.93
CA TRP B 856 42.09 41.55 15.32
C TRP B 856 41.74 40.36 16.22
N ASP B 857 40.77 39.56 15.80
CA ASP B 857 40.46 38.31 16.50
C ASP B 857 41.66 37.36 16.50
N PHE B 858 42.31 37.22 15.35
CA PHE B 858 43.45 36.32 15.21
C PHE B 858 44.60 36.73 16.14
N VAL B 859 44.88 38.03 16.18
CA VAL B 859 45.96 38.55 17.02
C VAL B 859 45.68 38.29 18.50
N GLN B 860 44.45 38.55 18.93
CA GLN B 860 44.04 38.30 20.31
C GLN B 860 44.11 36.82 20.68
N SER B 861 43.61 35.96 19.78
CA SER B 861 43.54 34.53 20.07
C SER B 861 44.92 33.90 20.09
N ASN B 862 45.84 34.45 19.30
CA ASN B 862 47.20 33.90 19.19
C ASN B 862 48.25 34.73 19.91
N TRP B 863 47.82 35.56 20.86
CA TRP B 863 48.69 36.54 21.50
C TRP B 863 49.93 35.93 22.18
N LYS B 864 49.74 34.83 22.90
CA LYS B 864 50.84 34.20 23.62
C LYS B 864 52.00 33.86 22.69
N LYS B 865 51.69 33.20 21.58
CA LYS B 865 52.70 32.88 20.58
C LYS B 865 53.29 34.12 19.95
N LEU B 866 52.44 35.10 19.66
CA LEU B 866 52.89 36.35 19.05
C LEU B 866 53.81 37.13 20.00
N PHE B 867 53.46 37.16 21.28
CA PHE B 867 54.28 37.86 22.25
C PHE B 867 55.63 37.17 22.49
N GLN B 868 55.61 35.85 22.61
CA GLN B 868 56.84 35.10 22.85
C GLN B 868 57.78 35.17 21.65
N ASP B 869 57.22 35.22 20.44
CA ASP B 869 58.03 35.25 19.23
C ASP B 869 58.55 36.66 18.90
N TYR B 870 57.74 37.69 19.13
CA TYR B 870 58.09 39.05 18.69
C TYR B 870 58.13 40.09 19.81
N GLY B 871 57.48 39.79 20.94
CA GLY B 871 57.29 40.78 22.00
C GLY B 871 58.53 41.35 22.65
N GLY B 872 59.71 40.84 22.30
CA GLY B 872 60.95 41.40 22.80
C GLY B 872 61.78 42.06 21.72
N GLY B 873 61.26 42.08 20.50
CA GLY B 873 62.02 42.56 19.35
C GLY B 873 61.65 43.95 18.89
N SER B 874 62.40 44.47 17.92
CA SER B 874 62.12 45.78 17.38
C SER B 874 61.25 45.68 16.13
N PHE B 875 60.46 46.73 15.90
CA PHE B 875 59.68 46.95 14.67
C PHE B 875 58.43 46.06 14.54
N SER B 876 58.63 44.76 14.37
CA SER B 876 57.53 43.85 13.99
C SER B 876 56.35 43.84 14.96
N PHE B 877 56.66 43.76 16.25
CA PHE B 877 55.63 43.64 17.27
C PHE B 877 54.86 44.96 17.43
N SER B 878 55.60 46.06 17.42
CA SER B 878 55.02 47.38 17.53
C SER B 878 54.14 47.68 16.31
N ASN B 879 54.65 47.36 15.12
CA ASN B 879 53.90 47.57 13.89
C ASN B 879 52.62 46.74 13.81
N LEU B 880 52.65 45.55 14.39
CA LEU B 880 51.46 44.69 14.44
C LEU B 880 50.36 45.36 15.26
N ILE B 881 50.70 45.80 16.47
CA ILE B 881 49.72 46.42 17.36
C ILE B 881 49.13 47.69 16.74
N GLN B 882 50.00 48.57 16.24
CA GLN B 882 49.57 49.79 15.55
C GLN B 882 48.69 49.44 14.34
N GLY B 883 49.08 48.38 13.63
CA GLY B 883 48.39 47.98 12.41
C GLY B 883 46.94 47.55 12.61
N VAL B 884 46.71 46.66 13.57
CA VAL B 884 45.38 46.10 13.76
C VAL B 884 44.44 47.01 14.56
N THR B 885 44.96 48.07 15.18
CA THR B 885 44.13 48.96 15.97
C THR B 885 43.87 50.32 15.31
N ARG B 886 44.46 50.54 14.14
CA ARG B 886 44.38 51.84 13.43
C ARG B 886 42.96 52.33 13.19
N ARG B 887 42.04 51.39 12.95
CA ARG B 887 40.69 51.74 12.54
C ARG B 887 39.80 52.16 13.70
N PHE B 888 40.17 51.79 14.92
CA PHE B 888 39.27 51.95 16.07
C PHE B 888 38.82 53.39 16.22
N SER B 889 37.51 53.60 16.24
CA SER B 889 36.95 54.95 16.28
C SER B 889 35.62 55.01 17.02
N SER B 890 35.33 53.98 17.81
CA SER B 890 34.08 53.92 18.56
C SER B 890 34.35 53.58 20.03
N GLU B 891 33.40 53.93 20.90
CA GLU B 891 33.53 53.60 22.32
C GLU B 891 33.64 52.09 22.53
N PHE B 892 32.93 51.31 21.71
CA PHE B 892 32.98 49.87 21.82
C PHE B 892 34.36 49.33 21.48
N GLU B 893 34.95 49.86 20.42
CA GLU B 893 36.28 49.41 20.00
C GLU B 893 37.33 49.76 21.05
N LEU B 894 37.16 50.92 21.69
CA LEU B 894 38.06 51.37 22.74
C LEU B 894 37.95 50.46 23.97
N GLN B 895 36.72 50.06 24.31
CA GLN B 895 36.51 49.19 25.44
C GLN B 895 37.13 47.83 25.19
N GLN B 896 37.07 47.37 23.95
CA GLN B 896 37.64 46.07 23.59
C GLN B 896 39.17 46.12 23.64
N LEU B 897 39.75 47.24 23.23
CA LEU B 897 41.20 47.45 23.35
C LEU B 897 41.62 47.46 24.83
N GLU B 898 40.84 48.17 25.65
CA GLU B 898 41.13 48.23 27.09
C GLU B 898 41.00 46.86 27.76
N GLN B 899 40.00 46.09 27.34
CA GLN B 899 39.81 44.74 27.88
C GLN B 899 40.96 43.85 27.47
N PHE B 900 41.39 43.99 26.22
CA PHE B 900 42.55 43.27 25.73
C PHE B 900 43.78 43.60 26.56
N LYS B 901 43.93 44.86 26.91
CA LYS B 901 45.06 45.31 27.73
C LYS B 901 44.99 44.68 29.12
N LYS B 902 43.80 44.72 29.72
CA LYS B 902 43.61 44.16 31.05
C LYS B 902 43.89 42.66 31.08
N ASN B 903 43.39 41.96 30.07
CA ASN B 903 43.58 40.51 29.98
C ASN B 903 45.04 40.09 29.94
N ASN B 904 45.88 40.92 29.34
CA ASN B 904 47.29 40.55 29.15
C ASN B 904 48.26 41.43 29.93
N MET B 905 47.80 42.03 31.02
CA MET B 905 48.64 42.93 31.82
C MET B 905 49.74 42.21 32.61
N ASP B 906 49.40 41.05 33.18
CA ASP B 906 50.34 40.32 34.03
C ASP B 906 51.66 40.03 33.31
N VAL B 907 51.56 39.55 32.08
CA VAL B 907 52.77 39.33 31.26
C VAL B 907 53.30 40.66 30.74
N GLY B 908 52.41 41.53 30.29
CA GLY B 908 52.80 42.82 29.76
C GLY B 908 52.88 42.82 28.25
N PHE B 909 53.31 43.94 27.68
CA PHE B 909 53.32 44.08 26.23
C PHE B 909 54.71 44.34 25.65
N GLY B 910 55.73 44.11 26.45
CA GLY B 910 57.11 44.14 25.99
C GLY B 910 57.52 45.36 25.17
N SER B 911 58.09 45.10 24.00
CA SER B 911 58.57 46.18 23.13
C SER B 911 57.44 46.81 22.33
N GLY B 912 56.20 46.51 22.72
CA GLY B 912 55.03 47.13 22.13
C GLY B 912 54.25 47.91 23.18
N THR B 913 54.90 48.17 24.31
CA THR B 913 54.22 48.81 25.44
C THR B 913 53.81 50.26 25.13
N ARG B 914 54.72 51.05 24.56
CA ARG B 914 54.37 52.41 24.17
C ARG B 914 53.41 52.41 22.97
N ALA B 915 53.58 51.44 22.08
CA ALA B 915 52.69 51.31 20.93
C ALA B 915 51.24 51.14 21.38
N LEU B 916 51.02 50.32 22.41
CA LEU B 916 49.68 50.12 22.95
C LEU B 916 49.12 51.41 23.56
N GLU B 917 49.95 52.16 24.27
CA GLU B 917 49.49 53.40 24.88
C GLU B 917 49.09 54.42 23.82
N GLN B 918 49.90 54.55 22.78
CA GLN B 918 49.60 55.43 21.65
C GLN B 918 48.33 54.97 20.93
N ALA B 919 48.17 53.66 20.82
CA ALA B 919 46.98 53.09 20.21
C ALA B 919 45.73 53.47 20.98
N LEU B 920 45.83 53.47 22.31
CA LEU B 920 44.69 53.85 23.15
C LEU B 920 44.37 55.34 23.01
N GLU B 921 45.40 56.18 23.08
CA GLU B 921 45.21 57.62 22.95
C GLU B 921 44.59 57.97 21.60
N LYS B 922 45.11 57.37 20.54
CA LYS B 922 44.66 57.69 19.19
C LYS B 922 43.21 57.25 18.94
N THR B 923 42.80 56.15 19.57
CA THR B 923 41.42 55.68 19.39
C THR B 923 40.45 56.62 20.10
N LYS B 924 40.85 57.13 21.25
CA LYS B 924 40.03 58.10 21.99
C LYS B 924 39.86 59.37 21.16
N ALA B 925 40.94 59.79 20.51
CA ALA B 925 40.88 60.97 19.66
C ALA B 925 40.01 60.69 18.44
N ASN B 926 40.14 59.49 17.87
CA ASN B 926 39.34 59.11 16.70
C ASN B 926 37.84 59.09 16.98
N ILE B 927 37.48 58.67 18.19
CA ILE B 927 36.07 58.66 18.61
C ILE B 927 35.46 60.05 18.52
N LYS B 928 36.20 61.03 19.03
CA LYS B 928 35.73 62.41 19.04
C LYS B 928 35.70 62.99 17.63
N TRP B 929 36.78 62.77 16.87
CA TRP B 929 36.87 63.31 15.51
C TRP B 929 35.78 62.75 14.59
N VAL B 930 35.54 61.45 14.65
CA VAL B 930 34.53 60.86 13.78
C VAL B 930 33.15 61.44 14.09
N LYS B 931 32.82 61.51 15.38
CA LYS B 931 31.53 62.05 15.83
C LYS B 931 31.30 63.48 15.35
N GLU B 932 32.35 64.30 15.39
CA GLU B 932 32.21 65.72 15.11
C GLU B 932 32.37 66.03 13.62
N ASN B 933 32.93 65.09 12.87
CA ASN B 933 33.29 65.34 11.47
C ASN B 933 32.42 64.62 10.45
N LYS B 934 31.80 63.52 10.88
CA LYS B 934 31.10 62.63 9.96
C LYS B 934 30.11 63.34 9.03
N GLU B 935 29.29 64.22 9.60
CA GLU B 935 28.21 64.86 8.84
C GLU B 935 28.74 65.79 7.75
N VAL B 936 29.68 66.66 8.12
CA VAL B 936 30.25 67.61 7.18
C VAL B 936 31.02 66.89 6.07
N VAL B 937 31.77 65.85 6.47
CA VAL B 937 32.55 65.07 5.52
C VAL B 937 31.65 64.37 4.51
N LEU B 938 30.59 63.74 5.01
CA LEU B 938 29.67 63.03 4.14
C LEU B 938 29.08 63.98 3.09
N ASN B 939 28.54 65.10 3.57
CA ASN B 939 27.94 66.09 2.68
C ASN B 939 28.93 66.69 1.67
N TRP B 940 30.16 66.89 2.10
CA TRP B 940 31.18 67.45 1.21
C TRP B 940 31.46 66.49 0.06
N PHE B 941 31.66 65.22 0.37
CA PHE B 941 31.92 64.24 -0.67
C PHE B 941 30.76 64.14 -1.65
N ILE B 942 29.54 64.09 -1.12
CA ILE B 942 28.35 64.01 -1.95
C ILE B 942 28.28 65.19 -2.92
N GLU B 943 28.49 66.40 -2.40
CA GLU B 943 28.39 67.60 -3.21
C GLU B 943 29.46 67.68 -4.30
N HIS B 944 30.64 67.13 -4.04
CA HIS B 944 31.75 67.28 -4.97
C HIS B 944 32.02 66.06 -5.85
N SER B 945 31.14 65.08 -5.81
CA SER B 945 31.31 63.87 -6.62
C SER B 945 30.18 63.70 -7.62
N ASP C 44 -70.36 -51.85 12.12
CA ASP C 44 -71.71 -52.41 12.16
C ASP C 44 -71.75 -53.78 11.51
N GLN C 45 -71.85 -54.82 12.34
CA GLN C 45 -71.78 -56.20 11.87
C GLN C 45 -73.09 -56.67 11.23
N SER C 46 -74.12 -55.83 11.27
CA SER C 46 -75.40 -56.17 10.65
C SER C 46 -75.32 -55.97 9.15
N LYS C 47 -74.34 -55.20 8.70
CA LYS C 47 -74.13 -54.94 7.29
C LYS C 47 -73.23 -56.02 6.69
N PRO C 48 -73.72 -56.72 5.65
CA PRO C 48 -73.02 -57.86 5.04
C PRO C 48 -71.64 -57.50 4.48
N TRP C 49 -71.48 -56.27 4.04
CA TRP C 49 -70.19 -55.84 3.49
C TRP C 49 -69.17 -55.54 4.58
N ASN C 50 -69.57 -55.71 5.84
CA ASN C 50 -68.67 -55.54 6.96
C ASN C 50 -68.28 -56.88 7.58
N ARG C 51 -68.76 -57.96 6.98
CA ARG C 51 -68.38 -59.31 7.39
C ARG C 51 -67.40 -59.92 6.38
N TYR C 52 -66.50 -60.78 6.86
CA TYR C 52 -65.41 -61.30 6.03
C TYR C 52 -65.80 -62.46 5.10
N ARG C 53 -66.86 -63.18 5.44
CA ARG C 53 -67.33 -64.27 4.59
C ARG C 53 -68.40 -63.73 3.63
N LEU C 54 -68.32 -64.14 2.36
CA LEU C 54 -69.30 -63.72 1.36
C LEU C 54 -70.70 -64.23 1.66
N PRO C 55 -71.73 -63.51 1.21
CA PRO C 55 -73.09 -64.02 1.25
C PRO C 55 -73.23 -65.29 0.42
N THR C 56 -74.28 -66.06 0.64
CA THR C 56 -74.54 -67.25 -0.16
C THR C 56 -75.64 -66.99 -1.18
N THR C 57 -76.07 -65.75 -1.26
CA THR C 57 -77.18 -65.37 -2.14
C THR C 57 -76.81 -65.39 -3.61
N LEU C 58 -75.55 -65.12 -3.90
CA LEU C 58 -75.08 -65.06 -5.27
C LEU C 58 -73.94 -66.04 -5.50
N LEU C 59 -74.03 -66.80 -6.59
CA LEU C 59 -73.01 -67.79 -6.91
C LEU C 59 -72.51 -67.61 -8.33
N PRO C 60 -71.17 -67.56 -8.49
CA PRO C 60 -70.53 -67.38 -9.80
C PRO C 60 -70.69 -68.60 -10.70
N ASP C 61 -70.77 -68.35 -12.00
CA ASP C 61 -70.88 -69.40 -12.99
C ASP C 61 -69.64 -69.40 -13.88
N SER C 62 -69.31 -68.24 -14.44
CA SER C 62 -68.18 -68.14 -15.34
C SER C 62 -67.62 -66.72 -15.39
N TYR C 63 -66.34 -66.61 -15.72
CA TYR C 63 -65.69 -65.31 -15.84
C TYR C 63 -65.07 -65.10 -17.22
N ASN C 64 -65.16 -63.86 -17.71
CA ASN C 64 -64.27 -63.40 -18.76
C ASN C 64 -63.30 -62.41 -18.15
N VAL C 65 -62.00 -62.61 -18.34
CA VAL C 65 -61.02 -61.65 -17.82
C VAL C 65 -59.96 -61.33 -18.87
N THR C 66 -59.85 -60.07 -19.24
CA THR C 66 -58.79 -59.62 -20.14
C THR C 66 -57.81 -58.75 -19.36
N LEU C 67 -56.52 -59.12 -19.39
CA LEU C 67 -55.50 -58.36 -18.67
C LEU C 67 -54.35 -57.92 -19.57
N ARG C 68 -53.83 -56.73 -19.30
CA ARG C 68 -52.78 -56.14 -20.12
C ARG C 68 -51.66 -55.56 -19.28
N PRO C 69 -50.56 -56.30 -19.14
CA PRO C 69 -49.39 -55.84 -18.38
C PRO C 69 -48.57 -54.83 -19.16
N TYR C 70 -48.12 -53.78 -18.49
CA TYR C 70 -47.22 -52.81 -19.08
C TYR C 70 -45.85 -53.00 -18.44
N LEU C 71 -44.93 -53.59 -19.21
CA LEU C 71 -43.65 -54.02 -18.67
C LEU C 71 -42.59 -52.91 -18.66
N THR C 72 -43.03 -51.68 -18.89
CA THR C 72 -42.14 -50.53 -18.70
C THR C 72 -42.85 -49.52 -17.80
N PRO C 73 -42.09 -48.81 -16.94
CA PRO C 73 -42.74 -47.90 -15.99
C PRO C 73 -43.35 -46.68 -16.69
N ASN C 74 -44.44 -46.14 -16.13
CA ASN C 74 -45.02 -44.92 -16.67
C ASN C 74 -44.25 -43.69 -16.22
N ALA C 75 -44.87 -42.52 -16.30
CA ALA C 75 -44.22 -41.27 -15.93
C ALA C 75 -43.89 -41.24 -14.45
N ASP C 76 -44.71 -41.90 -13.64
CA ASP C 76 -44.52 -41.92 -12.19
C ASP C 76 -43.59 -43.03 -11.73
N GLY C 77 -42.96 -43.72 -12.69
CA GLY C 77 -42.07 -44.83 -12.36
C GLY C 77 -42.85 -46.06 -11.96
N LEU C 78 -44.15 -46.04 -12.23
CA LEU C 78 -45.06 -47.12 -11.86
C LEU C 78 -45.19 -48.16 -12.95
N TYR C 79 -45.08 -49.43 -12.57
CA TYR C 79 -45.48 -50.52 -13.46
C TYR C 79 -46.94 -50.84 -13.19
N ILE C 80 -47.79 -50.77 -14.21
CA ILE C 80 -49.20 -51.08 -14.00
C ILE C 80 -49.69 -52.20 -14.91
N PHE C 81 -50.88 -52.71 -14.60
CA PHE C 81 -51.63 -53.54 -15.53
C PHE C 81 -53.04 -52.97 -15.67
N LYS C 82 -53.62 -53.13 -16.84
CA LYS C 82 -55.02 -52.76 -17.05
C LYS C 82 -55.85 -54.02 -17.20
N GLY C 83 -57.11 -53.95 -16.77
CA GLY C 83 -57.99 -55.09 -16.92
C GLY C 83 -59.44 -54.76 -17.20
N LYS C 84 -60.13 -55.69 -17.85
CA LYS C 84 -61.57 -55.63 -17.99
C LYS C 84 -62.14 -57.02 -17.71
N SER C 85 -63.17 -57.09 -16.87
CA SER C 85 -63.75 -58.38 -16.53
C SER C 85 -65.26 -58.36 -16.59
N ILE C 86 -65.82 -59.54 -16.90
CA ILE C 86 -67.25 -59.77 -16.86
C ILE C 86 -67.52 -61.06 -16.10
N VAL C 87 -68.30 -60.99 -15.03
CA VAL C 87 -68.65 -62.20 -14.30
C VAL C 87 -70.13 -62.52 -14.46
N ARG C 88 -70.43 -63.75 -14.81
CA ARG C 88 -71.82 -64.20 -14.81
C ARG C 88 -72.06 -64.98 -13.55
N PHE C 89 -73.09 -64.57 -12.80
CA PHE C 89 -73.48 -65.26 -11.58
C PHE C 89 -74.99 -65.50 -11.57
N ILE C 90 -75.43 -66.45 -10.75
CA ILE C 90 -76.84 -66.71 -10.58
C ILE C 90 -77.30 -66.23 -9.20
N CYS C 91 -78.50 -65.66 -9.15
CA CYS C 91 -79.09 -65.24 -7.88
C CYS C 91 -79.85 -66.40 -7.25
N GLN C 92 -79.39 -66.86 -6.09
CA GLN C 92 -80.02 -67.97 -5.39
C GLN C 92 -81.16 -67.49 -4.50
N GLU C 93 -80.91 -66.42 -3.77
CA GLU C 93 -81.91 -65.80 -2.91
C GLU C 93 -82.02 -64.32 -3.27
N PRO C 94 -83.23 -63.75 -3.19
CA PRO C 94 -83.41 -62.34 -3.54
C PRO C 94 -82.50 -61.44 -2.71
N THR C 95 -81.89 -60.44 -3.34
CA THR C 95 -81.04 -59.50 -2.61
C THR C 95 -80.88 -58.22 -3.42
N ASP C 96 -80.71 -57.10 -2.73
CA ASP C 96 -80.57 -55.81 -3.39
C ASP C 96 -79.13 -55.30 -3.31
N VAL C 97 -78.19 -56.21 -3.09
CA VAL C 97 -76.78 -55.85 -3.08
C VAL C 97 -75.90 -56.94 -3.66
N ILE C 98 -74.92 -56.54 -4.46
CA ILE C 98 -73.91 -57.45 -4.96
C ILE C 98 -72.59 -57.20 -4.23
N ILE C 99 -72.12 -58.20 -3.49
CA ILE C 99 -70.86 -58.07 -2.77
C ILE C 99 -69.81 -58.99 -3.40
N ILE C 100 -68.71 -58.39 -3.82
CA ILE C 100 -67.67 -59.12 -4.54
C ILE C 100 -66.30 -58.63 -4.08
N HIS C 101 -65.29 -59.50 -4.11
CA HIS C 101 -63.98 -59.13 -3.61
C HIS C 101 -63.25 -58.23 -4.60
N SER C 102 -62.54 -57.25 -4.06
CA SER C 102 -61.72 -56.35 -4.86
C SER C 102 -60.60 -55.82 -3.99
N LYS C 103 -59.36 -55.91 -4.49
CA LYS C 103 -58.19 -55.58 -3.67
C LYS C 103 -57.15 -54.76 -4.45
N LYS C 104 -56.88 -53.55 -3.98
CA LYS C 104 -55.88 -52.65 -4.57
C LYS C 104 -56.13 -52.41 -6.05
N LEU C 105 -57.40 -52.31 -6.42
CA LEU C 105 -57.79 -52.05 -7.80
C LEU C 105 -58.45 -50.68 -7.92
N ASN C 106 -58.10 -49.95 -8.98
CA ASN C 106 -58.74 -48.68 -9.30
C ASN C 106 -59.72 -48.85 -10.43
N TYR C 107 -60.92 -48.30 -10.29
CA TYR C 107 -61.95 -48.52 -11.28
C TYR C 107 -62.14 -47.33 -12.22
N THR C 108 -62.04 -47.64 -13.52
CA THR C 108 -62.09 -46.63 -14.55
C THR C 108 -63.24 -46.92 -15.52
N HIS C 112 -70.77 -45.24 -11.94
CA HIS C 112 -70.65 -46.44 -11.14
C HIS C 112 -69.44 -47.28 -11.58
N MET C 113 -68.87 -48.05 -10.65
CA MET C 113 -67.63 -48.77 -10.91
C MET C 113 -67.86 -50.04 -11.72
N VAL C 114 -69.13 -50.43 -11.87
CA VAL C 114 -69.49 -51.56 -12.71
C VAL C 114 -70.69 -51.27 -13.60
N VAL C 115 -70.92 -52.16 -14.55
CA VAL C 115 -72.17 -52.16 -15.31
C VAL C 115 -72.89 -53.50 -15.11
N LEU C 116 -74.16 -53.43 -14.77
CA LEU C 116 -74.93 -54.64 -14.50
C LEU C 116 -75.94 -54.94 -15.61
N ARG C 117 -75.85 -56.15 -16.15
CA ARG C 117 -76.75 -56.60 -17.21
C ARG C 117 -77.37 -57.94 -16.84
N GLY C 118 -78.52 -58.24 -17.45
CA GLY C 118 -79.17 -59.50 -17.21
C GLY C 118 -78.90 -60.51 -18.30
N VAL C 119 -78.96 -61.78 -17.94
CA VAL C 119 -78.89 -62.86 -18.91
C VAL C 119 -80.31 -63.36 -19.20
N GLY C 120 -80.64 -63.50 -20.49
CA GLY C 120 -81.97 -63.92 -20.89
C GLY C 120 -83.05 -62.95 -20.45
N ASP C 121 -84.07 -63.46 -19.77
CA ASP C 121 -85.21 -62.64 -19.39
C ASP C 121 -85.11 -62.09 -17.96
N SER C 122 -83.90 -62.12 -17.40
CA SER C 122 -83.70 -61.63 -16.04
C SER C 122 -84.14 -60.17 -15.90
N GLN C 123 -84.87 -59.88 -14.84
CA GLN C 123 -85.23 -58.51 -14.53
C GLN C 123 -84.04 -57.83 -13.87
N VAL C 124 -83.57 -56.74 -14.46
CA VAL C 124 -82.35 -56.09 -13.99
C VAL C 124 -82.68 -54.81 -13.20
N PRO C 125 -82.39 -54.83 -11.89
CA PRO C 125 -82.53 -53.61 -11.09
C PRO C 125 -81.53 -52.55 -11.52
N GLU C 126 -81.85 -51.28 -11.32
CA GLU C 126 -80.88 -50.23 -11.58
C GLU C 126 -79.90 -50.14 -10.41
N ILE C 127 -78.71 -49.62 -10.69
CA ILE C 127 -77.70 -49.45 -9.65
C ILE C 127 -77.93 -48.15 -8.91
N ASP C 128 -77.95 -48.21 -7.58
CA ASP C 128 -78.10 -47.01 -6.76
C ASP C 128 -76.76 -46.32 -6.59
N ARG C 129 -75.77 -47.09 -6.13
CA ARG C 129 -74.42 -46.58 -5.93
C ARG C 129 -73.45 -47.74 -5.75
N THR C 130 -72.18 -47.49 -6.05
CA THR C 130 -71.13 -48.49 -5.79
C THR C 130 -70.09 -47.90 -4.84
N GLU C 131 -69.49 -48.77 -4.02
CA GLU C 131 -68.47 -48.34 -3.08
C GLU C 131 -67.44 -49.44 -2.85
N LEU C 132 -66.22 -49.05 -2.49
CA LEU C 132 -65.20 -50.02 -2.11
C LEU C 132 -65.05 -50.02 -0.59
N VAL C 133 -65.05 -51.21 0.00
CA VAL C 133 -64.81 -51.35 1.44
C VAL C 133 -63.46 -52.05 1.62
N GLU C 134 -62.45 -51.29 2.01
CA GLU C 134 -61.08 -51.78 1.99
C GLU C 134 -60.77 -52.85 3.02
N LEU C 135 -61.35 -52.75 4.21
CA LEU C 135 -61.05 -53.68 5.29
C LEU C 135 -61.46 -55.11 4.94
N THR C 136 -62.68 -55.28 4.44
CA THR C 136 -63.19 -56.59 4.07
C THR C 136 -62.90 -56.88 2.60
N GLU C 137 -62.16 -55.97 1.96
CA GLU C 137 -61.70 -56.15 0.58
C GLU C 137 -62.85 -56.42 -0.39
N TYR C 138 -63.84 -55.55 -0.35
CA TYR C 138 -65.08 -55.71 -1.13
C TYR C 138 -65.31 -54.61 -2.16
N LEU C 139 -65.93 -54.99 -3.28
CA LEU C 139 -66.60 -54.05 -4.18
C LEU C 139 -68.09 -54.26 -3.99
N VAL C 140 -68.80 -53.20 -3.61
CA VAL C 140 -70.19 -53.32 -3.18
C VAL C 140 -71.12 -52.57 -4.09
N VAL C 141 -72.07 -53.27 -4.70
CA VAL C 141 -73.02 -52.65 -5.62
C VAL C 141 -74.42 -52.58 -5.01
N HIS C 142 -74.79 -51.41 -4.52
CA HIS C 142 -76.11 -51.21 -3.94
C HIS C 142 -77.15 -51.01 -5.04
N LEU C 143 -78.22 -51.81 -5.02
CA LEU C 143 -79.25 -51.77 -6.06
C LEU C 143 -80.55 -51.14 -5.57
N LYS C 144 -81.34 -50.63 -6.52
CA LYS C 144 -82.63 -50.02 -6.20
C LYS C 144 -83.74 -51.05 -6.18
N GLY C 145 -83.38 -52.31 -6.46
CA GLY C 145 -84.34 -53.40 -6.45
C GLY C 145 -83.62 -54.72 -6.27
N SER C 146 -84.37 -55.76 -5.96
CA SER C 146 -83.78 -57.07 -5.72
C SER C 146 -83.53 -57.81 -7.03
N LEU C 147 -82.42 -58.55 -7.07
CA LEU C 147 -82.18 -59.49 -8.15
C LEU C 147 -83.21 -60.60 -8.09
N GLN C 148 -83.39 -61.30 -9.21
CA GLN C 148 -84.43 -62.32 -9.33
C GLN C 148 -83.86 -63.72 -9.13
N PRO C 149 -84.45 -64.50 -8.21
CA PRO C 149 -83.98 -65.86 -7.91
C PRO C 149 -84.05 -66.77 -9.12
N GLY C 150 -83.07 -67.66 -9.26
CA GLY C 150 -83.03 -68.59 -10.37
C GLY C 150 -82.58 -67.97 -11.68
N HIS C 151 -82.23 -66.69 -11.65
CA HIS C 151 -81.85 -66.00 -12.86
C HIS C 151 -80.40 -65.54 -12.82
N MET C 152 -79.82 -65.35 -14.00
CA MET C 152 -78.40 -65.03 -14.09
C MET C 152 -78.17 -63.59 -14.54
N TYR C 153 -77.08 -63.01 -14.04
CA TYR C 153 -76.72 -61.65 -14.38
C TYR C 153 -75.26 -61.57 -14.79
N GLU C 154 -74.93 -60.58 -15.60
CA GLU C 154 -73.54 -60.33 -15.96
C GLU C 154 -73.12 -58.96 -15.45
N MET C 155 -71.95 -58.90 -14.83
CA MET C 155 -71.45 -57.65 -14.27
C MET C 155 -70.07 -57.34 -14.84
N GLU C 156 -69.98 -56.22 -15.54
CA GLU C 156 -68.76 -55.83 -16.22
C GLU C 156 -68.03 -54.73 -15.49
N SER C 157 -66.71 -54.83 -15.43
CA SER C 157 -65.90 -53.81 -14.81
C SER C 157 -64.62 -53.55 -15.61
N GLU C 158 -64.06 -52.35 -15.43
CA GLU C 158 -62.81 -52.00 -16.06
C GLU C 158 -61.94 -51.33 -15.00
N PHE C 159 -60.67 -51.72 -14.95
CA PHE C 159 -59.87 -51.42 -13.79
C PHE C 159 -58.37 -51.39 -14.07
N GLN C 160 -57.62 -51.04 -13.04
CA GLN C 160 -56.20 -50.81 -13.16
C GLN C 160 -55.53 -51.05 -11.82
N GLY C 161 -54.34 -51.63 -11.83
CA GLY C 161 -53.61 -51.89 -10.61
C GLY C 161 -52.11 -51.90 -10.83
N GLU C 162 -51.34 -51.98 -9.75
CA GLU C 162 -49.89 -51.97 -9.89
C GLU C 162 -49.35 -53.37 -10.14
N LEU C 163 -48.45 -53.49 -11.11
CA LEU C 163 -47.64 -54.69 -11.28
C LEU C 163 -46.47 -54.59 -10.30
N ALA C 164 -46.77 -54.74 -9.01
CA ALA C 164 -45.79 -54.49 -7.97
C ALA C 164 -44.75 -55.61 -7.87
N ASP C 165 -43.70 -55.37 -7.09
CA ASP C 165 -42.70 -56.40 -6.81
C ASP C 165 -43.05 -57.15 -5.52
N ASP C 166 -44.35 -57.27 -5.25
CA ASP C 166 -44.85 -57.81 -3.98
C ASP C 166 -45.17 -59.30 -4.01
N LEU C 167 -44.92 -59.95 -5.14
CA LEU C 167 -45.06 -61.40 -5.27
C LEU C 167 -46.50 -61.89 -5.07
N ALA C 168 -47.47 -60.98 -5.20
CA ALA C 168 -48.88 -61.27 -4.96
C ALA C 168 -49.76 -60.75 -6.10
N GLY C 169 -50.83 -61.48 -6.42
CA GLY C 169 -51.71 -61.14 -7.52
C GLY C 169 -50.97 -61.16 -8.84
N PHE C 170 -51.31 -60.23 -9.73
CA PHE C 170 -50.53 -59.99 -10.94
C PHE C 170 -49.35 -59.11 -10.54
N TYR C 171 -48.14 -59.65 -10.63
CA TYR C 171 -46.95 -58.90 -10.19
C TYR C 171 -45.83 -59.02 -11.21
N ARG C 172 -44.74 -58.26 -11.00
CA ARG C 172 -43.60 -58.31 -11.91
C ARG C 172 -42.43 -59.07 -11.31
N SER C 173 -41.63 -59.66 -12.18
CA SER C 173 -40.42 -60.39 -11.81
C SER C 173 -39.30 -59.88 -12.72
N GLU C 174 -38.08 -59.78 -12.20
CA GLU C 174 -36.99 -59.19 -12.98
C GLU C 174 -35.71 -60.00 -12.95
N TYR C 175 -34.93 -59.86 -14.02
CA TYR C 175 -33.65 -60.55 -14.15
C TYR C 175 -32.77 -59.83 -15.16
N MET C 176 -31.48 -60.14 -15.13
CA MET C 176 -30.56 -59.61 -16.12
C MET C 176 -30.29 -60.67 -17.17
N GLU C 177 -30.24 -60.25 -18.43
CA GLU C 177 -29.77 -61.11 -19.51
C GLU C 177 -28.71 -60.36 -20.28
N GLY C 178 -27.45 -60.68 -20.01
CA GLY C 178 -26.36 -59.85 -20.47
C GLY C 178 -26.47 -58.53 -19.72
N ASN C 179 -26.42 -57.43 -20.44
CA ASN C 179 -26.53 -56.11 -19.83
C ASN C 179 -27.93 -55.53 -19.92
N VAL C 180 -28.91 -56.37 -20.27
CA VAL C 180 -30.28 -55.91 -20.46
C VAL C 180 -31.16 -56.30 -19.27
N LYS C 181 -31.82 -55.31 -18.67
CA LYS C 181 -32.76 -55.61 -17.60
C LYS C 181 -34.06 -56.11 -18.21
N LYS C 182 -34.49 -57.30 -17.82
CA LYS C 182 -35.74 -57.86 -18.33
C LYS C 182 -36.82 -57.82 -17.25
N VAL C 183 -38.02 -57.43 -17.65
CA VAL C 183 -39.17 -57.41 -16.75
C VAL C 183 -40.28 -58.29 -17.31
N LEU C 184 -40.85 -59.16 -16.47
CA LEU C 184 -41.94 -60.02 -16.92
C LEU C 184 -43.10 -59.96 -15.95
N ALA C 185 -44.24 -60.50 -16.35
CA ALA C 185 -45.45 -60.45 -15.54
C ALA C 185 -45.92 -61.87 -15.19
N THR C 186 -46.26 -62.09 -13.93
CA THR C 186 -46.66 -63.40 -13.42
C THR C 186 -47.73 -63.26 -12.34
N THR C 187 -48.28 -64.39 -11.91
CA THR C 187 -49.36 -64.39 -10.94
C THR C 187 -49.06 -65.28 -9.74
N GLN C 188 -49.66 -64.92 -8.61
CA GLN C 188 -49.75 -65.76 -7.42
C GLN C 188 -51.05 -65.39 -6.74
N MET C 189 -52.06 -66.26 -6.83
CA MET C 189 -53.38 -65.92 -6.31
C MET C 189 -53.64 -66.44 -4.89
N GLN C 190 -53.16 -67.64 -4.58
CA GLN C 190 -53.38 -68.24 -3.26
C GLN C 190 -52.69 -67.40 -2.19
N SER C 191 -53.37 -67.12 -1.08
CA SER C 191 -54.73 -67.61 -0.80
C SER C 191 -55.85 -66.71 -1.29
N THR C 192 -55.67 -65.40 -1.12
CA THR C 192 -56.75 -64.47 -1.43
C THR C 192 -56.28 -63.26 -2.23
N ASP C 193 -55.52 -63.49 -3.29
CA ASP C 193 -55.05 -62.38 -4.13
C ASP C 193 -55.54 -62.45 -5.57
N ALA C 194 -56.48 -63.34 -5.84
CA ALA C 194 -57.16 -63.29 -7.14
C ALA C 194 -57.86 -61.94 -7.25
N ARG C 195 -58.47 -61.52 -6.14
CA ARG C 195 -59.17 -60.24 -6.01
C ARG C 195 -58.25 -59.03 -6.25
N LYS C 196 -56.95 -59.29 -6.23
CA LYS C 196 -55.94 -58.25 -6.43
C LYS C 196 -55.66 -58.05 -7.91
N SER C 197 -56.19 -58.95 -8.75
CA SER C 197 -55.98 -58.86 -10.18
C SER C 197 -57.27 -58.58 -10.95
N PHE C 198 -58.39 -58.98 -10.37
CA PHE C 198 -59.72 -58.68 -10.93
C PHE C 198 -60.79 -58.96 -9.88
N PRO C 199 -61.93 -58.24 -9.96
CA PRO C 199 -62.96 -58.47 -8.94
C PRO C 199 -63.59 -59.85 -9.11
N CYS C 200 -63.67 -60.62 -8.03
CA CYS C 200 -64.23 -61.96 -8.13
C CYS C 200 -64.78 -62.43 -6.78
N PHE C 201 -65.56 -63.51 -6.84
CA PHE C 201 -66.04 -64.14 -5.61
C PHE C 201 -64.93 -65.03 -5.10
N ASP C 202 -64.03 -64.43 -4.32
CA ASP C 202 -62.73 -65.03 -4.01
C ASP C 202 -62.77 -65.95 -2.80
N GLU C 203 -63.58 -67.01 -2.89
CA GLU C 203 -63.59 -68.08 -1.89
C GLU C 203 -63.45 -69.41 -2.62
N PRO C 204 -62.71 -70.37 -2.03
CA PRO C 204 -62.32 -71.58 -2.77
C PRO C 204 -63.48 -72.50 -3.19
N ALA C 205 -64.57 -72.53 -2.43
CA ALA C 205 -65.70 -73.40 -2.77
C ALA C 205 -66.55 -72.84 -3.90
N MET C 206 -66.41 -71.55 -4.20
CA MET C 206 -67.22 -70.91 -5.23
C MET C 206 -66.54 -71.04 -6.59
N LYS C 207 -66.59 -72.24 -7.15
CA LYS C 207 -65.86 -72.56 -8.37
C LYS C 207 -66.59 -72.07 -9.62
N ALA C 208 -65.81 -71.80 -10.66
CA ALA C 208 -66.35 -71.34 -11.93
C ALA C 208 -65.41 -71.72 -13.06
N THR C 209 -65.84 -71.47 -14.30
CA THR C 209 -64.94 -71.58 -15.43
C THR C 209 -64.40 -70.19 -15.78
N PHE C 210 -63.24 -70.15 -16.42
CA PHE C 210 -62.57 -68.89 -16.70
C PHE C 210 -62.11 -68.81 -18.14
N ASN C 211 -62.45 -67.70 -18.79
CA ASN C 211 -61.98 -67.43 -20.14
C ASN C 211 -60.96 -66.31 -20.11
N ILE C 212 -59.69 -66.65 -20.22
CA ILE C 212 -58.64 -65.67 -20.02
C ILE C 212 -58.12 -65.14 -21.35
N THR C 213 -57.93 -63.82 -21.40
CA THR C 213 -57.32 -63.16 -22.54
C THR C 213 -56.16 -62.29 -22.07
N LEU C 214 -55.02 -62.43 -22.73
CA LEU C 214 -53.87 -61.59 -22.41
C LEU C 214 -53.56 -60.65 -23.57
N ILE C 215 -53.33 -59.39 -23.26
CA ILE C 215 -52.86 -58.42 -24.26
C ILE C 215 -51.40 -58.10 -23.92
N HIS C 216 -50.52 -58.33 -24.88
CA HIS C 216 -49.09 -58.33 -24.62
C HIS C 216 -48.28 -57.86 -25.83
N PRO C 217 -47.04 -57.38 -25.58
CA PRO C 217 -46.10 -57.06 -26.67
C PRO C 217 -46.00 -58.25 -27.62
N ASN C 218 -45.94 -58.01 -28.92
CA ASN C 218 -46.18 -59.10 -29.88
C ASN C 218 -45.03 -60.09 -30.01
N ASN C 219 -43.88 -59.78 -29.41
CA ASN C 219 -42.76 -60.72 -29.45
C ASN C 219 -42.56 -61.43 -28.10
N LEU C 220 -43.54 -61.30 -27.20
CA LEU C 220 -43.49 -62.01 -25.92
C LEU C 220 -44.50 -63.15 -25.93
N THR C 221 -44.20 -64.18 -25.15
CA THR C 221 -45.05 -65.37 -25.06
C THR C 221 -46.07 -65.22 -23.94
N ALA C 222 -47.33 -65.54 -24.26
CA ALA C 222 -48.39 -65.53 -23.27
C ALA C 222 -48.72 -66.95 -22.84
N LEU C 223 -48.79 -67.18 -21.53
CA LEU C 223 -49.14 -68.48 -20.95
C LEU C 223 -50.28 -68.34 -19.95
N SER C 224 -51.15 -69.33 -19.91
CA SER C 224 -52.20 -69.38 -18.90
C SER C 224 -52.47 -70.83 -18.52
N ASN C 225 -53.53 -71.06 -17.76
CA ASN C 225 -53.89 -72.42 -17.35
C ASN C 225 -54.08 -73.36 -18.54
N MET C 226 -54.85 -72.89 -19.52
CA MET C 226 -55.22 -73.68 -20.69
C MET C 226 -54.36 -73.32 -21.91
N PRO C 227 -54.36 -74.18 -22.94
CA PRO C 227 -53.72 -73.78 -24.20
C PRO C 227 -54.42 -72.58 -24.81
N PRO C 228 -53.74 -71.87 -25.72
CA PRO C 228 -54.41 -70.78 -26.46
C PRO C 228 -55.58 -71.31 -27.29
N LYS C 229 -56.62 -70.49 -27.41
CA LYS C 229 -57.73 -70.79 -28.31
C LYS C 229 -57.41 -70.18 -29.67
N GLY C 230 -57.12 -71.04 -30.65
CA GLY C 230 -56.71 -70.56 -31.96
C GLY C 230 -55.41 -69.79 -31.88
N SER C 231 -55.22 -68.87 -32.82
CA SER C 231 -54.00 -68.06 -32.86
C SER C 231 -54.16 -66.75 -32.12
N SER C 232 -53.04 -66.08 -31.87
CA SER C 232 -53.07 -64.70 -31.41
C SER C 232 -53.44 -63.78 -32.58
N THR C 233 -54.01 -62.62 -32.25
CA THR C 233 -54.31 -61.61 -33.26
C THR C 233 -53.76 -60.25 -32.84
N PRO C 234 -53.38 -59.42 -33.81
CA PRO C 234 -52.89 -58.07 -33.49
C PRO C 234 -53.95 -57.27 -32.73
N LEU C 235 -53.51 -56.46 -31.77
CA LEU C 235 -54.42 -55.56 -31.08
C LEU C 235 -54.86 -54.48 -32.07
N ALA C 236 -56.17 -54.33 -32.22
CA ALA C 236 -56.74 -53.41 -33.22
C ALA C 236 -56.13 -52.01 -33.16
N GLU C 237 -55.95 -51.48 -31.96
CA GLU C 237 -55.48 -50.12 -31.79
C GLU C 237 -53.97 -49.96 -31.97
N ASP C 238 -53.24 -51.08 -31.84
CA ASP C 238 -51.78 -51.03 -31.86
C ASP C 238 -51.20 -52.41 -32.17
N PRO C 239 -50.88 -52.67 -33.46
CA PRO C 239 -50.38 -53.99 -33.89
C PRO C 239 -49.03 -54.37 -33.29
N ASN C 240 -48.38 -53.46 -32.56
CA ASN C 240 -47.19 -53.85 -31.79
C ASN C 240 -47.56 -54.73 -30.61
N TRP C 241 -48.85 -54.75 -30.29
CA TRP C 241 -49.38 -55.63 -29.24
C TRP C 241 -50.20 -56.75 -29.87
N SER C 242 -50.31 -57.87 -29.15
CA SER C 242 -51.12 -59.00 -29.60
C SER C 242 -52.16 -59.39 -28.56
N VAL C 243 -53.24 -59.99 -29.05
CA VAL C 243 -54.30 -60.48 -28.18
C VAL C 243 -54.34 -62.00 -28.20
N THR C 244 -54.07 -62.62 -27.05
CA THR C 244 -54.11 -64.06 -26.94
C THR C 244 -55.24 -64.51 -26.03
N GLU C 245 -56.24 -65.16 -26.61
CA GLU C 245 -57.33 -65.74 -25.82
C GLU C 245 -57.03 -67.21 -25.54
N PHE C 246 -57.36 -67.67 -24.33
CA PHE C 246 -57.10 -69.05 -23.96
C PHE C 246 -58.40 -69.86 -23.82
N GLU C 247 -58.31 -71.17 -24.07
CA GLU C 247 -59.45 -72.07 -23.91
C GLU C 247 -60.03 -71.96 -22.51
N THR C 248 -61.32 -72.27 -22.39
CA THR C 248 -62.02 -72.24 -21.11
C THR C 248 -61.38 -73.22 -20.12
N THR C 249 -61.15 -72.76 -18.89
CA THR C 249 -60.62 -73.61 -17.84
C THR C 249 -61.67 -74.62 -17.40
N PRO C 250 -61.24 -75.71 -16.75
CA PRO C 250 -62.22 -76.55 -16.06
C PRO C 250 -62.92 -75.75 -14.97
N VAL C 251 -63.99 -76.29 -14.40
CA VAL C 251 -64.60 -75.67 -13.23
C VAL C 251 -63.57 -75.70 -12.10
N MET C 252 -63.23 -74.52 -11.56
CA MET C 252 -62.16 -74.45 -10.57
C MET C 252 -62.22 -73.22 -9.67
N SER C 253 -61.37 -73.22 -8.65
CA SER C 253 -61.28 -72.13 -7.68
C SER C 253 -60.47 -70.96 -8.23
N THR C 254 -60.85 -69.74 -7.81
CA THR C 254 -60.15 -68.53 -8.22
C THR C 254 -58.66 -68.54 -7.87
N TYR C 255 -58.29 -69.24 -6.79
CA TYR C 255 -56.90 -69.19 -6.34
C TYR C 255 -55.96 -70.04 -7.20
N LEU C 256 -56.51 -70.72 -8.20
CA LEU C 256 -55.72 -71.60 -9.06
C LEU C 256 -55.44 -70.97 -10.42
N LEU C 257 -55.96 -69.76 -10.65
CA LEU C 257 -55.74 -69.06 -11.91
C LEU C 257 -54.29 -68.59 -12.08
N ALA C 258 -53.78 -68.72 -13.29
CA ALA C 258 -52.44 -68.23 -13.60
C ALA C 258 -52.37 -67.63 -15.01
N TYR C 259 -51.58 -66.58 -15.15
CA TYR C 259 -51.26 -66.05 -16.48
C TYR C 259 -49.95 -65.29 -16.45
N ILE C 260 -49.13 -65.52 -17.46
CA ILE C 260 -47.75 -65.07 -17.47
C ILE C 260 -47.36 -64.51 -18.84
N VAL C 261 -46.70 -63.37 -18.85
CA VAL C 261 -46.17 -62.78 -20.09
C VAL C 261 -44.66 -62.58 -19.98
N SER C 262 -43.89 -63.22 -20.86
CA SER C 262 -42.44 -63.20 -20.74
C SER C 262 -41.71 -63.57 -22.04
N GLU C 263 -40.38 -63.57 -21.96
CA GLU C 263 -39.50 -64.02 -23.04
C GLU C 263 -39.03 -65.46 -22.83
N PHE C 264 -39.68 -66.20 -21.94
CA PHE C 264 -39.13 -67.50 -21.52
C PHE C 264 -39.15 -68.53 -22.64
N GLN C 265 -38.24 -69.50 -22.55
CA GLN C 265 -38.16 -70.57 -23.53
C GLN C 265 -38.42 -71.89 -22.81
N SER C 266 -38.57 -72.98 -23.56
CA SER C 266 -38.98 -74.24 -22.96
C SER C 266 -38.36 -75.48 -23.58
N VAL C 267 -38.39 -76.56 -22.80
CA VAL C 267 -38.17 -77.90 -23.31
C VAL C 267 -39.47 -78.66 -23.08
N ASN C 268 -39.73 -79.68 -23.87
CA ASN C 268 -41.03 -80.35 -23.80
C ASN C 268 -40.95 -81.85 -24.02
N GLU C 269 -41.96 -82.55 -23.52
CA GLU C 269 -42.15 -83.96 -23.82
C GLU C 269 -43.57 -84.37 -23.45
N THR C 270 -44.20 -85.14 -24.34
CA THR C 270 -45.52 -85.67 -24.07
C THR C 270 -45.41 -86.88 -23.13
N ALA C 271 -46.09 -86.79 -21.98
CA ALA C 271 -46.00 -87.85 -20.97
C ALA C 271 -46.69 -89.12 -21.44
N GLN C 272 -46.51 -90.20 -20.69
CA GLN C 272 -47.05 -91.50 -21.08
C GLN C 272 -48.59 -91.50 -21.09
N ASN C 273 -49.18 -90.54 -20.39
CA ASN C 273 -50.63 -90.43 -20.34
C ASN C 273 -51.19 -89.42 -21.36
N GLY C 274 -50.34 -88.97 -22.28
CA GLY C 274 -50.79 -88.13 -23.38
C GLY C 274 -50.76 -86.64 -23.08
N VAL C 275 -50.35 -86.29 -21.86
CA VAL C 275 -50.34 -84.89 -21.46
C VAL C 275 -49.03 -84.23 -21.89
N LEU C 276 -49.12 -83.08 -22.55
CA LEU C 276 -47.93 -82.33 -22.93
C LEU C 276 -47.29 -81.68 -21.72
N ILE C 277 -46.02 -82.01 -21.48
CA ILE C 277 -45.24 -81.37 -20.42
C ILE C 277 -44.24 -80.41 -21.02
N ARG C 278 -44.17 -79.20 -20.46
CA ARG C 278 -43.17 -78.22 -20.86
C ARG C 278 -42.53 -77.60 -19.62
N ILE C 279 -41.22 -77.39 -19.68
CA ILE C 279 -40.48 -76.71 -18.63
C ILE C 279 -40.02 -75.33 -19.12
N TRP C 280 -40.50 -74.26 -18.50
CA TRP C 280 -40.14 -72.90 -18.93
C TRP C 280 -39.19 -72.20 -17.95
N ALA C 281 -38.28 -71.40 -18.48
CA ALA C 281 -37.37 -70.59 -17.65
C ALA C 281 -36.71 -69.47 -18.46
N ARG C 282 -35.87 -68.66 -17.82
CA ARG C 282 -35.01 -67.70 -18.53
C ARG C 282 -34.28 -68.43 -19.65
N PRO C 283 -34.23 -67.81 -20.85
CA PRO C 283 -33.60 -68.39 -22.03
C PRO C 283 -32.21 -68.95 -21.76
N ASN C 284 -31.38 -68.19 -21.07
CA ASN C 284 -30.04 -68.65 -20.72
C ASN C 284 -30.06 -69.93 -19.86
N ALA C 285 -31.01 -70.02 -18.94
CA ALA C 285 -31.13 -71.22 -18.11
C ALA C 285 -31.50 -72.44 -18.95
N ILE C 286 -32.43 -72.26 -19.89
CA ILE C 286 -32.86 -73.36 -20.75
C ILE C 286 -31.73 -73.81 -21.67
N ALA C 287 -31.03 -72.84 -22.24
CA ALA C 287 -29.90 -73.12 -23.13
C ALA C 287 -28.79 -73.90 -22.43
N GLU C 288 -28.69 -73.77 -21.11
CA GLU C 288 -27.62 -74.41 -20.37
C GLU C 288 -28.02 -75.78 -19.84
N GLY C 289 -29.24 -76.20 -20.16
CA GLY C 289 -29.75 -77.50 -19.76
C GLY C 289 -30.32 -77.60 -18.35
N HIS C 290 -30.61 -76.45 -17.72
CA HIS C 290 -31.10 -76.41 -16.34
C HIS C 290 -32.52 -76.96 -16.18
N GLY C 291 -33.24 -77.08 -17.30
CA GLY C 291 -34.61 -77.58 -17.28
C GLY C 291 -34.72 -79.09 -17.49
N MET C 292 -33.59 -79.74 -17.72
CA MET C 292 -33.59 -81.16 -18.13
C MET C 292 -34.08 -82.10 -17.03
N TYR C 293 -33.58 -81.95 -15.80
CA TYR C 293 -33.96 -82.87 -14.74
C TYR C 293 -35.46 -82.79 -14.50
N ALA C 294 -36.02 -81.58 -14.50
CA ALA C 294 -37.46 -81.41 -14.35
C ALA C 294 -38.22 -82.11 -15.46
N LEU C 295 -37.71 -82.04 -16.70
CA LEU C 295 -38.37 -82.72 -17.82
C LEU C 295 -38.27 -84.24 -17.65
N ASN C 296 -37.16 -84.68 -17.05
CA ASN C 296 -36.97 -86.10 -16.75
C ASN C 296 -38.02 -86.68 -15.80
N VAL C 297 -38.38 -85.96 -14.75
CA VAL C 297 -39.26 -86.54 -13.72
C VAL C 297 -40.74 -86.12 -13.79
N THR C 298 -41.05 -84.96 -14.34
CA THR C 298 -42.40 -84.40 -14.25
C THR C 298 -43.48 -85.28 -14.87
N GLY C 299 -43.33 -85.60 -16.15
CA GLY C 299 -44.26 -86.49 -16.84
C GLY C 299 -44.47 -87.84 -16.17
N PRO C 300 -43.38 -88.57 -15.89
CA PRO C 300 -43.53 -89.87 -15.23
C PRO C 300 -44.24 -89.79 -13.87
N ILE C 301 -44.05 -88.70 -13.13
CA ILE C 301 -44.71 -88.56 -11.83
C ILE C 301 -46.21 -88.30 -11.99
N LEU C 302 -46.55 -87.42 -12.92
CA LEU C 302 -47.96 -87.13 -13.22
C LEU C 302 -48.71 -88.40 -13.60
N ASN C 303 -48.09 -89.21 -14.44
CA ASN C 303 -48.67 -90.47 -14.89
C ASN C 303 -48.80 -91.48 -13.76
N PHE C 304 -47.78 -91.54 -12.92
CA PHE C 304 -47.82 -92.40 -11.73
C PHE C 304 -49.02 -92.09 -10.84
N PHE C 305 -49.20 -90.81 -10.50
CA PHE C 305 -50.31 -90.39 -9.65
C PHE C 305 -51.64 -90.78 -10.30
N ALA C 306 -51.73 -90.55 -11.61
CA ALA C 306 -52.93 -90.84 -12.38
C ALA C 306 -53.32 -92.30 -12.23
N ASN C 307 -52.32 -93.18 -12.34
CA ASN C 307 -52.55 -94.61 -12.21
C ASN C 307 -52.79 -95.01 -10.75
N HIS C 308 -51.98 -94.45 -9.85
CA HIS C 308 -52.08 -94.78 -8.43
C HIS C 308 -53.48 -94.48 -7.86
N TYR C 309 -54.07 -93.37 -8.28
CA TYR C 309 -55.37 -92.97 -7.73
C TYR C 309 -56.52 -93.22 -8.71
N ASN C 310 -56.26 -94.02 -9.74
CA ASN C 310 -57.28 -94.41 -10.72
C ASN C 310 -58.13 -93.22 -11.18
N THR C 311 -57.46 -92.09 -11.41
CA THR C 311 -58.15 -90.85 -11.74
C THR C 311 -57.27 -90.02 -12.69
N SER C 312 -57.72 -89.90 -13.94
CA SER C 312 -56.91 -89.23 -14.96
C SER C 312 -56.75 -87.74 -14.71
N TYR C 313 -55.62 -87.20 -15.18
CA TYR C 313 -55.44 -85.75 -15.29
C TYR C 313 -56.22 -85.28 -16.53
N PRO C 314 -57.19 -84.37 -16.34
CA PRO C 314 -58.13 -84.03 -17.43
C PRO C 314 -57.67 -82.92 -18.38
N LEU C 315 -56.53 -82.28 -18.15
CA LEU C 315 -56.11 -81.16 -18.98
C LEU C 315 -55.11 -81.59 -20.06
N PRO C 316 -55.09 -80.89 -21.20
CA PRO C 316 -54.22 -81.27 -22.31
C PRO C 316 -52.73 -81.05 -22.04
N LYS C 317 -52.39 -80.16 -21.12
CA LYS C 317 -50.99 -79.91 -20.80
C LYS C 317 -50.76 -79.56 -19.34
N SER C 318 -49.50 -79.64 -18.91
CA SER C 318 -49.10 -79.17 -17.60
C SER C 318 -47.75 -78.46 -17.69
N ASP C 319 -47.80 -77.13 -17.80
CA ASP C 319 -46.59 -76.32 -17.86
C ASP C 319 -45.97 -76.16 -16.49
N GLN C 320 -44.64 -76.33 -16.42
CA GLN C 320 -43.87 -76.00 -15.24
C GLN C 320 -42.98 -74.82 -15.58
N ILE C 321 -43.00 -73.78 -14.76
CA ILE C 321 -42.26 -72.57 -15.11
C ILE C 321 -41.52 -71.98 -13.90
N ALA C 322 -40.29 -71.54 -14.14
CA ALA C 322 -39.42 -71.08 -13.06
C ALA C 322 -39.31 -69.56 -13.05
N LEU C 323 -39.63 -68.95 -11.92
CA LEU C 323 -39.65 -67.50 -11.81
C LEU C 323 -38.54 -66.98 -10.92
N PRO C 324 -37.89 -65.88 -11.36
CA PRO C 324 -36.83 -65.24 -10.59
C PRO C 324 -37.33 -64.61 -9.28
N ASP C 325 -38.62 -64.31 -9.21
CA ASP C 325 -39.21 -63.73 -8.00
C ASP C 325 -40.48 -64.47 -7.59
N PHE C 326 -40.46 -65.10 -6.42
CA PHE C 326 -41.55 -65.97 -6.00
C PHE C 326 -41.53 -66.15 -4.47
N ASN C 327 -42.70 -66.09 -3.84
CA ASN C 327 -42.77 -66.15 -2.39
C ASN C 327 -42.52 -67.54 -1.80
N ALA C 328 -43.45 -68.46 -2.07
CA ALA C 328 -43.36 -69.82 -1.54
C ALA C 328 -42.36 -70.64 -2.36
N GLY C 329 -42.37 -71.97 -2.17
CA GLY C 329 -41.52 -72.83 -2.96
C GLY C 329 -42.05 -72.97 -4.38
N ALA C 330 -43.36 -73.14 -4.49
CA ALA C 330 -44.04 -73.29 -5.78
C ALA C 330 -45.53 -73.03 -5.61
N MET C 331 -46.32 -73.22 -6.67
CA MET C 331 -47.77 -73.05 -6.59
C MET C 331 -48.47 -73.87 -7.68
N GLU C 332 -49.50 -74.60 -7.26
CA GLU C 332 -50.08 -75.67 -8.07
C GLU C 332 -51.13 -75.26 -9.12
N ASN C 333 -51.01 -74.07 -9.67
CA ASN C 333 -52.01 -73.57 -10.64
C ASN C 333 -52.33 -74.60 -11.74
N TRP C 334 -53.62 -74.86 -11.93
CA TRP C 334 -54.07 -75.87 -12.88
C TRP C 334 -53.66 -75.70 -14.32
N GLY C 335 -52.64 -76.44 -14.71
CA GLY C 335 -52.12 -76.44 -16.06
C GLY C 335 -50.95 -75.48 -16.25
N LEU C 336 -50.59 -74.77 -15.18
CA LEU C 336 -49.49 -73.81 -15.22
C LEU C 336 -48.85 -73.68 -13.85
N VAL C 337 -48.03 -74.67 -13.49
CA VAL C 337 -47.43 -74.74 -12.17
C VAL C 337 -46.20 -73.83 -12.08
N THR C 338 -46.22 -72.91 -11.12
CA THR C 338 -45.12 -71.97 -10.94
C THR C 338 -44.16 -72.41 -9.83
N TYR C 339 -42.89 -72.00 -9.95
CA TYR C 339 -41.82 -72.45 -9.06
C TYR C 339 -40.80 -71.37 -8.81
N ARG C 340 -40.22 -71.37 -7.61
CA ARG C 340 -38.91 -70.73 -7.41
C ARG C 340 -37.91 -71.42 -8.33
N GLU C 341 -36.90 -70.70 -8.77
CA GLU C 341 -35.85 -71.31 -9.59
C GLU C 341 -35.17 -72.46 -8.83
N ASN C 342 -35.05 -72.33 -7.50
CA ASN C 342 -34.38 -73.38 -6.72
C ASN C 342 -35.29 -74.57 -6.40
N ALA C 343 -36.48 -74.59 -6.98
CA ALA C 343 -37.38 -75.72 -6.80
C ALA C 343 -37.67 -76.43 -8.13
N LEU C 344 -37.13 -75.91 -9.23
CA LEU C 344 -37.40 -76.47 -10.55
C LEU C 344 -36.13 -76.68 -11.39
N LEU C 345 -35.20 -75.74 -11.32
CA LEU C 345 -33.97 -75.81 -12.12
C LEU C 345 -32.89 -76.63 -11.41
N PHE C 346 -32.01 -77.23 -12.20
CA PHE C 346 -30.97 -78.10 -11.66
C PHE C 346 -29.73 -78.12 -12.56
N ASP C 347 -28.57 -77.89 -11.97
CA ASP C 347 -27.30 -77.95 -12.68
C ASP C 347 -26.49 -79.13 -12.18
N PRO C 348 -26.40 -80.19 -13.00
CA PRO C 348 -25.68 -81.41 -12.62
C PRO C 348 -24.24 -81.16 -12.15
N GLN C 349 -23.64 -80.06 -12.61
CA GLN C 349 -22.25 -79.77 -12.27
C GLN C 349 -22.13 -78.86 -11.05
N SER C 350 -23.16 -78.08 -10.75
CA SER C 350 -23.06 -77.09 -9.69
C SER C 350 -24.11 -77.23 -8.57
N SER C 351 -25.15 -78.01 -8.81
CA SER C 351 -26.18 -78.23 -7.80
C SER C 351 -25.84 -79.44 -6.94
N SER C 352 -26.25 -79.40 -5.67
CA SER C 352 -25.98 -80.50 -4.75
C SER C 352 -27.03 -81.61 -4.86
N ILE C 353 -26.78 -82.71 -4.17
CA ILE C 353 -27.74 -83.80 -4.11
C ILE C 353 -29.00 -83.36 -3.35
N SER C 354 -28.82 -82.47 -2.37
CA SER C 354 -29.94 -81.92 -1.61
C SER C 354 -30.81 -81.05 -2.50
N ASN C 355 -30.16 -80.24 -3.33
CA ASN C 355 -30.84 -79.44 -4.33
C ASN C 355 -31.65 -80.31 -5.29
N LYS C 356 -31.08 -81.44 -5.66
CA LYS C 356 -31.75 -82.38 -6.57
C LYS C 356 -33.00 -82.95 -5.90
N GLU C 357 -32.87 -83.30 -4.64
CA GLU C 357 -33.98 -83.87 -3.88
C GLU C 357 -35.11 -82.88 -3.71
N ARG C 358 -34.77 -81.60 -3.54
CA ARG C 358 -35.78 -80.56 -3.41
C ARG C 358 -36.62 -80.47 -4.69
N VAL C 359 -35.94 -80.45 -5.83
CA VAL C 359 -36.62 -80.29 -7.11
C VAL C 359 -37.64 -81.40 -7.39
N VAL C 360 -37.22 -82.65 -7.24
CA VAL C 360 -38.14 -83.76 -7.51
C VAL C 360 -39.26 -83.87 -6.45
N THR C 361 -38.97 -83.54 -5.20
CA THR C 361 -40.02 -83.59 -4.16
C THR C 361 -41.00 -82.41 -4.28
N VAL C 362 -40.51 -81.23 -4.63
CA VAL C 362 -41.41 -80.08 -4.80
C VAL C 362 -42.31 -80.26 -6.03
N ILE C 363 -41.72 -80.70 -7.15
CA ILE C 363 -42.50 -81.04 -8.34
C ILE C 363 -43.61 -82.04 -7.99
N ALA C 364 -43.22 -83.13 -7.32
CA ALA C 364 -44.16 -84.16 -6.89
C ALA C 364 -45.27 -83.56 -6.02
N HIS C 365 -44.90 -82.64 -5.13
CA HIS C 365 -45.85 -81.96 -4.27
C HIS C 365 -46.90 -81.20 -5.08
N GLU C 366 -46.43 -80.41 -6.04
CA GLU C 366 -47.32 -79.63 -6.90
C GLU C 366 -48.22 -80.51 -7.75
N LEU C 367 -47.67 -81.60 -8.29
CA LEU C 367 -48.46 -82.51 -9.12
C LEU C 367 -49.49 -83.23 -8.27
N ALA C 368 -49.11 -83.58 -7.04
CA ALA C 368 -50.04 -84.20 -6.09
C ALA C 368 -51.29 -83.36 -5.93
N HIS C 369 -51.08 -82.05 -5.84
CA HIS C 369 -52.16 -81.07 -5.73
C HIS C 369 -53.15 -81.12 -6.88
N GLN C 370 -52.73 -81.63 -8.05
CA GLN C 370 -53.63 -81.64 -9.21
C GLN C 370 -54.87 -82.45 -8.85
N TRP C 371 -54.67 -83.47 -8.03
CA TRP C 371 -55.78 -84.25 -7.48
C TRP C 371 -56.26 -83.65 -6.15
N PHE C 372 -55.34 -83.47 -5.21
CA PHE C 372 -55.70 -83.06 -3.85
C PHE C 372 -55.54 -81.55 -3.66
N GLY C 373 -56.63 -80.85 -4.00
CA GLY C 373 -56.71 -79.41 -3.91
C GLY C 373 -57.37 -78.78 -5.11
N ASN C 374 -56.94 -79.25 -6.26
CA ASN C 374 -57.47 -78.73 -7.55
C ASN C 374 -58.72 -79.43 -8.07
N LEU C 375 -58.64 -80.72 -8.37
CA LEU C 375 -59.81 -81.48 -8.77
C LEU C 375 -60.83 -81.55 -7.64
N VAL C 376 -60.36 -81.85 -6.43
CA VAL C 376 -61.19 -81.86 -5.22
C VAL C 376 -60.62 -80.83 -4.26
N THR C 377 -61.45 -79.90 -3.80
CA THR C 377 -60.97 -78.74 -3.07
C THR C 377 -61.59 -78.62 -1.69
N LEU C 378 -60.80 -78.15 -0.71
CA LEU C 378 -61.34 -77.83 0.60
C LEU C 378 -62.55 -76.92 0.50
N ALA C 379 -63.50 -77.09 1.41
CA ALA C 379 -64.68 -76.23 1.44
C ALA C 379 -64.32 -74.86 2.00
N TRP C 380 -63.43 -74.84 2.98
CA TRP C 380 -62.94 -73.58 3.53
C TRP C 380 -61.55 -73.81 4.14
N TRP C 381 -60.79 -72.73 4.35
CA TRP C 381 -59.38 -72.82 4.73
C TRP C 381 -59.12 -73.45 6.09
N ASN C 382 -60.17 -73.64 6.89
CA ASN C 382 -60.02 -74.31 8.17
C ASN C 382 -59.75 -75.80 7.97
N ASP C 383 -59.96 -76.25 6.75
CA ASP C 383 -59.70 -77.64 6.36
C ASP C 383 -58.49 -77.75 5.44
N LEU C 384 -57.53 -76.82 5.58
CA LEU C 384 -56.40 -76.72 4.64
C LEU C 384 -55.62 -78.01 4.45
N TRP C 385 -55.50 -78.81 5.52
CA TRP C 385 -54.72 -80.04 5.46
C TRP C 385 -55.27 -81.03 4.43
N LEU C 386 -56.55 -80.92 4.10
CA LEU C 386 -57.11 -81.74 3.01
C LEU C 386 -56.34 -81.51 1.71
N ASN C 387 -55.95 -80.25 1.46
CA ASN C 387 -55.06 -79.93 0.35
C ASN C 387 -53.60 -80.24 0.70
N GLU C 388 -53.13 -79.62 1.78
CA GLU C 388 -51.68 -79.54 2.04
C GLU C 388 -51.10 -80.74 2.77
N GLY C 389 -51.92 -81.43 3.55
CA GLY C 389 -51.46 -82.64 4.23
C GLY C 389 -51.27 -83.76 3.23
N PHE C 390 -52.21 -83.87 2.29
CA PHE C 390 -52.11 -84.87 1.25
C PHE C 390 -50.95 -84.57 0.29
N ALA C 391 -50.82 -83.32 -0.14
CA ALA C 391 -49.73 -82.98 -1.05
C ALA C 391 -48.37 -83.27 -0.41
N SER C 392 -48.26 -82.98 0.88
CA SER C 392 -47.02 -83.20 1.62
C SER C 392 -46.72 -84.67 1.87
N TYR C 393 -47.77 -85.49 1.99
CA TYR C 393 -47.58 -86.94 2.07
C TYR C 393 -47.34 -87.53 0.68
N VAL C 394 -48.22 -87.23 -0.25
CA VAL C 394 -48.19 -87.85 -1.56
C VAL C 394 -46.92 -87.51 -2.33
N GLU C 395 -46.31 -86.37 -2.04
CA GLU C 395 -45.07 -85.97 -2.71
C GLU C 395 -43.99 -87.04 -2.54
N TYR C 396 -43.98 -87.70 -1.38
CA TYR C 396 -43.01 -88.77 -1.13
C TYR C 396 -43.26 -89.96 -2.06
N LEU C 397 -44.52 -90.26 -2.33
CA LEU C 397 -44.86 -91.37 -3.20
C LEU C 397 -44.41 -91.09 -4.64
N GLY C 398 -44.64 -89.86 -5.09
CA GLY C 398 -44.26 -89.45 -6.44
C GLY C 398 -42.76 -89.39 -6.67
N ALA C 399 -42.04 -88.74 -5.76
CA ALA C 399 -40.59 -88.62 -5.88
C ALA C 399 -39.94 -90.00 -5.87
N ASP C 400 -40.44 -90.89 -5.01
CA ASP C 400 -39.91 -92.24 -4.90
C ASP C 400 -40.04 -92.99 -6.21
N HIS C 401 -41.10 -92.72 -6.95
CA HIS C 401 -41.28 -93.36 -8.24
C HIS C 401 -40.21 -92.90 -9.21
N ALA C 402 -39.91 -91.60 -9.19
CA ALA C 402 -38.94 -91.03 -10.10
C ALA C 402 -37.51 -91.36 -9.69
N GLU C 403 -37.29 -91.53 -8.38
CA GLU C 403 -35.95 -91.80 -7.85
C GLU C 403 -35.99 -92.94 -6.83
N PRO C 404 -36.27 -94.17 -7.28
CA PRO C 404 -36.50 -95.28 -6.36
C PRO C 404 -35.29 -95.76 -5.55
N THR C 405 -34.07 -95.37 -5.96
CA THR C 405 -32.88 -95.87 -5.28
C THR C 405 -32.52 -95.04 -4.04
N TRP C 406 -33.20 -93.91 -3.85
CA TRP C 406 -32.88 -92.98 -2.77
C TRP C 406 -33.45 -93.39 -1.42
N ASN C 407 -34.53 -94.18 -1.44
CA ASN C 407 -35.29 -94.54 -0.24
C ASN C 407 -35.82 -93.30 0.47
N LEU C 408 -36.28 -92.34 -0.33
CA LEU C 408 -36.60 -91.01 0.16
C LEU C 408 -37.88 -90.96 1.02
N LYS C 409 -38.69 -92.01 0.97
CA LYS C 409 -39.89 -92.06 1.80
C LYS C 409 -39.55 -91.89 3.28
N ASP C 410 -38.39 -92.40 3.67
CA ASP C 410 -37.93 -92.36 5.05
C ASP C 410 -37.68 -90.95 5.56
N LEU C 411 -37.45 -90.01 4.63
CA LEU C 411 -37.15 -88.63 5.02
C LEU C 411 -38.34 -87.90 5.65
N ILE C 412 -39.52 -88.52 5.60
CA ILE C 412 -40.70 -87.92 6.23
C ILE C 412 -40.53 -87.84 7.73
N VAL C 413 -39.71 -88.71 8.30
CA VAL C 413 -39.56 -88.76 9.75
C VAL C 413 -38.77 -87.53 10.24
N PRO C 414 -37.57 -87.25 9.68
CA PRO C 414 -36.96 -85.99 10.13
C PRO C 414 -37.61 -84.74 9.52
N GLY C 415 -38.11 -84.86 8.29
CA GLY C 415 -38.62 -83.71 7.56
C GLY C 415 -39.96 -83.17 8.05
N ASP C 416 -40.85 -84.06 8.48
CA ASP C 416 -42.20 -83.66 8.84
C ASP C 416 -42.59 -84.03 10.28
N VAL C 417 -42.53 -85.32 10.61
CA VAL C 417 -42.95 -85.81 11.92
C VAL C 417 -42.32 -85.01 13.08
N TYR C 418 -41.00 -85.09 13.20
CA TYR C 418 -40.33 -84.43 14.33
C TYR C 418 -40.19 -82.92 14.14
N ARG C 419 -40.22 -82.45 12.90
CA ARG C 419 -40.25 -81.02 12.64
C ARG C 419 -41.46 -80.36 13.31
N VAL C 420 -42.64 -80.94 13.12
CA VAL C 420 -43.86 -80.29 13.57
C VAL C 420 -44.15 -80.54 15.05
N MET C 421 -43.62 -81.62 15.59
CA MET C 421 -43.86 -81.94 17.00
C MET C 421 -43.34 -80.84 17.93
N ALA C 422 -42.31 -80.11 17.49
CA ALA C 422 -41.78 -79.00 18.29
C ALA C 422 -42.85 -77.94 18.58
N VAL C 423 -43.68 -77.65 17.58
CA VAL C 423 -44.74 -76.66 17.73
C VAL C 423 -46.02 -77.28 18.32
N ASP C 424 -46.30 -78.52 17.96
CA ASP C 424 -47.54 -79.18 18.38
C ASP C 424 -47.49 -79.57 19.86
N ALA C 425 -46.35 -79.31 20.50
CA ALA C 425 -46.21 -79.57 21.93
C ALA C 425 -46.64 -78.34 22.73
N LEU C 426 -46.98 -77.27 22.02
CA LEU C 426 -47.40 -76.01 22.63
C LEU C 426 -48.91 -75.96 22.85
N ALA C 427 -49.32 -75.20 23.86
CA ALA C 427 -50.73 -74.92 24.10
C ALA C 427 -51.30 -74.00 23.02
N SER C 428 -50.41 -73.23 22.38
CA SER C 428 -50.81 -72.29 21.34
C SER C 428 -50.68 -72.90 19.95
N SER C 429 -50.63 -74.23 19.89
CA SER C 429 -50.76 -74.93 18.63
C SER C 429 -52.24 -74.90 18.21
N HIS C 430 -52.58 -75.63 17.15
CA HIS C 430 -53.97 -75.72 16.70
C HIS C 430 -54.20 -77.06 15.98
N PRO C 431 -55.46 -77.56 16.00
CA PRO C 431 -55.76 -78.82 15.34
C PRO C 431 -55.71 -78.73 13.81
N LEU C 432 -55.54 -79.89 13.17
CA LEU C 432 -55.55 -79.99 11.72
C LEU C 432 -56.77 -79.30 11.13
N THR C 433 -57.95 -79.72 11.57
CA THR C 433 -59.18 -79.02 11.22
C THR C 433 -59.59 -78.10 12.37
N THR C 434 -59.51 -76.79 12.13
CA THR C 434 -59.95 -75.79 13.10
C THR C 434 -61.41 -75.44 12.86
N PRO C 435 -62.09 -74.89 13.87
CA PRO C 435 -63.47 -74.43 13.62
C PRO C 435 -63.52 -73.41 12.49
N ALA C 436 -64.48 -73.55 11.57
CA ALA C 436 -64.56 -72.68 10.41
C ALA C 436 -64.66 -71.21 10.81
N GLU C 437 -65.36 -70.94 11.91
CA GLU C 437 -65.55 -69.56 12.35
C GLU C 437 -64.29 -69.00 13.02
N GLU C 438 -63.23 -69.79 13.07
CA GLU C 438 -61.98 -69.34 13.67
C GLU C 438 -61.04 -68.81 12.58
N VAL C 439 -61.40 -69.05 11.32
CA VAL C 439 -60.58 -68.62 10.20
C VAL C 439 -61.38 -67.67 9.30
N ASN C 440 -61.34 -66.38 9.60
CA ASN C 440 -62.10 -65.38 8.86
C ASN C 440 -61.25 -64.49 7.96
N THR C 441 -60.33 -63.75 8.58
CA THR C 441 -59.57 -62.71 7.89
C THR C 441 -58.52 -63.29 6.96
N PRO C 442 -58.04 -62.49 6.00
CA PRO C 442 -56.94 -62.94 5.14
C PRO C 442 -55.69 -63.30 5.93
N ALA C 443 -55.40 -62.53 6.97
CA ALA C 443 -54.23 -62.79 7.81
C ALA C 443 -54.35 -64.16 8.47
N GLN C 444 -55.54 -64.47 8.98
CA GLN C 444 -55.79 -65.74 9.65
C GLN C 444 -55.72 -66.90 8.65
N ILE C 445 -56.20 -66.66 7.43
CA ILE C 445 -56.13 -67.64 6.37
C ILE C 445 -54.69 -67.92 5.99
N SER C 446 -53.93 -66.84 5.77
CA SER C 446 -52.51 -66.96 5.44
C SER C 446 -51.78 -67.76 6.49
N GLU C 447 -52.19 -67.57 7.74
CA GLU C 447 -51.56 -68.20 8.88
C GLU C 447 -51.72 -69.71 8.91
N MET C 448 -52.85 -70.20 8.39
CA MET C 448 -53.11 -71.64 8.36
C MET C 448 -52.08 -72.41 7.54
N PHE C 449 -51.38 -71.71 6.65
CA PHE C 449 -50.32 -72.33 5.86
C PHE C 449 -49.06 -72.51 6.70
N ASP C 450 -49.11 -73.46 7.64
CA ASP C 450 -48.01 -73.66 8.60
C ASP C 450 -47.60 -75.14 8.72
N SER C 451 -46.73 -75.44 9.68
CA SER C 451 -46.18 -76.79 9.82
C SER C 451 -47.25 -77.80 10.25
N ILE C 452 -48.29 -77.31 10.91
CA ILE C 452 -49.40 -78.19 11.27
C ILE C 452 -50.12 -78.70 10.02
N SER C 453 -50.59 -77.77 9.20
CA SER C 453 -51.34 -78.13 7.99
C SER C 453 -50.50 -78.97 7.02
N TYR C 454 -49.22 -78.65 6.92
CA TYR C 454 -48.33 -79.36 6.00
C TYR C 454 -47.77 -80.64 6.63
N SER C 455 -46.99 -80.49 7.69
CA SER C 455 -46.19 -81.58 8.21
C SER C 455 -46.96 -82.54 9.11
N LYS C 456 -47.75 -82.02 10.04
CA LYS C 456 -48.59 -82.92 10.84
C LYS C 456 -49.59 -83.60 9.91
N GLY C 457 -50.13 -82.82 8.97
CA GLY C 457 -51.02 -83.36 7.96
C GLY C 457 -50.38 -84.55 7.28
N ALA C 458 -49.15 -84.38 6.82
CA ALA C 458 -48.39 -85.46 6.21
C ALA C 458 -48.19 -86.64 7.18
N SER C 459 -47.84 -86.34 8.43
CA SER C 459 -47.54 -87.37 9.42
C SER C 459 -48.77 -88.20 9.76
N VAL C 460 -49.90 -87.51 9.97
CA VAL C 460 -51.13 -88.17 10.35
C VAL C 460 -51.65 -89.04 9.20
N ILE C 461 -51.47 -88.55 7.97
CA ILE C 461 -51.91 -89.29 6.80
C ILE C 461 -51.03 -90.53 6.56
N ARG C 462 -49.72 -90.41 6.79
CA ARG C 462 -48.84 -91.58 6.70
C ARG C 462 -49.28 -92.65 7.71
N MET C 463 -49.60 -92.21 8.93
CA MET C 463 -50.06 -93.12 9.96
C MET C 463 -51.34 -93.83 9.52
N LEU C 464 -52.24 -93.06 8.91
CA LEU C 464 -53.49 -93.58 8.37
C LEU C 464 -53.22 -94.59 7.25
N SER C 465 -52.37 -94.22 6.30
CA SER C 465 -52.01 -95.13 5.22
C SER C 465 -51.43 -96.42 5.78
N ASN C 466 -50.59 -96.28 6.79
CA ASN C 466 -49.89 -97.43 7.36
C ASN C 466 -50.81 -98.47 7.98
N PHE C 467 -51.85 -98.05 8.70
CA PHE C 467 -52.68 -99.05 9.37
C PHE C 467 -53.86 -99.52 8.51
N LEU C 468 -54.14 -98.80 7.42
CA LEU C 468 -55.13 -99.26 6.44
C LEU C 468 -54.50 -100.14 5.35
N THR C 469 -53.18 -100.02 5.20
CA THR C 469 -52.39 -100.40 4.01
C THR C 469 -52.65 -99.39 2.89
N GLU C 470 -51.62 -99.08 2.11
CA GLU C 470 -51.73 -98.11 1.02
C GLU C 470 -52.68 -98.62 -0.07
N ASP C 471 -52.70 -99.92 -0.26
CA ASP C 471 -53.61 -100.52 -1.24
C ASP C 471 -55.07 -100.19 -0.91
N LEU C 472 -55.44 -100.34 0.35
CA LEU C 472 -56.81 -100.05 0.76
C LEU C 472 -57.06 -98.55 0.87
N PHE C 473 -56.06 -97.82 1.38
CA PHE C 473 -56.15 -96.37 1.53
C PHE C 473 -56.47 -95.70 0.19
N LYS C 474 -55.74 -96.08 -0.86
CA LYS C 474 -55.89 -95.46 -2.16
C LYS C 474 -57.19 -95.88 -2.86
N GLU C 475 -57.74 -97.02 -2.46
CA GLU C 475 -59.02 -97.46 -2.99
C GLU C 475 -60.13 -96.48 -2.58
N GLY C 476 -60.14 -96.12 -1.29
CA GLY C 476 -61.10 -95.17 -0.77
C GLY C 476 -60.81 -93.76 -1.26
N LEU C 477 -59.53 -93.47 -1.49
CA LEU C 477 -59.14 -92.18 -2.04
C LEU C 477 -59.64 -91.99 -3.46
N ALA C 478 -59.57 -93.06 -4.25
CA ALA C 478 -60.09 -93.04 -5.61
C ALA C 478 -61.60 -92.81 -5.59
N SER C 479 -62.27 -93.47 -4.64
CA SER C 479 -63.70 -93.28 -4.43
C SER C 479 -64.00 -91.84 -4.06
N TYR C 480 -63.20 -91.30 -3.15
CA TYR C 480 -63.31 -89.93 -2.69
C TYR C 480 -63.15 -88.94 -3.84
N LEU C 481 -62.12 -89.14 -4.66
CA LEU C 481 -61.83 -88.24 -5.78
C LEU C 481 -62.91 -88.27 -6.85
N HIS C 482 -63.42 -89.46 -7.14
CA HIS C 482 -64.43 -89.62 -8.20
C HIS C 482 -65.73 -88.97 -7.78
N ALA C 483 -66.11 -89.18 -6.52
CA ALA C 483 -67.36 -88.64 -6.00
C ALA C 483 -67.35 -87.11 -5.93
N PHE C 484 -66.20 -86.52 -5.64
CA PHE C 484 -66.17 -85.08 -5.40
C PHE C 484 -65.41 -84.26 -6.43
N ALA C 485 -65.14 -84.86 -7.59
CA ALA C 485 -64.51 -84.15 -8.71
C ALA C 485 -65.26 -82.84 -9.07
N TYR C 486 -64.48 -81.77 -9.23
CA TYR C 486 -64.98 -80.43 -9.56
C TYR C 486 -65.92 -79.86 -8.49
N GLN C 487 -65.79 -80.36 -7.26
CA GLN C 487 -66.58 -79.87 -6.13
C GLN C 487 -65.69 -79.65 -4.90
N ASN C 488 -66.30 -79.56 -3.72
CA ASN C 488 -65.54 -79.33 -2.50
C ASN C 488 -65.91 -80.28 -1.36
N THR C 489 -65.03 -80.42 -0.37
CA THR C 489 -65.21 -81.41 0.70
C THR C 489 -64.83 -80.90 2.08
N THR C 490 -65.26 -81.63 3.10
CA THR C 490 -64.72 -81.46 4.45
C THR C 490 -64.08 -82.77 4.89
N TYR C 491 -63.46 -82.76 6.06
CA TYR C 491 -62.79 -83.94 6.58
C TYR C 491 -63.76 -85.13 6.72
N LEU C 492 -65.03 -84.83 6.99
CA LEU C 492 -66.05 -85.86 7.14
C LEU C 492 -66.29 -86.64 5.85
N ASP C 493 -66.19 -85.95 4.72
CA ASP C 493 -66.37 -86.61 3.42
C ASP C 493 -65.26 -87.63 3.18
N LEU C 494 -64.08 -87.33 3.71
CA LEU C 494 -62.93 -88.21 3.57
C LEU C 494 -63.11 -89.49 4.38
N TRP C 495 -63.51 -89.38 5.64
CA TRP C 495 -63.76 -90.56 6.46
C TRP C 495 -64.81 -91.47 5.80
N GLU C 496 -65.86 -90.84 5.27
CA GLU C 496 -66.98 -91.60 4.67
C GLU C 496 -66.51 -92.55 3.59
N HIS C 497 -65.61 -92.07 2.74
CA HIS C 497 -65.15 -92.90 1.63
C HIS C 497 -64.08 -93.89 2.07
N LEU C 498 -63.30 -93.53 3.07
CA LEU C 498 -62.36 -94.49 3.63
C LEU C 498 -63.12 -95.61 4.33
N GLN C 499 -64.21 -95.25 5.01
CA GLN C 499 -65.03 -96.23 5.72
C GLN C 499 -65.68 -97.21 4.75
N LYS C 500 -66.11 -96.69 3.59
CA LYS C 500 -66.66 -97.53 2.54
C LYS C 500 -65.67 -98.58 2.06
N ALA C 501 -64.40 -98.20 2.01
CA ALA C 501 -63.35 -99.12 1.59
C ALA C 501 -63.13 -100.21 2.62
N VAL C 502 -63.13 -99.81 3.89
CA VAL C 502 -62.91 -100.75 4.99
C VAL C 502 -64.05 -101.77 5.07
N ASP C 503 -65.29 -101.28 4.98
CA ASP C 503 -66.46 -102.14 5.15
C ASP C 503 -66.61 -103.15 4.00
N ALA C 504 -65.98 -102.86 2.86
CA ALA C 504 -66.11 -103.71 1.68
C ALA C 504 -65.12 -104.87 1.68
N GLN C 505 -64.27 -104.96 2.71
CA GLN C 505 -63.31 -106.05 2.79
C GLN C 505 -63.25 -106.65 4.20
N THR C 506 -62.35 -107.61 4.40
CA THR C 506 -62.38 -108.45 5.60
C THR C 506 -61.03 -108.52 6.32
N SER C 507 -59.94 -108.61 5.57
CA SER C 507 -58.65 -108.94 6.15
C SER C 507 -58.09 -107.86 7.08
N ILE C 508 -58.27 -106.59 6.74
CA ILE C 508 -57.80 -105.55 7.66
C ILE C 508 -58.93 -105.16 8.61
N ARG C 509 -58.57 -104.94 9.87
CA ARG C 509 -59.53 -104.70 10.93
C ARG C 509 -59.14 -103.46 11.72
N LEU C 510 -60.13 -102.73 12.19
CA LEU C 510 -59.91 -101.53 12.99
C LEU C 510 -60.67 -101.62 14.31
N PRO C 511 -60.11 -101.04 15.38
CA PRO C 511 -60.75 -101.10 16.71
C PRO C 511 -62.00 -100.24 16.80
N ASP C 512 -62.23 -99.42 15.79
CA ASP C 512 -63.35 -98.50 15.79
C ASP C 512 -63.62 -98.00 14.38
N THR C 513 -64.62 -97.13 14.21
CA THR C 513 -64.88 -96.53 12.92
C THR C 513 -63.72 -95.63 12.53
N VAL C 514 -63.56 -95.39 11.24
CA VAL C 514 -62.49 -94.52 10.77
C VAL C 514 -62.62 -93.14 11.38
N ARG C 515 -63.86 -92.66 11.50
CA ARG C 515 -64.11 -91.33 12.05
C ARG C 515 -63.75 -91.22 13.53
N ALA C 516 -64.08 -92.25 14.33
CA ALA C 516 -63.76 -92.23 15.75
C ALA C 516 -62.25 -92.09 15.95
N ILE C 517 -61.48 -92.88 15.22
CA ILE C 517 -60.02 -92.83 15.27
C ILE C 517 -59.48 -91.49 14.78
N MET C 518 -59.88 -91.09 13.58
CA MET C 518 -59.25 -89.95 12.92
C MET C 518 -59.75 -88.59 13.42
N ASP C 519 -60.98 -88.52 13.92
CA ASP C 519 -61.48 -87.27 14.51
C ASP C 519 -60.58 -86.82 15.65
N ARG C 520 -60.03 -87.78 16.39
CA ARG C 520 -59.15 -87.46 17.51
C ARG C 520 -57.77 -86.97 17.05
N TRP C 521 -57.32 -87.40 15.87
CA TRP C 521 -56.05 -86.90 15.33
C TRP C 521 -56.24 -85.60 14.57
N THR C 522 -57.49 -85.24 14.31
CA THR C 522 -57.82 -84.13 13.41
C THR C 522 -58.46 -82.93 14.09
N LEU C 523 -59.34 -83.20 15.06
CA LEU C 523 -60.16 -82.15 15.66
C LEU C 523 -59.57 -81.59 16.95
N GLN C 524 -58.61 -82.28 17.53
CA GLN C 524 -57.92 -81.75 18.71
C GLN C 524 -56.44 -81.59 18.40
N MET C 525 -55.82 -80.60 19.01
CA MET C 525 -54.41 -80.35 18.77
C MET C 525 -53.55 -81.33 19.54
N GLY C 526 -52.26 -81.35 19.23
CA GLY C 526 -51.28 -82.07 20.03
C GLY C 526 -51.09 -83.53 19.69
N PHE C 527 -50.31 -84.21 20.52
CA PHE C 527 -50.08 -85.63 20.36
C PHE C 527 -49.77 -86.22 21.73
N PRO C 528 -49.97 -87.54 21.89
CA PRO C 528 -49.66 -88.12 23.19
C PRO C 528 -48.22 -88.61 23.32
N VAL C 529 -47.73 -88.67 24.55
CA VAL C 529 -46.57 -89.48 24.85
C VAL C 529 -47.10 -90.81 25.38
N ILE C 530 -46.60 -91.91 24.82
CA ILE C 530 -46.96 -93.24 25.28
C ILE C 530 -45.88 -93.73 26.22
N THR C 531 -46.27 -93.98 27.47
CA THR C 531 -45.33 -94.42 28.50
C THR C 531 -45.54 -95.89 28.86
N VAL C 532 -44.46 -96.66 28.81
CA VAL C 532 -44.50 -98.09 29.10
C VAL C 532 -43.70 -98.43 30.36
N ASP C 533 -44.28 -99.24 31.23
CA ASP C 533 -43.50 -99.89 32.29
C ASP C 533 -43.30 -101.33 31.87
N THR C 534 -42.09 -101.64 31.41
CA THR C 534 -41.83 -102.94 30.80
C THR C 534 -41.75 -104.05 31.85
N LYS C 535 -41.78 -103.69 33.13
CA LYS C 535 -41.77 -104.70 34.18
C LYS C 535 -43.17 -105.29 34.38
N THR C 536 -44.20 -104.53 34.02
CA THR C 536 -45.59 -104.96 34.25
C THR C 536 -46.44 -104.97 32.98
N GLY C 537 -45.99 -104.27 31.94
CA GLY C 537 -46.77 -104.16 30.72
C GLY C 537 -47.80 -103.06 30.77
N ASN C 538 -47.71 -102.21 31.79
CA ASN C 538 -48.57 -101.04 31.92
C ASN C 538 -48.27 -100.03 30.82
N ILE C 539 -49.32 -99.63 30.08
CA ILE C 539 -49.16 -98.66 29.01
C ILE C 539 -50.15 -97.51 29.20
N SER C 540 -49.63 -96.29 29.15
CA SER C 540 -50.44 -95.10 29.42
C SER C 540 -50.26 -94.03 28.35
N GLN C 541 -51.20 -93.10 28.27
CA GLN C 541 -51.11 -91.98 27.33
C GLN C 541 -51.50 -90.66 27.99
N LYS C 542 -50.87 -89.58 27.55
CA LYS C 542 -51.25 -88.24 27.96
C LYS C 542 -50.78 -87.20 26.93
N HIS C 543 -51.51 -86.10 26.87
CA HIS C 543 -51.15 -84.97 26.01
C HIS C 543 -49.73 -84.45 26.29
N PHE C 544 -48.85 -84.56 25.30
CA PHE C 544 -47.48 -84.05 25.43
C PHE C 544 -47.48 -82.53 25.55
N LEU C 545 -47.05 -82.03 26.71
CA LEU C 545 -46.94 -80.60 26.93
C LEU C 545 -45.58 -80.24 27.49
N LEU C 546 -45.14 -79.02 27.22
CA LEU C 546 -43.80 -78.60 27.60
C LEU C 546 -43.55 -78.62 29.11
N ASP C 547 -44.29 -77.84 29.88
CA ASP C 547 -44.00 -77.81 31.31
C ASP C 547 -45.21 -77.73 32.23
N SER C 548 -44.93 -77.46 33.50
CA SER C 548 -45.94 -77.35 34.55
C SER C 548 -46.82 -76.11 34.40
N GLU C 549 -46.42 -75.19 33.54
CA GLU C 549 -47.06 -73.88 33.45
C GLU C 549 -47.93 -73.73 32.20
N SER C 550 -47.90 -74.73 31.32
CA SER C 550 -48.66 -74.69 30.07
C SER C 550 -50.16 -74.56 30.31
N ASN C 551 -50.77 -73.52 29.75
CA ASN C 551 -52.18 -73.26 30.01
C ASN C 551 -53.05 -73.55 28.80
N VAL C 552 -53.39 -74.83 28.67
CA VAL C 552 -54.28 -75.36 27.63
C VAL C 552 -55.70 -74.80 27.74
N THR C 553 -56.08 -73.89 26.83
CA THR C 553 -57.38 -73.21 26.91
C THR C 553 -58.40 -73.69 25.87
N ARG C 554 -57.92 -74.06 24.68
CA ARG C 554 -58.79 -74.70 23.70
C ARG C 554 -59.31 -76.03 24.23
N SER C 555 -60.62 -76.12 24.43
CA SER C 555 -61.21 -77.35 24.94
C SER C 555 -61.29 -78.43 23.87
N SER C 556 -61.10 -79.68 24.29
CA SER C 556 -61.23 -80.81 23.38
C SER C 556 -62.38 -81.72 23.82
N ALA C 557 -63.35 -81.90 22.93
CA ALA C 557 -64.48 -82.77 23.21
C ALA C 557 -64.07 -84.23 23.19
N PHE C 558 -62.76 -84.47 23.05
CA PHE C 558 -62.19 -85.81 23.05
C PHE C 558 -61.26 -86.00 24.24
N ASP C 559 -61.22 -85.00 25.12
CA ASP C 559 -60.49 -85.04 26.38
C ASP C 559 -58.98 -85.30 26.25
N TYR C 560 -58.44 -84.98 25.08
CA TYR C 560 -57.02 -85.19 24.78
C TYR C 560 -56.59 -86.63 25.04
N LEU C 561 -57.43 -87.56 24.59
CA LEU C 561 -57.07 -88.97 24.51
C LEU C 561 -57.16 -89.38 23.05
N TRP C 562 -56.31 -90.31 22.64
CA TRP C 562 -56.30 -90.77 21.25
C TRP C 562 -56.51 -92.27 21.16
N ILE C 563 -56.96 -92.72 19.98
CA ILE C 563 -56.91 -94.14 19.65
C ILE C 563 -55.66 -94.35 18.83
N VAL C 564 -54.71 -95.11 19.37
CA VAL C 564 -53.34 -95.11 18.89
C VAL C 564 -52.85 -96.47 18.37
N PRO C 565 -52.38 -96.50 17.11
CA PRO C 565 -51.80 -97.74 16.58
C PRO C 565 -50.37 -97.95 17.10
N ILE C 566 -50.14 -99.08 17.75
CA ILE C 566 -48.85 -99.36 18.39
C ILE C 566 -48.17 -100.61 17.86
N SER C 567 -47.16 -100.42 17.01
CA SER C 567 -46.30 -101.52 16.60
C SER C 567 -45.16 -101.65 17.61
N SER C 568 -44.49 -102.80 17.64
CA SER C 568 -43.37 -102.97 18.56
C SER C 568 -42.41 -104.08 18.16
N ILE C 569 -41.17 -103.95 18.60
CA ILE C 569 -40.18 -105.01 18.44
C ILE C 569 -39.64 -105.43 19.80
N LYS C 570 -39.35 -106.72 19.94
CA LYS C 570 -38.71 -107.24 21.14
C LYS C 570 -37.36 -107.84 20.73
N ASN C 571 -36.27 -107.30 21.26
CA ASN C 571 -34.94 -107.75 20.88
C ASN C 571 -34.75 -107.79 19.36
N GLY C 572 -35.39 -106.87 18.67
CA GLY C 572 -35.23 -106.75 17.23
C GLY C 572 -36.13 -107.63 16.38
N VAL C 573 -37.07 -108.34 17.00
CA VAL C 573 -38.04 -109.12 16.24
C VAL C 573 -39.45 -108.54 16.46
N MET C 574 -40.20 -108.40 15.38
CA MET C 574 -41.53 -107.80 15.43
C MET C 574 -42.48 -108.58 16.34
N GLN C 575 -43.33 -107.84 17.06
CA GLN C 575 -44.40 -108.42 17.85
C GLN C 575 -45.75 -108.18 17.19
N ASP C 576 -46.78 -108.79 17.75
CA ASP C 576 -48.15 -108.54 17.30
C ASP C 576 -48.48 -107.06 17.46
N HIS C 577 -49.20 -106.51 16.49
CA HIS C 577 -49.65 -105.13 16.55
C HIS C 577 -50.63 -104.91 17.69
N TYR C 578 -50.73 -103.68 18.16
CA TYR C 578 -51.61 -103.35 19.27
C TYR C 578 -52.28 -101.99 19.08
N TRP C 579 -53.54 -101.89 19.46
CA TRP C 579 -54.24 -100.61 19.48
C TRP C 579 -54.53 -100.14 20.90
N LEU C 580 -53.95 -99.00 21.31
CA LEU C 580 -54.34 -98.39 22.56
C LEU C 580 -55.62 -97.59 22.35
N ARG C 581 -56.67 -97.99 23.06
CA ARG C 581 -57.98 -97.35 22.93
C ARG C 581 -57.99 -95.99 23.59
N ASP C 582 -59.08 -95.24 23.42
CA ASP C 582 -59.20 -93.92 24.03
C ASP C 582 -59.37 -94.04 25.54
N VAL C 583 -58.31 -94.53 26.17
CA VAL C 583 -58.25 -94.67 27.62
C VAL C 583 -56.87 -94.17 28.07
N SER C 584 -56.80 -93.68 29.30
CA SER C 584 -55.55 -93.11 29.81
C SER C 584 -54.53 -94.19 30.14
N GLN C 585 -54.98 -95.36 30.54
CA GLN C 585 -54.07 -96.46 30.86
C GLN C 585 -54.65 -97.83 30.58
N ALA C 586 -53.76 -98.75 30.24
CA ALA C 586 -54.13 -100.12 29.96
C ALA C 586 -52.92 -101.03 30.22
N GLN C 587 -53.11 -102.33 30.04
CA GLN C 587 -52.03 -103.30 30.24
C GLN C 587 -52.03 -104.36 29.16
N ASN C 588 -50.84 -104.76 28.73
CA ASN C 588 -50.70 -105.87 27.81
C ASN C 588 -49.34 -106.53 27.93
N ASP C 589 -49.33 -107.87 27.90
CA ASP C 589 -48.11 -108.64 28.03
C ASP C 589 -47.18 -108.47 26.83
N LEU C 590 -47.66 -107.79 25.79
CA LEU C 590 -46.78 -107.41 24.68
C LEU C 590 -45.68 -106.47 25.16
N PHE C 591 -46.02 -105.67 26.17
CA PHE C 591 -45.13 -104.64 26.67
C PHE C 591 -44.55 -104.99 28.05
N LYS C 592 -44.64 -106.28 28.39
CA LYS C 592 -44.05 -106.81 29.62
C LYS C 592 -42.86 -107.69 29.26
N THR C 593 -41.66 -107.28 29.70
CA THR C 593 -40.45 -107.99 29.32
C THR C 593 -39.71 -108.61 30.51
N ALA C 594 -38.85 -109.59 30.23
CA ALA C 594 -37.95 -110.13 31.24
C ALA C 594 -36.72 -109.25 31.30
N SER C 595 -35.93 -109.40 32.36
CA SER C 595 -34.80 -108.50 32.61
C SER C 595 -33.70 -108.58 31.56
N ASP C 596 -33.68 -109.66 30.78
CA ASP C 596 -32.68 -109.82 29.73
C ASP C 596 -33.21 -109.43 28.35
N ASP C 597 -34.46 -108.97 28.29
CA ASP C 597 -35.07 -108.55 27.04
C ASP C 597 -35.43 -107.07 27.03
N TRP C 598 -35.41 -106.47 25.83
CA TRP C 598 -35.88 -105.09 25.69
C TRP C 598 -36.96 -105.00 24.61
N VAL C 599 -37.77 -103.94 24.68
CA VAL C 599 -38.72 -103.64 23.62
C VAL C 599 -38.69 -102.17 23.21
N LEU C 600 -39.05 -101.93 21.96
CA LEU C 600 -39.21 -100.57 21.43
C LEU C 600 -40.58 -100.47 20.77
N LEU C 601 -41.26 -99.34 20.94
CA LEU C 601 -42.57 -99.13 20.32
C LEU C 601 -42.47 -98.20 19.12
N ASN C 602 -43.51 -98.21 18.29
CA ASN C 602 -43.63 -97.34 17.12
C ASN C 602 -42.51 -97.56 16.11
N VAL C 603 -42.47 -98.78 15.56
CA VAL C 603 -41.46 -99.17 14.58
C VAL C 603 -41.47 -98.21 13.39
N ASN C 604 -40.30 -97.68 13.07
CA ASN C 604 -40.13 -96.72 11.98
C ASN C 604 -40.93 -95.43 12.17
N VAL C 605 -41.35 -95.16 13.42
CA VAL C 605 -42.12 -93.97 13.76
C VAL C 605 -43.25 -93.72 12.76
N THR C 606 -44.07 -94.73 12.55
CA THR C 606 -45.24 -94.61 11.66
C THR C 606 -46.35 -93.83 12.35
N GLY C 607 -46.37 -93.90 13.68
CA GLY C 607 -47.41 -93.25 14.46
C GLY C 607 -46.99 -91.88 14.94
N TYR C 608 -47.95 -90.96 14.94
CA TYR C 608 -47.68 -89.59 15.36
C TYR C 608 -47.71 -89.48 16.88
N PHE C 609 -46.69 -90.01 17.54
CA PHE C 609 -46.57 -89.91 18.99
C PHE C 609 -45.13 -90.20 19.41
N GLN C 610 -44.80 -89.89 20.66
CA GLN C 610 -43.48 -90.19 21.19
C GLN C 610 -43.60 -91.23 22.30
N VAL C 611 -42.52 -91.94 22.58
CA VAL C 611 -42.57 -93.01 23.57
C VAL C 611 -41.54 -92.85 24.69
N ASN C 612 -41.99 -93.07 25.93
CA ASN C 612 -41.06 -93.13 27.05
C ASN C 612 -41.12 -94.52 27.69
N TYR C 613 -39.98 -94.98 28.21
CA TYR C 613 -39.93 -96.27 28.89
C TYR C 613 -39.46 -96.10 30.33
N ASP C 614 -39.52 -97.17 31.10
CA ASP C 614 -38.89 -97.20 32.40
C ASP C 614 -37.38 -97.14 32.24
N GLU C 615 -36.68 -96.71 33.28
CA GLU C 615 -35.23 -96.52 33.22
C GLU C 615 -34.44 -97.78 32.87
N ASP C 616 -34.92 -98.95 33.29
CA ASP C 616 -34.18 -100.18 33.00
C ASP C 616 -34.27 -100.56 31.51
N ASN C 617 -35.42 -100.33 30.89
CA ASN C 617 -35.54 -100.60 29.47
C ASN C 617 -34.68 -99.65 28.65
N TRP C 618 -34.63 -98.38 29.05
CA TRP C 618 -33.76 -97.41 28.39
C TRP C 618 -32.31 -97.89 28.44
N ARG C 619 -31.89 -98.39 29.59
CA ARG C 619 -30.52 -98.90 29.76
C ARG C 619 -30.24 -100.08 28.83
N MET C 620 -31.22 -100.96 28.66
CA MET C 620 -31.06 -102.10 27.75
C MET C 620 -30.88 -101.62 26.32
N ILE C 621 -31.66 -100.63 25.91
CA ILE C 621 -31.51 -100.02 24.58
C ILE C 621 -30.09 -99.47 24.43
N GLN C 622 -29.64 -98.73 25.43
CA GLN C 622 -28.29 -98.17 25.40
C GLN C 622 -27.22 -99.25 25.25
N HIS C 623 -27.36 -100.33 26.03
CA HIS C 623 -26.43 -101.45 25.93
C HIS C 623 -26.45 -102.05 24.53
N GLN C 624 -27.65 -102.18 23.96
CA GLN C 624 -27.81 -102.73 22.62
C GLN C 624 -27.13 -101.85 21.57
N LEU C 625 -27.26 -100.53 21.75
CA LEU C 625 -26.67 -99.57 20.82
C LEU C 625 -25.15 -99.59 20.90
N GLN C 626 -24.63 -99.92 22.08
CA GLN C 626 -23.19 -100.08 22.26
C GLN C 626 -22.70 -101.43 21.74
N THR C 627 -23.49 -102.47 21.99
CA THR C 627 -23.07 -103.83 21.68
C THR C 627 -23.26 -104.14 20.21
N ASN C 628 -24.41 -103.74 19.68
CA ASN C 628 -24.78 -104.07 18.31
C ASN C 628 -25.95 -103.24 17.79
N LEU C 629 -25.66 -102.05 17.27
CA LEU C 629 -26.71 -101.09 16.92
C LEU C 629 -27.56 -101.55 15.73
N SER C 630 -27.03 -102.50 14.95
CA SER C 630 -27.74 -103.02 13.78
C SER C 630 -29.04 -103.72 14.12
N VAL C 631 -29.17 -104.19 15.36
CA VAL C 631 -30.37 -104.90 15.78
C VAL C 631 -31.56 -103.95 15.82
N ILE C 632 -31.30 -102.67 16.04
CA ILE C 632 -32.36 -101.68 16.05
C ILE C 632 -32.47 -101.04 14.68
N PRO C 633 -33.68 -101.06 14.09
CA PRO C 633 -33.90 -100.41 12.79
C PRO C 633 -33.39 -98.98 12.82
N VAL C 634 -32.74 -98.54 11.75
CA VAL C 634 -32.05 -97.25 11.76
C VAL C 634 -32.99 -96.11 12.11
N ILE C 635 -34.24 -96.18 11.66
CA ILE C 635 -35.18 -95.11 11.93
C ILE C 635 -35.47 -95.03 13.43
N ASN C 636 -35.47 -96.18 14.09
CA ASN C 636 -35.74 -96.23 15.52
C ASN C 636 -34.53 -95.85 16.37
N ARG C 637 -33.32 -96.00 15.83
CA ARG C 637 -32.14 -95.47 16.51
C ARG C 637 -32.24 -93.94 16.57
N ALA C 638 -32.74 -93.36 15.48
CA ALA C 638 -33.01 -91.92 15.43
C ALA C 638 -34.11 -91.55 16.42
N GLN C 639 -35.18 -92.33 16.41
CA GLN C 639 -36.32 -92.14 17.32
C GLN C 639 -35.89 -92.07 18.78
N VAL C 640 -34.98 -92.97 19.17
CA VAL C 640 -34.48 -93.05 20.55
C VAL C 640 -33.87 -91.72 20.97
N ILE C 641 -33.13 -91.12 20.05
CA ILE C 641 -32.53 -89.81 20.26
C ILE C 641 -33.58 -88.69 20.26
N TYR C 642 -34.37 -88.61 19.19
CA TYR C 642 -35.43 -87.60 19.09
C TYR C 642 -36.32 -87.56 20.33
N ASP C 643 -36.90 -88.70 20.68
CA ASP C 643 -37.87 -88.79 21.77
C ASP C 643 -37.24 -88.43 23.11
N SER C 644 -36.06 -88.97 23.41
CA SER C 644 -35.46 -88.76 24.71
C SER C 644 -35.09 -87.29 24.91
N PHE C 645 -34.63 -86.64 23.85
CA PHE C 645 -34.32 -85.21 23.93
C PHE C 645 -35.61 -84.40 24.12
N ASN C 646 -36.65 -84.75 23.37
CA ASN C 646 -37.92 -84.06 23.49
C ASN C 646 -38.54 -84.25 24.87
N LEU C 647 -38.51 -85.48 25.37
CA LEU C 647 -38.97 -85.75 26.72
C LEU C 647 -38.15 -84.94 27.73
N ALA C 648 -36.84 -84.82 27.47
CA ALA C 648 -35.94 -84.08 28.35
C ALA C 648 -36.29 -82.60 28.37
N THR C 649 -36.68 -82.08 27.21
CA THR C 649 -37.09 -80.69 27.07
C THR C 649 -38.38 -80.43 27.85
N ALA C 650 -39.21 -81.47 27.97
CA ALA C 650 -40.47 -81.34 28.70
C ALA C 650 -40.36 -81.74 30.18
N HIS C 651 -39.13 -81.84 30.69
CA HIS C 651 -38.86 -82.27 32.07
C HIS C 651 -39.52 -83.61 32.42
N MET C 652 -39.64 -84.50 31.43
CA MET C 652 -40.29 -85.78 31.67
C MET C 652 -39.29 -86.89 31.96
N VAL C 653 -38.03 -86.66 31.58
CA VAL C 653 -36.92 -87.57 31.88
C VAL C 653 -35.70 -86.71 32.24
N PRO C 654 -34.74 -87.27 32.99
CA PRO C 654 -33.56 -86.46 33.27
C PRO C 654 -32.77 -86.20 31.99
N VAL C 655 -32.13 -85.04 31.88
CA VAL C 655 -31.42 -84.69 30.64
C VAL C 655 -30.29 -85.65 30.37
N THR C 656 -29.74 -86.21 31.44
CA THR C 656 -28.64 -87.18 31.33
C THR C 656 -29.02 -88.37 30.45
N LEU C 657 -30.30 -88.71 30.43
CA LEU C 657 -30.79 -89.79 29.58
C LEU C 657 -30.58 -89.47 28.10
N ALA C 658 -31.03 -88.29 27.68
CA ALA C 658 -30.90 -87.88 26.29
C ALA C 658 -29.43 -87.81 25.89
N LEU C 659 -28.62 -87.18 26.74
CA LEU C 659 -27.21 -87.05 26.44
C LEU C 659 -26.52 -88.42 26.36
N ASP C 660 -26.82 -89.31 27.30
CA ASP C 660 -26.29 -90.68 27.26
C ASP C 660 -26.68 -91.41 25.97
N ASN C 661 -27.86 -91.09 25.44
CA ASN C 661 -28.32 -91.71 24.20
C ASN C 661 -27.56 -91.22 22.96
N THR C 662 -26.60 -90.32 23.15
CA THR C 662 -25.77 -89.87 22.04
C THR C 662 -24.38 -90.50 22.05
N LEU C 663 -24.06 -91.22 23.12
CA LEU C 663 -22.71 -91.76 23.28
C LEU C 663 -22.32 -92.78 22.20
N PHE C 664 -23.31 -93.52 21.69
CA PHE C 664 -23.01 -94.55 20.69
C PHE C 664 -22.69 -93.97 19.32
N LEU C 665 -22.89 -92.67 19.17
CA LEU C 665 -22.78 -92.05 17.84
C LEU C 665 -21.37 -92.04 17.26
N ASN C 666 -20.35 -92.18 18.10
CA ASN C 666 -18.99 -92.17 17.57
C ASN C 666 -18.71 -93.42 16.74
N GLY C 667 -19.58 -94.42 16.85
CA GLY C 667 -19.52 -95.58 15.99
C GLY C 667 -20.62 -95.66 14.93
N GLU C 668 -21.41 -94.60 14.80
CA GLU C 668 -22.53 -94.60 13.84
C GLU C 668 -22.14 -93.94 12.51
N LYS C 669 -22.53 -94.56 11.40
CA LYS C 669 -22.23 -94.05 10.08
C LYS C 669 -23.45 -93.61 9.31
N GLU C 670 -24.63 -94.04 9.75
CA GLU C 670 -25.85 -93.79 8.97
C GLU C 670 -26.44 -92.42 9.24
N TYR C 671 -27.13 -91.90 8.23
CA TYR C 671 -27.59 -90.51 8.24
C TYR C 671 -28.55 -90.16 9.37
N MET C 672 -29.64 -90.91 9.50
CA MET C 672 -30.74 -90.39 10.31
C MET C 672 -30.46 -90.28 11.81
N PRO C 673 -29.76 -91.25 12.42
CA PRO C 673 -29.52 -91.08 13.85
C PRO C 673 -28.65 -89.86 14.17
N TRP C 674 -27.71 -89.55 13.29
CA TRP C 674 -26.89 -88.36 13.50
C TRP C 674 -27.75 -87.10 13.29
N GLN C 675 -28.64 -87.16 12.31
CA GLN C 675 -29.55 -86.05 12.05
C GLN C 675 -30.41 -85.79 13.29
N ALA C 676 -30.88 -86.87 13.91
CA ALA C 676 -31.65 -86.76 15.15
C ALA C 676 -30.87 -86.02 16.22
N ALA C 677 -29.61 -86.39 16.40
CA ALA C 677 -28.78 -85.75 17.42
C ALA C 677 -28.47 -84.30 17.08
N LEU C 678 -28.21 -84.02 15.80
CA LEU C 678 -27.90 -82.66 15.39
C LEU C 678 -29.11 -81.75 15.56
N SER C 679 -30.29 -82.25 15.16
CA SER C 679 -31.52 -81.48 15.34
C SER C 679 -31.84 -81.24 16.82
N SER C 680 -31.69 -82.29 17.64
CA SER C 680 -31.91 -82.20 19.08
C SER C 680 -30.95 -81.23 19.76
N LEU C 681 -29.66 -81.38 19.47
CA LEU C 681 -28.65 -80.54 20.10
C LEU C 681 -28.67 -79.12 19.55
N SER C 682 -29.40 -78.93 18.45
CA SER C 682 -29.59 -77.60 17.90
C SER C 682 -30.30 -76.72 18.94
N TYR C 683 -31.31 -77.28 19.61
CA TYR C 683 -31.96 -76.58 20.72
C TYR C 683 -30.97 -76.21 21.82
N PHE C 684 -30.09 -77.16 22.14
CA PHE C 684 -29.04 -76.92 23.14
C PHE C 684 -28.16 -75.74 22.75
N SER C 685 -27.80 -75.65 21.46
CA SER C 685 -27.00 -74.53 20.96
C SER C 685 -27.74 -73.22 21.16
N LEU C 686 -29.01 -73.19 20.77
CA LEU C 686 -29.82 -71.98 20.90
C LEU C 686 -29.93 -71.56 22.35
N MET C 687 -30.07 -72.53 23.26
CA MET C 687 -30.15 -72.22 24.68
C MET C 687 -28.81 -71.85 25.30
N PHE C 688 -27.71 -72.43 24.80
CA PHE C 688 -26.46 -72.42 25.53
C PHE C 688 -25.27 -71.78 24.82
N ASP C 689 -25.42 -71.32 23.58
CA ASP C 689 -24.22 -70.88 22.84
C ASP C 689 -23.77 -69.46 23.24
N ARG C 690 -24.40 -68.90 24.27
CA ARG C 690 -23.93 -67.66 24.87
C ARG C 690 -23.58 -67.87 26.33
N SER C 691 -23.23 -69.10 26.68
CA SER C 691 -23.04 -69.47 28.08
C SER C 691 -21.83 -70.37 28.28
N GLU C 692 -21.47 -70.60 29.54
CA GLU C 692 -20.31 -71.42 29.86
C GLU C 692 -20.44 -72.86 29.37
N VAL C 693 -21.66 -73.30 29.09
CA VAL C 693 -21.93 -74.65 28.59
C VAL C 693 -21.33 -74.88 27.19
N TYR C 694 -21.18 -73.79 26.44
CA TYR C 694 -20.86 -73.88 25.01
C TYR C 694 -19.50 -74.50 24.71
N GLY C 695 -18.48 -74.12 25.48
CA GLY C 695 -17.15 -74.69 25.31
C GLY C 695 -17.10 -76.21 25.43
N PRO C 696 -17.53 -76.74 26.58
CA PRO C 696 -17.61 -78.19 26.78
C PRO C 696 -18.55 -78.90 25.81
N MET C 697 -19.63 -78.23 25.39
CA MET C 697 -20.53 -78.84 24.40
C MET C 697 -19.84 -79.07 23.06
N LYS C 698 -19.11 -78.07 22.58
CA LYS C 698 -18.37 -78.20 21.31
C LYS C 698 -17.26 -79.24 21.44
N LYS C 699 -16.63 -79.28 22.60
CA LYS C 699 -15.57 -80.24 22.84
C LYS C 699 -16.11 -81.67 22.72
N TYR C 700 -17.31 -81.88 23.24
CA TYR C 700 -17.94 -83.19 23.16
C TYR C 700 -18.27 -83.60 21.73
N LEU C 701 -18.85 -82.68 20.98
CA LEU C 701 -19.27 -82.97 19.60
C LEU C 701 -18.05 -83.21 18.71
N ARG C 702 -16.97 -82.47 18.94
CA ARG C 702 -15.71 -82.71 18.26
C ARG C 702 -15.27 -84.15 18.41
N LYS C 703 -15.22 -84.59 19.66
CA LYS C 703 -14.83 -85.95 20.00
C LYS C 703 -15.72 -86.99 19.31
N GLN C 704 -17.03 -86.75 19.32
CA GLN C 704 -17.96 -87.74 18.79
C GLN C 704 -17.94 -87.86 17.27
N VAL C 705 -17.72 -86.75 16.59
CA VAL C 705 -17.81 -86.74 15.13
C VAL C 705 -16.49 -87.08 14.45
N GLU C 706 -15.37 -86.98 15.18
CA GLU C 706 -14.07 -87.16 14.55
C GLU C 706 -13.89 -88.53 13.87
N PRO C 707 -14.30 -89.63 14.53
CA PRO C 707 -14.22 -90.91 13.81
C PRO C 707 -15.06 -90.95 12.53
N LEU C 708 -16.20 -90.26 12.51
CA LEU C 708 -17.04 -90.25 11.33
C LEU C 708 -16.43 -89.40 10.23
N PHE C 709 -15.82 -88.28 10.62
CA PHE C 709 -15.14 -87.41 9.68
C PHE C 709 -14.00 -88.18 9.02
N GLN C 710 -13.22 -88.87 9.85
CA GLN C 710 -12.09 -89.68 9.37
C GLN C 710 -12.56 -90.82 8.47
N HIS C 711 -13.70 -91.42 8.81
CA HIS C 711 -14.29 -92.47 7.98
C HIS C 711 -14.55 -91.96 6.57
N PHE C 712 -15.19 -90.79 6.48
CA PHE C 712 -15.54 -90.23 5.18
C PHE C 712 -14.31 -89.72 4.43
N GLU C 713 -13.33 -89.20 5.16
CA GLU C 713 -12.09 -88.75 4.55
C GLU C 713 -11.44 -89.88 3.75
N THR C 714 -11.46 -91.08 4.33
CA THR C 714 -10.88 -92.25 3.69
C THR C 714 -11.78 -92.83 2.59
N LEU C 715 -13.06 -93.01 2.91
CA LEU C 715 -14.01 -93.59 1.97
C LEU C 715 -14.14 -92.78 0.67
N THR C 716 -14.11 -91.46 0.80
CA THR C 716 -14.26 -90.58 -0.35
C THR C 716 -12.93 -90.29 -1.04
N LYS C 717 -11.88 -90.97 -0.58
CA LYS C 717 -10.52 -90.77 -1.09
C LYS C 717 -10.12 -89.30 -1.04
N ASN C 718 -9.99 -88.80 0.18
CA ASN C 718 -9.70 -87.39 0.42
C ASN C 718 -10.69 -86.46 -0.28
N TRP C 719 -11.98 -86.74 -0.09
CA TRP C 719 -13.07 -85.84 -0.48
C TRP C 719 -13.25 -85.71 -1.99
N THR C 720 -12.65 -86.61 -2.75
CA THR C 720 -12.74 -86.54 -4.21
C THR C 720 -13.92 -87.33 -4.78
N GLU C 721 -14.37 -88.36 -4.06
CA GLU C 721 -15.43 -89.24 -4.57
C GLU C 721 -16.59 -89.36 -3.59
N ARG C 722 -17.74 -88.79 -3.93
CA ARG C 722 -18.91 -88.83 -3.04
C ARG C 722 -19.39 -90.27 -2.76
N PRO C 723 -20.06 -90.47 -1.62
CA PRO C 723 -20.73 -91.74 -1.34
C PRO C 723 -21.77 -92.04 -2.41
N GLU C 724 -22.11 -93.31 -2.60
CA GLU C 724 -22.98 -93.68 -3.71
C GLU C 724 -24.43 -93.30 -3.49
N ASN C 725 -25.04 -93.76 -2.39
CA ASN C 725 -26.46 -93.49 -2.23
C ASN C 725 -26.73 -92.16 -1.52
N LEU C 726 -27.99 -91.73 -1.57
CA LEU C 726 -28.38 -90.42 -1.07
C LEU C 726 -28.21 -90.29 0.44
N MET C 727 -28.63 -91.32 1.18
CA MET C 727 -28.53 -91.28 2.63
C MET C 727 -27.08 -91.12 3.08
N ASP C 728 -26.16 -91.85 2.45
CA ASP C 728 -24.75 -91.74 2.80
C ASP C 728 -24.16 -90.40 2.37
N GLN C 729 -24.68 -89.83 1.28
CA GLN C 729 -24.27 -88.49 0.89
C GLN C 729 -24.76 -87.49 1.92
N TYR C 730 -26.00 -87.66 2.39
CA TYR C 730 -26.52 -86.81 3.45
C TYR C 730 -25.69 -86.95 4.72
N SER C 731 -25.23 -88.17 4.99
CA SER C 731 -24.42 -88.42 6.16
C SER C 731 -23.09 -87.68 6.06
N GLU C 732 -22.49 -87.70 4.88
CA GLU C 732 -21.22 -87.01 4.71
C GLU C 732 -21.38 -85.51 4.96
N ILE C 733 -22.48 -84.96 4.47
CA ILE C 733 -22.71 -83.53 4.58
C ILE C 733 -22.87 -83.13 6.05
N ASN C 734 -23.64 -83.89 6.81
CA ASN C 734 -23.81 -83.58 8.23
C ASN C 734 -22.51 -83.75 9.01
N ALA C 735 -21.68 -84.69 8.59
CA ALA C 735 -20.43 -84.97 9.29
C ALA C 735 -19.46 -83.80 9.14
N ILE C 736 -19.32 -83.34 7.91
CA ILE C 736 -18.46 -82.20 7.59
C ILE C 736 -18.95 -80.94 8.29
N SER C 737 -20.25 -80.70 8.19
CA SER C 737 -20.85 -79.53 8.84
C SER C 737 -20.58 -79.55 10.33
N THR C 738 -20.82 -80.70 10.95
CA THR C 738 -20.66 -80.86 12.40
C THR C 738 -19.21 -80.66 12.82
N ALA C 739 -18.28 -81.27 12.08
CA ALA C 739 -16.86 -81.13 12.38
C ALA C 739 -16.43 -79.66 12.33
N CYS C 740 -16.77 -78.98 11.25
CA CYS C 740 -16.33 -77.60 11.09
C CYS C 740 -17.03 -76.67 12.08
N SER C 741 -18.32 -76.91 12.30
CA SER C 741 -19.11 -76.09 13.21
C SER C 741 -18.60 -76.19 14.65
N ASN C 742 -18.03 -77.33 15.00
CA ASN C 742 -17.57 -77.51 16.36
C ASN C 742 -16.06 -77.38 16.51
N GLY C 743 -15.40 -76.90 15.46
CA GLY C 743 -13.99 -76.55 15.54
C GLY C 743 -13.01 -77.69 15.42
N LEU C 744 -13.39 -78.75 14.69
CA LEU C 744 -12.45 -79.82 14.39
C LEU C 744 -11.36 -79.26 13.46
N PRO C 745 -10.09 -79.29 13.91
CA PRO C 745 -8.98 -78.69 13.15
C PRO C 745 -8.82 -79.25 11.74
N GLN C 746 -8.99 -80.55 11.55
CA GLN C 746 -8.89 -81.15 10.23
C GLN C 746 -9.87 -80.49 9.26
N CYS C 747 -11.09 -80.27 9.73
CA CYS C 747 -12.13 -79.67 8.88
C CYS C 747 -11.87 -78.19 8.62
N GLU C 748 -11.44 -77.48 9.66
CA GLU C 748 -11.08 -76.08 9.51
C GLU C 748 -9.97 -75.90 8.48
N ASN C 749 -8.97 -76.76 8.53
CA ASN C 749 -7.87 -76.72 7.57
C ASN C 749 -8.38 -77.02 6.17
N LEU C 750 -9.25 -78.02 6.06
CA LEU C 750 -9.85 -78.39 4.78
C LEU C 750 -10.61 -77.23 4.14
N ALA C 751 -11.40 -76.52 4.97
CA ALA C 751 -12.19 -75.40 4.47
C ALA C 751 -11.31 -74.24 3.99
N LYS C 752 -10.31 -73.88 4.79
CA LYS C 752 -9.42 -72.77 4.43
C LYS C 752 -8.65 -73.06 3.14
N THR C 753 -8.18 -74.29 3.01
CA THR C 753 -7.39 -74.70 1.85
C THR C 753 -8.18 -74.59 0.56
N LEU C 754 -9.38 -75.16 0.55
CA LEU C 754 -10.23 -75.18 -0.64
C LEU C 754 -10.68 -73.78 -1.04
N PHE C 755 -11.08 -72.98 -0.06
CA PHE C 755 -11.54 -71.63 -0.36
C PHE C 755 -10.40 -70.77 -0.87
N ASP C 756 -9.20 -70.95 -0.29
CA ASP C 756 -8.00 -70.27 -0.77
C ASP C 756 -7.74 -70.61 -2.23
N GLN C 757 -7.90 -71.90 -2.56
CA GLN C 757 -7.68 -72.37 -3.91
C GLN C 757 -8.72 -71.81 -4.87
N TRP C 758 -9.98 -71.78 -4.43
CA TRP C 758 -11.04 -71.16 -5.22
C TRP C 758 -10.73 -69.69 -5.51
N MET C 759 -10.35 -68.94 -4.47
CA MET C 759 -10.07 -67.52 -4.64
C MET C 759 -8.90 -67.25 -5.56
N SER C 760 -7.98 -68.21 -5.66
CA SER C 760 -6.85 -68.09 -6.56
C SER C 760 -7.26 -68.34 -8.00
N ASP C 761 -8.41 -68.99 -8.17
CA ASP C 761 -8.89 -69.39 -9.50
C ASP C 761 -10.43 -69.47 -9.52
N PRO C 762 -11.11 -68.32 -9.44
CA PRO C 762 -12.57 -68.26 -9.21
C PRO C 762 -13.43 -68.95 -10.26
N GLU C 763 -12.97 -69.03 -11.50
CA GLU C 763 -13.79 -69.63 -12.56
C GLU C 763 -13.76 -71.17 -12.53
N ASN C 764 -12.85 -71.74 -11.76
CA ASN C 764 -12.76 -73.19 -11.60
C ASN C 764 -12.97 -73.59 -10.15
N ASN C 765 -14.23 -73.66 -9.74
CA ASN C 765 -14.57 -73.99 -8.36
C ASN C 765 -14.17 -75.42 -7.99
N PRO C 766 -13.23 -75.59 -7.06
CA PRO C 766 -12.72 -76.90 -6.65
C PRO C 766 -13.61 -77.65 -5.67
N ILE C 767 -14.65 -76.97 -5.18
CA ILE C 767 -15.48 -77.53 -4.12
C ILE C 767 -16.75 -78.18 -4.69
N HIS C 768 -16.91 -79.48 -4.42
CA HIS C 768 -18.12 -80.20 -4.79
C HIS C 768 -19.33 -79.52 -4.17
N PRO C 769 -20.43 -79.41 -4.93
CA PRO C 769 -21.66 -78.76 -4.46
C PRO C 769 -22.17 -79.27 -3.11
N ASN C 770 -22.04 -80.57 -2.84
CA ASN C 770 -22.46 -81.13 -1.56
C ASN C 770 -21.75 -80.52 -0.35
N LEU C 771 -20.55 -80.01 -0.56
CA LEU C 771 -19.71 -79.53 0.54
C LEU C 771 -19.65 -78.01 0.63
N ARG C 772 -20.21 -77.33 -0.37
CA ARG C 772 -20.04 -75.88 -0.46
C ARG C 772 -20.64 -75.10 0.73
N SER C 773 -21.80 -75.55 1.21
CA SER C 773 -22.45 -74.90 2.36
C SER C 773 -21.52 -74.79 3.57
N THR C 774 -20.88 -75.89 3.93
CA THR C 774 -19.97 -75.92 5.07
C THR C 774 -18.65 -75.22 4.76
N ILE C 775 -18.07 -75.53 3.60
CA ILE C 775 -16.77 -74.97 3.25
C ILE C 775 -16.82 -73.45 3.14
N TYR C 776 -17.82 -72.93 2.42
CA TYR C 776 -18.01 -71.49 2.30
C TYR C 776 -18.13 -70.83 3.69
N CYS C 777 -19.04 -71.36 4.50
CA CYS C 777 -19.32 -70.79 5.81
C CYS C 777 -18.09 -70.76 6.71
N ASN C 778 -17.39 -71.87 6.81
CA ASN C 778 -16.27 -71.97 7.74
C ASN C 778 -15.08 -71.13 7.29
N ALA C 779 -14.89 -71.02 5.98
CA ALA C 779 -13.79 -70.19 5.47
C ALA C 779 -14.08 -68.72 5.68
N ILE C 780 -15.35 -68.35 5.60
CA ILE C 780 -15.77 -66.97 5.84
C ILE C 780 -15.52 -66.61 7.31
N ALA C 781 -15.92 -67.52 8.20
CA ALA C 781 -15.76 -67.33 9.63
C ALA C 781 -14.29 -67.25 10.03
N GLN C 782 -13.44 -68.07 9.41
CA GLN C 782 -12.00 -68.03 9.68
C GLN C 782 -11.36 -66.77 9.12
N GLY C 783 -11.84 -66.35 7.95
CA GLY C 783 -11.22 -65.27 7.23
C GLY C 783 -11.66 -63.91 7.69
N GLY C 784 -11.49 -62.92 6.81
CA GLY C 784 -11.87 -61.56 7.12
C GLY C 784 -12.59 -60.94 5.95
N GLN C 785 -12.36 -59.65 5.74
CA GLN C 785 -13.07 -58.92 4.69
C GLN C 785 -12.75 -59.46 3.29
N ASP C 786 -11.50 -59.90 3.09
CA ASP C 786 -11.09 -60.46 1.81
C ASP C 786 -12.01 -61.59 1.36
N GLN C 787 -12.25 -62.52 2.27
CA GLN C 787 -13.11 -63.66 1.98
C GLN C 787 -14.55 -63.21 1.78
N TRP C 788 -14.99 -62.25 2.60
CA TRP C 788 -16.38 -61.82 2.59
C TRP C 788 -16.72 -61.10 1.28
N ASP C 789 -15.88 -60.15 0.91
CA ASP C 789 -16.09 -59.38 -0.31
C ASP C 789 -16.00 -60.28 -1.55
N PHE C 790 -15.12 -61.28 -1.49
CA PHE C 790 -15.03 -62.24 -2.58
C PHE C 790 -16.36 -62.97 -2.77
N ALA C 791 -16.92 -63.47 -1.67
CA ALA C 791 -18.17 -64.23 -1.76
C ALA C 791 -19.33 -63.34 -2.19
N TRP C 792 -19.29 -62.08 -1.76
CA TRP C 792 -20.30 -61.11 -2.16
C TRP C 792 -20.25 -60.87 -3.68
N GLY C 793 -19.04 -60.76 -4.22
CA GLY C 793 -18.85 -60.62 -5.66
C GLY C 793 -19.42 -61.81 -6.41
N GLN C 794 -19.10 -63.01 -5.95
CA GLN C 794 -19.64 -64.25 -6.51
C GLN C 794 -21.16 -64.28 -6.46
N LEU C 795 -21.72 -63.75 -5.38
CA LEU C 795 -23.17 -63.76 -5.19
C LEU C 795 -23.85 -62.83 -6.19
N GLN C 796 -23.28 -61.64 -6.38
CA GLN C 796 -23.93 -60.63 -7.20
C GLN C 796 -23.87 -60.94 -8.69
N GLN C 797 -22.93 -61.80 -9.09
CA GLN C 797 -22.82 -62.23 -10.48
C GLN C 797 -23.36 -63.65 -10.68
N ALA C 798 -23.85 -64.27 -9.61
CA ALA C 798 -24.22 -65.69 -9.65
C ALA C 798 -25.29 -65.99 -10.74
N GLN C 799 -25.07 -66.99 -11.63
CA GLN C 799 -26.23 -67.43 -12.47
C GLN C 799 -27.11 -68.53 -11.95
N LEU C 800 -26.60 -69.37 -11.06
CA LEU C 800 -27.43 -70.45 -10.56
C LEU C 800 -27.98 -70.04 -9.20
N VAL C 801 -29.27 -70.21 -8.99
CA VAL C 801 -29.89 -69.81 -7.73
C VAL C 801 -29.40 -70.70 -6.57
N ASN C 802 -29.16 -71.98 -6.84
CA ASN C 802 -28.65 -72.87 -5.80
C ASN C 802 -27.34 -72.34 -5.24
N GLU C 803 -26.53 -71.78 -6.12
CA GLU C 803 -25.23 -71.26 -5.72
C GLU C 803 -25.40 -69.96 -4.94
N ALA C 804 -26.27 -69.08 -5.43
CA ALA C 804 -26.59 -67.84 -4.72
C ALA C 804 -27.10 -68.10 -3.30
N ASP C 805 -27.94 -69.12 -3.15
CA ASP C 805 -28.49 -69.47 -1.84
C ASP C 805 -27.39 -69.85 -0.85
N LYS C 806 -26.46 -70.69 -1.28
CA LYS C 806 -25.34 -71.11 -0.44
C LYS C 806 -24.46 -69.93 -0.07
N LEU C 807 -24.29 -68.99 -0.99
CA LEU C 807 -23.47 -67.83 -0.73
C LEU C 807 -24.14 -66.91 0.30
N ARG C 808 -25.44 -66.65 0.13
CA ARG C 808 -26.17 -65.80 1.09
C ARG C 808 -26.07 -66.34 2.51
N SER C 809 -26.24 -67.66 2.64
CA SER C 809 -26.12 -68.33 3.93
C SER C 809 -24.71 -68.19 4.49
N ALA C 810 -23.71 -68.45 3.64
CA ALA C 810 -22.31 -68.44 4.07
C ALA C 810 -21.83 -67.06 4.52
N LEU C 811 -22.34 -66.02 3.86
CA LEU C 811 -21.95 -64.66 4.20
C LEU C 811 -22.42 -64.28 5.61
N ALA C 812 -23.42 -64.98 6.12
CA ALA C 812 -23.91 -64.72 7.49
C ALA C 812 -22.99 -65.31 8.56
N CYS C 813 -21.96 -66.03 8.13
CA CYS C 813 -21.03 -66.71 9.06
C CYS C 813 -19.86 -65.83 9.53
N SER C 814 -19.81 -64.58 9.07
CA SER C 814 -18.74 -63.68 9.47
C SER C 814 -18.72 -63.43 10.98
N ASN C 815 -17.52 -63.39 11.56
CA ASN C 815 -17.36 -63.10 12.98
C ASN C 815 -17.09 -61.62 13.26
N GLU C 816 -17.39 -60.76 12.29
CA GLU C 816 -17.18 -59.33 12.47
C GLU C 816 -18.50 -58.60 12.45
N VAL C 817 -18.76 -57.85 13.51
CA VAL C 817 -20.03 -57.15 13.67
C VAL C 817 -20.27 -56.18 12.51
N TRP C 818 -19.26 -55.41 12.15
CA TRP C 818 -19.44 -54.37 11.14
C TRP C 818 -19.83 -54.99 9.79
N LEU C 819 -19.32 -56.17 9.49
CA LEU C 819 -19.68 -56.86 8.25
C LEU C 819 -21.10 -57.42 8.31
N LEU C 820 -21.48 -57.99 9.45
CA LEU C 820 -22.82 -58.56 9.59
C LEU C 820 -23.89 -57.47 9.54
N ASN C 821 -23.59 -56.34 10.17
CA ASN C 821 -24.53 -55.24 10.21
C ASN C 821 -24.62 -54.55 8.86
N ARG C 822 -23.51 -54.52 8.13
CA ARG C 822 -23.52 -54.02 6.76
C ARG C 822 -24.38 -54.93 5.86
N TYR C 823 -24.27 -56.23 6.09
CA TYR C 823 -25.04 -57.24 5.35
C TYR C 823 -26.54 -57.08 5.62
N LEU C 824 -26.90 -56.83 6.88
CA LEU C 824 -28.30 -56.57 7.23
C LEU C 824 -28.84 -55.38 6.45
N GLY C 825 -28.02 -54.33 6.30
CA GLY C 825 -28.40 -53.19 5.49
C GLY C 825 -28.77 -53.58 4.07
N TYR C 826 -28.02 -54.53 3.51
CA TYR C 826 -28.24 -54.98 2.13
C TYR C 826 -29.56 -55.73 1.95
N THR C 827 -30.05 -56.34 3.02
CA THR C 827 -31.18 -57.26 2.92
C THR C 827 -32.48 -56.54 2.52
N LEU C 828 -32.54 -55.22 2.72
CA LEU C 828 -33.73 -54.46 2.34
C LEU C 828 -33.49 -53.60 1.10
N ASN C 829 -32.44 -53.92 0.37
CA ASN C 829 -32.16 -53.28 -0.92
C ASN C 829 -32.35 -54.29 -2.04
N PRO C 830 -33.48 -54.20 -2.75
CA PRO C 830 -33.86 -55.17 -3.79
C PRO C 830 -32.91 -55.20 -5.00
N ASP C 831 -32.01 -54.23 -5.11
CA ASP C 831 -30.95 -54.30 -6.10
C ASP C 831 -29.90 -55.34 -5.70
N LEU C 832 -29.83 -55.63 -4.41
CA LEU C 832 -28.76 -56.48 -3.88
C LEU C 832 -29.30 -57.80 -3.36
N ILE C 833 -30.46 -57.74 -2.72
CA ILE C 833 -31.13 -58.92 -2.20
C ILE C 833 -32.59 -58.88 -2.63
N ARG C 834 -33.02 -59.89 -3.38
CA ARG C 834 -34.40 -59.93 -3.85
C ARG C 834 -35.34 -59.99 -2.66
N LYS C 835 -36.50 -59.36 -2.80
CA LYS C 835 -37.51 -59.35 -1.75
C LYS C 835 -37.89 -60.76 -1.31
N GLN C 836 -37.83 -61.71 -2.24
CA GLN C 836 -38.14 -63.10 -1.93
C GLN C 836 -37.13 -63.70 -0.96
N ASP C 837 -35.94 -63.12 -0.89
CA ASP C 837 -34.84 -63.70 -0.11
C ASP C 837 -34.47 -62.89 1.14
N ALA C 838 -35.14 -61.77 1.36
CA ALA C 838 -34.78 -60.86 2.45
C ALA C 838 -34.90 -61.48 3.84
N THR C 839 -36.07 -62.04 4.16
CA THR C 839 -36.30 -62.55 5.51
C THR C 839 -35.44 -63.78 5.83
N SER C 840 -35.22 -64.63 4.83
CA SER C 840 -34.36 -65.80 5.00
C SER C 840 -32.91 -65.40 5.27
N THR C 841 -32.48 -64.32 4.63
CA THR C 841 -31.14 -63.79 4.85
C THR C 841 -30.99 -63.18 6.26
N ILE C 842 -31.99 -62.43 6.69
CA ILE C 842 -32.00 -61.88 8.05
C ILE C 842 -31.91 -63.02 9.07
N ASN C 843 -32.66 -64.10 8.82
CA ASN C 843 -32.66 -65.26 9.70
C ASN C 843 -31.30 -65.96 9.79
N SER C 844 -30.62 -66.05 8.66
CA SER C 844 -29.27 -66.63 8.62
C SER C 844 -28.32 -65.80 9.47
N ILE C 845 -28.42 -64.48 9.35
CA ILE C 845 -27.61 -63.57 10.16
C ILE C 845 -27.94 -63.75 11.64
N ALA C 846 -29.24 -63.87 11.95
CA ALA C 846 -29.69 -64.10 13.33
C ALA C 846 -29.15 -65.40 13.93
N SER C 847 -28.97 -66.43 13.10
CA SER C 847 -28.47 -67.72 13.60
C SER C 847 -27.04 -67.64 14.10
N ASN C 848 -26.27 -66.70 13.54
CA ASN C 848 -24.93 -66.40 14.03
C ASN C 848 -25.04 -65.78 15.41
N VAL C 849 -24.30 -66.33 16.38
CA VAL C 849 -24.43 -65.89 17.76
C VAL C 849 -24.10 -64.41 17.92
N ILE C 850 -23.13 -63.91 17.16
CA ILE C 850 -22.83 -62.49 17.10
C ILE C 850 -23.95 -61.73 16.38
N GLY C 851 -24.58 -62.38 15.41
CA GLY C 851 -25.62 -61.74 14.63
C GLY C 851 -26.97 -61.63 15.32
N GLN C 852 -27.17 -62.43 16.36
CA GLN C 852 -28.45 -62.49 17.07
C GLN C 852 -28.95 -61.11 17.55
N PRO C 853 -28.15 -60.37 18.34
CA PRO C 853 -28.67 -59.06 18.75
C PRO C 853 -28.78 -58.05 17.60
N LEU C 854 -27.91 -58.17 16.60
CA LEU C 854 -27.97 -57.32 15.42
C LEU C 854 -29.28 -57.51 14.66
N ALA C 855 -29.66 -58.76 14.44
CA ALA C 855 -30.87 -59.09 13.71
C ALA C 855 -32.13 -58.74 14.49
N TRP C 856 -32.12 -58.97 15.80
CA TRP C 856 -33.28 -58.68 16.63
C TRP C 856 -33.52 -57.17 16.65
N ASP C 857 -32.46 -56.40 16.85
CA ASP C 857 -32.55 -54.95 16.76
C ASP C 857 -32.98 -54.50 15.36
N PHE C 858 -32.43 -55.15 14.33
CA PHE C 858 -32.77 -54.81 12.95
C PHE C 858 -34.26 -55.00 12.70
N VAL C 859 -34.79 -56.14 13.13
CA VAL C 859 -36.18 -56.47 12.91
C VAL C 859 -37.09 -55.47 13.63
N GLN C 860 -36.77 -55.17 14.87
CA GLN C 860 -37.57 -54.24 15.65
C GLN C 860 -37.59 -52.84 15.05
N SER C 861 -36.44 -52.37 14.57
CA SER C 861 -36.33 -50.99 14.11
C SER C 861 -36.83 -50.81 12.69
N ASN C 862 -36.95 -51.90 11.94
CA ASN C 862 -37.49 -51.84 10.59
C ASN C 862 -38.86 -52.51 10.50
N TRP C 863 -39.54 -52.63 11.63
CA TRP C 863 -40.75 -53.46 11.72
C TRP C 863 -41.87 -53.01 10.78
N LYS C 864 -42.06 -51.70 10.66
CA LYS C 864 -43.08 -51.16 9.78
C LYS C 864 -42.92 -51.68 8.37
N LYS C 865 -41.71 -51.59 7.82
CA LYS C 865 -41.43 -52.04 6.47
C LYS C 865 -41.61 -53.55 6.33
N LEU C 866 -41.09 -54.28 7.32
CA LEU C 866 -41.23 -55.73 7.35
C LEU C 866 -42.70 -56.14 7.37
N PHE C 867 -43.48 -55.47 8.21
CA PHE C 867 -44.90 -55.80 8.33
C PHE C 867 -45.66 -55.49 7.04
N GLN C 868 -45.40 -54.32 6.47
CA GLN C 868 -46.11 -53.92 5.26
C GLN C 868 -45.80 -54.86 4.10
N ASP C 869 -44.55 -55.31 4.03
CA ASP C 869 -44.09 -56.14 2.92
C ASP C 869 -44.43 -57.63 3.08
N TYR C 870 -44.47 -58.12 4.32
CA TYR C 870 -44.58 -59.57 4.54
C TYR C 870 -45.71 -60.00 5.48
N GLY C 871 -46.32 -59.06 6.19
CA GLY C 871 -47.33 -59.40 7.17
C GLY C 871 -48.66 -59.88 6.59
N GLY C 872 -48.63 -60.31 5.33
CA GLY C 872 -49.82 -60.60 4.56
C GLY C 872 -50.53 -61.95 4.72
N GLY C 873 -49.90 -63.05 4.32
CA GLY C 873 -48.51 -63.12 3.88
C GLY C 873 -47.98 -64.43 4.43
N SER C 874 -47.80 -65.43 3.58
CA SER C 874 -47.50 -66.78 4.06
C SER C 874 -46.00 -67.09 4.18
N PHE C 875 -45.68 -67.95 5.16
CA PHE C 875 -44.34 -68.51 5.38
C PHE C 875 -43.28 -67.50 5.85
N SER C 876 -42.97 -66.51 5.02
CA SER C 876 -41.83 -65.62 5.29
C SER C 876 -41.90 -64.90 6.63
N PHE C 877 -43.00 -64.18 6.86
CA PHE C 877 -43.16 -63.38 8.07
C PHE C 877 -43.12 -64.22 9.35
N SER C 878 -43.92 -65.30 9.37
CA SER C 878 -43.95 -66.22 10.50
C SER C 878 -42.57 -66.82 10.81
N ASN C 879 -41.86 -67.22 9.76
CA ASN C 879 -40.51 -67.78 9.93
C ASN C 879 -39.53 -66.74 10.49
N LEU C 880 -39.71 -65.49 10.10
CA LEU C 880 -38.87 -64.41 10.60
C LEU C 880 -39.02 -64.25 12.11
N ILE C 881 -40.27 -64.18 12.57
CA ILE C 881 -40.55 -64.04 14.00
C ILE C 881 -40.01 -65.25 14.77
N GLN C 882 -40.25 -66.44 14.24
CA GLN C 882 -39.79 -67.67 14.85
C GLN C 882 -38.28 -67.68 15.00
N GLY C 883 -37.58 -67.34 13.92
CA GLY C 883 -36.14 -67.45 13.86
C GLY C 883 -35.39 -66.50 14.78
N VAL C 884 -35.82 -65.24 14.80
CA VAL C 884 -35.14 -64.21 15.58
C VAL C 884 -35.36 -64.38 17.09
N THR C 885 -36.41 -65.09 17.48
CA THR C 885 -36.72 -65.25 18.91
C THR C 885 -36.40 -66.64 19.48
N ARG C 886 -35.94 -67.54 18.62
CA ARG C 886 -35.60 -68.92 19.00
C ARG C 886 -34.73 -69.02 20.24
N ARG C 887 -33.80 -68.08 20.38
CA ARG C 887 -32.79 -68.17 21.44
C ARG C 887 -33.29 -67.73 22.82
N PHE C 888 -34.42 -66.99 22.86
CA PHE C 888 -34.82 -66.32 24.10
C PHE C 888 -35.02 -67.31 25.24
N SER C 889 -34.32 -67.07 26.35
CA SER C 889 -34.37 -68.01 27.47
C SER C 889 -34.14 -67.34 28.82
N SER C 890 -34.34 -66.03 28.87
CA SER C 890 -34.18 -65.26 30.10
C SER C 890 -35.42 -64.43 30.35
N GLU C 891 -35.64 -64.07 31.62
CA GLU C 891 -36.75 -63.21 31.98
C GLU C 891 -36.65 -61.87 31.24
N PHE C 892 -35.43 -61.34 31.15
CA PHE C 892 -35.22 -60.09 30.44
C PHE C 892 -35.62 -60.19 28.96
N GLU C 893 -35.23 -61.28 28.30
CA GLU C 893 -35.57 -61.47 26.89
C GLU C 893 -37.07 -61.62 26.66
N LEU C 894 -37.74 -62.30 27.59
CA LEU C 894 -39.20 -62.44 27.54
C LEU C 894 -39.85 -61.07 27.71
N GLN C 895 -39.33 -60.28 28.65
CA GLN C 895 -39.83 -58.92 28.87
C GLN C 895 -39.65 -58.06 27.61
N GLN C 896 -38.51 -58.22 26.92
CA GLN C 896 -38.26 -57.47 25.69
C GLN C 896 -39.21 -57.88 24.57
N LEU C 897 -39.56 -59.17 24.52
CA LEU C 897 -40.49 -59.64 23.50
C LEU C 897 -41.90 -59.16 23.82
N GLU C 898 -42.25 -59.14 25.11
CA GLU C 898 -43.57 -58.65 25.54
C GLU C 898 -43.71 -57.16 25.23
N GLN C 899 -42.63 -56.41 25.42
CA GLN C 899 -42.62 -54.98 25.14
C GLN C 899 -42.77 -54.69 23.65
N PHE C 900 -42.08 -55.49 22.84
CA PHE C 900 -42.18 -55.38 21.40
C PHE C 900 -43.60 -55.67 20.90
N LYS C 901 -44.24 -56.68 21.49
CA LYS C 901 -45.65 -56.96 21.21
C LYS C 901 -46.52 -55.75 21.55
N LYS C 902 -46.33 -55.23 22.76
CA LYS C 902 -47.09 -54.08 23.24
C LYS C 902 -46.85 -52.84 22.38
N ASN C 903 -45.63 -52.71 21.85
CA ASN C 903 -45.28 -51.56 21.02
C ASN C 903 -45.99 -51.54 19.68
N ASN C 904 -46.39 -52.70 19.17
CA ASN C 904 -46.95 -52.81 17.83
C ASN C 904 -48.34 -53.45 17.79
N MET C 905 -49.05 -53.40 18.90
CA MET C 905 -50.36 -54.05 19.00
C MET C 905 -51.47 -53.23 18.33
N ASP C 906 -51.20 -51.96 18.07
CA ASP C 906 -52.13 -51.12 17.35
C ASP C 906 -52.41 -51.71 15.96
N VAL C 907 -51.34 -51.89 15.19
CA VAL C 907 -51.44 -52.48 13.87
C VAL C 907 -51.69 -53.98 13.98
N GLY C 908 -51.02 -54.63 14.93
CA GLY C 908 -51.16 -56.05 15.10
C GLY C 908 -50.08 -56.80 14.34
N PHE C 909 -50.13 -58.12 14.37
CA PHE C 909 -49.05 -58.92 13.83
C PHE C 909 -49.44 -59.81 12.67
N GLY C 910 -50.59 -59.50 12.07
CA GLY C 910 -51.06 -60.13 10.84
C GLY C 910 -50.87 -61.64 10.75
N SER C 911 -50.19 -62.07 9.70
CA SER C 911 -50.02 -63.50 9.42
C SER C 911 -48.97 -64.17 10.31
N GLY C 912 -48.43 -63.41 11.26
CA GLY C 912 -47.49 -63.96 12.23
C GLY C 912 -47.99 -63.82 13.65
N THR C 913 -49.30 -63.65 13.79
CA THR C 913 -49.93 -63.48 15.10
C THR C 913 -49.76 -64.71 15.99
N ARG C 914 -50.06 -65.89 15.45
CA ARG C 914 -49.89 -67.13 16.19
C ARG C 914 -48.40 -67.42 16.44
N ALA C 915 -47.56 -67.06 15.48
CA ALA C 915 -46.11 -67.24 15.62
C ALA C 915 -45.59 -66.49 16.85
N LEU C 916 -46.12 -65.29 17.07
CA LEU C 916 -45.73 -64.50 18.22
C LEU C 916 -46.19 -65.14 19.53
N GLU C 917 -47.43 -65.64 19.55
CA GLU C 917 -47.94 -66.30 20.75
C GLU C 917 -47.10 -67.52 21.07
N GLN C 918 -46.73 -68.27 20.03
CA GLN C 918 -45.91 -69.47 20.19
C GLN C 918 -44.50 -69.12 20.67
N ALA C 919 -43.93 -68.08 20.09
CA ALA C 919 -42.63 -67.58 20.52
C ALA C 919 -42.65 -67.21 22.00
N LEU C 920 -43.70 -66.49 22.40
CA LEU C 920 -43.88 -66.10 23.79
C LEU C 920 -43.99 -67.31 24.70
N GLU C 921 -44.78 -68.29 24.29
CA GLU C 921 -44.91 -69.49 25.11
C GLU C 921 -43.58 -70.23 25.19
N LYS C 922 -42.90 -70.37 24.06
CA LYS C 922 -41.66 -71.13 24.02
C LYS C 922 -40.58 -70.48 24.89
N THR C 923 -40.50 -69.15 24.86
CA THR C 923 -39.45 -68.48 25.59
C THR C 923 -39.65 -68.63 27.11
N LYS C 924 -40.90 -68.60 27.56
CA LYS C 924 -41.21 -68.84 28.97
C LYS C 924 -40.78 -70.23 29.39
N ALA C 925 -41.05 -71.21 28.54
CA ALA C 925 -40.64 -72.58 28.79
C ALA C 925 -39.12 -72.70 28.80
N ASN C 926 -38.46 -71.94 27.92
CA ASN C 926 -37.00 -71.96 27.85
C ASN C 926 -36.36 -71.44 29.12
N ILE C 927 -36.94 -70.39 29.70
CA ILE C 927 -36.44 -69.83 30.96
C ILE C 927 -36.39 -70.92 32.03
N LYS C 928 -37.47 -71.66 32.15
CA LYS C 928 -37.57 -72.70 33.18
C LYS C 928 -36.63 -73.85 32.86
N TRP C 929 -36.59 -74.26 31.60
CA TRP C 929 -35.73 -75.36 31.20
C TRP C 929 -34.25 -75.03 31.39
N VAL C 930 -33.84 -73.82 31.04
CA VAL C 930 -32.43 -73.48 31.17
C VAL C 930 -32.00 -73.43 32.64
N LYS C 931 -32.81 -72.80 33.48
CA LYS C 931 -32.51 -72.67 34.90
C LYS C 931 -32.35 -74.03 35.58
N GLU C 932 -33.25 -74.96 35.25
CA GLU C 932 -33.28 -76.27 35.91
C GLU C 932 -32.31 -77.29 35.30
N ASN C 933 -31.80 -77.01 34.11
CA ASN C 933 -30.98 -78.00 33.41
C ASN C 933 -29.52 -77.64 33.26
N LYS C 934 -29.18 -76.36 33.39
CA LYS C 934 -27.86 -75.90 32.96
C LYS C 934 -26.71 -76.51 33.77
N GLU C 935 -26.94 -76.76 35.06
CA GLU C 935 -25.91 -77.34 35.92
C GLU C 935 -25.56 -78.77 35.52
N VAL C 936 -26.58 -79.62 35.42
CA VAL C 936 -26.41 -81.00 35.02
C VAL C 936 -25.84 -81.13 33.60
N VAL C 937 -26.34 -80.32 32.67
CA VAL C 937 -25.84 -80.35 31.30
C VAL C 937 -24.36 -79.94 31.27
N LEU C 938 -24.00 -78.92 32.03
CA LEU C 938 -22.61 -78.46 32.08
C LEU C 938 -21.68 -79.57 32.57
N ASN C 939 -22.07 -80.23 33.65
CA ASN C 939 -21.26 -81.30 34.22
C ASN C 939 -21.18 -82.52 33.30
N TRP C 940 -22.27 -82.83 32.59
CA TRP C 940 -22.27 -83.97 31.68
C TRP C 940 -21.27 -83.75 30.53
N PHE C 941 -21.32 -82.58 29.89
CA PHE C 941 -20.43 -82.29 28.77
C PHE C 941 -18.96 -82.31 29.18
N ILE C 942 -18.66 -81.75 30.34
CA ILE C 942 -17.29 -81.72 30.85
C ILE C 942 -16.77 -83.13 31.12
N GLU C 943 -17.58 -83.92 31.81
CA GLU C 943 -17.23 -85.28 32.19
C GLU C 943 -17.04 -86.20 30.99
N HIS C 944 -17.73 -85.90 29.88
CA HIS C 944 -17.70 -86.79 28.73
C HIS C 944 -16.87 -86.26 27.56
N SER C 945 -16.17 -85.15 27.77
CA SER C 945 -15.28 -84.61 26.75
C SER C 945 -13.83 -84.57 27.24
N GLN D 45 -57.28 0.67 -16.11
CA GLN D 45 -56.08 1.46 -16.32
C GLN D 45 -55.93 2.55 -15.27
N SER D 46 -56.96 2.74 -14.46
CA SER D 46 -56.93 3.75 -13.40
C SER D 46 -56.21 3.21 -12.17
N LYS D 47 -55.97 1.89 -12.15
CA LYS D 47 -55.25 1.25 -11.05
C LYS D 47 -53.76 1.15 -11.39
N PRO D 48 -52.90 1.70 -10.52
CA PRO D 48 -51.46 1.78 -10.79
C PRO D 48 -50.81 0.41 -11.01
N TRP D 49 -51.35 -0.63 -10.38
CA TRP D 49 -50.77 -1.96 -10.54
C TRP D 49 -51.16 -2.58 -11.88
N ASN D 50 -51.97 -1.86 -12.66
CA ASN D 50 -52.34 -2.29 -14.00
C ASN D 50 -51.59 -1.51 -15.09
N ARG D 51 -50.69 -0.62 -14.69
CA ARG D 51 -49.86 0.11 -15.63
C ARG D 51 -48.42 -0.39 -15.59
N TYR D 52 -47.70 -0.27 -16.70
CA TYR D 52 -46.38 -0.89 -16.83
C TYR D 52 -45.25 -0.10 -16.17
N ARG D 53 -45.39 1.21 -16.10
CA ARG D 53 -44.36 2.01 -15.44
C ARG D 53 -44.66 2.11 -13.95
N LEU D 54 -43.60 2.12 -13.14
CA LEU D 54 -43.73 2.21 -11.68
C LEU D 54 -44.21 3.58 -11.26
N PRO D 55 -44.94 3.64 -10.13
CA PRO D 55 -45.24 4.95 -9.52
C PRO D 55 -43.95 5.66 -9.13
N THR D 56 -44.00 6.98 -9.01
CA THR D 56 -42.83 7.76 -8.62
C THR D 56 -42.91 8.06 -7.11
N THR D 57 -43.88 7.45 -6.44
CA THR D 57 -44.13 7.72 -5.03
C THR D 57 -43.08 7.09 -4.10
N LEU D 58 -42.44 6.04 -4.57
CA LEU D 58 -41.47 5.29 -3.76
C LEU D 58 -40.15 5.06 -4.51
N LEU D 59 -39.04 5.38 -3.87
CA LEU D 59 -37.73 5.17 -4.47
C LEU D 59 -36.82 4.37 -3.56
N PRO D 60 -36.14 3.36 -4.12
CA PRO D 60 -35.23 2.48 -3.36
C PRO D 60 -33.94 3.19 -2.92
N ASP D 61 -33.46 2.80 -1.74
CA ASP D 61 -32.20 3.27 -1.21
C ASP D 61 -31.13 2.17 -1.27
N SER D 62 -31.46 0.99 -0.76
CA SER D 62 -30.50 -0.10 -0.69
C SER D 62 -31.19 -1.44 -0.52
N TYR D 63 -30.51 -2.51 -0.91
CA TYR D 63 -31.06 -3.86 -0.81
C TYR D 63 -30.12 -4.80 -0.09
N ASN D 64 -30.68 -5.69 0.72
CA ASN D 64 -29.99 -6.92 1.13
C ASN D 64 -30.62 -8.08 0.38
N VAL D 65 -29.81 -8.86 -0.34
CA VAL D 65 -30.33 -10.04 -1.01
C VAL D 65 -29.47 -11.27 -0.73
N THR D 66 -30.08 -12.32 -0.18
CA THR D 66 -29.38 -13.58 0.01
C THR D 66 -29.95 -14.65 -0.91
N LEU D 67 -29.10 -15.26 -1.72
CA LEU D 67 -29.56 -16.29 -2.66
C LEU D 67 -28.86 -17.63 -2.51
N ARG D 68 -29.63 -18.69 -2.63
CA ARG D 68 -29.14 -20.05 -2.45
C ARG D 68 -29.56 -20.96 -3.60
N PRO D 69 -28.64 -21.19 -4.55
CA PRO D 69 -28.93 -22.09 -5.67
C PRO D 69 -28.75 -23.55 -5.28
N TYR D 70 -29.66 -24.41 -5.74
CA TYR D 70 -29.52 -25.84 -5.55
C TYR D 70 -29.16 -26.49 -6.88
N LEU D 71 -27.92 -26.95 -6.98
CA LEU D 71 -27.37 -27.38 -8.26
C LEU D 71 -27.65 -28.84 -8.61
N THR D 72 -28.45 -29.50 -7.78
CA THR D 72 -28.94 -30.83 -8.10
C THR D 72 -30.46 -30.77 -8.11
N PRO D 73 -31.10 -31.51 -9.03
CA PRO D 73 -32.57 -31.43 -9.16
C PRO D 73 -33.28 -32.04 -7.96
N ASN D 74 -34.48 -31.55 -7.66
CA ASN D 74 -35.28 -32.16 -6.60
C ASN D 74 -36.06 -33.35 -7.16
N ALA D 75 -37.08 -33.78 -6.42
CA ALA D 75 -37.88 -34.93 -6.82
C ALA D 75 -38.57 -34.70 -8.16
N ASP D 76 -39.08 -33.49 -8.36
CA ASP D 76 -39.80 -33.14 -9.57
C ASP D 76 -38.88 -33.07 -10.79
N GLY D 77 -37.58 -32.96 -10.55
CA GLY D 77 -36.62 -32.80 -11.63
C GLY D 77 -36.30 -31.34 -11.83
N LEU D 78 -36.82 -30.50 -10.93
CA LEU D 78 -36.58 -29.06 -10.97
C LEU D 78 -35.28 -28.67 -10.30
N TYR D 79 -34.55 -27.75 -10.92
CA TYR D 79 -33.50 -27.02 -10.26
C TYR D 79 -34.12 -25.76 -9.70
N ILE D 80 -33.86 -25.45 -8.43
CA ILE D 80 -34.44 -24.26 -7.82
C ILE D 80 -33.39 -23.41 -7.12
N PHE D 81 -33.77 -22.17 -6.80
CA PHE D 81 -33.00 -21.34 -5.90
C PHE D 81 -33.93 -20.74 -4.85
N LYS D 82 -33.42 -20.54 -3.64
CA LYS D 82 -34.19 -19.88 -2.59
C LYS D 82 -33.58 -18.52 -2.27
N GLY D 83 -34.41 -17.59 -1.84
CA GLY D 83 -33.91 -16.28 -1.55
C GLY D 83 -34.66 -15.57 -0.45
N LYS D 84 -33.97 -14.64 0.20
CA LYS D 84 -34.63 -13.70 1.08
C LYS D 84 -34.07 -12.33 0.74
N SER D 85 -34.93 -11.32 0.77
CA SER D 85 -34.49 -9.98 0.47
C SER D 85 -35.10 -8.96 1.41
N ILE D 86 -34.33 -7.92 1.69
CA ILE D 86 -34.84 -6.75 2.39
C ILE D 86 -34.52 -5.51 1.58
N VAL D 87 -35.54 -4.76 1.19
CA VAL D 87 -35.32 -3.51 0.49
C VAL D 87 -35.70 -2.34 1.39
N ARG D 88 -34.81 -1.37 1.48
CA ARG D 88 -35.12 -0.12 2.15
C ARG D 88 -35.47 0.92 1.09
N PHE D 89 -36.57 1.63 1.27
CA PHE D 89 -36.98 2.66 0.32
C PHE D 89 -37.50 3.89 1.03
N ILE D 90 -37.55 5.00 0.30
CA ILE D 90 -38.09 6.24 0.86
C ILE D 90 -39.42 6.58 0.21
N CYS D 91 -40.35 7.07 1.03
CA CYS D 91 -41.62 7.56 0.52
C CYS D 91 -41.46 9.00 0.07
N GLN D 92 -41.65 9.23 -1.23
CA GLN D 92 -41.52 10.57 -1.79
C GLN D 92 -42.83 11.35 -1.71
N GLU D 93 -43.93 10.65 -1.93
CA GLU D 93 -45.26 11.26 -1.80
C GLU D 93 -46.22 10.23 -1.22
N PRO D 94 -47.26 10.68 -0.50
CA PRO D 94 -48.17 9.77 0.20
C PRO D 94 -48.78 8.71 -0.70
N THR D 95 -48.71 7.46 -0.27
CA THR D 95 -49.37 6.37 -0.98
C THR D 95 -49.78 5.28 -0.01
N ASP D 96 -50.88 4.60 -0.32
CA ASP D 96 -51.33 3.49 0.51
C ASP D 96 -51.11 2.16 -0.19
N VAL D 97 -50.22 2.15 -1.18
CA VAL D 97 -49.89 0.91 -1.86
C VAL D 97 -48.40 0.84 -2.22
N ILE D 98 -47.81 -0.33 -2.01
CA ILE D 98 -46.43 -0.56 -2.43
C ILE D 98 -46.43 -1.43 -3.69
N ILE D 99 -45.84 -0.91 -4.75
CA ILE D 99 -45.74 -1.65 -5.99
C ILE D 99 -44.27 -1.89 -6.32
N ILE D 100 -43.91 -3.16 -6.44
CA ILE D 100 -42.53 -3.57 -6.70
C ILE D 100 -42.57 -4.67 -7.75
N HIS D 101 -41.49 -4.88 -8.48
CA HIS D 101 -41.51 -5.90 -9.53
C HIS D 101 -41.25 -7.30 -8.96
N SER D 102 -41.97 -8.28 -9.50
CA SER D 102 -41.77 -9.68 -9.15
C SER D 102 -42.19 -10.56 -10.33
N LYS D 103 -41.32 -11.49 -10.72
CA LYS D 103 -41.55 -12.32 -11.89
C LYS D 103 -41.13 -13.78 -11.66
N LYS D 104 -42.09 -14.69 -11.77
CA LYS D 104 -41.84 -16.14 -11.63
C LYS D 104 -41.22 -16.51 -10.28
N LEU D 105 -41.61 -15.78 -9.25
CA LEU D 105 -41.18 -16.06 -7.88
C LEU D 105 -42.36 -16.55 -7.03
N ASN D 106 -42.14 -17.62 -6.28
CA ASN D 106 -43.11 -18.10 -5.29
C ASN D 106 -42.74 -17.60 -3.90
N TYR D 107 -43.73 -17.14 -3.13
CA TYR D 107 -43.42 -16.55 -1.85
C TYR D 107 -43.75 -17.47 -0.68
N THR D 108 -42.73 -17.69 0.16
CA THR D 108 -42.86 -18.55 1.32
C THR D 108 -42.86 -17.72 2.59
N HIS D 112 -49.07 -12.93 4.73
CA HIS D 112 -48.71 -11.96 3.69
C HIS D 112 -47.36 -12.32 3.06
N MET D 113 -47.18 -11.91 1.81
CA MET D 113 -45.97 -12.27 1.09
C MET D 113 -44.79 -11.38 1.48
N VAL D 114 -45.05 -10.47 2.41
CA VAL D 114 -44.14 -9.38 2.72
C VAL D 114 -44.27 -8.98 4.20
N VAL D 115 -43.14 -8.62 4.82
CA VAL D 115 -43.17 -8.03 6.15
C VAL D 115 -42.69 -6.58 6.05
N LEU D 116 -43.50 -5.65 6.55
CA LEU D 116 -43.20 -4.23 6.44
C LEU D 116 -42.74 -3.65 7.78
N ARG D 117 -41.60 -2.97 7.76
CA ARG D 117 -41.08 -2.31 8.96
C ARG D 117 -40.74 -0.87 8.66
N GLY D 118 -40.57 -0.07 9.72
CA GLY D 118 -40.24 1.34 9.58
C GLY D 118 -38.82 1.61 10.01
N VAL D 119 -38.17 2.56 9.35
CA VAL D 119 -36.84 2.97 9.75
C VAL D 119 -36.94 4.12 10.73
N GLY D 120 -36.35 3.94 11.91
CA GLY D 120 -36.36 4.95 12.95
C GLY D 120 -37.76 5.46 13.29
N ASP D 121 -38.01 6.68 12.83
CA ASP D 121 -39.21 7.44 13.14
C ASP D 121 -40.50 6.94 12.47
N SER D 122 -40.35 6.29 11.33
CA SER D 122 -41.48 6.03 10.43
C SER D 122 -42.62 5.25 11.09
N GLN D 123 -43.84 5.73 10.87
CA GLN D 123 -45.03 5.04 11.34
C GLN D 123 -45.48 4.07 10.25
N VAL D 124 -45.76 2.83 10.65
CA VAL D 124 -46.00 1.77 9.70
C VAL D 124 -47.48 1.43 9.58
N PRO D 125 -48.06 1.62 8.39
CA PRO D 125 -49.45 1.26 8.17
C PRO D 125 -49.62 -0.26 8.14
N GLU D 126 -50.82 -0.74 8.46
CA GLU D 126 -51.10 -2.17 8.43
C GLU D 126 -51.23 -2.68 7.00
N ILE D 127 -50.87 -3.93 6.78
CA ILE D 127 -51.06 -4.55 5.46
C ILE D 127 -52.49 -5.06 5.32
N ASP D 128 -53.20 -4.56 4.32
CA ASP D 128 -54.52 -5.09 3.99
C ASP D 128 -54.33 -6.49 3.41
N ARG D 129 -53.68 -6.54 2.26
CA ARG D 129 -53.36 -7.82 1.62
C ARG D 129 -52.27 -7.62 0.58
N THR D 130 -51.66 -8.73 0.16
CA THR D 130 -50.70 -8.72 -0.91
C THR D 130 -51.21 -9.58 -2.07
N GLU D 131 -50.93 -9.16 -3.30
CA GLU D 131 -51.29 -9.95 -4.48
C GLU D 131 -50.17 -9.86 -5.51
N LEU D 132 -50.13 -10.84 -6.41
CA LEU D 132 -49.23 -10.80 -7.54
C LEU D 132 -50.04 -10.50 -8.80
N VAL D 133 -49.59 -9.51 -9.55
CA VAL D 133 -50.21 -9.20 -10.83
C VAL D 133 -49.25 -9.62 -11.93
N GLU D 134 -49.53 -10.76 -12.55
CA GLU D 134 -48.58 -11.38 -13.47
C GLU D 134 -48.28 -10.53 -14.69
N LEU D 135 -49.32 -9.96 -15.31
CA LEU D 135 -49.18 -9.27 -16.58
C LEU D 135 -48.18 -8.12 -16.51
N THR D 136 -48.29 -7.30 -15.48
CA THR D 136 -47.40 -6.17 -15.29
C THR D 136 -46.20 -6.54 -14.40
N GLU D 137 -46.12 -7.83 -14.05
CA GLU D 137 -44.99 -8.39 -13.32
C GLU D 137 -44.76 -7.64 -12.00
N TYR D 138 -45.81 -7.58 -11.20
CA TYR D 138 -45.81 -6.86 -9.93
C TYR D 138 -46.08 -7.72 -8.71
N LEU D 139 -45.43 -7.36 -7.60
CA LEU D 139 -45.88 -7.74 -6.27
C LEU D 139 -46.54 -6.51 -5.67
N VAL D 140 -47.78 -6.64 -5.23
CA VAL D 140 -48.55 -5.49 -4.81
C VAL D 140 -49.01 -5.60 -3.36
N VAL D 141 -48.59 -4.62 -2.55
CA VAL D 141 -48.91 -4.59 -1.13
C VAL D 141 -49.92 -3.49 -0.83
N HIS D 142 -51.17 -3.89 -0.59
CA HIS D 142 -52.22 -2.91 -0.29
C HIS D 142 -52.20 -2.58 1.20
N LEU D 143 -52.18 -1.29 1.52
CA LEU D 143 -52.04 -0.84 2.90
C LEU D 143 -53.34 -0.23 3.45
N LYS D 144 -53.55 -0.37 4.76
CA LYS D 144 -54.75 0.18 5.39
C LYS D 144 -54.56 1.66 5.74
N GLY D 145 -53.38 2.20 5.42
CA GLY D 145 -53.06 3.59 5.67
C GLY D 145 -51.98 4.03 4.69
N SER D 146 -51.57 5.30 4.78
CA SER D 146 -50.60 5.85 3.83
C SER D 146 -49.20 6.02 4.39
N LEU D 147 -48.20 5.79 3.55
CA LEU D 147 -46.81 5.99 3.91
C LEU D 147 -46.52 7.49 4.05
N GLN D 148 -45.58 7.82 4.94
CA GLN D 148 -45.24 9.21 5.24
C GLN D 148 -44.09 9.72 4.37
N PRO D 149 -44.28 10.87 3.71
CA PRO D 149 -43.25 11.42 2.83
C PRO D 149 -41.99 11.82 3.59
N GLY D 150 -40.83 11.62 2.96
CA GLY D 150 -39.56 11.94 3.59
C GLY D 150 -39.13 10.89 4.60
N HIS D 151 -39.82 9.77 4.63
CA HIS D 151 -39.55 8.75 5.65
C HIS D 151 -39.24 7.40 4.97
N MET D 152 -38.39 6.61 5.61
CA MET D 152 -37.93 5.35 5.02
C MET D 152 -38.57 4.13 5.65
N TYR D 153 -38.72 3.09 4.83
CA TYR D 153 -39.34 1.84 5.27
C TYR D 153 -38.52 0.65 4.80
N GLU D 154 -38.68 -0.50 5.45
CA GLU D 154 -37.95 -1.71 5.08
C GLU D 154 -38.93 -2.85 4.84
N MET D 155 -38.83 -3.47 3.67
CA MET D 155 -39.76 -4.52 3.28
C MET D 155 -39.02 -5.83 3.05
N GLU D 156 -39.44 -6.87 3.78
CA GLU D 156 -38.76 -8.15 3.78
C GLU D 156 -39.60 -9.23 3.09
N SER D 157 -38.94 -10.11 2.36
CA SER D 157 -39.64 -11.21 1.71
C SER D 157 -38.75 -12.45 1.61
N GLU D 158 -39.38 -13.61 1.58
CA GLU D 158 -38.69 -14.87 1.37
C GLU D 158 -39.36 -15.60 0.22
N PHE D 159 -38.56 -16.09 -0.71
CA PHE D 159 -39.10 -16.55 -1.99
C PHE D 159 -38.32 -17.70 -2.60
N GLN D 160 -38.81 -18.19 -3.73
CA GLN D 160 -38.28 -19.38 -4.38
C GLN D 160 -38.57 -19.31 -5.87
N GLY D 161 -37.59 -19.67 -6.71
CA GLY D 161 -37.79 -19.68 -8.14
C GLY D 161 -37.03 -20.80 -8.84
N GLU D 162 -37.34 -21.06 -10.10
CA GLU D 162 -36.62 -22.10 -10.83
C GLU D 162 -35.27 -21.60 -11.35
N LEU D 163 -34.24 -22.42 -11.17
CA LEU D 163 -32.95 -22.22 -11.84
C LEU D 163 -33.04 -22.81 -13.25
N ALA D 164 -33.80 -22.16 -14.12
CA ALA D 164 -34.10 -22.72 -15.43
C ALA D 164 -32.94 -22.62 -16.42
N ASP D 165 -33.12 -23.25 -17.59
CA ASP D 165 -32.16 -23.14 -18.68
C ASP D 165 -32.56 -22.04 -19.67
N ASP D 166 -33.26 -21.02 -19.16
CA ASP D 166 -33.81 -19.97 -20.02
C ASP D 166 -32.91 -18.75 -20.21
N LEU D 167 -31.71 -18.80 -19.64
CA LEU D 167 -30.69 -17.75 -19.84
C LEU D 167 -31.08 -16.39 -19.28
N ALA D 168 -32.07 -16.37 -18.39
CA ALA D 168 -32.61 -15.13 -17.85
C ALA D 168 -32.75 -15.18 -16.33
N GLY D 169 -32.55 -14.03 -15.68
CA GLY D 169 -32.57 -13.95 -14.23
C GLY D 169 -31.45 -14.79 -13.64
N PHE D 170 -31.74 -15.47 -12.53
CA PHE D 170 -30.84 -16.44 -11.94
C PHE D 170 -31.09 -17.77 -12.63
N TYR D 171 -30.15 -18.22 -13.46
CA TYR D 171 -30.38 -19.45 -14.22
C TYR D 171 -29.20 -20.44 -14.13
N ARG D 172 -29.39 -21.64 -14.69
CA ARG D 172 -28.33 -22.65 -14.67
C ARG D 172 -27.63 -22.82 -16.01
N SER D 173 -26.37 -23.22 -15.94
CA SER D 173 -25.54 -23.45 -17.12
C SER D 173 -24.85 -24.80 -16.92
N GLU D 174 -24.64 -25.55 -18.00
CA GLU D 174 -24.15 -26.92 -17.87
C GLU D 174 -23.04 -27.24 -18.86
N TYR D 175 -22.15 -28.14 -18.46
CA TYR D 175 -21.07 -28.59 -19.33
C TYR D 175 -20.55 -29.95 -18.86
N MET D 176 -19.83 -30.64 -19.74
CA MET D 176 -19.17 -31.88 -19.37
C MET D 176 -17.72 -31.63 -18.98
N GLU D 177 -17.25 -32.33 -17.96
CA GLU D 177 -15.83 -32.38 -17.65
C GLU D 177 -15.46 -33.83 -17.46
N GLY D 178 -14.78 -34.41 -18.45
CA GLY D 178 -14.61 -35.85 -18.48
C GLY D 178 -15.96 -36.48 -18.77
N ASN D 179 -16.39 -37.36 -17.86
CA ASN D 179 -17.70 -37.99 -17.96
C ASN D 179 -18.62 -37.52 -16.83
N VAL D 180 -18.32 -36.35 -16.29
CA VAL D 180 -19.12 -35.81 -15.20
C VAL D 180 -19.88 -34.56 -15.64
N LYS D 181 -21.21 -34.63 -15.53
CA LYS D 181 -22.06 -33.49 -15.84
C LYS D 181 -21.96 -32.40 -14.78
N LYS D 182 -21.47 -31.23 -15.17
CA LYS D 182 -21.35 -30.12 -14.22
C LYS D 182 -22.50 -29.13 -14.42
N VAL D 183 -22.99 -28.60 -13.30
CA VAL D 183 -24.07 -27.60 -13.29
C VAL D 183 -23.66 -26.41 -12.44
N LEU D 184 -23.82 -25.20 -12.98
CA LEU D 184 -23.48 -23.98 -12.25
C LEU D 184 -24.61 -22.98 -12.32
N ALA D 185 -24.58 -21.96 -11.46
CA ALA D 185 -25.66 -20.98 -11.39
C ALA D 185 -25.16 -19.59 -11.77
N THR D 186 -25.87 -18.92 -12.67
CA THR D 186 -25.43 -17.63 -13.17
C THR D 186 -26.59 -16.66 -13.35
N THR D 187 -26.27 -15.41 -13.65
CA THR D 187 -27.29 -14.38 -13.81
C THR D 187 -27.25 -13.66 -15.15
N GLN D 188 -28.43 -13.17 -15.55
CA GLN D 188 -28.55 -12.22 -16.64
C GLN D 188 -29.78 -11.37 -16.31
N MET D 189 -29.55 -10.12 -15.90
CA MET D 189 -30.64 -9.27 -15.46
C MET D 189 -31.19 -8.34 -16.56
N GLN D 190 -30.31 -7.81 -17.42
CA GLN D 190 -30.78 -6.92 -18.48
C GLN D 190 -31.71 -7.68 -19.43
N SER D 191 -32.85 -7.11 -19.80
CA SER D 191 -33.23 -5.74 -19.41
C SER D 191 -34.07 -5.67 -18.14
N THR D 192 -35.05 -6.57 -18.00
CA THR D 192 -35.90 -6.55 -16.82
C THR D 192 -36.09 -7.94 -16.22
N ASP D 193 -34.98 -8.57 -15.84
CA ASP D 193 -35.06 -9.89 -15.24
C ASP D 193 -34.43 -9.94 -13.83
N ALA D 194 -33.96 -8.81 -13.32
CA ALA D 194 -33.56 -8.76 -11.91
C ALA D 194 -34.75 -9.17 -11.05
N ARG D 195 -35.94 -8.74 -11.46
CA ARG D 195 -37.21 -9.09 -10.83
C ARG D 195 -37.52 -10.59 -10.83
N LYS D 196 -36.78 -11.33 -11.66
CA LYS D 196 -36.97 -12.77 -11.78
C LYS D 196 -36.14 -13.50 -10.73
N SER D 197 -35.25 -12.76 -10.07
CA SER D 197 -34.37 -13.34 -9.05
C SER D 197 -34.69 -12.84 -7.63
N PHE D 198 -35.29 -11.66 -7.53
CA PHE D 198 -35.75 -11.13 -6.25
C PHE D 198 -36.64 -9.91 -6.50
N PRO D 199 -37.57 -9.61 -5.57
CA PRO D 199 -38.45 -8.47 -5.82
C PRO D 199 -37.70 -7.14 -5.70
N CYS D 200 -37.83 -6.27 -6.70
CA CYS D 200 -37.09 -5.01 -6.70
C CYS D 200 -37.76 -3.94 -7.56
N PHE D 201 -37.41 -2.68 -7.33
CA PHE D 201 -37.88 -1.59 -8.19
C PHE D 201 -37.05 -1.62 -9.47
N ASP D 202 -37.48 -2.46 -10.40
CA ASP D 202 -36.66 -2.88 -11.53
C ASP D 202 -36.77 -1.95 -12.73
N GLU D 203 -36.34 -0.70 -12.54
CA GLU D 203 -36.20 0.29 -13.61
C GLU D 203 -34.83 0.95 -13.48
N PRO D 204 -34.16 1.23 -14.62
CA PRO D 204 -32.73 1.60 -14.61
C PRO D 204 -32.36 2.87 -13.84
N ALA D 205 -33.22 3.88 -13.80
CA ALA D 205 -32.92 5.13 -13.10
C ALA D 205 -33.04 4.99 -11.58
N MET D 206 -33.76 3.98 -11.12
CA MET D 206 -33.98 3.80 -9.70
C MET D 206 -32.81 3.07 -9.05
N LYS D 207 -31.69 3.77 -8.93
CA LYS D 207 -30.46 3.19 -8.48
C LYS D 207 -30.39 3.06 -6.96
N ALA D 208 -29.58 2.10 -6.52
CA ALA D 208 -29.43 1.80 -5.10
C ALA D 208 -28.14 1.02 -4.88
N THR D 209 -27.77 0.82 -3.62
CA THR D 209 -26.65 -0.07 -3.29
C THR D 209 -27.18 -1.47 -2.97
N PHE D 210 -26.35 -2.48 -3.17
CA PHE D 210 -26.77 -3.87 -3.00
C PHE D 210 -25.79 -4.63 -2.12
N ASN D 211 -26.31 -5.27 -1.08
CA ASN D 211 -25.51 -6.15 -0.25
C ASN D 211 -25.87 -7.60 -0.57
N ILE D 212 -24.99 -8.27 -1.30
CA ILE D 212 -25.29 -9.61 -1.79
C ILE D 212 -24.65 -10.66 -0.89
N THR D 213 -25.41 -11.70 -0.59
CA THR D 213 -24.90 -12.86 0.12
C THR D 213 -25.30 -14.11 -0.64
N LEU D 214 -24.33 -14.98 -0.93
CA LEU D 214 -24.62 -16.26 -1.57
C LEU D 214 -24.43 -17.41 -0.60
N ILE D 215 -25.37 -18.35 -0.60
CA ILE D 215 -25.20 -19.59 0.16
C ILE D 215 -24.99 -20.73 -0.83
N HIS D 216 -23.84 -21.39 -0.70
CA HIS D 216 -23.36 -22.29 -1.73
C HIS D 216 -22.62 -23.50 -1.14
N PRO D 217 -22.53 -24.60 -1.90
CA PRO D 217 -21.71 -25.75 -1.52
C PRO D 217 -20.29 -25.34 -1.18
N ASN D 218 -19.70 -25.91 -0.14
CA ASN D 218 -18.48 -25.34 0.43
C ASN D 218 -17.25 -25.47 -0.47
N ASN D 219 -17.33 -26.29 -1.51
CA ASN D 219 -16.18 -26.42 -2.40
C ASN D 219 -16.37 -25.70 -3.74
N LEU D 220 -17.38 -24.85 -3.82
CA LEU D 220 -17.61 -24.05 -5.02
C LEU D 220 -17.25 -22.58 -4.78
N THR D 221 -16.87 -21.89 -5.84
CA THR D 221 -16.50 -20.48 -5.76
C THR D 221 -17.74 -19.61 -5.98
N ALA D 222 -17.85 -18.55 -5.19
CA ALA D 222 -18.93 -17.59 -5.35
C ALA D 222 -18.40 -16.24 -5.81
N LEU D 223 -18.96 -15.71 -6.89
CA LEU D 223 -18.55 -14.41 -7.42
C LEU D 223 -19.75 -13.45 -7.46
N SER D 224 -19.47 -12.16 -7.31
CA SER D 224 -20.51 -11.14 -7.47
C SER D 224 -19.84 -9.87 -7.97
N ASN D 225 -20.60 -8.79 -8.07
CA ASN D 225 -20.05 -7.51 -8.55
C ASN D 225 -18.80 -7.08 -7.79
N MET D 226 -18.87 -7.20 -6.46
CA MET D 226 -17.82 -6.73 -5.55
C MET D 226 -17.00 -7.89 -4.97
N PRO D 227 -15.82 -7.59 -4.42
CA PRO D 227 -15.08 -8.67 -3.76
C PRO D 227 -15.83 -9.16 -2.53
N PRO D 228 -15.52 -10.37 -2.06
CA PRO D 228 -16.11 -10.86 -0.81
C PRO D 228 -15.80 -9.94 0.36
N LYS D 229 -16.73 -9.86 1.31
CA LYS D 229 -16.53 -9.12 2.55
C LYS D 229 -15.97 -10.09 3.60
N GLY D 230 -14.68 -9.99 3.88
CA GLY D 230 -14.02 -10.93 4.76
C GLY D 230 -14.01 -12.34 4.18
N SER D 231 -14.08 -13.34 5.05
CA SER D 231 -14.08 -14.73 4.63
C SER D 231 -15.47 -15.33 4.54
N SER D 232 -15.59 -16.43 3.81
CA SER D 232 -16.80 -17.24 3.86
C SER D 232 -16.88 -17.94 5.22
N THR D 233 -18.10 -18.26 5.66
CA THR D 233 -18.28 -19.02 6.89
C THR D 233 -19.21 -20.20 6.64
N PRO D 234 -19.06 -21.28 7.44
CA PRO D 234 -19.99 -22.40 7.32
C PRO D 234 -21.43 -21.98 7.57
N LEU D 235 -22.35 -22.51 6.78
CA LEU D 235 -23.78 -22.32 7.03
C LEU D 235 -24.11 -23.02 8.34
N ALA D 236 -24.65 -22.27 9.29
CA ALA D 236 -24.99 -22.78 10.63
C ALA D 236 -25.71 -24.14 10.60
N GLU D 237 -26.72 -24.25 9.74
CA GLU D 237 -27.56 -25.45 9.65
C GLU D 237 -26.82 -26.65 9.07
N ASP D 238 -25.91 -26.39 8.13
CA ASP D 238 -25.29 -27.45 7.35
C ASP D 238 -23.92 -27.00 6.85
N PRO D 239 -22.85 -27.41 7.54
CA PRO D 239 -21.50 -26.96 7.21
C PRO D 239 -20.99 -27.48 5.86
N ASN D 240 -21.78 -28.30 5.17
CA ASN D 240 -21.44 -28.68 3.79
C ASN D 240 -21.70 -27.50 2.86
N TRP D 241 -22.45 -26.52 3.35
CA TRP D 241 -22.67 -25.28 2.64
C TRP D 241 -21.86 -24.15 3.30
N SER D 242 -21.55 -23.12 2.53
CA SER D 242 -20.85 -21.95 3.06
C SER D 242 -21.63 -20.68 2.75
N VAL D 243 -21.32 -19.62 3.49
CA VAL D 243 -21.99 -18.34 3.32
C VAL D 243 -20.96 -17.28 2.98
N THR D 244 -21.14 -16.65 1.83
CA THR D 244 -20.19 -15.65 1.35
C THR D 244 -20.89 -14.32 1.19
N GLU D 245 -20.45 -13.32 1.94
CA GLU D 245 -21.01 -11.98 1.84
C GLU D 245 -20.08 -11.11 1.01
N PHE D 246 -20.65 -10.27 0.14
CA PHE D 246 -19.82 -9.41 -0.69
C PHE D 246 -19.90 -7.97 -0.21
N GLU D 247 -18.85 -7.19 -0.49
CA GLU D 247 -18.87 -5.77 -0.15
C GLU D 247 -20.06 -5.09 -0.82
N THR D 248 -20.53 -4.01 -0.21
CA THR D 248 -21.63 -3.19 -0.76
C THR D 248 -21.28 -2.67 -2.16
N THR D 249 -22.23 -2.76 -3.11
CA THR D 249 -21.97 -2.23 -4.44
C THR D 249 -22.01 -0.70 -4.47
N PRO D 250 -21.45 -0.09 -5.53
CA PRO D 250 -21.73 1.32 -5.75
C PRO D 250 -23.22 1.56 -5.99
N VAL D 251 -23.64 2.82 -5.98
CA VAL D 251 -25.00 3.14 -6.38
C VAL D 251 -25.13 2.76 -7.86
N MET D 252 -26.08 1.89 -8.18
CA MET D 252 -26.19 1.34 -9.54
C MET D 252 -27.58 0.80 -9.84
N SER D 253 -27.82 0.47 -11.11
CA SER D 253 -29.12 -0.05 -11.55
C SER D 253 -29.24 -1.55 -11.30
N THR D 254 -30.46 -2.01 -11.06
CA THR D 254 -30.74 -3.43 -10.81
C THR D 254 -30.24 -4.33 -11.93
N TYR D 255 -30.26 -3.84 -13.17
CA TYR D 255 -29.94 -4.69 -14.31
C TYR D 255 -28.44 -5.03 -14.40
N LEU D 256 -27.62 -4.34 -13.61
CA LEU D 256 -26.17 -4.57 -13.60
C LEU D 256 -25.68 -5.55 -12.51
N LEU D 257 -26.61 -6.07 -11.70
CA LEU D 257 -26.28 -7.06 -10.67
C LEU D 257 -25.83 -8.38 -11.29
N ALA D 258 -24.92 -9.08 -10.62
CA ALA D 258 -24.55 -10.42 -11.05
C ALA D 258 -24.03 -11.25 -9.88
N TYR D 259 -24.33 -12.54 -9.90
CA TYR D 259 -23.76 -13.46 -8.94
C TYR D 259 -23.67 -14.86 -9.51
N ILE D 260 -22.56 -15.53 -9.24
CA ILE D 260 -22.20 -16.78 -9.90
C ILE D 260 -21.64 -17.80 -8.92
N VAL D 261 -22.12 -19.04 -9.01
CA VAL D 261 -21.62 -20.13 -8.20
C VAL D 261 -21.14 -21.24 -9.13
N SER D 262 -19.87 -21.60 -9.05
CA SER D 262 -19.28 -22.55 -10.01
C SER D 262 -17.97 -23.19 -9.52
N GLU D 263 -17.44 -24.10 -10.32
CA GLU D 263 -16.11 -24.66 -10.08
C GLU D 263 -15.03 -23.98 -10.92
N PHE D 264 -15.34 -22.81 -11.46
CA PHE D 264 -14.44 -22.17 -12.43
C PHE D 264 -13.08 -21.81 -11.83
N GLN D 265 -12.05 -21.83 -12.66
CA GLN D 265 -10.72 -21.39 -12.26
C GLN D 265 -10.42 -20.10 -13.00
N SER D 266 -9.32 -19.45 -12.66
CA SER D 266 -8.99 -18.17 -13.28
C SER D 266 -7.49 -17.93 -13.50
N VAL D 267 -7.19 -16.95 -14.34
CA VAL D 267 -5.85 -16.37 -14.40
C VAL D 267 -6.04 -14.89 -14.08
N ASN D 268 -4.98 -14.22 -13.64
CA ASN D 268 -5.15 -12.85 -13.18
C ASN D 268 -3.96 -11.95 -13.44
N GLU D 269 -4.23 -10.64 -13.40
CA GLU D 269 -3.19 -9.64 -13.53
C GLU D 269 -3.76 -8.30 -13.07
N THR D 270 -2.95 -7.53 -12.34
CA THR D 270 -3.36 -6.18 -11.95
C THR D 270 -3.09 -5.19 -13.07
N ALA D 271 -4.13 -4.50 -13.53
CA ALA D 271 -3.97 -3.53 -14.60
C ALA D 271 -3.15 -2.32 -14.14
N GLN D 272 -2.77 -1.47 -15.10
CA GLN D 272 -1.94 -0.29 -14.82
C GLN D 272 -2.62 0.69 -13.87
N ASN D 273 -3.94 0.74 -13.91
CA ASN D 273 -4.68 1.64 -13.03
C ASN D 273 -4.94 1.03 -11.65
N GLY D 274 -4.29 -0.11 -11.37
CA GLY D 274 -4.36 -0.72 -10.06
C GLY D 274 -5.57 -1.63 -9.86
N VAL D 275 -6.31 -1.88 -10.94
CA VAL D 275 -7.50 -2.72 -10.86
C VAL D 275 -7.16 -4.19 -11.13
N LEU D 276 -7.60 -5.06 -10.24
CA LEU D 276 -7.38 -6.50 -10.41
C LEU D 276 -8.24 -7.05 -11.55
N ILE D 277 -7.59 -7.65 -12.53
CA ILE D 277 -8.29 -8.35 -13.60
C ILE D 277 -8.17 -9.85 -13.42
N ARG D 278 -9.29 -10.56 -13.53
CA ARG D 278 -9.28 -12.01 -13.54
C ARG D 278 -10.12 -12.52 -14.72
N ILE D 279 -9.61 -13.54 -15.40
CA ILE D 279 -10.39 -14.23 -16.44
C ILE D 279 -10.83 -15.61 -15.92
N TRP D 280 -12.15 -15.83 -15.86
CA TRP D 280 -12.71 -17.08 -15.33
C TRP D 280 -13.32 -17.95 -16.44
N ALA D 281 -13.15 -19.27 -16.34
CA ALA D 281 -13.77 -20.20 -17.28
C ALA D 281 -13.72 -21.62 -16.75
N ARG D 282 -14.32 -22.56 -17.48
CA ARG D 282 -14.19 -23.99 -17.17
C ARG D 282 -12.72 -24.32 -16.89
N PRO D 283 -12.44 -25.06 -15.81
CA PRO D 283 -11.08 -25.47 -15.45
C PRO D 283 -10.25 -25.97 -16.64
N ASN D 284 -10.80 -26.86 -17.45
CA ASN D 284 -10.08 -27.36 -18.62
C ASN D 284 -9.69 -26.26 -19.60
N ALA D 285 -10.60 -25.30 -19.82
CA ALA D 285 -10.33 -24.23 -20.77
C ALA D 285 -9.21 -23.33 -20.25
N ILE D 286 -9.25 -23.04 -18.96
CA ILE D 286 -8.19 -22.27 -18.31
C ILE D 286 -6.84 -22.99 -18.44
N ALA D 287 -6.86 -24.30 -18.18
CA ALA D 287 -5.64 -25.11 -18.19
C ALA D 287 -4.98 -25.13 -19.56
N GLU D 288 -5.77 -25.13 -20.62
CA GLU D 288 -5.24 -25.12 -21.99
C GLU D 288 -4.79 -23.73 -22.42
N GLY D 289 -4.96 -22.74 -21.56
CA GLY D 289 -4.47 -21.40 -21.83
C GLY D 289 -5.41 -20.53 -22.66
N HIS D 290 -6.68 -20.92 -22.72
CA HIS D 290 -7.65 -20.23 -23.58
C HIS D 290 -8.07 -18.87 -23.03
N GLY D 291 -7.68 -18.56 -21.80
CA GLY D 291 -8.03 -17.27 -21.21
C GLY D 291 -6.91 -16.25 -21.37
N MET D 292 -5.80 -16.66 -21.96
CA MET D 292 -4.60 -15.82 -22.02
C MET D 292 -4.77 -14.56 -22.88
N TYR D 293 -5.41 -14.68 -24.03
CA TYR D 293 -5.58 -13.50 -24.89
C TYR D 293 -6.43 -12.44 -24.20
N ALA D 294 -7.51 -12.87 -23.55
CA ALA D 294 -8.36 -11.95 -22.81
C ALA D 294 -7.59 -11.26 -21.67
N LEU D 295 -6.69 -12.00 -21.02
CA LEU D 295 -5.87 -11.39 -19.98
C LEU D 295 -4.89 -10.39 -20.60
N ASN D 296 -4.40 -10.70 -21.79
CA ASN D 296 -3.53 -9.79 -22.53
C ASN D 296 -4.15 -8.42 -22.79
N VAL D 297 -5.44 -8.36 -23.10
CA VAL D 297 -6.02 -7.11 -23.58
C VAL D 297 -6.95 -6.37 -22.61
N THR D 298 -7.51 -7.09 -21.64
CA THR D 298 -8.56 -6.52 -20.80
C THR D 298 -8.09 -5.34 -19.95
N GLY D 299 -7.09 -5.59 -19.11
CA GLY D 299 -6.48 -4.55 -18.30
C GLY D 299 -6.03 -3.30 -19.04
N PRO D 300 -5.22 -3.47 -20.11
CA PRO D 300 -4.77 -2.33 -20.91
C PRO D 300 -5.91 -1.50 -21.52
N ILE D 301 -7.01 -2.15 -21.92
CA ILE D 301 -8.13 -1.43 -22.50
C ILE D 301 -8.88 -0.63 -21.42
N LEU D 302 -9.07 -1.25 -20.26
CA LEU D 302 -9.71 -0.59 -19.13
C LEU D 302 -8.94 0.66 -18.74
N ASN D 303 -7.61 0.53 -18.64
CA ASN D 303 -6.75 1.67 -18.32
C ASN D 303 -6.79 2.75 -19.41
N PHE D 304 -6.85 2.31 -20.66
CA PHE D 304 -6.94 3.23 -21.79
C PHE D 304 -8.19 4.11 -21.71
N PHE D 305 -9.33 3.48 -21.46
CA PHE D 305 -10.59 4.23 -21.34
C PHE D 305 -10.56 5.22 -20.17
N ALA D 306 -10.00 4.77 -19.04
CA ALA D 306 -9.91 5.64 -17.85
C ALA D 306 -9.10 6.89 -18.18
N ASN D 307 -8.00 6.70 -18.92
CA ASN D 307 -7.16 7.82 -19.34
C ASN D 307 -7.82 8.65 -20.44
N HIS D 308 -8.43 7.99 -21.42
CA HIS D 308 -9.02 8.70 -22.56
C HIS D 308 -10.12 9.67 -22.13
N TYR D 309 -10.91 9.27 -21.14
CA TYR D 309 -12.03 10.09 -20.68
C TYR D 309 -11.76 10.75 -19.33
N ASN D 310 -10.50 10.72 -18.92
CA ASN D 310 -10.07 11.24 -17.62
C ASN D 310 -11.09 10.95 -16.52
N THR D 311 -11.48 9.69 -16.41
CA THR D 311 -12.47 9.25 -15.45
C THR D 311 -12.12 7.85 -14.96
N SER D 312 -11.77 7.72 -13.68
CA SER D 312 -11.29 6.45 -13.18
C SER D 312 -12.40 5.41 -13.11
N TYR D 313 -12.00 4.14 -13.20
CA TYR D 313 -12.87 3.02 -12.89
C TYR D 313 -12.84 2.88 -11.37
N PRO D 314 -14.00 3.02 -10.71
CA PRO D 314 -14.05 3.16 -9.24
C PRO D 314 -14.05 1.86 -8.45
N LEU D 315 -14.11 0.71 -9.11
CA LEU D 315 -14.16 -0.57 -8.38
C LEU D 315 -12.77 -1.21 -8.25
N PRO D 316 -12.57 -2.04 -7.23
CA PRO D 316 -11.26 -2.67 -6.99
C PRO D 316 -10.91 -3.78 -7.97
N LYS D 317 -11.94 -4.37 -8.58
CA LYS D 317 -11.76 -5.54 -9.44
C LYS D 317 -12.65 -5.44 -10.68
N SER D 318 -12.24 -6.11 -11.75
CA SER D 318 -13.14 -6.37 -12.87
C SER D 318 -12.93 -7.81 -13.32
N ASP D 319 -13.88 -8.68 -13.00
CA ASP D 319 -13.81 -10.08 -13.42
C ASP D 319 -14.43 -10.26 -14.80
N GLN D 320 -13.78 -11.06 -15.64
CA GLN D 320 -14.35 -11.48 -16.92
C GLN D 320 -14.61 -12.98 -16.85
N ILE D 321 -15.82 -13.41 -17.17
CA ILE D 321 -16.15 -14.84 -17.03
C ILE D 321 -16.94 -15.37 -18.22
N ALA D 322 -16.53 -16.54 -18.71
CA ALA D 322 -17.14 -17.13 -19.89
C ALA D 322 -18.08 -18.27 -19.52
N LEU D 323 -19.33 -18.16 -19.97
CA LEU D 323 -20.38 -19.13 -19.63
C LEU D 323 -20.72 -20.04 -20.81
N PRO D 324 -20.92 -21.34 -20.53
CA PRO D 324 -21.31 -22.29 -21.58
C PRO D 324 -22.71 -22.02 -22.12
N ASP D 325 -23.54 -21.34 -21.34
CA ASP D 325 -24.89 -20.99 -21.78
C ASP D 325 -25.19 -19.50 -21.52
N PHE D 326 -25.48 -18.78 -22.60
CA PHE D 326 -25.59 -17.33 -22.52
C PHE D 326 -26.31 -16.77 -23.76
N ASN D 327 -27.19 -15.79 -23.56
CA ASN D 327 -28.04 -15.34 -24.67
C ASN D 327 -27.34 -14.44 -25.66
N ALA D 328 -27.01 -13.22 -25.23
CA ALA D 328 -26.32 -12.26 -26.09
C ALA D 328 -24.84 -12.63 -26.23
N GLY D 329 -24.01 -11.66 -26.62
CA GLY D 329 -22.59 -11.91 -26.75
C GLY D 329 -21.89 -11.87 -25.40
N ALA D 330 -22.34 -10.93 -24.57
CA ALA D 330 -21.75 -10.68 -23.26
C ALA D 330 -22.68 -9.73 -22.49
N MET D 331 -22.33 -9.42 -21.25
CA MET D 331 -23.11 -8.48 -20.44
C MET D 331 -22.23 -7.71 -19.47
N GLU D 332 -22.41 -6.40 -19.41
CA GLU D 332 -21.46 -5.51 -18.75
C GLU D 332 -21.62 -5.36 -17.23
N ASN D 333 -22.06 -6.41 -16.53
CA ASN D 333 -22.28 -6.32 -15.08
C ASN D 333 -21.10 -5.69 -14.34
N TRP D 334 -21.37 -4.67 -13.55
CA TRP D 334 -20.33 -3.84 -12.96
C TRP D 334 -19.45 -4.65 -11.98
N GLY D 335 -18.25 -5.01 -12.42
CA GLY D 335 -17.33 -5.79 -11.60
C GLY D 335 -17.27 -7.27 -11.93
N LEU D 336 -18.29 -7.76 -12.64
CA LEU D 336 -18.38 -9.18 -13.00
C LEU D 336 -18.98 -9.30 -14.39
N VAL D 337 -18.18 -9.01 -15.41
CA VAL D 337 -18.61 -9.02 -16.79
C VAL D 337 -18.72 -10.44 -17.32
N THR D 338 -19.88 -10.79 -17.87
CA THR D 338 -20.13 -12.15 -18.34
C THR D 338 -20.03 -12.25 -19.86
N TYR D 339 -19.63 -13.42 -20.38
CA TYR D 339 -19.43 -13.60 -21.82
C TYR D 339 -19.91 -14.98 -22.29
N ARG D 340 -20.35 -15.06 -23.54
CA ARG D 340 -20.32 -16.32 -24.26
C ARG D 340 -18.88 -16.78 -24.35
N GLU D 341 -18.66 -18.08 -24.39
CA GLU D 341 -17.31 -18.60 -24.54
C GLU D 341 -16.66 -18.13 -25.86
N ASN D 342 -17.46 -17.88 -26.90
CA ASN D 342 -16.91 -17.48 -28.19
C ASN D 342 -16.64 -15.98 -28.26
N ALA D 343 -16.77 -15.31 -27.12
CA ALA D 343 -16.51 -13.87 -27.03
C ALA D 343 -15.39 -13.53 -26.04
N LEU D 344 -14.86 -14.54 -25.35
CA LEU D 344 -13.81 -14.29 -24.36
C LEU D 344 -12.63 -15.25 -24.53
N LEU D 345 -12.93 -16.52 -24.78
CA LEU D 345 -11.89 -17.54 -24.94
C LEU D 345 -11.26 -17.52 -26.33
N PHE D 346 -10.02 -18.00 -26.41
CA PHE D 346 -9.28 -17.98 -27.66
C PHE D 346 -8.16 -19.03 -27.67
N ASP D 347 -8.15 -19.84 -28.73
CA ASP D 347 -7.12 -20.86 -28.94
C ASP D 347 -6.26 -20.42 -30.12
N PRO D 348 -5.02 -20.01 -29.84
CA PRO D 348 -4.12 -19.48 -30.89
C PRO D 348 -3.87 -20.50 -32.01
N GLN D 349 -4.09 -21.78 -31.72
CA GLN D 349 -3.88 -22.83 -32.72
C GLN D 349 -5.16 -23.18 -33.49
N SER D 350 -6.32 -22.99 -32.87
CA SER D 350 -7.58 -23.43 -33.49
C SER D 350 -8.59 -22.32 -33.78
N SER D 351 -8.40 -21.14 -33.20
CA SER D 351 -9.28 -20.02 -33.47
C SER D 351 -8.81 -19.22 -34.68
N SER D 352 -9.74 -18.56 -35.38
CA SER D 352 -9.39 -17.79 -36.57
C SER D 352 -9.10 -16.33 -36.23
N ILE D 353 -8.62 -15.57 -37.22
CA ILE D 353 -8.37 -14.15 -37.00
C ILE D 353 -9.67 -13.40 -36.72
N SER D 354 -10.79 -13.85 -37.29
CA SER D 354 -12.11 -13.28 -37.02
C SER D 354 -12.53 -13.52 -35.58
N ASN D 355 -12.28 -14.74 -35.09
CA ASN D 355 -12.50 -15.08 -33.69
C ASN D 355 -11.72 -14.16 -32.76
N LYS D 356 -10.47 -13.88 -33.13
CA LYS D 356 -9.61 -13.03 -32.33
C LYS D 356 -10.17 -11.61 -32.29
N GLU D 357 -10.61 -11.12 -33.44
CA GLU D 357 -11.14 -9.77 -33.54
C GLU D 357 -12.41 -9.65 -32.72
N ARG D 358 -13.22 -10.70 -32.71
CA ARG D 358 -14.46 -10.72 -31.94
C ARG D 358 -14.18 -10.59 -30.45
N VAL D 359 -13.21 -11.34 -29.97
CA VAL D 359 -12.88 -11.34 -28.55
C VAL D 359 -12.43 -9.95 -28.09
N VAL D 360 -11.46 -9.37 -28.78
CA VAL D 360 -10.94 -8.08 -28.34
C VAL D 360 -12.02 -6.98 -28.45
N THR D 361 -12.86 -7.02 -29.47
CA THR D 361 -13.87 -5.97 -29.65
C THR D 361 -15.07 -6.12 -28.71
N VAL D 362 -15.46 -7.35 -28.38
CA VAL D 362 -16.54 -7.53 -27.40
C VAL D 362 -16.06 -7.14 -25.98
N ILE D 363 -14.84 -7.52 -25.62
CA ILE D 363 -14.25 -7.06 -24.36
C ILE D 363 -14.26 -5.53 -24.32
N ALA D 364 -13.78 -4.91 -25.40
CA ALA D 364 -13.72 -3.45 -25.47
C ALA D 364 -15.11 -2.83 -25.33
N HIS D 365 -16.09 -3.48 -25.96
CA HIS D 365 -17.48 -3.05 -25.87
C HIS D 365 -17.99 -3.11 -24.42
N GLU D 366 -17.73 -4.22 -23.74
CA GLU D 366 -18.21 -4.40 -22.38
C GLU D 366 -17.53 -3.44 -21.37
N LEU D 367 -16.23 -3.22 -21.53
CA LEU D 367 -15.52 -2.29 -20.67
C LEU D 367 -15.96 -0.86 -20.95
N ALA D 368 -16.35 -0.61 -22.19
CA ALA D 368 -16.86 0.69 -22.58
C ALA D 368 -18.08 1.07 -21.75
N HIS D 369 -18.97 0.11 -21.57
CA HIS D 369 -20.18 0.27 -20.75
C HIS D 369 -19.88 0.67 -19.31
N GLN D 370 -18.68 0.37 -18.80
CA GLN D 370 -18.37 0.69 -17.40
C GLN D 370 -18.52 2.19 -17.17
N TRP D 371 -18.21 2.97 -18.22
CA TRP D 371 -18.46 4.39 -18.25
C TRP D 371 -19.84 4.69 -18.81
N PHE D 372 -20.08 4.27 -20.06
CA PHE D 372 -21.32 4.57 -20.74
C PHE D 372 -22.37 3.47 -20.50
N GLY D 373 -23.14 3.65 -19.43
CA GLY D 373 -24.13 2.66 -19.01
C GLY D 373 -24.09 2.39 -17.53
N ASN D 374 -22.90 2.08 -17.01
CA ASN D 374 -22.76 1.73 -15.59
C ASN D 374 -22.60 2.96 -14.69
N LEU D 375 -21.54 3.72 -14.90
CA LEU D 375 -21.33 4.95 -14.15
C LEU D 375 -22.42 5.97 -14.45
N VAL D 376 -22.69 6.17 -15.73
CA VAL D 376 -23.78 7.04 -16.16
C VAL D 376 -24.78 6.20 -16.94
N THR D 377 -26.04 6.24 -16.52
CA THR D 377 -27.04 5.32 -17.05
C THR D 377 -28.17 6.06 -17.77
N LEU D 378 -28.74 5.44 -18.81
CA LEU D 378 -29.94 6.00 -19.44
C LEU D 378 -31.07 6.22 -18.42
N ALA D 379 -31.88 7.25 -18.65
CA ALA D 379 -33.02 7.53 -17.77
C ALA D 379 -34.14 6.52 -17.97
N TRP D 380 -34.36 6.13 -19.23
CA TRP D 380 -35.31 5.10 -19.57
C TRP D 380 -34.91 4.48 -20.91
N TRP D 381 -35.47 3.32 -21.23
CA TRP D 381 -35.00 2.51 -22.35
C TRP D 381 -35.24 3.13 -23.73
N ASN D 382 -36.05 4.18 -23.79
CA ASN D 382 -36.24 4.91 -25.05
C ASN D 382 -34.98 5.66 -25.48
N ASP D 383 -34.06 5.84 -24.54
CA ASP D 383 -32.76 6.44 -24.84
C ASP D 383 -31.62 5.41 -24.82
N LEU D 384 -31.92 4.18 -25.21
CA LEU D 384 -30.94 3.09 -25.13
C LEU D 384 -29.58 3.40 -25.80
N TRP D 385 -29.59 4.12 -26.93
CA TRP D 385 -28.35 4.42 -27.64
C TRP D 385 -27.31 5.18 -26.79
N LEU D 386 -27.76 5.86 -25.74
CA LEU D 386 -26.82 6.51 -24.82
C LEU D 386 -25.89 5.48 -24.18
N ASN D 387 -26.43 4.29 -23.93
CA ASN D 387 -25.64 3.13 -23.51
C ASN D 387 -24.98 2.41 -24.69
N GLU D 388 -25.82 1.94 -25.62
CA GLU D 388 -25.37 0.98 -26.63
C GLU D 388 -24.71 1.64 -27.83
N GLY D 389 -25.15 2.85 -28.18
CA GLY D 389 -24.52 3.58 -29.26
C GLY D 389 -23.09 3.89 -28.88
N PHE D 390 -22.89 4.36 -27.65
CA PHE D 390 -21.56 4.73 -27.20
C PHE D 390 -20.67 3.50 -27.08
N ALA D 391 -21.20 2.43 -26.51
CA ALA D 391 -20.38 1.24 -26.33
C ALA D 391 -19.99 0.64 -27.69
N SER D 392 -20.89 0.72 -28.66
CA SER D 392 -20.62 0.22 -30.00
C SER D 392 -19.60 1.09 -30.77
N TYR D 393 -19.51 2.37 -30.43
CA TYR D 393 -18.49 3.23 -31.02
C TYR D 393 -17.14 3.16 -30.30
N VAL D 394 -17.11 3.27 -28.96
CA VAL D 394 -15.80 3.39 -28.35
C VAL D 394 -15.14 2.01 -28.22
N GLU D 395 -15.88 0.95 -28.55
CA GLU D 395 -15.28 -0.39 -28.61
C GLU D 395 -14.16 -0.42 -29.65
N TYR D 396 -14.32 0.37 -30.71
CA TYR D 396 -13.30 0.45 -31.75
C TYR D 396 -12.05 1.15 -31.22
N LEU D 397 -12.27 2.16 -30.38
CA LEU D 397 -11.15 2.89 -29.77
C LEU D 397 -10.36 1.99 -28.83
N GLY D 398 -11.06 1.21 -28.01
CA GLY D 398 -10.41 0.31 -27.08
C GLY D 398 -9.69 -0.83 -27.77
N ALA D 399 -10.37 -1.47 -28.71
CA ALA D 399 -9.77 -2.56 -29.49
C ALA D 399 -8.54 -2.09 -30.27
N ASP D 400 -8.62 -0.91 -30.86
CA ASP D 400 -7.49 -0.33 -31.61
C ASP D 400 -6.29 -0.10 -30.70
N HIS D 401 -6.54 0.30 -29.45
CA HIS D 401 -5.43 0.46 -28.50
C HIS D 401 -4.71 -0.87 -28.27
N ALA D 402 -5.47 -1.95 -28.21
CA ALA D 402 -4.92 -3.28 -27.92
C ALA D 402 -4.25 -3.92 -29.13
N GLU D 403 -4.80 -3.65 -30.32
CA GLU D 403 -4.26 -4.19 -31.55
C GLU D 403 -4.06 -3.07 -32.57
N PRO D 404 -3.03 -2.24 -32.39
CA PRO D 404 -2.86 -1.07 -33.24
C PRO D 404 -2.49 -1.38 -34.68
N THR D 405 -1.96 -2.56 -34.96
CA THR D 405 -1.55 -2.89 -36.33
C THR D 405 -2.73 -3.26 -37.23
N TRP D 406 -3.91 -3.43 -36.63
CA TRP D 406 -5.05 -3.97 -37.40
C TRP D 406 -5.80 -2.95 -38.26
N ASN D 407 -5.72 -1.67 -37.89
CA ASN D 407 -6.57 -0.65 -38.51
C ASN D 407 -8.07 -0.99 -38.41
N LEU D 408 -8.47 -1.56 -37.29
CA LEU D 408 -9.83 -2.05 -37.14
C LEU D 408 -10.88 -0.94 -37.00
N LYS D 409 -10.45 0.29 -36.77
CA LYS D 409 -11.38 1.42 -36.71
C LYS D 409 -12.21 1.56 -37.99
N ASP D 410 -11.63 1.14 -39.11
CA ASP D 410 -12.32 1.23 -40.40
C ASP D 410 -13.46 0.21 -40.53
N LEU D 411 -13.44 -0.81 -39.69
CA LEU D 411 -14.44 -1.88 -39.78
C LEU D 411 -15.84 -1.42 -39.36
N ILE D 412 -15.94 -0.21 -38.82
CA ILE D 412 -17.24 0.34 -38.45
C ILE D 412 -18.10 0.60 -39.69
N VAL D 413 -17.46 0.81 -40.85
CA VAL D 413 -18.23 1.10 -42.06
C VAL D 413 -18.97 -0.15 -42.58
N PRO D 414 -18.27 -1.28 -42.81
CA PRO D 414 -19.10 -2.44 -43.15
C PRO D 414 -19.88 -3.02 -41.96
N GLY D 415 -19.32 -2.91 -40.75
CA GLY D 415 -19.90 -3.54 -39.58
C GLY D 415 -21.13 -2.87 -38.99
N ASP D 416 -21.15 -1.53 -39.00
CA ASP D 416 -22.27 -0.79 -38.42
C ASP D 416 -23.02 0.06 -39.44
N VAL D 417 -22.30 0.95 -40.12
CA VAL D 417 -22.95 1.93 -41.01
C VAL D 417 -23.89 1.31 -42.03
N TYR D 418 -23.37 0.46 -42.90
CA TYR D 418 -24.21 -0.10 -43.95
C TYR D 418 -25.03 -1.27 -43.46
N ARG D 419 -24.68 -1.82 -42.30
CA ARG D 419 -25.49 -2.87 -41.70
C ARG D 419 -26.87 -2.33 -41.34
N VAL D 420 -26.90 -1.17 -40.67
CA VAL D 420 -28.15 -0.65 -40.13
C VAL D 420 -28.98 0.11 -41.18
N MET D 421 -28.33 0.68 -42.18
CA MET D 421 -29.05 1.46 -43.20
C MET D 421 -30.10 0.63 -43.91
N ALA D 422 -29.85 -0.67 -44.02
CA ALA D 422 -30.80 -1.59 -44.64
C ALA D 422 -32.17 -1.55 -43.96
N VAL D 423 -32.17 -1.45 -42.64
CA VAL D 423 -33.41 -1.39 -41.87
C VAL D 423 -33.91 0.05 -41.69
N ASP D 424 -32.97 0.99 -41.62
CA ASP D 424 -33.32 2.40 -41.37
C ASP D 424 -33.93 3.05 -42.62
N ALA D 425 -33.93 2.33 -43.73
CA ALA D 425 -34.56 2.79 -44.96
C ALA D 425 -36.05 2.45 -44.98
N LEU D 426 -36.53 1.84 -43.91
CA LEU D 426 -37.93 1.41 -43.82
C LEU D 426 -38.81 2.42 -43.10
N ALA D 427 -40.08 2.47 -43.49
CA ALA D 427 -41.05 3.28 -42.77
C ALA D 427 -41.27 2.73 -41.36
N SER D 428 -40.96 1.45 -41.20
CA SER D 428 -41.12 0.77 -39.93
C SER D 428 -39.83 0.76 -39.10
N SER D 429 -38.91 1.67 -39.41
CA SER D 429 -37.75 1.88 -38.56
C SER D 429 -38.16 2.71 -37.35
N HIS D 430 -37.19 3.18 -36.56
CA HIS D 430 -37.50 4.07 -35.43
C HIS D 430 -36.30 4.96 -35.12
N PRO D 431 -36.55 6.14 -34.53
CA PRO D 431 -35.43 7.03 -34.20
C PRO D 431 -34.57 6.52 -33.04
N LEU D 432 -33.35 7.04 -32.94
CA LEU D 432 -32.44 6.71 -31.84
C LEU D 432 -33.13 6.91 -30.49
N THR D 433 -33.68 8.10 -30.30
CA THR D 433 -34.49 8.37 -29.11
C THR D 433 -35.98 8.38 -29.48
N THR D 434 -36.69 7.36 -29.03
CA THR D 434 -38.12 7.23 -29.28
C THR D 434 -38.90 7.93 -28.17
N PRO D 435 -40.18 8.26 -28.42
CA PRO D 435 -40.99 8.80 -27.33
C PRO D 435 -41.06 7.81 -26.17
N ALA D 436 -40.88 8.29 -24.94
CA ALA D 436 -40.82 7.40 -23.78
C ALA D 436 -42.07 6.51 -23.70
N GLU D 437 -43.21 7.07 -24.08
CA GLU D 437 -44.49 6.35 -24.02
C GLU D 437 -44.61 5.24 -25.06
N GLU D 438 -43.66 5.16 -25.98
CA GLU D 438 -43.66 4.09 -26.98
C GLU D 438 -42.88 2.88 -26.49
N VAL D 439 -42.13 3.04 -25.41
CA VAL D 439 -41.35 1.97 -24.84
C VAL D 439 -41.87 1.68 -23.42
N ASN D 440 -42.75 0.69 -23.32
CA ASN D 440 -43.54 0.50 -22.10
C ASN D 440 -43.47 -0.92 -21.55
N THR D 441 -43.75 -1.91 -22.39
CA THR D 441 -43.78 -3.29 -21.95
C THR D 441 -42.39 -3.93 -22.04
N PRO D 442 -42.16 -5.02 -21.26
CA PRO D 442 -40.89 -5.73 -21.36
C PRO D 442 -40.53 -6.14 -22.79
N ALA D 443 -41.52 -6.53 -23.57
CA ALA D 443 -41.27 -6.91 -24.96
C ALA D 443 -40.77 -5.73 -25.78
N GLN D 444 -41.36 -4.55 -25.58
CA GLN D 444 -40.96 -3.36 -26.29
C GLN D 444 -39.56 -2.92 -25.86
N ILE D 445 -39.22 -3.17 -24.60
CA ILE D 445 -37.90 -2.83 -24.07
C ILE D 445 -36.86 -3.73 -24.71
N SER D 446 -37.13 -5.04 -24.75
CA SER D 446 -36.18 -6.00 -25.30
C SER D 446 -35.97 -5.70 -26.78
N GLU D 447 -37.03 -5.22 -27.42
CA GLU D 447 -37.02 -4.92 -28.84
C GLU D 447 -36.11 -3.76 -29.18
N MET D 448 -35.91 -2.84 -28.22
CA MET D 448 -35.06 -1.67 -28.45
C MET D 448 -33.59 -2.04 -28.64
N PHE D 449 -33.22 -3.23 -28.17
CA PHE D 449 -31.85 -3.72 -28.36
C PHE D 449 -31.66 -4.22 -29.79
N ASP D 450 -31.58 -3.27 -30.73
CA ASP D 450 -31.55 -3.60 -32.15
C ASP D 450 -30.44 -2.86 -32.89
N SER D 451 -30.40 -3.02 -34.22
CA SER D 451 -29.32 -2.44 -35.00
C SER D 451 -29.36 -0.92 -34.97
N ILE D 452 -30.54 -0.36 -34.75
CA ILE D 452 -30.67 1.08 -34.62
C ILE D 452 -29.90 1.58 -33.39
N SER D 453 -30.29 1.08 -32.22
CA SER D 453 -29.69 1.53 -30.97
C SER D 453 -28.18 1.25 -30.93
N TYR D 454 -27.77 0.13 -31.52
CA TYR D 454 -26.36 -0.27 -31.54
C TYR D 454 -25.57 0.35 -32.69
N SER D 455 -25.94 0.01 -33.92
CA SER D 455 -25.12 0.33 -35.09
C SER D 455 -25.36 1.74 -35.65
N LYS D 456 -26.61 2.21 -35.67
CA LYS D 456 -26.84 3.60 -36.06
C LYS D 456 -26.31 4.51 -34.96
N GLY D 457 -26.45 4.05 -33.72
CA GLY D 457 -25.89 4.76 -32.59
C GLY D 457 -24.41 5.00 -32.78
N ALA D 458 -23.66 3.93 -33.05
CA ALA D 458 -22.22 4.04 -33.26
C ALA D 458 -21.87 4.91 -34.47
N SER D 459 -22.68 4.80 -35.52
CA SER D 459 -22.46 5.54 -36.76
C SER D 459 -22.62 7.05 -36.55
N VAL D 460 -23.71 7.43 -35.88
CA VAL D 460 -24.01 8.83 -35.65
C VAL D 460 -22.99 9.44 -34.68
N ILE D 461 -22.59 8.67 -33.67
CA ILE D 461 -21.56 9.09 -32.74
C ILE D 461 -20.21 9.29 -33.44
N ARG D 462 -19.85 8.37 -34.32
CA ARG D 462 -18.62 8.52 -35.11
C ARG D 462 -18.67 9.81 -35.95
N MET D 463 -19.81 10.06 -36.57
CA MET D 463 -20.02 11.29 -37.34
C MET D 463 -19.77 12.52 -36.46
N LEU D 464 -20.36 12.49 -35.27
CA LEU D 464 -20.23 13.56 -34.28
C LEU D 464 -18.78 13.75 -33.86
N SER D 465 -18.09 12.65 -33.57
CA SER D 465 -16.68 12.70 -33.19
C SER D 465 -15.86 13.31 -34.32
N ASN D 466 -16.23 12.97 -35.54
CA ASN D 466 -15.47 13.42 -36.70
C ASN D 466 -15.54 14.92 -36.93
N PHE D 467 -16.72 15.53 -36.76
CA PHE D 467 -16.79 16.97 -37.05
C PHE D 467 -16.46 17.83 -35.82
N LEU D 468 -16.43 17.22 -34.64
CA LEU D 468 -15.97 17.91 -33.44
C LEU D 468 -14.45 17.77 -33.24
N THR D 469 -13.91 16.70 -33.84
CA THR D 469 -12.60 16.10 -33.51
C THR D 469 -12.72 15.33 -32.20
N GLU D 470 -12.15 14.13 -32.16
CA GLU D 470 -12.22 13.28 -30.97
C GLU D 470 -11.67 14.00 -29.74
N ASP D 471 -10.65 14.83 -29.93
CA ASP D 471 -10.06 15.58 -28.81
C ASP D 471 -11.09 16.50 -28.14
N LEU D 472 -11.90 17.16 -28.94
CA LEU D 472 -12.92 18.06 -28.39
C LEU D 472 -14.10 17.25 -27.87
N PHE D 473 -14.45 16.20 -28.61
CA PHE D 473 -15.51 15.26 -28.21
C PHE D 473 -15.27 14.68 -26.83
N LYS D 474 -14.06 14.17 -26.60
CA LYS D 474 -13.77 13.47 -25.34
C LYS D 474 -13.69 14.44 -24.18
N GLU D 475 -13.37 15.70 -24.47
CA GLU D 475 -13.41 16.72 -23.42
C GLU D 475 -14.85 16.92 -22.97
N GLY D 476 -15.76 17.04 -23.94
CA GLY D 476 -17.16 17.18 -23.63
C GLY D 476 -17.68 15.96 -22.89
N LEU D 477 -17.19 14.78 -23.27
CA LEU D 477 -17.63 13.54 -22.65
C LEU D 477 -17.16 13.38 -21.21
N ALA D 478 -15.94 13.82 -20.92
CA ALA D 478 -15.42 13.81 -19.56
C ALA D 478 -16.28 14.67 -18.64
N SER D 479 -16.67 15.84 -19.14
CA SER D 479 -17.53 16.75 -18.40
C SER D 479 -18.85 16.06 -18.07
N TYR D 480 -19.44 15.45 -19.10
CA TYR D 480 -20.68 14.68 -19.02
C TYR D 480 -20.58 13.56 -17.97
N LEU D 481 -19.56 12.71 -18.10
CA LEU D 481 -19.33 11.63 -17.16
C LEU D 481 -19.17 12.12 -15.71
N HIS D 482 -18.41 13.20 -15.52
CA HIS D 482 -18.15 13.71 -14.17
C HIS D 482 -19.42 14.30 -13.56
N ALA D 483 -20.21 14.98 -14.39
CA ALA D 483 -21.40 15.65 -13.89
C ALA D 483 -22.48 14.66 -13.48
N PHE D 484 -22.60 13.55 -14.21
CA PHE D 484 -23.74 12.65 -13.99
C PHE D 484 -23.35 11.30 -13.40
N ALA D 485 -22.13 11.19 -12.91
CA ALA D 485 -21.67 9.95 -12.27
C ALA D 485 -22.66 9.48 -11.20
N TYR D 486 -23.01 8.20 -11.27
CA TYR D 486 -23.93 7.55 -10.33
C TYR D 486 -25.35 8.10 -10.44
N GLN D 487 -25.65 8.68 -11.60
CA GLN D 487 -27.01 9.17 -11.87
C GLN D 487 -27.45 8.76 -13.28
N ASN D 488 -28.44 9.45 -13.82
CA ASN D 488 -28.96 9.10 -15.13
C ASN D 488 -29.12 10.31 -16.03
N THR D 489 -29.24 10.05 -17.34
CA THR D 489 -29.24 11.11 -18.33
C THR D 489 -30.24 10.90 -19.44
N THR D 490 -30.57 12.00 -20.14
CA THR D 490 -31.21 11.90 -21.45
C THR D 490 -30.30 12.53 -22.50
N TYR D 491 -30.69 12.40 -23.76
CA TYR D 491 -29.90 12.95 -24.87
C TYR D 491 -29.62 14.45 -24.70
N LEU D 492 -30.54 15.18 -24.08
CA LEU D 492 -30.38 16.63 -23.89
C LEU D 492 -29.19 16.98 -22.99
N ASP D 493 -28.92 16.11 -22.01
CA ASP D 493 -27.80 16.34 -21.09
C ASP D 493 -26.49 16.24 -21.84
N LEU D 494 -26.46 15.32 -22.80
CA LEU D 494 -25.27 15.10 -23.60
C LEU D 494 -24.95 16.30 -24.47
N TRP D 495 -25.94 16.83 -25.18
CA TRP D 495 -25.70 18.00 -26.02
C TRP D 495 -25.14 19.15 -25.18
N GLU D 496 -25.67 19.31 -23.97
CA GLU D 496 -25.30 20.45 -23.12
C GLU D 496 -23.81 20.47 -22.81
N HIS D 497 -23.26 19.30 -22.51
CA HIS D 497 -21.85 19.21 -22.17
C HIS D 497 -20.94 19.28 -23.39
N LEU D 498 -21.41 18.77 -24.53
CA LEU D 498 -20.67 18.94 -25.79
C LEU D 498 -20.64 20.43 -26.18
N GLN D 499 -21.78 21.10 -26.04
CA GLN D 499 -21.89 22.52 -26.37
C GLN D 499 -20.93 23.34 -25.50
N LYS D 500 -20.87 22.97 -24.22
CA LYS D 500 -19.97 23.63 -23.28
C LYS D 500 -18.52 23.55 -23.75
N ALA D 501 -18.14 22.37 -24.26
CA ALA D 501 -16.80 22.14 -24.79
C ALA D 501 -16.57 22.97 -26.06
N VAL D 502 -17.58 23.01 -26.92
CA VAL D 502 -17.50 23.80 -28.15
C VAL D 502 -17.35 25.30 -27.85
N ASP D 503 -18.14 25.79 -26.90
CA ASP D 503 -18.18 27.22 -26.58
C ASP D 503 -16.88 27.70 -25.92
N ALA D 504 -16.11 26.76 -25.38
CA ALA D 504 -14.90 27.12 -24.65
C ALA D 504 -13.68 27.16 -25.56
N GLN D 505 -13.90 26.96 -26.86
CA GLN D 505 -12.81 27.02 -27.82
C GLN D 505 -13.25 27.74 -29.09
N THR D 506 -12.30 27.98 -29.99
CA THR D 506 -12.56 28.81 -31.16
C THR D 506 -12.12 28.16 -32.46
N SER D 507 -11.32 27.10 -32.35
CA SER D 507 -10.73 26.45 -33.52
C SER D 507 -11.77 25.72 -34.39
N ILE D 508 -12.63 24.94 -33.76
CA ILE D 508 -13.68 24.22 -34.49
C ILE D 508 -14.96 25.05 -34.55
N ARG D 509 -15.51 25.20 -35.75
CA ARG D 509 -16.73 25.99 -35.95
C ARG D 509 -17.88 25.13 -36.45
N LEU D 510 -19.05 25.33 -35.86
CA LEU D 510 -20.26 24.62 -36.28
C LEU D 510 -21.24 25.59 -36.94
N PRO D 511 -22.08 25.09 -37.84
CA PRO D 511 -23.07 25.94 -38.53
C PRO D 511 -24.31 26.23 -37.67
N ASP D 512 -24.43 25.55 -36.54
CA ASP D 512 -25.57 25.70 -35.64
C ASP D 512 -25.19 25.12 -34.29
N THR D 513 -26.11 25.10 -33.34
CA THR D 513 -25.81 24.51 -32.04
C THR D 513 -25.67 23.00 -32.19
N VAL D 514 -24.97 22.38 -31.24
CA VAL D 514 -24.83 20.93 -31.20
C VAL D 514 -26.21 20.27 -31.20
N ARG D 515 -27.12 20.80 -30.37
CA ARG D 515 -28.48 20.25 -30.27
C ARG D 515 -29.27 20.38 -31.57
N ALA D 516 -29.16 21.53 -32.23
CA ALA D 516 -29.86 21.74 -33.49
C ALA D 516 -29.46 20.67 -34.52
N ILE D 517 -28.17 20.40 -34.60
CA ILE D 517 -27.64 19.39 -35.51
C ILE D 517 -28.03 17.97 -35.09
N MET D 518 -27.81 17.65 -33.82
CA MET D 518 -27.91 16.26 -33.40
C MET D 518 -29.35 15.82 -33.11
N ASP D 519 -30.22 16.77 -32.74
CA ASP D 519 -31.64 16.43 -32.53
C ASP D 519 -32.24 15.82 -33.80
N ARG D 520 -31.79 16.31 -34.95
CA ARG D 520 -32.28 15.82 -36.23
C ARG D 520 -31.79 14.40 -36.54
N TRP D 521 -30.60 14.07 -36.06
CA TRP D 521 -30.07 12.71 -36.22
C TRP D 521 -30.63 11.74 -35.18
N THR D 522 -31.23 12.29 -34.13
CA THR D 522 -31.59 11.51 -32.94
C THR D 522 -33.09 11.31 -32.77
N LEU D 523 -33.88 12.33 -33.11
CA LEU D 523 -35.30 12.30 -32.81
C LEU D 523 -36.18 11.91 -34.01
N GLN D 524 -35.61 11.89 -35.21
CA GLN D 524 -36.34 11.38 -36.35
C GLN D 524 -35.58 10.17 -36.88
N MET D 525 -36.32 9.22 -37.43
CA MET D 525 -35.72 8.02 -37.98
C MET D 525 -35.13 8.31 -39.34
N GLY D 526 -34.35 7.37 -39.85
CA GLY D 526 -33.88 7.41 -41.23
C GLY D 526 -32.63 8.22 -41.49
N PHE D 527 -32.29 8.34 -42.77
CA PHE D 527 -31.13 9.10 -43.22
C PHE D 527 -31.42 9.70 -44.59
N PRO D 528 -30.68 10.76 -44.96
CA PRO D 528 -30.94 11.32 -46.29
C PRO D 528 -30.13 10.64 -47.38
N VAL D 529 -30.65 10.69 -48.61
CA VAL D 529 -29.82 10.54 -49.78
C VAL D 529 -29.46 11.94 -50.26
N ILE D 530 -28.16 12.19 -50.39
CA ILE D 530 -27.65 13.45 -50.88
C ILE D 530 -27.40 13.32 -52.38
N THR D 531 -28.05 14.16 -53.17
CA THR D 531 -27.93 14.07 -54.62
C THR D 531 -27.24 15.32 -55.16
N VAL D 532 -26.17 15.10 -55.91
CA VAL D 532 -25.42 16.20 -56.51
C VAL D 532 -25.49 16.19 -58.02
N ASP D 533 -25.76 17.36 -58.60
CA ASP D 533 -25.56 17.57 -60.04
C ASP D 533 -24.23 18.28 -60.23
N THR D 534 -23.21 17.54 -60.64
CA THR D 534 -21.85 18.08 -60.73
C THR D 534 -21.65 19.03 -61.91
N LYS D 535 -22.65 19.15 -62.78
CA LYS D 535 -22.57 20.13 -63.86
C LYS D 535 -22.92 21.51 -63.33
N THR D 536 -23.72 21.57 -62.26
CA THR D 536 -24.17 22.85 -61.71
C THR D 536 -23.85 23.14 -60.23
N GLY D 537 -23.42 22.12 -59.47
CA GLY D 537 -23.10 22.35 -58.06
C GLY D 537 -24.38 22.23 -57.22
N ASN D 538 -25.47 21.89 -57.89
CA ASN D 538 -26.80 21.67 -57.31
C ASN D 538 -26.76 20.45 -56.41
N ILE D 539 -27.10 20.69 -55.14
CA ILE D 539 -27.11 19.63 -54.12
C ILE D 539 -28.45 19.58 -53.37
N SER D 540 -28.99 18.38 -53.19
CA SER D 540 -30.28 18.22 -52.52
C SER D 540 -30.30 17.04 -51.55
N GLN D 541 -31.29 17.03 -50.67
CA GLN D 541 -31.49 15.95 -49.71
C GLN D 541 -32.94 15.52 -49.61
N LYS D 542 -33.15 14.22 -49.42
CA LYS D 542 -34.46 13.70 -49.09
C LYS D 542 -34.34 12.41 -48.30
N HIS D 543 -35.34 12.16 -47.45
CA HIS D 543 -35.44 10.92 -46.68
C HIS D 543 -35.35 9.70 -47.60
N PHE D 544 -34.36 8.84 -47.35
CA PHE D 544 -34.20 7.60 -48.11
C PHE D 544 -35.29 6.59 -47.75
N LEU D 545 -36.10 6.23 -48.74
CA LEU D 545 -37.12 5.19 -48.59
C LEU D 545 -37.08 4.22 -49.78
N LEU D 546 -37.49 2.98 -49.55
CA LEU D 546 -37.40 1.93 -50.57
C LEU D 546 -38.21 2.20 -51.85
N ASP D 547 -39.50 2.52 -51.73
CA ASP D 547 -40.26 2.84 -52.95
C ASP D 547 -41.35 3.88 -52.73
N SER D 548 -42.35 3.86 -53.60
CA SER D 548 -43.41 4.86 -53.59
C SER D 548 -44.62 4.41 -52.79
N GLU D 549 -44.80 3.09 -52.67
CA GLU D 549 -45.81 2.50 -51.80
C GLU D 549 -45.44 2.76 -50.33
N SER D 550 -44.21 3.21 -50.12
CA SER D 550 -43.71 3.52 -48.78
C SER D 550 -44.62 4.51 -48.07
N ASN D 551 -45.09 4.11 -46.89
CA ASN D 551 -46.01 4.92 -46.11
C ASN D 551 -45.42 5.30 -44.76
N VAL D 552 -44.75 6.44 -44.70
CA VAL D 552 -44.23 6.94 -43.44
C VAL D 552 -45.36 7.59 -42.64
N THR D 553 -45.83 6.88 -41.62
CA THR D 553 -46.88 7.42 -40.76
C THR D 553 -46.29 8.10 -39.53
N ARG D 554 -45.00 7.87 -39.26
CA ARG D 554 -44.37 8.52 -38.11
C ARG D 554 -43.97 9.95 -38.44
N SER D 555 -44.72 10.89 -37.88
CA SER D 555 -44.46 12.31 -38.11
C SER D 555 -43.12 12.74 -37.55
N SER D 556 -42.50 13.71 -38.22
CA SER D 556 -41.25 14.29 -37.74
C SER D 556 -41.39 15.78 -37.56
N ALA D 557 -41.01 16.27 -36.38
CA ALA D 557 -41.02 17.70 -36.09
C ALA D 557 -39.90 18.42 -36.83
N PHE D 558 -39.04 17.66 -37.51
CA PHE D 558 -37.92 18.23 -38.26
C PHE D 558 -38.08 18.03 -39.76
N ASP D 559 -39.26 17.58 -40.17
CA ASP D 559 -39.66 17.52 -41.59
C ASP D 559 -38.77 16.62 -42.45
N TYR D 560 -38.12 15.65 -41.82
CA TYR D 560 -37.16 14.77 -42.49
C TYR D 560 -36.13 15.55 -43.32
N LEU D 561 -35.56 16.56 -42.67
CA LEU D 561 -34.41 17.31 -43.16
C LEU D 561 -33.30 17.25 -42.11
N TRP D 562 -32.06 17.10 -42.57
CA TRP D 562 -30.94 17.06 -41.64
C TRP D 562 -29.96 18.20 -41.89
N ILE D 563 -29.15 18.50 -40.88
CA ILE D 563 -27.97 19.32 -41.04
C ILE D 563 -26.77 18.38 -41.21
N VAL D 564 -26.13 18.45 -42.38
CA VAL D 564 -25.25 17.36 -42.85
C VAL D 564 -23.81 17.78 -43.10
N PRO D 565 -22.85 17.19 -42.36
CA PRO D 565 -21.43 17.48 -42.60
C PRO D 565 -20.94 16.74 -43.85
N ILE D 566 -20.46 17.51 -44.83
CA ILE D 566 -20.16 16.93 -46.13
C ILE D 566 -18.72 17.20 -46.56
N SER D 567 -17.88 16.18 -46.46
CA SER D 567 -16.53 16.23 -47.00
C SER D 567 -16.58 15.82 -48.46
N SER D 568 -15.54 16.13 -49.20
CA SER D 568 -15.49 15.74 -50.60
C SER D 568 -14.07 15.71 -51.13
N ILE D 569 -13.90 14.95 -52.19
CA ILE D 569 -12.61 14.77 -52.81
C ILE D 569 -12.79 14.99 -54.31
N LYS D 570 -11.86 15.70 -54.94
CA LYS D 570 -11.92 15.93 -56.38
C LYS D 570 -10.64 15.41 -57.03
N ASN D 571 -10.80 14.50 -57.98
CA ASN D 571 -9.67 13.83 -58.63
C ASN D 571 -8.68 13.28 -57.61
N GLY D 572 -9.17 12.80 -56.47
CA GLY D 572 -8.32 12.21 -55.46
C GLY D 572 -7.75 13.19 -54.45
N VAL D 573 -8.11 14.46 -54.59
CA VAL D 573 -7.59 15.51 -53.72
C VAL D 573 -8.71 16.11 -52.88
N MET D 574 -8.49 16.15 -51.57
CA MET D 574 -9.49 16.69 -50.64
C MET D 574 -9.90 18.11 -50.99
N GLN D 575 -11.19 18.39 -50.83
CA GLN D 575 -11.70 19.75 -50.97
C GLN D 575 -12.00 20.36 -49.60
N ASP D 576 -12.27 21.65 -49.56
CA ASP D 576 -12.77 22.30 -48.34
C ASP D 576 -14.05 21.60 -47.86
N HIS D 577 -14.27 21.61 -46.55
CA HIS D 577 -15.45 20.99 -45.97
C HIS D 577 -16.69 21.86 -46.16
N TYR D 578 -17.87 21.23 -46.20
CA TYR D 578 -19.13 21.93 -46.44
C TYR D 578 -20.19 21.41 -45.48
N TRP D 579 -21.08 22.28 -45.04
CA TRP D 579 -22.25 21.84 -44.28
C TRP D 579 -23.52 22.07 -45.09
N LEU D 580 -24.30 21.02 -45.31
CA LEU D 580 -25.63 21.18 -45.88
C LEU D 580 -26.60 21.53 -44.75
N ARG D 581 -27.27 22.67 -44.85
CA ARG D 581 -28.18 23.09 -43.79
C ARG D 581 -29.53 22.40 -43.92
N ASP D 582 -30.45 22.68 -43.00
CA ASP D 582 -31.75 22.02 -43.03
C ASP D 582 -32.65 22.59 -44.12
N VAL D 583 -32.22 22.36 -45.37
CA VAL D 583 -32.96 22.78 -46.54
C VAL D 583 -32.98 21.62 -47.53
N SER D 584 -34.06 21.51 -48.31
CA SER D 584 -34.17 20.42 -49.27
C SER D 584 -33.24 20.61 -50.46
N GLN D 585 -32.86 21.84 -50.76
CA GLN D 585 -32.00 22.11 -51.91
C GLN D 585 -31.05 23.29 -51.67
N ALA D 586 -29.85 23.16 -52.20
CA ALA D 586 -28.87 24.24 -52.19
C ALA D 586 -27.95 24.08 -53.38
N GLN D 587 -27.06 25.02 -53.60
CA GLN D 587 -26.01 24.83 -54.57
C GLN D 587 -24.71 25.45 -54.07
N ASN D 588 -23.60 24.85 -54.50
CA ASN D 588 -22.30 25.34 -54.10
C ASN D 588 -21.26 24.91 -55.12
N ASP D 589 -20.38 25.84 -55.49
CA ASP D 589 -19.38 25.58 -56.53
C ASP D 589 -18.42 24.44 -56.16
N LEU D 590 -18.30 24.14 -54.87
CA LEU D 590 -17.59 22.93 -54.43
C LEU D 590 -18.04 21.67 -55.18
N PHE D 591 -19.30 21.62 -55.57
CA PHE D 591 -19.87 20.42 -56.18
C PHE D 591 -20.11 20.62 -57.67
N LYS D 592 -19.50 21.64 -58.24
CA LYS D 592 -19.57 21.91 -59.67
C LYS D 592 -18.21 21.63 -60.31
N THR D 593 -18.18 20.73 -61.27
CA THR D 593 -16.91 20.30 -61.87
C THR D 593 -16.91 20.46 -63.39
N ALA D 594 -15.71 20.53 -63.97
CA ALA D 594 -15.56 20.52 -65.42
C ALA D 594 -15.72 19.09 -65.93
N SER D 595 -15.81 18.92 -67.24
CA SER D 595 -16.16 17.62 -67.81
C SER D 595 -15.09 16.55 -67.57
N ASP D 596 -13.84 16.95 -67.45
CA ASP D 596 -12.76 15.98 -67.24
C ASP D 596 -12.39 15.78 -65.77
N ASP D 597 -13.20 16.34 -64.87
CA ASP D 597 -12.99 16.16 -63.42
C ASP D 597 -14.12 15.32 -62.80
N TRP D 598 -13.81 14.59 -61.73
CA TRP D 598 -14.84 13.91 -60.96
C TRP D 598 -14.74 14.26 -59.49
N VAL D 599 -15.86 14.10 -58.77
CA VAL D 599 -15.88 14.31 -57.32
C VAL D 599 -16.60 13.17 -56.62
N LEU D 600 -16.21 12.92 -55.37
CA LEU D 600 -16.91 12.01 -54.49
C LEU D 600 -17.21 12.73 -53.19
N LEU D 601 -18.39 12.48 -52.61
CA LEU D 601 -18.74 13.11 -51.33
C LEU D 601 -18.68 12.08 -50.20
N ASN D 602 -18.54 12.57 -48.97
CA ASN D 602 -18.50 11.74 -47.76
C ASN D 602 -17.27 10.83 -47.75
N VAL D 603 -16.09 11.44 -47.67
CA VAL D 603 -14.82 10.69 -47.62
C VAL D 603 -14.78 9.75 -46.42
N ASN D 604 -14.40 8.50 -46.67
CA ASN D 604 -14.36 7.44 -45.67
C ASN D 604 -15.72 7.18 -45.00
N VAL D 605 -16.79 7.64 -45.63
CA VAL D 605 -18.16 7.48 -45.12
C VAL D 605 -18.25 7.80 -43.62
N THR D 606 -17.83 9.00 -43.26
CA THR D 606 -17.90 9.42 -41.86
C THR D 606 -19.30 9.93 -41.52
N GLY D 607 -20.04 10.39 -42.52
CA GLY D 607 -21.39 10.90 -42.32
C GLY D 607 -22.44 9.83 -42.55
N TYR D 608 -23.53 9.87 -41.77
CA TYR D 608 -24.56 8.85 -41.86
C TYR D 608 -25.56 9.16 -42.96
N PHE D 609 -25.13 8.96 -44.20
CA PHE D 609 -25.98 9.19 -45.37
C PHE D 609 -25.38 8.52 -46.60
N GLN D 610 -26.17 8.47 -47.67
CA GLN D 610 -25.71 7.91 -48.93
C GLN D 610 -25.73 8.99 -50.01
N VAL D 611 -24.95 8.78 -51.08
CA VAL D 611 -24.78 9.82 -52.08
C VAL D 611 -25.10 9.35 -53.50
N ASN D 612 -25.90 10.13 -54.22
CA ASN D 612 -26.12 9.88 -55.65
C ASN D 612 -25.55 11.03 -56.50
N TYR D 613 -25.00 10.68 -57.65
CA TYR D 613 -24.47 11.68 -58.57
C TYR D 613 -25.22 11.64 -59.90
N ASP D 614 -24.98 12.65 -60.73
CA ASP D 614 -25.45 12.60 -62.12
C ASP D 614 -24.71 11.51 -62.87
N GLU D 615 -25.33 10.99 -63.93
CA GLU D 615 -24.78 9.85 -64.68
C GLU D 615 -23.36 10.06 -65.22
N ASP D 616 -23.04 11.28 -65.65
CA ASP D 616 -21.70 11.53 -66.19
C ASP D 616 -20.63 11.40 -65.10
N ASN D 617 -20.91 11.91 -63.91
CA ASN D 617 -19.96 11.77 -62.81
C ASN D 617 -19.75 10.32 -62.42
N TRP D 618 -20.83 9.53 -62.43
CA TRP D 618 -20.73 8.10 -62.17
C TRP D 618 -19.80 7.45 -63.19
N ARG D 619 -19.93 7.86 -64.45
CA ARG D 619 -19.09 7.33 -65.52
C ARG D 619 -17.62 7.67 -65.32
N MET D 620 -17.35 8.89 -64.88
CA MET D 620 -15.98 9.31 -64.59
C MET D 620 -15.38 8.51 -63.42
N ILE D 621 -16.20 8.20 -62.43
CA ILE D 621 -15.76 7.36 -61.32
C ILE D 621 -15.42 5.95 -61.83
N GLN D 622 -16.29 5.41 -62.67
CA GLN D 622 -16.08 4.09 -63.26
C GLN D 622 -14.81 4.05 -64.10
N HIS D 623 -14.54 5.13 -64.82
CA HIS D 623 -13.33 5.20 -65.62
C HIS D 623 -12.09 5.20 -64.72
N GLN D 624 -12.15 5.98 -63.65
CA GLN D 624 -11.05 6.04 -62.68
C GLN D 624 -10.74 4.66 -62.11
N LEU D 625 -11.79 3.94 -61.73
CA LEU D 625 -11.65 2.61 -61.13
C LEU D 625 -11.00 1.64 -62.12
N GLN D 626 -11.26 1.84 -63.41
CA GLN D 626 -10.64 1.04 -64.46
C GLN D 626 -9.18 1.42 -64.73
N THR D 627 -8.87 2.71 -64.67
CA THR D 627 -7.56 3.20 -65.04
C THR D 627 -6.57 3.08 -63.88
N ASN D 628 -7.01 3.50 -62.70
CA ASN D 628 -6.17 3.44 -61.51
C ASN D 628 -7.02 3.61 -60.25
N LEU D 629 -7.52 2.49 -59.72
CA LEU D 629 -8.43 2.53 -58.59
C LEU D 629 -7.80 3.13 -57.33
N SER D 630 -6.47 3.12 -57.26
CA SER D 630 -5.76 3.60 -56.08
C SER D 630 -5.99 5.09 -55.80
N VAL D 631 -6.45 5.82 -56.81
CA VAL D 631 -6.70 7.24 -56.64
C VAL D 631 -7.92 7.51 -55.74
N ILE D 632 -8.81 6.52 -55.65
CA ILE D 632 -9.96 6.62 -54.75
C ILE D 632 -9.67 5.90 -53.43
N PRO D 633 -9.90 6.59 -52.30
CA PRO D 633 -9.69 5.96 -50.97
C PRO D 633 -10.42 4.63 -50.87
N VAL D 634 -9.80 3.62 -50.28
CA VAL D 634 -10.33 2.26 -50.32
C VAL D 634 -11.76 2.20 -49.76
N ILE D 635 -12.02 2.94 -48.69
CA ILE D 635 -13.35 2.96 -48.10
C ILE D 635 -14.38 3.58 -49.06
N ASN D 636 -13.95 4.56 -49.86
CA ASN D 636 -14.88 5.14 -50.84
C ASN D 636 -15.08 4.27 -52.09
N ARG D 637 -14.12 3.41 -52.39
CA ARG D 637 -14.37 2.40 -53.42
C ARG D 637 -15.48 1.47 -52.97
N ALA D 638 -15.48 1.13 -51.67
CA ALA D 638 -16.57 0.35 -51.08
C ALA D 638 -17.87 1.14 -51.12
N GLN D 639 -17.79 2.41 -50.72
CA GLN D 639 -18.95 3.30 -50.71
C GLN D 639 -19.64 3.35 -52.08
N VAL D 640 -18.85 3.42 -53.15
CA VAL D 640 -19.39 3.48 -54.51
C VAL D 640 -20.29 2.27 -54.79
N ILE D 641 -19.87 1.10 -54.32
CA ILE D 641 -20.61 -0.13 -54.49
C ILE D 641 -21.81 -0.23 -53.53
N TYR D 642 -21.57 0.03 -52.25
CA TYR D 642 -22.67 0.07 -51.27
C TYR D 642 -23.81 0.99 -51.72
N ASP D 643 -23.48 2.26 -51.92
CA ASP D 643 -24.46 3.28 -52.26
C ASP D 643 -25.21 2.99 -53.56
N SER D 644 -24.49 2.66 -54.62
CA SER D 644 -25.14 2.46 -55.92
C SER D 644 -26.10 1.27 -55.87
N PHE D 645 -25.71 0.20 -55.18
CA PHE D 645 -26.62 -0.94 -54.99
C PHE D 645 -27.84 -0.55 -54.14
N ASN D 646 -27.61 0.14 -53.02
CA ASN D 646 -28.73 0.57 -52.18
C ASN D 646 -29.70 1.47 -52.93
N LEU D 647 -29.16 2.44 -53.67
CA LEU D 647 -29.96 3.28 -54.57
C LEU D 647 -30.75 2.42 -55.57
N ALA D 648 -30.10 1.41 -56.12
CA ALA D 648 -30.76 0.54 -57.10
C ALA D 648 -31.93 -0.21 -56.48
N THR D 649 -31.77 -0.61 -55.22
CA THR D 649 -32.81 -1.32 -54.50
C THR D 649 -34.03 -0.41 -54.29
N ALA D 650 -33.78 0.89 -54.16
CA ALA D 650 -34.85 1.84 -53.96
C ALA D 650 -35.35 2.46 -55.28
N HIS D 651 -34.98 1.84 -56.39
CA HIS D 651 -35.34 2.34 -57.74
C HIS D 651 -34.91 3.79 -58.01
N MET D 652 -33.81 4.23 -57.41
CA MET D 652 -33.39 5.62 -57.58
C MET D 652 -32.38 5.77 -58.70
N VAL D 653 -31.78 4.66 -59.09
CA VAL D 653 -30.83 4.61 -60.20
C VAL D 653 -31.10 3.31 -60.97
N PRO D 654 -30.67 3.26 -62.25
CA PRO D 654 -30.79 1.99 -62.97
C PRO D 654 -30.00 0.89 -62.27
N VAL D 655 -30.50 -0.33 -62.28
CA VAL D 655 -29.81 -1.44 -61.63
C VAL D 655 -28.46 -1.71 -62.33
N THR D 656 -28.37 -1.36 -63.61
CA THR D 656 -27.13 -1.52 -64.38
C THR D 656 -25.95 -0.70 -63.83
N LEU D 657 -26.26 0.45 -63.23
CA LEU D 657 -25.21 1.28 -62.64
C LEU D 657 -24.51 0.53 -61.50
N ALA D 658 -25.29 -0.12 -60.66
CA ALA D 658 -24.76 -0.89 -59.53
C ALA D 658 -23.94 -2.06 -60.02
N LEU D 659 -24.48 -2.78 -61.01
CA LEU D 659 -23.76 -3.92 -61.57
C LEU D 659 -22.50 -3.46 -62.31
N ASP D 660 -22.60 -2.35 -63.05
CA ASP D 660 -21.42 -1.79 -63.72
C ASP D 660 -20.32 -1.42 -62.72
N ASN D 661 -20.73 -0.99 -61.53
CA ASN D 661 -19.77 -0.60 -60.52
C ASN D 661 -19.03 -1.78 -59.87
N THR D 662 -19.31 -3.01 -60.29
CA THR D 662 -18.57 -4.16 -59.79
C THR D 662 -17.57 -4.68 -60.82
N LEU D 663 -17.56 -4.08 -62.01
CA LEU D 663 -16.70 -4.57 -63.08
C LEU D 663 -15.21 -4.47 -62.76
N PHE D 664 -14.83 -3.46 -61.99
CA PHE D 664 -13.42 -3.22 -61.67
C PHE D 664 -12.86 -4.22 -60.66
N LEU D 665 -13.73 -4.99 -60.01
CA LEU D 665 -13.33 -5.86 -58.91
C LEU D 665 -12.39 -6.98 -59.30
N ASN D 666 -12.35 -7.32 -60.59
CA ASN D 666 -11.47 -8.41 -61.02
C ASN D 666 -10.00 -8.03 -60.90
N GLY D 667 -9.74 -6.75 -60.65
CA GLY D 667 -8.39 -6.27 -60.38
C GLY D 667 -8.24 -5.67 -58.99
N GLU D 668 -9.24 -5.88 -58.14
CA GLU D 668 -9.22 -5.36 -56.76
C GLU D 668 -8.74 -6.43 -55.77
N LYS D 669 -7.83 -6.04 -54.87
CA LYS D 669 -7.30 -6.99 -53.88
C LYS D 669 -7.74 -6.68 -52.45
N GLU D 670 -8.19 -5.44 -52.20
CA GLU D 670 -8.42 -5.03 -50.81
C GLU D 670 -9.77 -5.51 -50.28
N TYR D 671 -9.79 -5.74 -48.96
CA TYR D 671 -10.95 -6.30 -48.27
C TYR D 671 -12.27 -5.56 -48.50
N MET D 672 -12.31 -4.25 -48.25
CA MET D 672 -13.61 -3.60 -48.09
C MET D 672 -14.43 -3.43 -49.37
N PRO D 673 -13.80 -3.09 -50.51
CA PRO D 673 -14.65 -3.00 -51.71
C PRO D 673 -15.25 -4.36 -52.10
N TRP D 674 -14.51 -5.44 -51.90
CA TRP D 674 -15.07 -6.77 -52.16
C TRP D 674 -16.19 -7.08 -51.19
N GLN D 675 -15.97 -6.76 -49.91
CA GLN D 675 -17.00 -6.93 -48.89
C GLN D 675 -18.29 -6.17 -49.23
N ALA D 676 -18.15 -4.96 -49.76
CA ALA D 676 -19.28 -4.18 -50.23
C ALA D 676 -20.07 -4.94 -51.30
N ALA D 677 -19.35 -5.54 -52.24
CA ALA D 677 -19.98 -6.28 -53.33
C ALA D 677 -20.67 -7.55 -52.83
N LEU D 678 -20.02 -8.24 -51.91
CA LEU D 678 -20.59 -9.46 -51.33
C LEU D 678 -21.85 -9.14 -50.52
N SER D 679 -21.78 -8.10 -49.71
CA SER D 679 -22.95 -7.68 -48.93
C SER D 679 -24.09 -7.25 -49.84
N SER D 680 -23.75 -6.52 -50.89
CA SER D 680 -24.76 -6.02 -51.84
C SER D 680 -25.35 -7.12 -52.72
N LEU D 681 -24.51 -8.04 -53.18
CA LEU D 681 -25.00 -9.11 -54.05
C LEU D 681 -25.67 -10.22 -53.24
N SER D 682 -25.54 -10.14 -51.91
CA SER D 682 -26.25 -11.02 -51.01
C SER D 682 -27.76 -10.84 -51.16
N TYR D 683 -28.20 -9.59 -51.26
CA TYR D 683 -29.60 -9.30 -51.56
C TYR D 683 -30.02 -9.94 -52.87
N PHE D 684 -29.17 -9.80 -53.88
CA PHE D 684 -29.45 -10.38 -55.20
C PHE D 684 -29.60 -11.89 -55.09
N SER D 685 -28.72 -12.50 -54.31
CA SER D 685 -28.77 -13.94 -54.09
C SER D 685 -30.07 -14.35 -53.42
N LEU D 686 -30.48 -13.60 -52.40
CA LEU D 686 -31.73 -13.86 -51.69
C LEU D 686 -32.94 -13.70 -52.63
N MET D 687 -32.87 -12.73 -53.53
CA MET D 687 -33.99 -12.52 -54.44
C MET D 687 -34.03 -13.53 -55.57
N PHE D 688 -32.85 -13.93 -56.05
CA PHE D 688 -32.75 -14.66 -57.31
C PHE D 688 -32.22 -16.09 -57.26
N ASP D 689 -31.83 -16.63 -56.10
CA ASP D 689 -31.18 -17.94 -56.12
C ASP D 689 -32.17 -19.10 -56.27
N ARG D 690 -33.42 -18.77 -56.57
CA ARG D 690 -34.42 -19.77 -56.92
C ARG D 690 -35.00 -19.48 -58.30
N SER D 691 -34.25 -18.72 -59.10
CA SER D 691 -34.72 -18.25 -60.41
C SER D 691 -33.67 -18.44 -61.50
N GLU D 692 -34.04 -18.18 -62.75
CA GLU D 692 -33.15 -18.36 -63.89
C GLU D 692 -31.96 -17.40 -63.87
N VAL D 693 -32.07 -16.35 -63.07
CA VAL D 693 -30.99 -15.37 -62.86
C VAL D 693 -29.75 -16.01 -62.21
N TYR D 694 -29.96 -17.06 -61.43
CA TYR D 694 -28.90 -17.59 -60.55
C TYR D 694 -27.68 -18.14 -61.30
N GLY D 695 -27.90 -18.97 -62.31
CA GLY D 695 -26.81 -19.52 -63.11
C GLY D 695 -25.88 -18.46 -63.67
N PRO D 696 -26.44 -17.47 -64.38
CA PRO D 696 -25.62 -16.37 -64.89
C PRO D 696 -24.96 -15.54 -63.79
N MET D 697 -25.62 -15.35 -62.66
CA MET D 697 -25.04 -14.57 -61.57
C MET D 697 -23.78 -15.22 -61.02
N LYS D 698 -23.85 -16.53 -60.77
CA LYS D 698 -22.70 -17.27 -60.26
C LYS D 698 -21.56 -17.27 -61.27
N LYS D 699 -21.89 -17.44 -62.54
CA LYS D 699 -20.90 -17.43 -63.61
C LYS D 699 -20.13 -16.12 -63.61
N TYR D 700 -20.85 -15.01 -63.43
CA TYR D 700 -20.23 -13.70 -63.38
C TYR D 700 -19.28 -13.57 -62.20
N LEU D 701 -19.73 -14.00 -61.02
CA LEU D 701 -18.91 -13.90 -59.82
C LEU D 701 -17.66 -14.81 -59.89
N ARG D 702 -17.78 -15.98 -60.52
CA ARG D 702 -16.62 -16.84 -60.77
C ARG D 702 -15.58 -16.09 -61.57
N LYS D 703 -16.04 -15.38 -62.59
CA LYS D 703 -15.21 -14.62 -63.50
C LYS D 703 -14.48 -13.54 -62.73
N GLN D 704 -15.22 -12.81 -61.89
CA GLN D 704 -14.66 -11.67 -61.16
C GLN D 704 -13.73 -12.06 -60.02
N VAL D 705 -13.99 -13.18 -59.36
CA VAL D 705 -13.20 -13.55 -58.19
C VAL D 705 -12.00 -14.44 -58.52
N GLU D 706 -12.01 -15.09 -59.68
CA GLU D 706 -10.90 -15.97 -60.03
C GLU D 706 -9.52 -15.27 -59.99
N PRO D 707 -9.41 -14.02 -60.49
CA PRO D 707 -8.09 -13.38 -60.35
C PRO D 707 -7.66 -13.18 -58.89
N LEU D 708 -8.61 -12.93 -57.99
CA LEU D 708 -8.26 -12.73 -56.59
C LEU D 708 -7.87 -14.06 -55.93
N PHE D 709 -8.62 -15.12 -56.28
CA PHE D 709 -8.27 -16.47 -55.81
C PHE D 709 -6.86 -16.83 -56.24
N GLN D 710 -6.56 -16.52 -57.50
CA GLN D 710 -5.24 -16.71 -58.09
C GLN D 710 -4.18 -15.90 -57.36
N HIS D 711 -4.53 -14.67 -56.99
CA HIS D 711 -3.65 -13.79 -56.24
C HIS D 711 -3.26 -14.37 -54.89
N PHE D 712 -4.24 -14.90 -54.15
CA PHE D 712 -3.94 -15.43 -52.83
C PHE D 712 -3.28 -16.81 -52.87
N GLU D 713 -3.58 -17.59 -53.91
CA GLU D 713 -2.96 -18.89 -54.07
C GLU D 713 -1.44 -18.74 -54.15
N THR D 714 -1.00 -17.74 -54.90
CA THR D 714 0.43 -17.43 -55.01
C THR D 714 0.98 -16.82 -53.72
N LEU D 715 0.32 -15.79 -53.22
CA LEU D 715 0.82 -15.04 -52.06
C LEU D 715 0.98 -15.92 -50.83
N THR D 716 0.04 -16.84 -50.65
CA THR D 716 0.02 -17.72 -49.48
C THR D 716 0.93 -18.93 -49.62
N LYS D 717 1.66 -18.98 -50.73
CA LYS D 717 2.49 -20.13 -51.07
C LYS D 717 1.65 -21.41 -51.03
N ASN D 718 0.67 -21.48 -51.92
CA ASN D 718 -0.25 -22.61 -51.99
C ASN D 718 -1.01 -22.83 -50.68
N TRP D 719 -1.51 -21.74 -50.10
CA TRP D 719 -2.41 -21.75 -48.94
C TRP D 719 -1.75 -22.15 -47.63
N THR D 720 -0.43 -22.08 -47.56
CA THR D 720 0.29 -22.51 -46.36
C THR D 720 0.64 -21.35 -45.41
N GLU D 721 0.64 -20.13 -45.93
CA GLU D 721 1.00 -18.95 -45.15
C GLU D 721 -0.06 -17.86 -45.27
N ARG D 722 -0.59 -17.40 -44.15
CA ARG D 722 -1.63 -16.38 -44.18
C ARG D 722 -1.05 -15.01 -44.50
N PRO D 723 -1.86 -14.14 -45.13
CA PRO D 723 -1.44 -12.75 -45.33
C PRO D 723 -1.07 -12.11 -43.99
N GLU D 724 -0.25 -11.06 -44.03
CA GLU D 724 0.31 -10.49 -42.83
C GLU D 724 -0.73 -9.72 -41.98
N ASN D 725 -1.31 -8.67 -42.55
CA ASN D 725 -2.22 -7.85 -41.74
C ASN D 725 -3.66 -8.39 -41.76
N LEU D 726 -4.48 -7.86 -40.87
CA LEU D 726 -5.84 -8.36 -40.70
C LEU D 726 -6.71 -8.17 -41.95
N MET D 727 -6.66 -6.98 -42.56
CA MET D 727 -7.52 -6.67 -43.71
C MET D 727 -7.26 -7.62 -44.87
N ASP D 728 -5.98 -7.90 -45.11
CA ASP D 728 -5.63 -8.85 -46.16
C ASP D 728 -6.06 -10.27 -45.78
N GLN D 729 -6.00 -10.61 -44.50
CA GLN D 729 -6.48 -11.92 -44.06
C GLN D 729 -7.99 -12.02 -44.30
N TYR D 730 -8.71 -10.95 -43.98
CA TYR D 730 -10.14 -10.86 -44.24
C TYR D 730 -10.43 -10.98 -45.72
N SER D 731 -9.58 -10.37 -46.53
CA SER D 731 -9.73 -10.40 -47.97
C SER D 731 -9.58 -11.83 -48.50
N GLU D 732 -8.58 -12.56 -47.99
CA GLU D 732 -8.41 -13.96 -48.39
C GLU D 732 -9.63 -14.78 -48.00
N ILE D 733 -10.09 -14.61 -46.76
CA ILE D 733 -11.27 -15.32 -46.26
C ILE D 733 -12.48 -15.12 -47.16
N ASN D 734 -12.74 -13.88 -47.54
CA ASN D 734 -13.87 -13.60 -48.43
C ASN D 734 -13.64 -14.17 -49.83
N ALA D 735 -12.43 -14.06 -50.36
CA ALA D 735 -12.14 -14.57 -51.71
C ALA D 735 -12.37 -16.08 -51.80
N ILE D 736 -11.90 -16.81 -50.80
CA ILE D 736 -12.09 -18.26 -50.76
C ILE D 736 -13.57 -18.59 -50.62
N SER D 737 -14.25 -17.86 -49.74
CA SER D 737 -15.69 -18.03 -49.53
C SER D 737 -16.44 -17.86 -50.83
N THR D 738 -16.15 -16.75 -51.50
CA THR D 738 -16.82 -16.38 -52.74
C THR D 738 -16.54 -17.36 -53.87
N ALA D 739 -15.28 -17.77 -54.02
CA ALA D 739 -14.91 -18.72 -55.07
C ALA D 739 -15.69 -20.04 -54.94
N CYS D 740 -15.66 -20.63 -53.76
CA CYS D 740 -16.33 -21.91 -53.54
C CYS D 740 -17.86 -21.81 -53.64
N SER D 741 -18.42 -20.74 -53.10
CA SER D 741 -19.87 -20.53 -53.13
C SER D 741 -20.41 -20.42 -54.54
N ASN D 742 -19.62 -19.88 -55.45
CA ASN D 742 -20.08 -19.67 -56.81
C ASN D 742 -19.57 -20.74 -57.77
N GLY D 743 -18.92 -21.76 -57.22
CA GLY D 743 -18.58 -22.94 -57.98
C GLY D 743 -17.27 -22.93 -58.75
N LEU D 744 -16.35 -22.02 -58.40
CA LEU D 744 -15.01 -22.05 -58.95
C LEU D 744 -14.38 -23.42 -58.68
N PRO D 745 -14.12 -24.18 -59.75
CA PRO D 745 -13.64 -25.56 -59.65
C PRO D 745 -12.39 -25.72 -58.78
N GLN D 746 -11.44 -24.79 -58.88
CA GLN D 746 -10.20 -24.91 -58.11
C GLN D 746 -10.45 -24.81 -56.61
N CYS D 747 -11.47 -24.03 -56.23
CA CYS D 747 -11.80 -23.91 -54.82
C CYS D 747 -12.52 -25.16 -54.33
N GLU D 748 -13.40 -25.71 -55.18
CA GLU D 748 -14.09 -26.95 -54.86
C GLU D 748 -13.09 -28.10 -54.70
N ASN D 749 -12.06 -28.11 -55.55
CA ASN D 749 -11.01 -29.12 -55.48
C ASN D 749 -10.19 -28.99 -54.21
N LEU D 750 -9.85 -27.76 -53.85
CA LEU D 750 -9.13 -27.49 -52.61
C LEU D 750 -9.94 -27.93 -51.40
N ALA D 751 -11.25 -27.63 -51.41
CA ALA D 751 -12.12 -27.94 -50.29
C ALA D 751 -12.29 -29.44 -50.11
N LYS D 752 -12.46 -30.17 -51.21
CA LYS D 752 -12.65 -31.62 -51.11
C LYS D 752 -11.38 -32.32 -50.65
N THR D 753 -10.25 -31.86 -51.19
CA THR D 753 -8.96 -32.49 -50.89
C THR D 753 -8.59 -32.35 -49.42
N LEU D 754 -8.72 -31.13 -48.89
CA LEU D 754 -8.39 -30.85 -47.50
C LEU D 754 -9.29 -31.59 -46.52
N PHE D 755 -10.57 -31.66 -46.84
CA PHE D 755 -11.52 -32.31 -45.94
C PHE D 755 -11.34 -33.82 -45.96
N ASP D 756 -10.99 -34.36 -47.14
CA ASP D 756 -10.65 -35.78 -47.25
C ASP D 756 -9.44 -36.08 -46.38
N GLN D 757 -8.43 -35.22 -46.46
CA GLN D 757 -7.22 -35.37 -45.66
C GLN D 757 -7.56 -35.39 -44.17
N TRP D 758 -8.40 -34.44 -43.74
CA TRP D 758 -8.81 -34.37 -42.35
C TRP D 758 -9.51 -35.65 -41.92
N MET D 759 -10.42 -36.13 -42.75
CA MET D 759 -11.19 -37.33 -42.40
C MET D 759 -10.28 -38.55 -42.25
N SER D 760 -9.14 -38.54 -42.96
CA SER D 760 -8.19 -39.66 -42.91
C SER D 760 -7.28 -39.60 -41.70
N ASP D 761 -7.32 -38.48 -40.98
CA ASP D 761 -6.46 -38.26 -39.80
C ASP D 761 -7.07 -37.14 -38.95
N PRO D 762 -8.17 -37.44 -38.27
CA PRO D 762 -8.99 -36.43 -37.58
C PRO D 762 -8.24 -35.65 -36.49
N GLU D 763 -7.26 -36.27 -35.85
CA GLU D 763 -6.53 -35.64 -34.76
C GLU D 763 -5.63 -34.51 -35.25
N ASN D 764 -5.28 -34.55 -36.52
CA ASN D 764 -4.40 -33.54 -37.08
C ASN D 764 -5.08 -32.74 -38.19
N ASN D 765 -5.86 -31.74 -37.78
CA ASN D 765 -6.59 -30.89 -38.71
C ASN D 765 -5.65 -30.06 -39.58
N PRO D 766 -5.68 -30.27 -40.90
CA PRO D 766 -4.79 -29.61 -41.87
C PRO D 766 -5.31 -28.26 -42.35
N ILE D 767 -6.51 -27.89 -41.90
CA ILE D 767 -7.16 -26.67 -42.39
C ILE D 767 -6.95 -25.51 -41.42
N HIS D 768 -6.29 -24.45 -41.88
CA HIS D 768 -6.11 -23.25 -41.08
C HIS D 768 -7.46 -22.70 -40.64
N PRO D 769 -7.58 -22.29 -39.36
CA PRO D 769 -8.84 -21.78 -38.80
C PRO D 769 -9.49 -20.68 -39.63
N ASN D 770 -8.71 -19.80 -40.27
CA ASN D 770 -9.28 -18.76 -41.13
C ASN D 770 -10.14 -19.33 -42.26
N LEU D 771 -9.79 -20.52 -42.73
CA LEU D 771 -10.44 -21.10 -43.91
C LEU D 771 -11.47 -22.19 -43.59
N ARG D 772 -11.63 -22.53 -42.32
CA ARG D 772 -12.46 -23.69 -41.97
C ARG D 772 -13.95 -23.49 -42.31
N SER D 773 -14.47 -22.29 -42.14
CA SER D 773 -15.90 -22.06 -42.43
C SER D 773 -16.24 -22.42 -43.87
N THR D 774 -15.38 -22.01 -44.81
CA THR D 774 -15.63 -22.24 -46.22
C THR D 774 -15.35 -23.69 -46.62
N ILE D 775 -14.20 -24.20 -46.22
CA ILE D 775 -13.78 -25.55 -46.59
C ILE D 775 -14.78 -26.58 -46.04
N TYR D 776 -15.14 -26.43 -44.77
CA TYR D 776 -16.13 -27.32 -44.15
C TYR D 776 -17.47 -27.31 -44.91
N CYS D 777 -17.97 -26.12 -45.21
CA CYS D 777 -19.27 -25.96 -45.87
C CYS D 777 -19.30 -26.59 -47.25
N ASN D 778 -18.29 -26.25 -48.06
CA ASN D 778 -18.22 -26.72 -49.45
C ASN D 778 -17.96 -28.22 -49.54
N ALA D 779 -17.15 -28.74 -48.63
CA ALA D 779 -16.89 -30.19 -48.61
C ALA D 779 -18.16 -30.94 -48.25
N ILE D 780 -18.87 -30.43 -47.25
CA ILE D 780 -20.18 -30.97 -46.86
C ILE D 780 -21.16 -30.93 -48.03
N ALA D 781 -21.22 -29.78 -48.69
CA ALA D 781 -22.12 -29.59 -49.84
C ALA D 781 -21.78 -30.54 -50.99
N GLN D 782 -20.49 -30.73 -51.24
CA GLN D 782 -20.02 -31.66 -52.27
C GLN D 782 -20.26 -33.11 -51.91
N GLY D 783 -20.09 -33.42 -50.63
CA GLY D 783 -20.12 -34.78 -50.16
C GLY D 783 -21.51 -35.23 -49.80
N GLY D 784 -21.59 -36.28 -48.99
CA GLY D 784 -22.87 -36.83 -48.60
C GLY D 784 -22.92 -37.13 -47.12
N GLN D 785 -23.51 -38.26 -46.78
CA GLN D 785 -23.73 -38.61 -45.38
C GLN D 785 -22.42 -38.94 -44.66
N ASP D 786 -21.43 -39.40 -45.40
CA ASP D 786 -20.12 -39.67 -44.80
C ASP D 786 -19.52 -38.40 -44.23
N GLN D 787 -19.46 -37.35 -45.05
CA GLN D 787 -18.92 -36.07 -44.63
C GLN D 787 -19.75 -35.48 -43.48
N TRP D 788 -21.07 -35.54 -43.62
CA TRP D 788 -21.98 -34.95 -42.65
C TRP D 788 -21.86 -35.63 -41.28
N ASP D 789 -21.89 -36.96 -41.26
CA ASP D 789 -21.80 -37.70 -40.01
C ASP D 789 -20.43 -37.50 -39.33
N PHE D 790 -19.39 -37.34 -40.13
CA PHE D 790 -18.07 -37.06 -39.58
C PHE D 790 -18.06 -35.72 -38.87
N ALA D 791 -18.62 -34.70 -39.52
CA ALA D 791 -18.63 -33.35 -38.95
C ALA D 791 -19.50 -33.30 -37.70
N TRP D 792 -20.60 -34.06 -37.71
CA TRP D 792 -21.50 -34.12 -36.56
C TRP D 792 -20.79 -34.68 -35.32
N GLY D 793 -19.99 -35.73 -35.52
CA GLY D 793 -19.22 -36.31 -34.45
C GLY D 793 -18.18 -35.36 -33.91
N GLN D 794 -17.54 -34.62 -34.82
CA GLN D 794 -16.60 -33.57 -34.42
C GLN D 794 -17.27 -32.48 -33.59
N LEU D 795 -18.50 -32.12 -33.95
CA LEU D 795 -19.26 -31.11 -33.22
C LEU D 795 -19.61 -31.58 -31.80
N GLN D 796 -20.07 -32.81 -31.67
CA GLN D 796 -20.52 -33.30 -30.37
C GLN D 796 -19.37 -33.56 -29.42
N GLN D 797 -18.15 -33.64 -29.95
CA GLN D 797 -16.98 -33.83 -29.11
C GLN D 797 -16.11 -32.56 -29.00
N ALA D 798 -16.60 -31.45 -29.56
CA ALA D 798 -15.82 -30.22 -29.61
C ALA D 798 -15.56 -29.64 -28.22
N GLN D 799 -14.32 -29.22 -27.98
CA GLN D 799 -13.93 -28.63 -26.71
C GLN D 799 -13.64 -27.13 -26.87
N LEU D 800 -13.75 -26.64 -28.10
CA LEU D 800 -13.61 -25.21 -28.36
C LEU D 800 -14.86 -24.72 -29.08
N VAL D 801 -15.48 -23.68 -28.55
CA VAL D 801 -16.77 -23.24 -29.09
C VAL D 801 -16.60 -22.60 -30.47
N ASN D 802 -15.47 -21.94 -30.71
CA ASN D 802 -15.17 -21.40 -32.04
C ASN D 802 -15.30 -22.48 -33.11
N GLU D 803 -14.79 -23.67 -32.79
CA GLU D 803 -14.79 -24.78 -33.73
C GLU D 803 -16.18 -25.38 -33.87
N ALA D 804 -16.86 -25.54 -32.75
CA ALA D 804 -18.25 -25.97 -32.72
C ALA D 804 -19.12 -25.04 -33.56
N ASP D 805 -18.91 -23.73 -33.42
CA ASP D 805 -19.67 -22.76 -34.20
C ASP D 805 -19.48 -22.97 -35.71
N LYS D 806 -18.24 -23.20 -36.14
CA LYS D 806 -17.97 -23.41 -37.55
C LYS D 806 -18.60 -24.71 -38.07
N LEU D 807 -18.60 -25.74 -37.23
CA LEU D 807 -19.18 -27.01 -37.61
C LEU D 807 -20.69 -26.89 -37.79
N ARG D 808 -21.36 -26.22 -36.84
CA ARG D 808 -22.82 -26.02 -36.90
C ARG D 808 -23.23 -25.33 -38.20
N SER D 809 -22.52 -24.27 -38.57
CA SER D 809 -22.80 -23.52 -39.80
C SER D 809 -22.57 -24.40 -41.04
N ALA D 810 -21.47 -25.14 -41.04
CA ALA D 810 -21.12 -25.97 -42.19
C ALA D 810 -22.09 -27.13 -42.38
N LEU D 811 -22.58 -27.68 -41.27
CA LEU D 811 -23.54 -28.78 -41.34
C LEU D 811 -24.84 -28.37 -42.04
N ALA D 812 -25.09 -27.06 -42.13
CA ALA D 812 -26.29 -26.58 -42.81
C ALA D 812 -26.13 -26.50 -44.33
N CYS D 813 -24.94 -26.80 -44.82
CA CYS D 813 -24.67 -26.70 -46.25
C CYS D 813 -24.96 -28.00 -47.01
N SER D 814 -25.52 -29.00 -46.32
CA SER D 814 -25.89 -30.26 -46.99
C SER D 814 -26.87 -29.99 -48.13
N ASN D 815 -26.72 -30.73 -49.24
CA ASN D 815 -27.64 -30.60 -50.35
C ASN D 815 -28.68 -31.71 -50.34
N GLU D 816 -28.76 -32.44 -49.22
CA GLU D 816 -29.73 -33.52 -49.10
C GLU D 816 -30.82 -33.17 -48.11
N VAL D 817 -32.06 -33.14 -48.59
CA VAL D 817 -33.18 -32.69 -47.77
C VAL D 817 -33.30 -33.45 -46.45
N TRP D 818 -33.19 -34.77 -46.48
CA TRP D 818 -33.40 -35.57 -45.27
C TRP D 818 -32.36 -35.27 -44.22
N LEU D 819 -31.15 -34.91 -44.64
CA LEU D 819 -30.11 -34.53 -43.69
C LEU D 819 -30.43 -33.17 -43.06
N LEU D 820 -30.90 -32.23 -43.87
CA LEU D 820 -31.22 -30.90 -43.34
C LEU D 820 -32.41 -30.95 -42.38
N ASN D 821 -33.39 -31.79 -42.71
CA ASN D 821 -34.57 -31.93 -41.88
C ASN D 821 -34.28 -32.68 -40.57
N ARG D 822 -33.42 -33.68 -40.63
CA ARG D 822 -32.98 -34.36 -39.43
C ARG D 822 -32.26 -33.36 -38.53
N TYR D 823 -31.44 -32.52 -39.16
CA TYR D 823 -30.68 -31.47 -38.47
C TYR D 823 -31.61 -30.48 -37.74
N LEU D 824 -32.62 -29.98 -38.46
CA LEU D 824 -33.63 -29.10 -37.85
C LEU D 824 -34.25 -29.73 -36.60
N GLY D 825 -34.51 -31.03 -36.66
CA GLY D 825 -35.07 -31.75 -35.55
C GLY D 825 -34.17 -31.69 -34.32
N TYR D 826 -32.87 -31.68 -34.57
CA TYR D 826 -31.87 -31.61 -33.49
C TYR D 826 -31.82 -30.26 -32.78
N THR D 827 -32.23 -29.19 -33.45
CA THR D 827 -32.06 -27.84 -32.89
C THR D 827 -32.91 -27.58 -31.66
N LEU D 828 -33.96 -28.39 -31.46
CA LEU D 828 -34.81 -28.20 -30.30
C LEU D 828 -34.52 -29.28 -29.26
N ASN D 829 -33.40 -29.97 -29.42
CA ASN D 829 -32.95 -30.95 -28.45
C ASN D 829 -31.71 -30.44 -27.71
N PRO D 830 -31.90 -29.95 -26.48
CA PRO D 830 -30.85 -29.34 -25.65
C PRO D 830 -29.64 -30.25 -25.43
N ASP D 831 -29.81 -31.56 -25.58
CA ASP D 831 -28.71 -32.50 -25.44
C ASP D 831 -27.77 -32.44 -26.63
N LEU D 832 -28.30 -31.96 -27.75
CA LEU D 832 -27.56 -31.93 -29.01
C LEU D 832 -27.19 -30.51 -29.41
N ILE D 833 -28.13 -29.59 -29.25
CA ILE D 833 -27.89 -28.17 -29.54
C ILE D 833 -28.35 -27.33 -28.35
N ARG D 834 -27.41 -26.59 -27.75
CA ARG D 834 -27.73 -25.73 -26.62
C ARG D 834 -28.82 -24.75 -27.04
N LYS D 835 -29.70 -24.39 -26.11
CA LYS D 835 -30.75 -23.42 -26.39
C LYS D 835 -30.18 -22.11 -26.92
N GLN D 836 -28.99 -21.76 -26.47
CA GLN D 836 -28.33 -20.53 -26.89
C GLN D 836 -28.01 -20.51 -28.38
N ASP D 837 -27.97 -21.70 -28.99
CA ASP D 837 -27.52 -21.86 -30.37
C ASP D 837 -28.63 -22.35 -31.31
N ALA D 838 -29.82 -22.56 -30.77
CA ALA D 838 -30.92 -23.14 -31.55
C ALA D 838 -31.37 -22.25 -32.71
N THR D 839 -31.66 -20.98 -32.42
CA THR D 839 -32.20 -20.12 -33.47
C THR D 839 -31.15 -19.78 -34.53
N SER D 840 -29.89 -19.64 -34.13
CA SER D 840 -28.84 -19.36 -35.11
C SER D 840 -28.66 -20.54 -36.07
N THR D 841 -28.76 -21.75 -35.53
CA THR D 841 -28.64 -22.97 -36.33
C THR D 841 -29.79 -23.08 -37.33
N ILE D 842 -31.01 -22.78 -36.87
CA ILE D 842 -32.17 -22.77 -37.76
C ILE D 842 -31.97 -21.74 -38.87
N ASN D 843 -31.45 -20.57 -38.51
CA ASN D 843 -31.17 -19.55 -39.51
C ASN D 843 -30.16 -20.01 -40.56
N SER D 844 -29.15 -20.75 -40.13
CA SER D 844 -28.13 -21.25 -41.04
C SER D 844 -28.75 -22.20 -42.06
N ILE D 845 -29.64 -23.05 -41.57
CA ILE D 845 -30.33 -24.00 -42.43
C ILE D 845 -31.23 -23.25 -43.42
N ALA D 846 -31.88 -22.19 -42.94
CA ALA D 846 -32.74 -21.36 -43.80
C ALA D 846 -31.95 -20.65 -44.90
N SER D 847 -30.66 -20.37 -44.65
CA SER D 847 -29.82 -19.73 -45.65
C SER D 847 -29.56 -20.64 -46.85
N ASN D 848 -29.55 -21.94 -46.59
CA ASN D 848 -29.43 -22.94 -47.65
C ASN D 848 -30.69 -22.88 -48.49
N VAL D 849 -30.54 -22.72 -49.81
CA VAL D 849 -31.69 -22.59 -50.70
C VAL D 849 -32.63 -23.81 -50.57
N ILE D 850 -32.06 -24.98 -50.34
CA ILE D 850 -32.86 -26.19 -50.10
C ILE D 850 -33.47 -26.16 -48.71
N GLY D 851 -32.78 -25.51 -47.78
CA GLY D 851 -33.23 -25.41 -46.39
C GLY D 851 -34.32 -24.39 -46.16
N GLN D 852 -34.43 -23.41 -47.07
CA GLN D 852 -35.42 -22.33 -46.94
C GLN D 852 -36.84 -22.84 -46.70
N PRO D 853 -37.37 -23.73 -47.56
CA PRO D 853 -38.75 -24.15 -47.27
C PRO D 853 -38.84 -25.05 -46.02
N LEU D 854 -37.77 -25.79 -45.72
CA LEU D 854 -37.74 -26.64 -44.54
C LEU D 854 -37.79 -25.81 -43.26
N ALA D 855 -37.03 -24.72 -43.22
CA ALA D 855 -36.92 -23.93 -42.00
C ALA D 855 -38.16 -23.07 -41.78
N TRP D 856 -38.72 -22.57 -42.87
CA TRP D 856 -39.92 -21.76 -42.80
C TRP D 856 -41.10 -22.60 -42.27
N ASP D 857 -41.22 -23.84 -42.76
CA ASP D 857 -42.24 -24.76 -42.23
C ASP D 857 -41.96 -25.13 -40.77
N PHE D 858 -40.69 -25.35 -40.46
CA PHE D 858 -40.28 -25.75 -39.12
C PHE D 858 -40.59 -24.65 -38.09
N VAL D 859 -40.31 -23.41 -38.46
CA VAL D 859 -40.56 -22.28 -37.57
C VAL D 859 -42.05 -22.09 -37.32
N GLN D 860 -42.86 -22.23 -38.37
CA GLN D 860 -44.30 -22.08 -38.25
C GLN D 860 -44.92 -23.19 -37.42
N SER D 861 -44.45 -24.42 -37.61
CA SER D 861 -45.06 -25.56 -36.92
C SER D 861 -44.58 -25.69 -35.47
N ASN D 862 -43.42 -25.12 -35.15
CA ASN D 862 -42.91 -25.14 -33.78
C ASN D 862 -42.98 -23.77 -33.12
N TRP D 863 -43.94 -22.96 -33.55
CA TRP D 863 -43.97 -21.56 -33.16
C TRP D 863 -44.20 -21.33 -31.66
N LYS D 864 -45.16 -22.05 -31.09
CA LYS D 864 -45.49 -21.86 -29.68
C LYS D 864 -44.25 -22.07 -28.79
N LYS D 865 -43.49 -23.12 -29.06
CA LYS D 865 -42.25 -23.37 -28.32
C LYS D 865 -41.21 -22.28 -28.54
N LEU D 866 -41.01 -21.88 -29.81
CA LEU D 866 -40.05 -20.83 -30.14
C LEU D 866 -40.43 -19.50 -29.46
N PHE D 867 -41.72 -19.17 -29.46
CA PHE D 867 -42.18 -17.95 -28.79
C PHE D 867 -42.01 -18.02 -27.27
N GLN D 868 -42.36 -19.16 -26.68
CA GLN D 868 -42.22 -19.33 -25.24
C GLN D 868 -40.76 -19.23 -24.76
N ASP D 869 -39.86 -19.75 -25.57
CA ASP D 869 -38.44 -19.81 -25.19
C ASP D 869 -37.65 -18.55 -25.53
N TYR D 870 -38.07 -17.83 -26.57
CA TYR D 870 -37.28 -16.69 -27.07
C TYR D 870 -38.09 -15.42 -27.28
N GLY D 871 -39.40 -15.51 -27.10
CA GLY D 871 -40.31 -14.44 -27.47
C GLY D 871 -40.28 -13.12 -26.72
N GLY D 872 -39.42 -13.00 -25.71
CA GLY D 872 -39.23 -11.69 -25.08
C GLY D 872 -38.09 -11.47 -24.09
N GLY D 873 -36.83 -11.60 -24.51
CA GLY D 873 -36.45 -12.03 -25.84
C GLY D 873 -35.63 -11.06 -26.66
N SER D 874 -34.39 -10.79 -26.27
CA SER D 874 -33.55 -9.90 -27.09
C SER D 874 -32.70 -10.67 -28.11
N PHE D 875 -32.55 -10.07 -29.29
CA PHE D 875 -31.67 -10.54 -30.37
C PHE D 875 -32.14 -11.82 -31.08
N SER D 876 -32.14 -12.94 -30.37
CA SER D 876 -32.42 -14.23 -30.99
C SER D 876 -33.74 -14.30 -31.75
N PHE D 877 -34.81 -13.83 -31.11
CA PHE D 877 -36.15 -13.97 -31.67
C PHE D 877 -36.32 -13.19 -32.97
N SER D 878 -35.96 -11.90 -32.94
CA SER D 878 -36.12 -11.04 -34.12
C SER D 878 -35.18 -11.48 -35.24
N ASN D 879 -33.97 -11.91 -34.87
CA ASN D 879 -33.04 -12.44 -35.87
C ASN D 879 -33.62 -13.65 -36.61
N LEU D 880 -34.36 -14.49 -35.89
CA LEU D 880 -34.98 -15.67 -36.49
C LEU D 880 -36.07 -15.26 -37.47
N ILE D 881 -36.95 -14.34 -37.05
CA ILE D 881 -37.98 -13.81 -37.94
C ILE D 881 -37.33 -13.23 -39.19
N GLN D 882 -36.37 -12.35 -39.00
CA GLN D 882 -35.70 -11.69 -40.13
C GLN D 882 -35.04 -12.71 -41.04
N GLY D 883 -34.35 -13.68 -40.45
CA GLY D 883 -33.61 -14.66 -41.24
C GLY D 883 -34.45 -15.52 -42.16
N VAL D 884 -35.57 -16.02 -41.65
CA VAL D 884 -36.37 -16.99 -42.39
C VAL D 884 -37.25 -16.32 -43.45
N THR D 885 -37.46 -15.01 -43.35
CA THR D 885 -38.33 -14.31 -44.29
C THR D 885 -37.56 -13.44 -45.30
N ARG D 886 -36.23 -13.47 -45.23
CA ARG D 886 -35.39 -12.61 -46.08
C ARG D 886 -35.63 -12.79 -47.57
N ARG D 887 -35.88 -14.02 -48.00
CA ARG D 887 -36.05 -14.34 -49.41
C ARG D 887 -37.37 -13.92 -50.03
N PHE D 888 -38.36 -13.58 -49.19
CA PHE D 888 -39.73 -13.40 -49.67
C PHE D 888 -39.83 -12.31 -50.73
N SER D 889 -40.33 -12.66 -51.91
CA SER D 889 -40.36 -11.72 -53.03
C SER D 889 -41.50 -11.96 -54.01
N SER D 890 -42.52 -12.68 -53.55
CA SER D 890 -43.68 -12.97 -54.38
C SER D 890 -44.94 -12.62 -53.63
N GLU D 891 -46.04 -12.42 -54.35
CA GLU D 891 -47.32 -12.15 -53.69
C GLU D 891 -47.72 -13.35 -52.84
N PHE D 892 -47.39 -14.56 -53.31
CA PHE D 892 -47.73 -15.76 -52.56
C PHE D 892 -47.02 -15.81 -51.20
N GLU D 893 -45.72 -15.49 -51.19
CA GLU D 893 -44.95 -15.51 -49.96
C GLU D 893 -45.40 -14.41 -48.98
N LEU D 894 -45.77 -13.26 -49.50
CA LEU D 894 -46.33 -12.18 -48.69
C LEU D 894 -47.64 -12.63 -48.05
N GLN D 895 -48.48 -13.29 -48.85
CA GLN D 895 -49.76 -13.80 -48.36
C GLN D 895 -49.56 -14.83 -47.25
N GLN D 896 -48.56 -15.69 -47.42
CA GLN D 896 -48.24 -16.70 -46.40
C GLN D 896 -47.78 -16.04 -45.10
N LEU D 897 -47.02 -14.96 -45.22
CA LEU D 897 -46.50 -14.27 -44.05
C LEU D 897 -47.63 -13.59 -43.29
N GLU D 898 -48.55 -12.98 -44.03
CA GLU D 898 -49.73 -12.35 -43.42
C GLU D 898 -50.60 -13.36 -42.68
N GLN D 899 -50.79 -14.53 -43.29
CA GLN D 899 -51.56 -15.61 -42.67
C GLN D 899 -50.91 -16.09 -41.38
N PHE D 900 -49.58 -16.25 -41.43
CA PHE D 900 -48.81 -16.63 -40.25
C PHE D 900 -49.00 -15.62 -39.12
N LYS D 901 -49.01 -14.34 -39.47
CA LYS D 901 -49.28 -13.29 -38.50
C LYS D 901 -50.70 -13.39 -37.97
N LYS D 902 -51.65 -13.59 -38.88
CA LYS D 902 -53.06 -13.69 -38.51
C LYS D 902 -53.30 -14.88 -37.59
N ASN D 903 -52.63 -15.99 -37.88
CA ASN D 903 -52.77 -17.20 -37.08
C ASN D 903 -52.34 -17.04 -35.63
N ASN D 904 -51.34 -16.20 -35.41
CA ASN D 904 -50.74 -16.06 -34.08
C ASN D 904 -50.98 -14.69 -33.46
N MET D 905 -51.93 -13.95 -34.00
CA MET D 905 -52.19 -12.59 -33.52
C MET D 905 -52.72 -12.60 -32.09
N ASP D 906 -53.33 -13.72 -31.69
CA ASP D 906 -53.87 -13.87 -30.35
C ASP D 906 -52.78 -13.69 -29.29
N VAL D 907 -51.74 -14.52 -29.38
CA VAL D 907 -50.65 -14.46 -28.43
C VAL D 907 -49.75 -13.27 -28.74
N GLY D 908 -49.55 -13.00 -30.03
CA GLY D 908 -48.76 -11.86 -30.45
C GLY D 908 -47.31 -12.25 -30.68
N PHE D 909 -46.48 -11.27 -31.02
CA PHE D 909 -45.14 -11.59 -31.45
C PHE D 909 -44.05 -11.01 -30.56
N GLY D 910 -44.47 -10.50 -29.39
CA GLY D 910 -43.54 -10.08 -28.35
C GLY D 910 -42.40 -9.19 -28.79
N SER D 911 -41.17 -9.64 -28.54
CA SER D 911 -39.98 -8.85 -28.85
C SER D 911 -39.56 -8.94 -30.31
N GLY D 912 -40.39 -9.60 -31.13
CA GLY D 912 -40.16 -9.63 -32.56
C GLY D 912 -41.29 -8.97 -33.32
N THR D 913 -42.04 -8.11 -32.63
CA THR D 913 -43.20 -7.43 -33.22
C THR D 913 -42.80 -6.45 -34.33
N ARG D 914 -41.80 -5.60 -34.07
CA ARG D 914 -41.33 -4.69 -35.10
C ARG D 914 -40.65 -5.47 -36.22
N ALA D 915 -39.91 -6.52 -35.85
CA ALA D 915 -39.24 -7.37 -36.81
C ALA D 915 -40.22 -7.93 -37.84
N LEU D 916 -41.37 -8.35 -37.37
CA LEU D 916 -42.40 -8.88 -38.26
C LEU D 916 -42.91 -7.77 -39.18
N GLU D 917 -43.14 -6.58 -38.64
CA GLU D 917 -43.63 -5.47 -39.45
C GLU D 917 -42.60 -5.08 -40.52
N GLN D 918 -41.33 -5.11 -40.15
CA GLN D 918 -40.26 -4.82 -41.09
C GLN D 918 -40.16 -5.91 -42.17
N ALA D 919 -40.38 -7.16 -41.77
CA ALA D 919 -40.31 -8.26 -42.74
C ALA D 919 -41.43 -8.15 -43.77
N LEU D 920 -42.62 -7.75 -43.32
CA LEU D 920 -43.75 -7.54 -44.22
C LEU D 920 -43.50 -6.39 -45.19
N GLU D 921 -42.97 -5.28 -44.69
CA GLU D 921 -42.69 -4.13 -45.53
C GLU D 921 -41.61 -4.47 -46.56
N LYS D 922 -40.55 -5.14 -46.11
CA LYS D 922 -39.46 -5.53 -46.98
C LYS D 922 -39.95 -6.48 -48.08
N THR D 923 -40.77 -7.45 -47.68
CA THR D 923 -41.35 -8.43 -48.62
C THR D 923 -42.16 -7.75 -49.73
N LYS D 924 -43.00 -6.80 -49.35
CA LYS D 924 -43.76 -6.02 -50.32
C LYS D 924 -42.84 -5.29 -51.29
N ALA D 925 -41.80 -4.66 -50.75
CA ALA D 925 -40.83 -3.96 -51.57
C ALA D 925 -40.09 -4.90 -52.51
N ASN D 926 -39.78 -6.10 -52.02
CA ASN D 926 -39.09 -7.12 -52.82
C ASN D 926 -39.90 -7.54 -54.03
N ILE D 927 -41.22 -7.69 -53.83
CA ILE D 927 -42.10 -8.09 -54.92
C ILE D 927 -41.96 -7.11 -56.09
N LYS D 928 -42.08 -5.82 -55.78
CA LYS D 928 -41.98 -4.77 -56.79
C LYS D 928 -40.60 -4.75 -57.42
N TRP D 929 -39.55 -4.78 -56.58
CA TRP D 929 -38.18 -4.72 -57.09
C TRP D 929 -37.87 -5.88 -58.04
N VAL D 930 -38.18 -7.10 -57.63
CA VAL D 930 -37.88 -8.26 -58.46
C VAL D 930 -38.63 -8.22 -59.79
N LYS D 931 -39.90 -7.85 -59.75
CA LYS D 931 -40.68 -7.75 -60.98
C LYS D 931 -40.07 -6.73 -61.95
N GLU D 932 -39.65 -5.59 -61.43
CA GLU D 932 -39.19 -4.51 -62.29
C GLU D 932 -37.72 -4.64 -62.71
N ASN D 933 -36.98 -5.56 -62.09
CA ASN D 933 -35.54 -5.64 -62.34
C ASN D 933 -35.03 -6.96 -62.90
N LYS D 934 -35.85 -8.01 -62.84
CA LYS D 934 -35.37 -9.35 -63.16
C LYS D 934 -34.88 -9.48 -64.60
N GLU D 935 -35.52 -8.79 -65.53
CA GLU D 935 -35.15 -8.87 -66.94
C GLU D 935 -33.80 -8.23 -67.20
N VAL D 936 -33.62 -7.00 -66.74
CA VAL D 936 -32.36 -6.30 -66.95
C VAL D 936 -31.19 -6.98 -66.25
N VAL D 937 -31.42 -7.50 -65.05
CA VAL D 937 -30.38 -8.18 -64.29
C VAL D 937 -29.93 -9.47 -64.99
N LEU D 938 -30.90 -10.29 -65.40
CA LEU D 938 -30.63 -11.51 -66.15
C LEU D 938 -29.71 -11.24 -67.35
N ASN D 939 -30.13 -10.31 -68.21
CA ASN D 939 -29.38 -9.99 -69.41
C ASN D 939 -27.97 -9.46 -69.09
N TRP D 940 -27.86 -8.69 -68.02
CA TRP D 940 -26.57 -8.10 -67.66
C TRP D 940 -25.55 -9.15 -67.27
N PHE D 941 -25.94 -10.08 -66.40
CA PHE D 941 -25.08 -11.19 -66.00
C PHE D 941 -24.69 -12.06 -67.19
N ILE D 942 -25.66 -12.36 -68.04
CA ILE D 942 -25.40 -13.14 -69.26
C ILE D 942 -24.35 -12.44 -70.12
N GLU D 943 -24.56 -11.15 -70.37
CA GLU D 943 -23.63 -10.35 -71.16
C GLU D 943 -22.23 -10.26 -70.57
N HIS D 944 -22.14 -10.10 -69.26
CA HIS D 944 -20.85 -9.81 -68.63
C HIS D 944 -20.15 -11.03 -68.03
N SER D 945 -20.62 -12.22 -68.37
CA SER D 945 -19.97 -13.43 -67.88
C SER D 945 -19.42 -14.30 -69.01
C1 NAG E . 11.83 0.95 -7.66
C2 NAG E . 11.80 0.52 -9.12
C3 NAG E . 10.37 0.59 -9.66
C4 NAG E . 9.42 -0.17 -8.77
C5 NAG E . 9.59 0.29 -7.31
C6 NAG E . 8.70 -0.52 -6.37
C7 NAG E . 13.62 0.80 -10.68
C8 NAG E . 14.48 1.74 -11.48
N2 NAG E . 12.67 1.35 -9.93
O3 NAG E . 10.35 0.05 -10.97
O4 NAG E . 8.10 0.07 -9.19
O5 NAG E . 10.93 0.18 -6.89
O6 NAG E . 8.69 0.08 -5.10
O7 NAG E . 13.82 -0.42 -10.73
C1 NAG E . 7.30 -0.99 -9.70
C2 NAG E . 5.82 -0.59 -9.65
C3 NAG E . 4.95 -1.67 -10.29
C4 NAG E . 5.51 -2.07 -11.66
C5 NAG E . 7.00 -2.40 -11.55
C6 NAG E . 7.60 -2.77 -12.91
C7 NAG E . 5.22 0.86 -7.79
C8 NAG E . 4.82 0.97 -6.35
N2 NAG E . 5.42 -0.37 -8.27
O3 NAG E . 3.64 -1.19 -10.45
O4 NAG E . 4.79 -3.18 -12.14
O5 NAG E . 7.69 -1.29 -11.02
O6 NAG E . 7.30 -1.77 -13.85
O7 NAG E . 5.36 1.88 -8.47
C1 BMA E . 3.59 -3.91 -12.48
C2 BMA E . 3.03 -5.02 -13.35
C3 BMA E . 2.36 -4.39 -14.51
C4 BMA E . 1.09 -3.85 -13.97
C5 BMA E . 1.39 -2.71 -13.01
C6 BMA E . 0.31 -2.63 -11.99
O2 BMA E . 4.10 -5.89 -13.75
O3 BMA E . 2.13 -5.33 -15.62
O4 BMA E . 0.25 -3.39 -15.04
O5 BMA E . 2.66 -2.77 -12.26
O6 BMA E . 0.52 -1.45 -11.26
C1 BMA E . -0.60 -0.88 -10.59
C2 BMA E . -0.18 0.52 -10.20
C3 BMA E . 0.20 0.64 -8.78
C4 BMA E . 0.83 -0.59 -8.23
C5 BMA E . 0.00 -1.86 -8.45
C6 BMA E . -0.57 -2.35 -7.16
O2 BMA E . -1.28 1.42 -10.46
O3 BMA E . 1.16 1.74 -8.64
O4 BMA E . 1.09 -0.42 -6.83
O5 BMA E . -1.09 -1.64 -9.41
O6 BMA E . -1.78 -1.68 -6.90
C1 BMA E . 2.11 2.71 -9.10
C2 BMA E . 2.70 3.99 -8.48
C3 BMA E . 2.06 5.20 -9.03
C4 BMA E . 0.68 4.98 -9.52
C5 BMA E . 0.58 3.89 -10.57
C6 BMA E . 0.55 4.49 -11.93
O2 BMA E . 4.11 4.02 -8.78
O3 BMA E . 2.01 6.21 -7.98
O4 BMA E . 0.19 6.20 -10.09
O5 BMA E . 1.72 2.95 -10.50
O6 BMA E . -0.15 3.61 -12.77
C1 BMA E . 2.56 -5.05 -16.97
C2 BMA E . 2.19 -5.73 -18.28
C3 BMA E . 2.97 -6.95 -18.53
C4 BMA E . 3.62 -7.51 -17.32
C5 BMA E . 4.43 -6.49 -16.54
C6 BMA E . 5.89 -6.65 -16.81
O2 BMA E . 2.41 -4.80 -19.35
O3 BMA E . 2.08 -7.98 -19.07
O4 BMA E . 4.48 -8.60 -17.69
O5 BMA E . 4.02 -5.11 -16.80
O6 BMA E . 6.58 -6.45 -15.60
C1 NAG F . -20.87 43.45 33.71
C2 NAG F . -21.03 43.43 35.23
C3 NAG F . -21.82 42.22 35.70
C4 NAG F . -23.08 42.02 34.85
C5 NAG F . -22.73 42.07 33.37
C6 NAG F . -23.96 41.86 32.49
C7 NAG F . -19.35 44.27 36.80
C8 NAG F . -20.41 45.21 37.30
N2 NAG F . -19.70 43.45 35.82
O3 NAG F . -22.18 42.38 37.05
O4 NAG F . -23.63 40.75 35.12
O5 NAG F . -22.13 43.32 33.08
O6 NAG F . -24.81 42.98 32.56
O7 NAG F . -18.22 44.30 37.30
C1 NAG F . -24.73 40.76 36.02
C2 NAG F . -25.50 39.47 35.77
C3 NAG F . -26.48 39.13 36.89
C4 NAG F . -25.86 39.34 38.26
C5 NAG F . -25.27 40.74 38.31
C6 NAG F . -24.72 41.12 39.69
C7 NAG F . -26.00 38.74 33.50
C8 NAG F . -24.99 37.65 33.72
N2 NAG F . -26.21 39.58 34.51
O3 NAG F . -26.93 37.80 36.74
O4 NAG F . -26.83 39.15 39.27
O5 NAG F . -24.24 40.83 37.35
O6 NAG F . -23.80 40.14 40.12
O7 NAG F . -26.60 38.83 32.43
C1 NAG G . -11.47 61.20 11.15
C2 NAG G . -10.98 60.97 9.72
C3 NAG G . -9.59 61.55 9.55
C4 NAG G . -9.56 63.00 10.02
C5 NAG G . -10.11 63.11 11.43
C6 NAG G . -10.13 64.57 11.90
C7 NAG G . -11.91 58.99 8.63
C8 NAG G . -13.01 59.87 8.12
N2 NAG G . -10.97 59.56 9.38
O3 NAG G . -9.21 61.46 8.20
O4 NAG G . -8.24 63.48 10.01
O5 NAG G . -11.41 62.57 11.50
O6 NAG G . -10.79 65.35 10.93
O7 NAG G . -11.89 57.79 8.33
C1 NAG G . -7.86 64.52 9.10
C2 NAG G . -6.47 65.01 9.47
C3 NAG G . -5.89 65.92 8.39
C4 NAG G . -6.08 65.34 7.00
C5 NAG G . -7.51 64.86 6.79
C6 NAG G . -7.67 64.18 5.44
C7 NAG G . -6.17 65.22 11.91
C8 NAG G . -5.65 63.81 11.94
N2 NAG G . -6.54 65.74 10.73
O3 NAG G . -4.52 66.13 8.64
O4 NAG G . -5.77 66.32 6.02
O5 NAG G . -7.86 63.94 7.80
O6 NAG G . -6.74 63.13 5.34
O7 NAG G . -6.26 65.87 12.95
C1 NAG H . 3.75 7.63 5.81
C2 NAG H . 2.53 6.73 5.69
C3 NAG H . 2.06 6.62 4.25
C4 NAG H . 1.87 8.00 3.65
C5 NAG H . 3.08 8.90 3.87
C6 NAG H . 2.74 10.33 3.46
C7 NAG H . 2.13 4.88 7.20
C8 NAG H . 2.52 3.50 7.64
N2 NAG H . 2.83 5.41 6.20
O3 NAG H . 0.81 5.93 4.23
O4 NAG H . 1.66 7.85 2.26
O5 NAG H . 3.50 8.90 5.22
O6 NAG H . 3.87 11.16 3.59
O7 NAG H . 1.20 5.46 7.74
C1 NAG H . 0.32 8.13 1.83
C2 NAG H . 0.27 7.96 0.30
C3 NAG H . -1.09 8.39 -0.20
C4 NAG H . -2.24 7.74 0.56
C5 NAG H . -2.02 7.89 2.07
C6 NAG H . -3.09 7.14 2.85
C7 NAG H . 2.30 8.23 -1.01
C8 NAG H . 3.20 9.18 -1.74
N2 NAG H . 1.23 8.76 -0.44
O3 NAG H . -1.19 8.08 -1.58
O4 NAG H . -3.43 8.39 0.20
O5 NAG H . -0.74 7.42 2.43
O6 NAG H . -3.21 5.84 2.31
O7 NAG H . 2.55 7.01 -0.96
C1 NAG I . 93.18 39.54 20.74
C2 NAG I . 93.62 39.59 22.19
C3 NAG I . 94.46 40.84 22.47
C4 NAG I . 95.54 41.05 21.42
C5 NAG I . 94.98 40.87 20.01
C6 NAG I . 96.07 40.96 18.96
C7 NAG I . 92.38 38.78 24.13
C8 NAG I . 93.55 37.88 24.37
N2 NAG I . 92.47 39.58 23.07
O3 NAG I . 95.04 40.71 23.75
O4 NAG I . 96.01 42.38 21.54
O5 NAG I . 94.33 39.62 19.91
O6 NAG I . 97.01 39.93 19.17
O7 NAG I . 91.41 38.76 24.88
C1 NAG I . 97.30 42.36 22.15
C2 NAG I . 98.15 43.53 21.66
C3 NAG I . 99.39 43.79 22.53
C4 NAG I . 99.10 43.60 24.01
C5 NAG I . 98.40 42.26 24.21
C6 NAG I . 98.21 41.94 25.69
C7 NAG I . 98.27 44.02 19.26
C8 NAG I . 97.46 45.26 19.55
N2 NAG I . 98.58 43.24 20.30
O3 NAG I . 99.83 45.12 22.31
O4 NAG I . 100.31 43.61 24.73
O5 NAG I . 97.16 42.32 23.55
O6 NAG I . 97.57 43.03 26.34
O7 NAG I . 98.63 43.77 18.11
C1 NAG J . 79.22 20.67 1.73
C2 NAG J . 78.40 20.76 0.46
C3 NAG J . 77.00 20.20 0.70
C4 NAG J . 77.08 18.81 1.32
C5 NAG J . 78.05 18.78 2.50
C6 NAG J . 78.24 17.36 3.03
C7 NAG J . 78.98 22.58 -1.04
C8 NAG J . 79.85 21.60 -1.77
N2 NAG J . 78.30 22.14 0.02
O3 NAG J . 76.31 20.13 -0.52
O4 NAG J . 75.80 18.44 1.75
O5 NAG J . 79.30 19.32 2.14
O6 NAG J . 78.53 16.49 1.95
O7 NAG J . 78.91 23.75 -1.42
C1 NAG J . 75.28 17.35 0.99
C2 NAG J . 74.00 16.85 1.64
C3 NAG J . 73.33 15.80 0.78
C4 NAG J . 73.25 16.23 -0.68
C5 NAG J . 74.59 16.77 -1.18
C6 NAG J . 74.46 17.32 -2.60
C7 NAG J . 74.07 16.96 4.09
C8 NAG J . 73.47 18.34 4.00
N2 NAG J . 74.30 16.31 2.96
O3 NAG J . 72.03 15.55 1.28
O4 NAG J . 72.88 15.13 -1.49
O5 NAG J . 75.03 17.80 -0.32
O6 NAG J . 73.29 18.11 -2.66
O7 NAG J . 74.33 16.47 5.19
C1 NAG K . 62.95 73.70 -2.96
C2 NAG K . 64.12 74.62 -3.27
C3 NAG K . 64.39 74.69 -4.76
C4 NAG K . 64.48 73.28 -5.36
C5 NAG K . 63.34 72.38 -4.89
C6 NAG K . 63.57 70.93 -5.32
C7 NAG K . 64.76 76.53 -1.94
C8 NAG K . 64.43 77.90 -1.44
N2 NAG K . 63.87 75.96 -2.74
O3 NAG K . 65.61 75.35 -4.97
O4 NAG K . 64.42 73.40 -6.75
O5 NAG K . 63.22 72.41 -3.48
O6 NAG K . 62.46 70.15 -4.95
O7 NAG K . 65.82 75.98 -1.61
C1 NAG K . 65.56 72.98 -7.50
C2 NAG K . 65.25 72.88 -8.99
C3 NAG K . 66.50 72.40 -9.74
C4 NAG K . 67.68 73.31 -9.40
C5 NAG K . 67.84 73.45 -7.89
C6 NAG K . 68.93 74.46 -7.57
C7 NAG K . 62.89 72.46 -9.32
C8 NAG K . 61.80 71.46 -9.56
N2 NAG K . 64.13 71.99 -9.22
O3 NAG K . 66.27 72.41 -11.12
O4 NAG K . 68.86 72.78 -9.96
O5 NAG K . 66.64 73.87 -7.29
O6 NAG K . 68.68 75.64 -8.30
O7 NAG K . 62.60 73.66 -9.22
C1 NAG L . -38.98 -57.96 -27.90
C2 NAG L . -37.56 -58.43 -27.58
C3 NAG L . -36.83 -57.47 -26.65
C4 NAG L . -36.97 -56.03 -27.16
C5 NAG L . -38.45 -55.70 -27.38
C6 NAG L . -38.67 -54.26 -27.84
C7 NAG L . -37.28 -60.87 -27.62
C8 NAG L . -36.93 -60.74 -29.08
N2 NAG L . -37.58 -59.74 -26.96
O3 NAG L . -35.48 -57.84 -26.58
O4 NAG L . -36.42 -55.14 -26.21
O5 NAG L . -38.99 -56.61 -28.32
O6 NAG L . -38.09 -54.03 -29.10
O7 NAG L . -37.30 -61.97 -27.09
C1 NAG L . -35.13 -54.69 -26.63
C2 NAG L . -34.83 -53.53 -25.69
C3 NAG L . -33.56 -52.78 -26.07
C4 NAG L . -32.44 -53.77 -26.33
C5 NAG L . -32.90 -54.78 -27.37
C6 NAG L . -31.78 -55.74 -27.77
C7 NAG L . -36.63 -52.31 -24.56
C8 NAG L . -36.15 -52.96 -23.29
N2 NAG L . -35.97 -52.61 -25.68
O3 NAG L . -33.19 -51.90 -25.03
O4 NAG L . -31.26 -53.12 -26.75
O5 NAG L . -34.00 -55.50 -26.86
O6 NAG L . -31.16 -56.27 -26.61
O7 NAG L . -37.59 -51.54 -24.53
C1 NAG M . -38.89 -100.10 8.71
C2 NAG M . -39.50 -101.38 8.14
C3 NAG M . -38.47 -102.18 7.35
C4 NAG M . -37.71 -101.29 6.38
C5 NAG M . -37.21 -100.01 7.05
C6 NAG M . -36.58 -99.07 6.04
C7 NAG M . -41.31 -102.61 9.20
C8 NAG M . -41.75 -103.48 10.35
N2 NAG M . -40.03 -102.22 9.20
O3 NAG M . -39.14 -103.19 6.64
O4 NAG M . -36.59 -102.01 5.91
O5 NAG M . -38.28 -99.34 7.69
O6 NAG M . -35.91 -98.02 6.71
O7 NAG M . -42.11 -102.29 8.32
C1 NAG M . -36.79 -102.44 4.57
C2 NAG M . -35.41 -102.85 4.05
C3 NAG M . -35.46 -103.26 2.59
C4 NAG M . -36.59 -104.27 2.36
C5 NAG M . -37.90 -103.77 2.95
C6 NAG M . -39.00 -104.82 2.81
C7 NAG M . -33.36 -101.93 4.97
C8 NAG M . -32.46 -100.74 5.11
N2 NAG M . -34.47 -101.76 4.25
O3 NAG M . -34.23 -103.84 2.22
O4 NAG M . -36.76 -104.49 0.98
O5 NAG M . -37.75 -103.45 4.32
O6 NAG M . -38.58 -106.02 3.44
O7 NAG M . -33.07 -103.00 5.50
C1 NAG N . -44.05 -22.11 -7.96
C2 NAG N . -43.25 -23.37 -8.24
C3 NAG N . -43.86 -24.14 -9.40
C4 NAG N . -45.37 -24.31 -9.24
C5 NAG N . -46.05 -23.01 -8.82
C6 NAG N . -47.51 -23.23 -8.45
C7 NAG N . -40.87 -23.20 -7.73
C8 NAG N . -41.21 -23.78 -6.38
N2 NAG N . -41.88 -23.03 -8.57
O3 NAG N . -43.23 -25.39 -9.51
O4 NAG N . -45.91 -24.70 -10.48
O5 NAG N . -45.39 -22.46 -7.70
O6 NAG N . -47.57 -23.98 -7.25
O7 NAG N . -39.71 -22.91 -8.01
C1 NAG N . -46.32 -26.07 -10.52
C2 NAG N . -47.09 -26.15 -11.83
C3 NAG N . -47.34 -27.59 -12.26
C4 NAG N . -46.16 -28.52 -12.00
C5 NAG N . -45.49 -28.25 -10.66
C6 NAG N . -44.23 -29.09 -10.50
C7 NAG N . -48.64 -24.27 -12.17
C8 NAG N . -47.57 -23.59 -12.97
N2 NAG N . -48.36 -25.47 -11.65
O3 NAG N . -47.63 -27.61 -13.64
O4 NAG N . -46.62 -29.85 -12.04
O5 NAG N . -45.17 -26.88 -10.56
O6 NAG N . -43.36 -28.83 -11.59
O7 NAG N . -49.73 -23.72 -12.01
C1 NAG O . -8.84 15.01 -14.91
C2 NAG O . -8.24 16.40 -15.06
C3 NAG O . -7.76 16.96 -13.73
C4 NAG O . -8.73 16.68 -12.58
C5 NAG O . -9.25 15.25 -12.63
C6 NAG O . -10.29 14.98 -11.54
C7 NAG O . -7.17 16.99 -17.15
C8 NAG O . -5.96 16.83 -18.03
N2 NAG O . -7.14 16.34 -16.00
O3 NAG O . -7.56 18.35 -13.85
O4 NAG O . -8.06 16.84 -11.36
O5 NAG O . -9.82 15.03 -13.90
O6 NAG O . -11.57 14.89 -12.09
O7 NAG O . -8.14 17.67 -17.51
C1 NAG O . -7.90 18.10 -10.69
C2 NAG O . -7.96 17.96 -9.17
C3 NAG O . -7.55 19.25 -8.48
C4 NAG O . -6.31 19.89 -9.11
C5 NAG O . -6.44 19.93 -10.63
C6 NAG O . -5.17 20.50 -11.26
C7 NAG O . -9.65 16.41 -8.35
C8 NAG O . -11.09 16.21 -7.98
N2 NAG O . -9.31 17.62 -8.78
O3 NAG O . -7.31 19.00 -7.12
O4 NAG O . -6.19 21.21 -8.62
O5 NAG O . -6.66 18.62 -11.10
O6 NAG O . -4.10 19.62 -11.04
O7 NAG O . -8.84 15.48 -8.25
C1 BMA O . -6.07 22.34 -7.75
C2 BMA O . -5.62 23.75 -7.47
C3 BMA O . -5.84 24.02 -6.04
C4 BMA O . -7.30 24.06 -5.81
C5 BMA O . -7.93 22.72 -6.12
C6 BMA O . -9.40 22.90 -6.20
O2 BMA O . -4.22 23.90 -7.81
O3 BMA O . -5.19 25.26 -5.64
O4 BMA O . -7.57 24.42 -4.44
O5 BMA O . -7.50 22.14 -7.39
O6 BMA O . -9.67 23.68 -7.35
C1 BMA O . -4.48 25.16 -4.40
C2 BMA O . -3.88 26.50 -3.99
C3 BMA O . -2.46 26.64 -4.34
C4 BMA O . -1.99 25.69 -5.38
C5 BMA O . -2.38 24.23 -5.14
C6 BMA O . -1.23 23.41 -4.66
O2 BMA O . -3.95 26.60 -2.56
O3 BMA O . -2.25 28.02 -4.79
O4 BMA O . -0.56 25.80 -5.49
O5 BMA O . -3.50 24.07 -4.19
O6 BMA O . -1.65 22.06 -4.70
C1 NAG P . -25.79 -2.51 3.00
C2 NAG P . -26.92 -1.77 3.71
C3 NAG P . -26.58 -0.29 3.90
C4 NAG P . -25.18 -0.15 4.51
C5 NAG P . -24.17 -0.95 3.72
C6 NAG P . -22.77 -0.87 4.32
C7 NAG P . -29.28 -2.30 3.49
C8 NAG P . -29.25 -2.57 4.97
N2 NAG P . -28.14 -1.91 2.94
O3 NAG P . -27.55 0.29 4.75
O4 NAG P . -24.80 1.21 4.49
O5 NAG P . -24.56 -2.31 3.66
O6 NAG P . -22.70 -1.75 5.41
O7 NAG P . -30.34 -2.44 2.86
C1 NAG P . -24.79 1.86 5.76
C2 NAG P . -23.84 3.05 5.61
C3 NAG P . -24.09 4.10 6.68
C4 NAG P . -25.57 4.45 6.73
C5 NAG P . -26.39 3.19 6.93
C6 NAG P . -27.88 3.50 6.99
C7 NAG P . -21.62 2.78 4.63
C8 NAG P . -22.13 3.54 3.43
N2 NAG P . -22.47 2.58 5.64
O3 NAG P . -23.33 5.25 6.39
O4 NAG P . -25.83 5.38 7.76
O5 NAG P . -26.14 2.29 5.86
O6 NAG P . -28.23 4.23 5.84
O7 NAG P . -20.45 2.39 4.66
C1 NAG Q . -17.23 -30.55 -4.98
C2 NAG Q . -16.42 -31.15 -6.12
C3 NAG Q . -17.31 -32.02 -7.00
C4 NAG Q . -18.11 -33.00 -6.15
C5 NAG Q . -18.80 -32.30 -4.98
C6 NAG Q . -19.51 -33.30 -4.07
C7 NAG Q . -14.58 -29.70 -6.86
C8 NAG Q . -13.72 -30.38 -5.84
N2 NAG Q . -15.85 -30.09 -6.94
O3 NAG Q . -16.53 -32.71 -7.95
O4 NAG Q . -19.09 -33.61 -6.96
O5 NAG Q . -17.86 -31.57 -4.22
O6 NAG Q . -18.59 -34.25 -3.59
O7 NAG Q . -14.11 -28.81 -7.56
C1 NAG Q . -18.64 -34.95 -7.22
C2 NAG Q . -19.84 -35.68 -7.85
C3 NAG Q . -19.51 -37.14 -8.09
C4 NAG Q . -18.17 -37.28 -8.80
C5 NAG Q . -17.09 -36.50 -8.05
C6 NAG Q . -15.73 -36.59 -8.76
C7 NAG Q . -22.04 -34.78 -7.30
C8 NAG Q . -21.98 -34.01 -8.59
N2 NAG Q . -21.00 -35.56 -7.00
O3 NAG Q . -20.52 -37.72 -8.89
O4 NAG Q . -17.82 -38.65 -8.86
O5 NAG Q . -17.47 -35.14 -7.97
O6 NAG Q . -15.86 -36.13 -10.08
O7 NAG Q . -23.03 -34.69 -6.56
C1 NAG R . -9.59 8.04 -44.90
C2 NAG R . -8.62 9.13 -44.43
C3 NAG R . -7.17 8.70 -44.59
C4 NAG R . -6.93 7.33 -43.97
C5 NAG R . -7.97 6.33 -44.47
C6 NAG R . -7.80 4.99 -43.77
C7 NAG R . -9.13 11.47 -44.47
C8 NAG R . -9.37 12.71 -45.28
N2 NAG R . -8.86 10.36 -45.14
O3 NAG R . -6.35 9.66 -43.95
O4 NAG R . -5.64 6.87 -44.31
O5 NAG R . -9.28 6.82 -44.25
O6 NAG R . -8.44 3.98 -44.51
O7 NAG R . -9.20 11.51 -43.24
C1 NAG R . -4.58 7.03 -43.37
C2 NAG R . -3.48 6.14 -43.94
C3 NAG R . -2.23 6.20 -43.07
C4 NAG R . -1.84 7.64 -42.76
C5 NAG R . -3.04 8.48 -42.32
C6 NAG R . -2.65 9.95 -42.20
C7 NAG R . -4.15 4.19 -45.20
C8 NAG R . -4.65 2.77 -45.16
N2 NAG R . -3.97 4.78 -44.02
O3 NAG R . -1.18 5.55 -43.74
O4 NAG R . -0.85 7.64 -41.75
O5 NAG R . -4.10 8.36 -43.25
O6 NAG R . -3.80 10.73 -41.97
O7 NAG R . -3.94 4.75 -46.26
C1 NAG S . -1.97 5.19 -59.51
C2 NAG S . -0.56 5.58 -59.98
C3 NAG S . 0.40 5.82 -58.82
C4 NAG S . -0.23 6.78 -57.81
C5 NAG S . -1.58 6.22 -57.37
C6 NAG S . -2.25 7.15 -56.36
C7 NAG S . -0.06 4.68 -62.16
C8 NAG S . 0.54 3.56 -62.95
N2 NAG S . -0.03 4.54 -60.83
O3 NAG S . 1.59 6.36 -59.34
O4 NAG S . 0.62 6.96 -56.71
O5 NAG S . -2.44 6.06 -58.49
O6 NAG S . -2.38 8.42 -56.93
O7 NAG S . -0.55 5.66 -62.71
C1 NAG S . 1.55 8.01 -56.37
C2 NAG S . 2.03 8.10 -54.92
C3 NAG S . 2.97 9.28 -54.67
C4 NAG S . 4.04 9.34 -55.74
C5 NAG S . 3.37 9.39 -57.11
C6 NAG S . 4.41 9.49 -58.22
C7 NAG S . 0.41 7.18 -53.35
C8 NAG S . -0.77 7.45 -52.48
N2 NAG S . 0.88 8.22 -54.04
O3 NAG S . 3.57 9.14 -53.40
O4 NAG S . 4.85 10.48 -55.55
O5 NAG S . 2.60 8.22 -57.30
O6 NAG S . 5.05 8.24 -58.36
O7 NAG S . 0.90 6.05 -53.42
ZN ZN T . -0.24 29.82 20.03
C1 NAG U . 3.46 58.94 34.88
C2 NAG U . 3.55 59.64 33.52
C3 NAG U . 5.02 59.87 33.17
C4 NAG U . 5.75 60.56 34.31
C5 NAG U . 5.47 59.85 35.64
C6 NAG U . 6.12 60.57 36.81
C7 NAG U . 1.77 59.21 31.91
C8 NAG U . 1.14 60.50 32.35
N2 NAG U . 2.91 58.84 32.49
O3 NAG U . 5.10 60.63 32.00
O4 NAG U . 7.15 60.59 34.06
O5 NAG U . 4.08 59.76 35.85
O6 NAG U . 6.12 61.96 36.57
O7 NAG U . 1.22 58.54 31.03
C1 NAG V . -9.07 26.21 38.03
C2 NAG V . -9.91 27.01 39.03
C3 NAG V . -10.49 26.11 40.12
C4 NAG V . -11.16 24.89 39.50
C5 NAG V . -10.18 24.18 38.56
C6 NAG V . -10.84 22.96 37.93
C7 NAG V . -9.59 29.33 39.70
C8 NAG V . -8.70 30.35 40.35
N2 NAG V . -9.13 28.08 39.63
O3 NAG V . -11.43 26.85 40.87
O4 NAG V . -11.60 24.01 40.53
O5 NAG V . -9.75 25.05 37.55
O6 NAG V . -9.95 22.39 36.99
O7 NAG V . -10.69 29.67 39.26
C1 NAG W . -20.66 48.16 35.32
C2 NAG W . -21.31 48.75 36.57
C3 NAG W . -22.80 48.45 36.61
C4 NAG W . -23.45 48.84 35.29
C5 NAG W . -22.69 48.28 34.10
C6 NAG W . -23.27 48.82 32.79
C7 NAG W . -20.31 49.03 38.78
C8 NAG W . -20.58 50.51 38.63
N2 NAG W . -20.68 48.25 37.77
O3 NAG W . -23.38 49.14 37.67
O4 NAG W . -24.78 48.37 35.28
O5 NAG W . -21.32 48.60 34.16
O6 NAG W . -23.08 50.22 32.75
O7 NAG W . -19.79 48.58 39.80
C ACT X . 0.51 32.18 19.48
O ACT X . 1.03 31.20 20.05
OXT ACT X . -0.63 32.18 18.97
CH3 ACT X . 1.32 33.45 19.38
ZN ZN Y . 70.07 52.40 11.30
C1 NAG Z . 69.59 24.07 27.86
C2 NAG Z . 69.25 23.22 26.65
C3 NAG Z . 67.76 22.95 26.64
C4 NAG Z . 67.32 22.32 27.96
C5 NAG Z . 67.84 23.12 29.15
C6 NAG Z . 67.61 22.37 30.45
C7 NAG Z . 70.68 23.52 24.67
C8 NAG Z . 71.48 22.34 25.16
N2 NAG Z . 69.64 23.90 25.42
O3 NAG Z . 67.43 22.10 25.56
O4 NAG Z . 65.91 22.27 28.00
O5 NAG Z . 69.24 23.37 29.03
O6 NAG Z . 68.53 21.33 30.57
O7 NAG Z . 70.98 24.09 23.62
C1 NAG AA . 82.58 56.93 26.78
C2 NAG AA . 83.59 56.12 27.58
C3 NAG AA . 84.45 57.02 28.47
C4 NAG AA . 85.07 58.13 27.62
C5 NAG AA . 84.00 58.85 26.79
C6 NAG AA . 84.63 59.87 25.87
C7 NAG AA . 83.40 53.85 28.43
C8 NAG AA . 82.63 52.89 29.27
N2 NAG AA . 82.92 55.10 28.37
O3 NAG AA . 85.48 56.28 29.07
O4 NAG AA . 85.72 59.06 28.46
O5 NAG AA . 83.27 57.90 26.02
O6 NAG AA . 83.64 60.62 25.21
O7 NAG AA . 84.42 53.50 27.84
C1 NAG BA . 52.55 79.80 -14.14
C2 NAG BA . 52.64 80.45 -15.51
C3 NAG BA . 53.92 80.05 -16.20
C4 NAG BA . 55.11 80.35 -15.30
C5 NAG BA . 54.91 79.73 -13.91
C6 NAG BA . 56.03 80.18 -12.97
C7 NAG BA . 51.01 80.89 -17.27
C8 NAG BA . 49.80 80.40 -18.00
N2 NAG BA . 51.48 80.09 -16.32
O3 NAG BA . 54.06 80.74 -17.42
O4 NAG BA . 56.29 79.82 -15.86
O5 NAG BA . 53.68 80.13 -13.36
O6 NAG BA . 56.47 79.07 -12.21
O7 NAG BA . 51.53 81.97 -17.56
C1 NAG CA . 93.34 34.72 22.71
C2 NAG CA . 94.28 34.26 23.82
C3 NAG CA . 95.73 34.62 23.51
C4 NAG CA . 96.09 34.30 22.07
C5 NAG CA . 95.08 34.94 21.13
C6 NAG CA . 95.42 34.65 19.67
C7 NAG CA . 93.80 34.33 26.24
C8 NAG CA . 94.12 32.87 26.33
N2 NAG CA . 93.90 34.91 25.05
O3 NAG CA . 96.57 33.92 24.40
O4 NAG CA . 97.38 34.78 21.79
O5 NAG CA . 93.79 34.43 21.40
O6 NAG CA . 95.38 33.25 19.47
O7 NAG CA . 93.47 34.96 27.25
C ACT DA . 69.25 49.96 11.13
O ACT DA . 70.22 50.06 10.37
OXT ACT DA . 68.80 50.91 11.80
CH3 ACT DA . 68.57 48.63 11.26
ZN ZN EA . -48.97 -77.58 -1.19
C1 NAG FA . -54.86 -46.06 -7.82
C2 NAG FA . -53.47 -45.82 -8.39
C3 NAG FA . -52.55 -45.21 -7.34
C4 NAG FA . -53.22 -44.01 -6.67
C5 NAG FA . -54.65 -44.31 -6.25
C6 NAG FA . -55.35 -43.05 -5.77
C7 NAG FA . -52.69 -47.39 -10.12
C8 NAG FA . -53.10 -46.37 -11.14
N2 NAG FA . -52.89 -47.08 -8.84
O3 NAG FA . -51.34 -44.82 -7.95
O4 NAG FA . -52.47 -43.65 -5.53
O5 NAG FA . -55.39 -44.85 -7.34
O6 NAG FA . -55.35 -42.10 -6.82
O7 NAG FA . -52.20 -48.45 -10.48
C1 NAG GA . -66.46 -68.83 -21.33
C2 NAG GA . -67.86 -68.29 -21.05
C3 NAG GA . -68.89 -69.42 -21.04
C4 NAG GA . -68.75 -70.26 -22.30
C5 NAG GA . -67.30 -70.71 -22.46
C6 NAG GA . -67.09 -71.54 -23.72
C7 NAG GA . -68.44 -66.35 -19.68
C8 NAG GA . -69.11 -65.80 -20.91
N2 NAG GA . -67.87 -67.55 -19.81
O3 NAG GA . -70.19 -68.86 -20.97
O4 NAG GA . -69.59 -71.39 -22.24
O5 NAG GA . -66.45 -69.59 -22.51
O6 NAG GA . -66.66 -70.70 -24.76
O7 NAG GA . -68.46 -65.70 -18.65
C1 NAG HA . -69.32 -77.64 -2.38
C2 NAG HA . -70.38 -76.82 -3.12
C3 NAG HA . -71.75 -77.34 -2.77
C4 NAG HA . -71.84 -78.84 -3.06
C5 NAG HA . -70.69 -79.58 -2.38
C6 NAG HA . -70.68 -81.06 -2.73
C7 NAG HA . -70.37 -74.50 -3.79
C8 NAG HA . -70.32 -73.06 -3.39
N2 NAG HA . -70.30 -75.41 -2.81
O3 NAG HA . -72.73 -76.64 -3.52
O4 NAG HA . -73.09 -79.34 -2.63
O5 NAG HA . -69.44 -79.01 -2.73
O6 NAG HA . -69.68 -81.71 -1.98
O7 NAG HA . -70.49 -74.82 -4.98
C1 NAG IA . -25.45 -107.43 13.74
C2 NAG IA . -24.92 -108.83 13.96
C3 NAG IA . -25.46 -109.65 12.81
C4 NAG IA . -26.98 -109.63 12.89
C5 NAG IA . -27.56 -108.22 13.11
C6 NAG IA . -29.00 -108.27 13.61
C7 NAG IA . -22.87 -109.44 15.10
C8 NAG IA . -21.37 -109.36 15.14
N2 NAG IA . -23.48 -108.84 14.09
O3 NAG IA . -24.96 -110.97 12.87
O4 NAG IA . -27.52 -110.19 11.71
O5 NAG IA . -26.82 -107.45 14.04
O6 NAG IA . -29.88 -107.91 12.56
O7 NAG IA . -23.48 -110.03 16.00
C1 NAG JA . -66.72 -64.13 -22.91
C2 NAG JA . -67.91 -63.44 -23.58
C3 NAG JA . -68.54 -64.24 -24.72
C4 NAG JA . -67.53 -65.08 -25.50
C5 NAG JA . -66.61 -65.82 -24.54
C6 NAG JA . -65.63 -66.74 -25.26
C7 NAG JA . -69.52 -62.05 -22.34
C8 NAG JA . -69.10 -60.88 -23.18
N2 NAG JA . -68.93 -63.21 -22.58
O3 NAG JA . -69.18 -63.35 -25.60
O4 NAG JA . -68.23 -66.02 -26.30
O5 NAG JA . -65.90 -64.84 -23.80
O6 NAG JA . -64.97 -66.01 -26.28
O7 NAG JA . -70.39 -61.93 -21.48
C ACT KA . -47.73 -75.41 -1.85
O ACT KA . -48.21 -75.86 -0.78
OXT ACT KA . -47.72 -76.05 -2.92
CH3 ACT KA . -47.13 -74.03 -1.84
ZN ZN LA . -23.68 -3.07 -25.20
C1 NAG MA . -2.91 -14.68 -9.59
C2 NAG MA . -3.48 -15.08 -8.23
C3 NAG MA . -2.47 -15.88 -7.41
C4 NAG MA . -1.87 -17.00 -8.25
C5 NAG MA . -1.32 -16.45 -9.56
C6 NAG MA . -0.76 -17.57 -10.42
C7 NAG MA . -5.17 -13.62 -7.29
C8 NAG MA . -5.46 -12.38 -6.50
N2 NAG MA . -3.89 -13.92 -7.48
O3 NAG MA . -3.12 -16.43 -6.29
O4 NAG MA . -0.84 -17.65 -7.52
O5 NAG MA . -2.35 -15.79 -10.27
O6 NAG MA . -0.19 -17.02 -11.58
O7 NAG MA . -6.09 -14.30 -7.73
C1 NAG NA . -0.01 -12.21 -24.86
C2 NAG NA . 0.16 -13.32 -25.89
C3 NAG NA . 1.51 -14.00 -25.71
C4 NAG NA . 2.62 -12.95 -25.75
C5 NAG NA . 2.33 -11.82 -24.76
C6 NAG NA . 3.37 -10.72 -24.87
C7 NAG NA . -1.86 -14.33 -26.74
C8 NAG NA . -2.91 -15.39 -26.60
N2 NAG NA . -0.91 -14.30 -25.81
O3 NAG NA . 1.70 -14.96 -26.72
O4 NAG NA . 3.85 -13.57 -25.44
O5 NAG NA . 1.04 -11.28 -24.97
O6 NAG NA . 3.22 -10.07 -26.12
O7 NAG NA . -1.90 -13.54 -27.68
C1 NAG OA . -31.96 10.56 -12.53
C2 NAG OA . -32.49 10.60 -11.11
C3 NAG OA . -32.83 12.03 -10.69
C4 NAG OA . -31.65 12.95 -10.96
C5 NAG OA . -31.25 12.82 -12.42
C6 NAG OA . -30.10 13.75 -12.78
C7 NAG OA . -33.70 8.88 -9.93
C8 NAG OA . -34.92 8.02 -9.84
N2 NAG OA . -33.65 9.74 -10.95
O3 NAG OA . -33.18 12.07 -9.33
O4 NAG OA . -31.99 14.29 -10.67
O5 NAG OA . -30.89 11.48 -12.70
O6 NAG OA . -29.97 13.80 -14.18
O7 NAG OA . -32.81 8.78 -9.09
C1 NAG PA . -28.42 -5.91 5.78
C2 NAG PA . -29.16 -5.57 7.07
C3 NAG PA . -28.27 -4.77 8.02
C4 NAG PA . -26.90 -5.42 8.15
C5 NAG PA . -26.30 -5.73 6.79
C6 NAG PA . -24.99 -6.49 6.94
C7 NAG PA . -31.56 -5.02 7.23
C8 NAG PA . -31.74 -6.17 8.18
N2 NAG PA . -30.35 -4.79 6.75
O3 NAG PA . -28.89 -4.70 9.28
O4 NAG PA . -26.04 -4.55 8.85
O5 NAG PA . -27.19 -6.53 6.03
O6 NAG PA . -25.24 -7.70 7.63
O7 NAG PA . -32.53 -4.31 6.91
C ACT QA . -24.20 -5.55 -24.74
O ACT QA . -23.12 -5.39 -24.12
OXT ACT QA . -24.76 -4.64 -25.37
CH3 ACT QA . -24.82 -6.92 -24.73
#